data_6GDT
#
_entry.id   6GDT
#
_cell.length_a   234.899
_cell.length_b   234.899
_cell.length_c   129.421
_cell.angle_alpha   90.00
_cell.angle_beta   90.00
_cell.angle_gamma   120.00
#
_symmetry.space_group_name_H-M   'P 32 2 1'
#
loop_
_entity.id
_entity.type
_entity.pdbx_description
1 polymer 'Endoglucanase-related protein'
2 non-polymer 1,2-ETHANEDIOL
3 water water
#
_entity_poly.entity_id   1
_entity_poly.type   'polypeptide(L)'
_entity_poly.pdbx_seq_one_letter_code
;MLLLTNHIGYETQGPKQAVLLCGQTQLMDDCVLLVCARSHQTVAKLAIEWHGKVDNWHQGQFHRIDFSDFTTPGDYYLRL
EHTHSATFTIARGVLMQRTFSDVLHYFKSQRCSGQFDQQDKQVPLLSTSTTADVHGGWYDASGDVSKYLSHLSYANYLNP
QQTPLVVWNMLKGLAVLQHHSGFASFSRTRLKDEALFGADFLRRMQNSEGFFYMTVFDKWSKDTKQREICAYATQQGHKS
DDYQAGFRQGGGMAIAALAAAARLDTHGEFTQADYLQAAENGYWHLKEHNLAYLNDGVENIIDEYCALLACCELYRTTEN
DQYLAQAREWAQRLAKRQCSDEQIAHYWSATSNGERPYFHASDAGLPVIALCEYLNIETDTANYAQLQRVVEQACQFELA
ITQQVSNPFGYPRQYVKGVESAKRTSFFIAQDNESGYWWQGENARLASLASMAYLAQPHLSTAIAKPLEQWSQNALNWIV
GLNPYNMCMLDGHGHNNPDYLPHLGFFNAKGGVCNGITAGFDDPRDIAFNPAGQKDDMLQNWRWGEQWIPHGAWYLLAII
SQFAHFTAHGEENQLEHHHHHH
;
_entity_poly.pdbx_strand_id   A,B,C,D,E
#
loop_
_chem_comp.id
_chem_comp.type
_chem_comp.name
_chem_comp.formula
EDO non-polymer 1,2-ETHANEDIOL 'C2 H6 O2'
#
# COMPACT_ATOMS: atom_id res chain seq x y z
N MET A 1 -28.33 67.12 -34.24
CA MET A 1 -27.31 68.08 -33.67
C MET A 1 -27.10 67.81 -32.17
N LEU A 2 -26.08 66.99 -31.86
CA LEU A 2 -25.72 66.63 -30.49
C LEU A 2 -24.23 66.89 -30.27
N LEU A 3 -23.91 67.52 -29.14
CA LEU A 3 -22.54 67.57 -28.67
C LEU A 3 -22.36 66.44 -27.65
N LEU A 4 -21.76 65.32 -28.10
CA LEU A 4 -21.53 64.17 -27.25
C LEU A 4 -20.29 64.42 -26.39
N THR A 5 -20.41 64.13 -25.08
CA THR A 5 -19.33 64.31 -24.10
C THR A 5 -19.28 63.12 -23.15
N ASN A 6 -18.16 63.04 -22.42
CA ASN A 6 -18.06 62.29 -21.16
C ASN A 6 -19.04 62.92 -20.18
N HIS A 7 -19.96 62.13 -19.64
CA HIS A 7 -21.04 62.67 -18.80
C HIS A 7 -20.52 62.97 -17.39
N ILE A 8 -19.30 62.53 -17.08
CA ILE A 8 -18.75 62.66 -15.75
C ILE A 8 -17.70 63.77 -15.76
N GLY A 9 -16.58 63.50 -16.44
CA GLY A 9 -15.50 64.46 -16.49
C GLY A 9 -14.20 63.94 -17.10
N TYR A 10 -13.28 64.90 -17.28
CA TYR A 10 -11.99 64.73 -17.91
C TYR A 10 -10.89 65.04 -16.89
N GLU A 11 -9.70 64.45 -17.06
CA GLU A 11 -8.58 64.69 -16.15
C GLU A 11 -8.02 66.07 -16.40
N THR A 12 -7.61 66.76 -15.33
CA THR A 12 -7.04 68.09 -15.47
C THR A 12 -5.88 68.01 -16.46
N GLN A 13 -4.97 67.05 -16.24
CA GLN A 13 -3.77 66.89 -17.04
C GLN A 13 -3.96 65.79 -18.09
N GLY A 14 -5.21 65.56 -18.52
CA GLY A 14 -5.55 64.44 -19.35
C GLY A 14 -6.05 64.87 -20.72
N PRO A 15 -6.04 63.96 -21.72
CA PRO A 15 -6.74 64.18 -22.98
C PRO A 15 -8.24 64.45 -22.79
N LYS A 16 -8.75 65.41 -23.56
CA LYS A 16 -10.13 65.81 -23.55
C LYS A 16 -10.60 65.99 -24.98
N GLN A 17 -11.74 65.38 -25.32
CA GLN A 17 -12.41 65.65 -26.58
C GLN A 17 -13.92 65.50 -26.41
N ALA A 18 -14.63 65.95 -27.44
CA ALA A 18 -16.05 65.69 -27.61
C ALA A 18 -16.28 65.33 -29.09
N VAL A 19 -17.50 64.88 -29.40
CA VAL A 19 -17.83 64.47 -30.74
C VAL A 19 -19.17 65.10 -31.10
N LEU A 20 -19.19 65.72 -32.28
CA LEU A 20 -20.36 66.38 -32.83
C LEU A 20 -21.06 65.38 -33.75
N LEU A 21 -22.33 65.08 -33.43
CA LEU A 21 -23.25 64.34 -34.29
C LEU A 21 -24.19 65.34 -34.98
N CYS A 22 -24.16 65.36 -36.32
CA CYS A 22 -25.01 66.25 -37.11
C CYS A 22 -25.35 65.60 -38.46
N GLY A 23 -25.62 66.44 -39.47
CA GLY A 23 -26.13 65.98 -40.78
C GLY A 23 -25.10 66.13 -41.90
N GLN A 24 -24.20 67.10 -41.76
CA GLN A 24 -23.33 67.52 -42.85
C GLN A 24 -21.88 67.08 -42.56
N THR A 25 -21.04 67.15 -43.60
CA THR A 25 -19.59 66.82 -43.49
C THR A 25 -18.79 68.04 -43.02
N GLN A 26 -19.25 69.25 -43.39
CA GLN A 26 -18.72 70.52 -42.87
C GLN A 26 -19.93 71.41 -42.56
N LEU A 27 -19.70 72.36 -41.65
CA LEU A 27 -20.69 73.39 -41.27
C LEU A 27 -20.14 74.74 -41.73
N MET A 28 -20.93 75.81 -41.55
CA MET A 28 -20.48 77.17 -41.84
C MET A 28 -19.37 77.55 -40.85
N ASP A 29 -19.74 77.75 -39.58
CA ASP A 29 -18.80 78.01 -38.52
C ASP A 29 -18.10 76.69 -38.15
N ASP A 30 -16.77 76.77 -38.02
CA ASP A 30 -15.93 75.62 -37.74
C ASP A 30 -15.47 75.62 -36.28
N CYS A 31 -16.08 76.42 -35.40
CA CYS A 31 -15.59 76.58 -34.01
C CYS A 31 -16.67 76.27 -32.97
N VAL A 32 -16.21 75.73 -31.82
CA VAL A 32 -17.03 75.35 -30.67
C VAL A 32 -16.49 76.07 -29.43
N LEU A 33 -17.41 76.47 -28.55
CA LEU A 33 -17.08 77.24 -27.36
C LEU A 33 -17.09 76.31 -26.13
N LEU A 34 -15.97 76.30 -25.39
CA LEU A 34 -15.94 75.75 -24.04
C LEU A 34 -16.39 76.84 -23.07
N VAL A 35 -17.44 76.56 -22.30
CA VAL A 35 -18.16 77.56 -21.52
C VAL A 35 -18.19 77.13 -20.05
N CYS A 36 -17.88 78.06 -19.16
CA CYS A 36 -17.98 77.85 -17.72
C CYS A 36 -19.45 77.69 -17.34
N ALA A 37 -19.73 76.66 -16.54
CA ALA A 37 -21.09 76.20 -16.30
C ALA A 37 -21.78 77.03 -15.22
N ARG A 38 -21.01 77.68 -14.34
CA ARG A 38 -21.56 78.57 -13.32
C ARG A 38 -21.81 79.99 -13.87
N SER A 39 -20.81 80.54 -14.58
CA SER A 39 -20.78 81.93 -15.03
C SER A 39 -21.36 82.11 -16.44
N HIS A 40 -21.43 81.01 -17.20
CA HIS A 40 -21.93 80.96 -18.59
C HIS A 40 -21.07 81.80 -19.54
N GLN A 41 -19.84 82.12 -19.13
CA GLN A 41 -18.93 82.89 -19.95
C GLN A 41 -17.96 81.93 -20.63
N THR A 42 -17.62 82.24 -21.88
CA THR A 42 -16.68 81.44 -22.68
C THR A 42 -15.30 81.45 -21.99
N VAL A 43 -14.57 80.33 -22.12
CA VAL A 43 -13.24 80.20 -21.51
C VAL A 43 -12.23 79.61 -22.51
N ALA A 44 -12.69 79.27 -23.72
CA ALA A 44 -11.82 78.77 -24.80
C ALA A 44 -12.61 78.61 -26.11
N LYS A 45 -11.92 78.82 -27.24
CA LYS A 45 -12.45 78.62 -28.55
C LYS A 45 -11.78 77.35 -29.12
N LEU A 46 -12.61 76.42 -29.62
CA LEU A 46 -12.15 75.07 -29.97
C LEU A 46 -12.43 74.80 -31.46
N ALA A 47 -11.44 74.21 -32.14
CA ALA A 47 -11.55 73.88 -33.55
C ALA A 47 -12.22 72.51 -33.72
N ILE A 48 -13.17 72.45 -34.65
CA ILE A 48 -13.81 71.20 -35.06
C ILE A 48 -12.92 70.51 -36.10
N GLU A 49 -12.90 69.18 -36.06
CA GLU A 49 -12.08 68.37 -36.91
C GLU A 49 -12.99 67.38 -37.65
N TRP A 50 -13.06 67.55 -38.98
CA TRP A 50 -14.13 66.94 -39.79
C TRP A 50 -13.79 65.47 -40.08
N HIS A 51 -14.84 64.68 -40.31
CA HIS A 51 -14.74 63.23 -40.37
C HIS A 51 -15.94 62.67 -41.15
N GLY A 52 -17.14 62.83 -40.59
CA GLY A 52 -18.39 62.44 -41.25
C GLY A 52 -18.79 61.02 -40.95
N LYS A 53 -18.93 60.20 -42.00
CA LYS A 53 -19.41 58.84 -41.91
C LYS A 53 -18.37 58.02 -41.12
N VAL A 54 -18.89 57.08 -40.33
CA VAL A 54 -18.11 56.12 -39.57
C VAL A 54 -18.66 54.74 -39.87
N ASP A 55 -17.80 53.89 -40.44
CA ASP A 55 -18.20 52.59 -40.95
C ASP A 55 -19.53 52.79 -41.69
N ASN A 56 -20.65 52.31 -41.14
CA ASN A 56 -21.96 52.57 -41.72
C ASN A 56 -22.97 52.76 -40.58
N TRP A 57 -22.60 53.62 -39.63
CA TRP A 57 -23.43 53.91 -38.47
C TRP A 57 -24.57 54.87 -38.86
N HIS A 58 -25.81 54.43 -38.60
CA HIS A 58 -27.00 55.11 -39.07
C HIS A 58 -27.11 56.54 -38.52
N GLN A 59 -26.93 56.73 -37.20
CA GLN A 59 -27.26 57.98 -36.49
C GLN A 59 -27.00 59.23 -37.35
N GLY A 60 -25.83 59.32 -38.00
CA GLY A 60 -25.50 60.41 -38.92
C GLY A 60 -24.01 60.62 -39.11
N GLN A 61 -23.60 61.89 -39.00
CA GLN A 61 -22.24 62.37 -39.30
C GLN A 61 -21.56 62.83 -38.01
N PHE A 62 -20.30 62.44 -37.83
CA PHE A 62 -19.55 62.58 -36.58
C PHE A 62 -18.24 63.35 -36.80
N HIS A 63 -17.94 64.28 -35.88
CA HIS A 63 -16.74 65.13 -35.95
C HIS A 63 -16.11 65.26 -34.55
N ARG A 64 -14.80 65.53 -34.52
CA ARG A 64 -14.02 65.65 -33.27
C ARG A 64 -13.71 67.07 -32.84
N ILE A 65 -13.79 67.30 -31.53
CA ILE A 65 -13.49 68.58 -30.91
C ILE A 65 -12.51 68.32 -29.77
N ASP A 66 -11.23 68.64 -29.98
CA ASP A 66 -10.18 68.43 -28.97
C ASP A 66 -10.10 69.67 -28.08
N PHE A 67 -10.03 69.48 -26.75
CA PHE A 67 -9.73 70.57 -25.82
C PHE A 67 -8.80 70.09 -24.69
N SER A 68 -7.79 69.29 -25.06
CA SER A 68 -6.87 68.67 -24.11
C SER A 68 -5.99 69.71 -23.43
N ASP A 69 -5.43 70.64 -24.21
CA ASP A 69 -4.47 71.66 -23.73
C ASP A 69 -5.10 72.55 -22.65
N PHE A 70 -6.44 72.58 -22.56
CA PHE A 70 -7.14 73.34 -21.52
C PHE A 70 -7.10 72.57 -20.19
N THR A 71 -6.54 73.19 -19.14
CA THR A 71 -6.12 72.49 -17.91
C THR A 71 -6.60 73.17 -16.62
N THR A 72 -7.60 74.06 -16.72
CA THR A 72 -8.13 74.75 -15.54
C THR A 72 -9.30 73.95 -14.97
N PRO A 73 -9.21 73.48 -13.70
CA PRO A 73 -10.30 72.71 -13.09
C PRO A 73 -11.61 73.50 -12.96
N GLY A 74 -12.73 72.77 -12.81
CA GLY A 74 -14.07 73.34 -12.68
C GLY A 74 -15.08 72.61 -13.54
N ASP A 75 -16.27 73.20 -13.67
CA ASP A 75 -17.37 72.62 -14.43
C ASP A 75 -17.60 73.45 -15.70
N TYR A 76 -17.64 72.77 -16.84
CA TYR A 76 -17.83 73.43 -18.12
C TYR A 76 -18.84 72.65 -18.97
N TYR A 77 -19.25 73.26 -20.08
CA TYR A 77 -19.97 72.59 -21.14
C TYR A 77 -19.53 73.20 -22.46
N LEU A 78 -19.80 72.49 -23.57
CA LEU A 78 -19.52 72.97 -24.91
C LEU A 78 -20.79 73.61 -25.48
N ARG A 79 -20.64 74.72 -26.21
CA ARG A 79 -21.73 75.36 -26.95
C ARG A 79 -21.38 75.51 -28.42
N LEU A 80 -22.38 75.30 -29.28
CA LEU A 80 -22.25 75.41 -30.73
C LEU A 80 -23.55 75.97 -31.30
N GLU A 81 -23.53 77.24 -31.71
CA GLU A 81 -24.74 77.99 -32.08
C GLU A 81 -25.75 77.71 -30.96
N HIS A 82 -26.92 77.15 -31.31
CA HIS A 82 -28.05 76.93 -30.40
C HIS A 82 -27.75 75.79 -29.42
N THR A 83 -27.14 74.71 -29.94
CA THR A 83 -27.00 73.42 -29.23
C THR A 83 -25.84 73.50 -28.23
N HIS A 84 -26.01 72.88 -27.05
CA HIS A 84 -24.90 72.76 -26.10
C HIS A 84 -24.90 71.39 -25.39
N SER A 85 -23.69 70.98 -25.00
CA SER A 85 -23.40 69.69 -24.39
C SER A 85 -23.88 69.65 -22.94
N ALA A 86 -23.94 68.44 -22.40
CA ALA A 86 -24.20 68.26 -20.99
C ALA A 86 -22.98 68.77 -20.23
N THR A 87 -23.22 69.28 -19.02
CA THR A 87 -22.15 69.74 -18.15
C THR A 87 -21.24 68.56 -17.80
N PHE A 88 -19.95 68.85 -17.72
CA PHE A 88 -18.93 67.90 -17.31
C PHE A 88 -17.93 68.61 -16.41
N THR A 89 -17.00 67.84 -15.81
CA THR A 89 -16.08 68.38 -14.83
C THR A 89 -14.64 68.09 -15.25
N ILE A 90 -13.76 69.06 -15.02
CA ILE A 90 -12.33 68.85 -15.17
C ILE A 90 -11.70 68.93 -13.78
N ALA A 91 -11.05 67.84 -13.37
CA ALA A 91 -10.44 67.71 -12.06
C ALA A 91 -9.40 66.59 -12.09
N ARG A 92 -8.60 66.47 -11.03
CA ARG A 92 -7.62 65.39 -10.90
C ARG A 92 -8.36 64.15 -10.41
N GLY A 93 -8.03 62.98 -10.99
CA GLY A 93 -8.65 61.69 -10.66
C GLY A 93 -10.16 61.78 -10.54
N VAL A 94 -10.80 62.33 -11.59
CA VAL A 94 -12.22 62.71 -11.51
C VAL A 94 -13.09 61.44 -11.45
N LEU A 95 -12.76 60.44 -12.27
CA LEU A 95 -13.58 59.25 -12.44
C LEU A 95 -13.50 58.42 -11.15
N MET A 96 -12.28 58.26 -10.65
CA MET A 96 -11.99 57.51 -9.45
C MET A 96 -12.80 58.05 -8.27
N GLN A 97 -12.69 59.35 -7.97
CA GLN A 97 -13.28 59.89 -6.74
C GLN A 97 -14.81 60.07 -6.91
N ARG A 98 -15.30 60.04 -8.17
CA ARG A 98 -16.74 60.12 -8.44
C ARG A 98 -17.51 58.82 -8.41
N THR A 99 -16.85 57.72 -8.79
CA THR A 99 -17.56 56.46 -9.11
C THR A 99 -17.10 55.31 -8.22
N PHE A 100 -15.79 55.22 -7.93
CA PHE A 100 -15.19 54.11 -7.18
C PHE A 100 -16.11 53.59 -6.07
N SER A 101 -16.60 54.49 -5.20
CA SER A 101 -17.49 54.11 -4.09
C SER A 101 -18.68 53.30 -4.62
N ASP A 102 -19.33 53.85 -5.64
CA ASP A 102 -20.59 53.33 -6.15
C ASP A 102 -20.39 51.96 -6.82
N VAL A 103 -19.25 51.80 -7.50
CA VAL A 103 -18.92 50.57 -8.19
C VAL A 103 -18.76 49.47 -7.15
N LEU A 104 -18.17 49.81 -6.01
CA LEU A 104 -17.93 48.87 -4.93
C LEU A 104 -19.27 48.56 -4.26
N HIS A 105 -20.10 49.59 -4.01
CA HIS A 105 -21.45 49.35 -3.48
C HIS A 105 -22.17 48.32 -4.36
N TYR A 106 -22.11 48.51 -5.69
CA TYR A 106 -22.70 47.58 -6.66
C TYR A 106 -22.29 46.14 -6.31
N PHE A 107 -20.97 45.93 -6.15
CA PHE A 107 -20.47 44.61 -5.88
C PHE A 107 -21.09 44.06 -4.60
N LYS A 108 -21.15 44.89 -3.55
CA LYS A 108 -21.72 44.47 -2.28
C LYS A 108 -23.24 44.23 -2.43
N SER A 109 -23.87 44.94 -3.37
CA SER A 109 -25.31 44.80 -3.66
C SER A 109 -25.57 43.46 -4.35
N GLN A 110 -24.58 42.97 -5.12
CA GLN A 110 -24.73 41.77 -5.93
C GLN A 110 -24.10 40.53 -5.27
N ARG A 111 -23.69 40.61 -4.00
CA ARG A 111 -23.20 39.43 -3.28
C ARG A 111 -24.29 38.39 -3.24
N CYS A 112 -23.93 37.13 -3.52
CA CYS A 112 -24.86 36.00 -3.44
C CYS A 112 -25.42 35.93 -2.01
N SER A 113 -26.75 35.87 -1.88
CA SER A 113 -27.39 36.01 -0.58
C SER A 113 -28.71 35.23 -0.52
N GLY A 114 -29.36 35.27 0.66
CA GLY A 114 -30.71 34.75 0.89
C GLY A 114 -30.83 33.28 0.51
N GLN A 115 -32.00 32.94 -0.04
CA GLN A 115 -32.41 31.59 -0.49
C GLN A 115 -31.29 30.92 -1.30
N PHE A 116 -30.76 31.69 -2.27
CA PHE A 116 -29.77 31.24 -3.25
C PHE A 116 -28.48 30.82 -2.53
N ASP A 117 -28.00 31.65 -1.61
CA ASP A 117 -26.72 31.37 -0.96
C ASP A 117 -26.92 30.25 0.07
N GLN A 118 -28.12 30.12 0.66
CA GLN A 118 -28.41 29.02 1.57
C GLN A 118 -28.19 27.71 0.79
N GLN A 119 -28.83 27.65 -0.38
CA GLN A 119 -28.82 26.48 -1.24
C GLN A 119 -27.40 26.16 -1.73
N ASP A 120 -26.59 27.21 -1.95
CA ASP A 120 -25.24 27.06 -2.51
C ASP A 120 -24.30 26.39 -1.50
N LYS A 121 -24.80 26.07 -0.30
CA LYS A 121 -24.03 25.33 0.69
C LYS A 121 -24.05 23.82 0.38
N GLN A 122 -25.04 23.39 -0.41
CA GLN A 122 -25.22 21.98 -0.75
C GLN A 122 -25.62 21.91 -2.22
N VAL A 123 -24.63 22.05 -3.12
CA VAL A 123 -24.86 22.10 -4.58
C VAL A 123 -24.49 20.77 -5.22
N PRO A 124 -25.44 20.16 -5.95
CA PRO A 124 -25.15 18.96 -6.74
C PRO A 124 -24.05 19.17 -7.79
N LEU A 125 -23.08 18.24 -7.85
CA LEU A 125 -22.16 18.15 -8.99
C LEU A 125 -22.81 17.24 -10.03
N LEU A 126 -23.04 17.78 -11.23
CA LEU A 126 -23.85 17.14 -12.24
C LEU A 126 -23.33 15.72 -12.50
N SER A 127 -24.28 14.77 -12.53
CA SER A 127 -24.01 13.40 -12.98
C SER A 127 -23.48 12.54 -11.83
N THR A 128 -23.14 13.17 -10.70
CA THR A 128 -22.70 12.46 -9.52
C THR A 128 -23.80 12.59 -8.46
N SER A 129 -23.58 11.98 -7.31
CA SER A 129 -24.39 12.19 -6.14
C SER A 129 -23.54 12.84 -5.05
N THR A 130 -22.85 13.92 -5.43
CA THR A 130 -21.97 14.65 -4.55
C THR A 130 -22.53 16.06 -4.37
N THR A 131 -22.10 16.68 -3.26
CA THR A 131 -22.39 18.06 -2.98
C THR A 131 -21.09 18.81 -2.74
N ALA A 132 -21.14 20.12 -2.96
CA ALA A 132 -20.05 21.01 -2.60
C ALA A 132 -20.63 22.26 -1.92
N ASP A 133 -19.86 22.81 -0.99
CA ASP A 133 -20.19 24.05 -0.33
C ASP A 133 -19.46 25.18 -1.07
N VAL A 134 -20.24 25.95 -1.83
CA VAL A 134 -19.75 26.98 -2.71
C VAL A 134 -20.59 28.26 -2.50
N HIS A 135 -20.99 28.50 -1.25
CA HIS A 135 -21.68 29.74 -0.88
C HIS A 135 -20.69 30.89 -1.01
N GLY A 136 -21.22 32.11 -1.16
CA GLY A 136 -20.42 33.32 -1.33
C GLY A 136 -20.45 33.78 -2.76
N GLY A 137 -19.50 34.66 -3.12
CA GLY A 137 -19.37 35.18 -4.49
C GLY A 137 -20.47 36.15 -4.88
N TRP A 138 -20.47 36.55 -6.16
CA TRP A 138 -21.43 37.51 -6.70
C TRP A 138 -22.27 36.86 -7.80
N TYR A 139 -23.58 37.14 -7.77
CA TYR A 139 -24.47 36.93 -8.90
C TYR A 139 -23.86 37.58 -10.15
N ASP A 140 -23.99 36.92 -11.29
CA ASP A 140 -23.20 37.24 -12.48
C ASP A 140 -23.77 38.42 -13.23
N ALA A 141 -25.10 38.60 -13.21
CA ALA A 141 -25.77 39.55 -14.12
C ALA A 141 -27.15 39.98 -13.58
N SER A 142 -27.70 41.03 -14.20
CA SER A 142 -28.98 41.63 -13.81
C SER A 142 -30.06 40.55 -13.79
N GLY A 143 -30.00 39.65 -14.78
CA GLY A 143 -30.90 38.52 -14.90
C GLY A 143 -30.17 37.19 -14.96
N ASP A 144 -29.34 36.93 -13.95
CA ASP A 144 -28.71 35.63 -13.76
C ASP A 144 -28.10 35.57 -12.36
N VAL A 145 -28.65 34.70 -11.52
CA VAL A 145 -28.15 34.51 -10.14
C VAL A 145 -27.18 33.31 -10.12
N SER A 146 -26.79 32.84 -11.31
CA SER A 146 -25.73 31.85 -11.47
C SER A 146 -24.38 32.52 -11.21
N LYS A 147 -23.37 31.72 -10.86
CA LYS A 147 -22.05 32.21 -10.48
C LYS A 147 -21.00 31.47 -11.31
N TYR A 148 -20.03 32.21 -11.85
CA TYR A 148 -19.16 31.71 -12.90
C TYR A 148 -17.69 31.93 -12.57
N LEU A 149 -16.86 30.97 -12.98
CA LEU A 149 -15.44 31.21 -13.27
C LEU A 149 -15.30 31.67 -14.72
N SER A 150 -15.98 30.94 -15.62
CA SER A 150 -16.06 31.27 -17.04
C SER A 150 -17.28 30.56 -17.63
N HIS A 151 -17.62 30.92 -18.88
CA HIS A 151 -18.53 30.13 -19.70
C HIS A 151 -18.12 30.27 -21.17
N LEU A 152 -18.96 29.80 -22.09
CA LEU A 152 -18.65 29.69 -23.54
C LEU A 152 -17.39 28.85 -23.73
N SER A 153 -17.22 27.83 -22.86
CA SER A 153 -16.01 27.05 -22.82
C SER A 153 -15.89 26.27 -24.12
N TYR A 154 -17.07 25.92 -24.67
CA TYR A 154 -17.23 25.07 -25.83
C TYR A 154 -16.76 25.77 -27.10
N ALA A 155 -16.87 27.08 -27.15
CA ALA A 155 -16.42 27.84 -28.33
C ALA A 155 -14.89 27.97 -28.33
N ASN A 156 -14.26 27.85 -27.15
CA ASN A 156 -12.81 27.66 -26.99
C ASN A 156 -12.03 28.98 -27.01
N TYR A 157 -12.34 29.85 -27.98
CA TYR A 157 -11.61 31.10 -28.18
C TYR A 157 -12.34 32.27 -27.51
N LEU A 158 -13.39 32.01 -26.72
CA LEU A 158 -14.28 33.08 -26.24
C LEU A 158 -14.26 33.18 -24.71
N ASN A 159 -13.89 32.09 -24.02
CA ASN A 159 -13.90 32.03 -22.55
C ASN A 159 -13.54 33.39 -21.97
N PRO A 160 -14.48 34.07 -21.28
CA PRO A 160 -14.18 35.26 -20.49
C PRO A 160 -13.88 34.88 -19.04
N GLN A 161 -12.97 35.62 -18.40
CA GLN A 161 -12.71 35.48 -16.97
C GLN A 161 -13.78 36.31 -16.25
N GLN A 162 -14.41 35.69 -15.25
CA GLN A 162 -15.56 36.22 -14.51
C GLN A 162 -15.17 36.34 -13.03
N THR A 163 -15.77 35.55 -12.14
CA THR A 163 -15.61 35.76 -10.67
C THR A 163 -14.12 35.97 -10.33
N PRO A 164 -13.18 35.12 -10.81
CA PRO A 164 -11.76 35.31 -10.53
C PRO A 164 -11.21 36.69 -10.89
N LEU A 165 -11.64 37.20 -12.05
CA LEU A 165 -11.18 38.47 -12.56
C LEU A 165 -11.54 39.58 -11.58
N VAL A 166 -12.80 39.55 -11.12
CA VAL A 166 -13.26 40.48 -10.11
C VAL A 166 -12.22 40.52 -8.99
N VAL A 167 -11.97 39.36 -8.38
CA VAL A 167 -11.10 39.25 -7.22
C VAL A 167 -9.72 39.81 -7.58
N TRP A 168 -9.13 39.30 -8.66
CA TRP A 168 -7.77 39.69 -9.02
C TRP A 168 -7.69 41.20 -9.31
N ASN A 169 -8.68 41.75 -10.03
CA ASN A 169 -8.73 43.19 -10.38
C ASN A 169 -8.68 44.03 -9.10
N MET A 170 -9.54 43.65 -8.13
CA MET A 170 -9.62 44.31 -6.84
C MET A 170 -8.27 44.26 -6.11
N LEU A 171 -7.69 43.06 -6.02
CA LEU A 171 -6.40 42.89 -5.36
C LEU A 171 -5.34 43.74 -6.06
N LYS A 172 -5.40 43.77 -7.39
CA LYS A 172 -4.48 44.53 -8.19
C LYS A 172 -4.69 46.04 -7.95
N GLY A 173 -5.93 46.44 -7.66
CA GLY A 173 -6.25 47.81 -7.28
C GLY A 173 -5.57 48.20 -5.97
N LEU A 174 -5.84 47.41 -4.93
CA LEU A 174 -5.23 47.56 -3.61
C LEU A 174 -3.71 47.69 -3.74
N ALA A 175 -3.13 46.87 -4.63
CA ALA A 175 -1.71 46.84 -4.88
C ALA A 175 -1.19 48.21 -5.32
N VAL A 176 -1.86 48.83 -6.32
CA VAL A 176 -1.33 50.07 -6.92
C VAL A 176 -1.54 51.24 -5.96
N LEU A 177 -2.50 51.11 -5.03
CA LEU A 177 -2.90 52.24 -4.18
C LEU A 177 -2.47 52.04 -2.72
N GLN A 178 -1.90 50.87 -2.39
CA GLN A 178 -1.14 50.79 -1.16
C GLN A 178 -0.04 51.85 -1.26
N HIS A 179 0.06 52.70 -0.24
CA HIS A 179 1.08 53.79 -0.16
C HIS A 179 0.54 55.09 -0.74
N HIS A 180 -0.46 55.02 -1.62
CA HIS A 180 -1.09 56.22 -2.16
C HIS A 180 -2.02 56.85 -1.10
N SER A 181 -1.59 57.98 -0.54
CA SER A 181 -2.26 58.58 0.63
C SER A 181 -3.56 59.29 0.22
N GLY A 182 -3.74 59.51 -1.10
CA GLY A 182 -4.98 60.06 -1.67
C GLY A 182 -6.11 59.05 -1.77
N PHE A 183 -5.85 57.80 -1.36
CA PHE A 183 -6.86 56.76 -1.30
C PHE A 183 -7.24 56.54 0.17
N ALA A 184 -8.48 56.92 0.51
CA ALA A 184 -8.96 56.97 1.90
C ALA A 184 -8.87 55.60 2.57
N SER A 185 -8.63 55.60 3.89
CA SER A 185 -8.40 54.41 4.71
C SER A 185 -9.63 53.49 4.68
N PHE A 186 -10.81 54.09 4.85
CA PHE A 186 -12.06 53.34 4.80
C PHE A 186 -12.21 52.73 3.41
N SER A 187 -11.82 53.48 2.38
CA SER A 187 -11.94 53.04 1.00
C SER A 187 -11.02 51.82 0.75
N ARG A 188 -9.84 51.81 1.39
CA ARG A 188 -8.95 50.65 1.32
C ARG A 188 -9.61 49.47 2.00
N THR A 189 -10.24 49.71 3.15
CA THR A 189 -10.90 48.66 3.94
C THR A 189 -12.01 47.97 3.12
N ARG A 190 -12.79 48.79 2.40
CA ARG A 190 -13.91 48.31 1.65
C ARG A 190 -13.43 47.39 0.51
N LEU A 191 -12.31 47.75 -0.09
CA LEU A 191 -11.78 47.01 -1.21
C LEU A 191 -11.20 45.66 -0.74
N LYS A 192 -10.51 45.64 0.41
CA LYS A 192 -10.06 44.38 0.99
C LYS A 192 -11.27 43.49 1.29
N ASP A 193 -12.25 44.06 2.01
CA ASP A 193 -13.46 43.36 2.45
C ASP A 193 -14.03 42.57 1.26
N GLU A 194 -14.21 43.27 0.13
CA GLU A 194 -14.85 42.73 -1.07
C GLU A 194 -13.93 41.68 -1.72
N ALA A 195 -12.65 42.02 -1.86
CA ALA A 195 -11.67 41.14 -2.46
C ALA A 195 -11.58 39.82 -1.68
N LEU A 196 -11.56 39.90 -0.35
CA LEU A 196 -11.39 38.71 0.48
C LEU A 196 -12.67 37.86 0.50
N PHE A 197 -13.82 38.52 0.43
CA PHE A 197 -15.08 37.85 0.21
C PHE A 197 -15.00 36.95 -1.03
N GLY A 198 -14.40 37.50 -2.09
CA GLY A 198 -14.23 36.80 -3.37
C GLY A 198 -13.26 35.64 -3.25
N ALA A 199 -12.10 35.92 -2.64
CA ALA A 199 -11.05 34.94 -2.44
C ALA A 199 -11.62 33.70 -1.74
N ASP A 200 -12.43 33.91 -0.70
CA ASP A 200 -13.05 32.83 0.04
C ASP A 200 -13.84 31.93 -0.92
N PHE A 201 -14.63 32.56 -1.78
CA PHE A 201 -15.46 31.84 -2.72
C PHE A 201 -14.58 31.04 -3.68
N LEU A 202 -13.53 31.66 -4.24
CA LEU A 202 -12.63 30.95 -5.14
C LEU A 202 -12.04 29.73 -4.43
N ARG A 203 -11.67 29.90 -3.16
CA ARG A 203 -11.13 28.79 -2.37
C ARG A 203 -12.15 27.66 -2.20
N ARG A 204 -13.43 28.03 -1.99
CA ARG A 204 -14.53 27.08 -1.89
C ARG A 204 -14.85 26.39 -3.22
N MET A 205 -14.47 27.02 -4.34
CA MET A 205 -14.80 26.54 -5.69
C MET A 205 -13.77 25.49 -6.13
N GLN A 206 -12.72 25.22 -5.32
CA GLN A 206 -11.72 24.21 -5.64
C GLN A 206 -12.08 22.86 -5.02
N ASN A 207 -12.53 21.91 -5.86
CA ASN A 207 -12.62 20.50 -5.53
C ASN A 207 -11.25 20.02 -5.03
N SER A 208 -11.27 19.05 -4.10
CA SER A 208 -10.10 18.59 -3.38
C SER A 208 -9.02 18.05 -4.33
N GLU A 209 -9.41 17.49 -5.47
CA GLU A 209 -8.46 16.90 -6.43
C GLU A 209 -7.49 17.96 -6.98
N GLY A 210 -7.94 19.22 -7.04
CA GLY A 210 -7.09 20.38 -7.39
C GLY A 210 -7.69 21.28 -8.46
N PHE A 211 -8.70 20.80 -9.19
CA PHE A 211 -9.38 21.60 -10.21
C PHE A 211 -10.40 22.52 -9.51
N PHE A 212 -10.89 23.53 -10.24
CA PHE A 212 -11.93 24.45 -9.75
C PHE A 212 -13.22 24.24 -10.54
N TYR A 213 -14.37 24.28 -9.86
CA TYR A 213 -15.68 24.21 -10.54
C TYR A 213 -15.86 25.46 -11.43
N MET A 214 -16.40 25.24 -12.63
CA MET A 214 -16.40 26.26 -13.68
C MET A 214 -17.61 27.17 -13.53
N THR A 215 -18.75 26.59 -13.14
CA THR A 215 -20.02 27.31 -13.13
C THR A 215 -20.91 26.77 -12.00
N VAL A 216 -21.81 27.61 -11.51
CA VAL A 216 -22.92 27.22 -10.67
C VAL A 216 -24.17 27.76 -11.36
N PHE A 217 -24.79 26.92 -12.18
CA PHE A 217 -25.72 27.33 -13.23
C PHE A 217 -27.13 26.85 -12.88
N ASP A 218 -28.11 27.74 -13.13
CA ASP A 218 -29.49 27.50 -12.79
C ASP A 218 -30.34 27.57 -14.05
N LYS A 219 -29.70 27.55 -15.22
CA LYS A 219 -30.41 27.56 -16.52
C LYS A 219 -31.26 28.82 -16.63
N TRP A 220 -30.91 29.86 -15.87
CA TRP A 220 -31.60 31.16 -15.81
C TRP A 220 -32.99 31.04 -15.20
N SER A 221 -33.23 30.00 -14.41
CA SER A 221 -34.56 29.68 -13.91
C SER A 221 -34.93 30.59 -12.74
N LYS A 222 -33.91 31.08 -12.03
CA LYS A 222 -34.04 31.74 -10.72
C LYS A 222 -34.66 30.75 -9.72
N ASP A 223 -34.51 29.46 -10.00
CA ASP A 223 -34.91 28.38 -9.09
C ASP A 223 -33.71 28.04 -8.22
N THR A 224 -33.98 27.80 -6.93
CA THR A 224 -32.92 27.47 -5.99
C THR A 224 -32.52 26.02 -6.25
N LYS A 225 -33.52 25.21 -6.55
CA LYS A 225 -33.37 23.77 -6.64
C LYS A 225 -32.73 23.36 -7.97
N GLN A 226 -32.49 24.31 -8.87
CA GLN A 226 -31.87 24.01 -10.16
C GLN A 226 -30.39 24.39 -10.17
N ARG A 227 -29.82 24.68 -9.01
CA ARG A 227 -28.47 25.19 -8.97
C ARG A 227 -27.56 24.00 -8.94
N GLU A 228 -26.75 23.87 -10.00
CA GLU A 228 -25.90 22.69 -10.22
C GLU A 228 -24.52 23.13 -10.68
N ILE A 229 -23.48 22.49 -10.15
CA ILE A 229 -22.14 22.64 -10.63
C ILE A 229 -22.04 21.91 -11.97
N CYS A 230 -21.71 22.65 -13.03
CA CYS A 230 -21.65 22.13 -14.36
C CYS A 230 -20.95 23.13 -15.29
N ALA A 231 -20.84 22.75 -16.56
CA ALA A 231 -20.66 23.65 -17.67
C ALA A 231 -21.99 23.71 -18.43
N TYR A 232 -22.04 24.51 -19.50
CA TYR A 232 -23.17 24.48 -20.41
C TYR A 232 -22.78 25.07 -21.77
N ALA A 233 -23.67 24.83 -22.74
CA ALA A 233 -23.42 25.21 -24.11
C ALA A 233 -24.71 25.72 -24.76
N THR A 234 -24.54 26.49 -25.83
CA THR A 234 -25.61 27.14 -26.60
C THR A 234 -26.36 28.16 -25.74
N GLN A 235 -27.35 28.80 -26.37
CA GLN A 235 -28.20 29.77 -25.72
C GLN A 235 -29.29 29.07 -24.90
N GLN A 236 -29.48 27.76 -25.07
CA GLN A 236 -30.52 27.02 -24.33
C GLN A 236 -29.90 26.43 -23.05
N GLY A 237 -28.59 26.63 -22.87
CA GLY A 237 -27.91 26.35 -21.61
C GLY A 237 -27.93 24.87 -21.24
N HIS A 238 -27.61 24.01 -22.24
CA HIS A 238 -27.58 22.58 -22.06
C HIS A 238 -26.44 22.21 -21.10
N LYS A 239 -26.79 21.71 -19.91
CA LYS A 239 -25.83 21.43 -18.86
C LYS A 239 -25.05 20.15 -19.16
N SER A 240 -23.80 20.08 -18.69
CA SER A 240 -22.87 19.00 -18.97
C SER A 240 -21.84 18.90 -17.84
N ASP A 241 -21.25 17.71 -17.65
CA ASP A 241 -20.48 17.41 -16.44
C ASP A 241 -18.99 17.70 -16.67
N ASP A 242 -18.66 18.54 -17.67
CA ASP A 242 -17.28 18.98 -17.93
C ASP A 242 -17.00 20.26 -17.13
N TYR A 243 -17.13 20.15 -15.81
CA TYR A 243 -17.10 21.29 -14.88
C TYR A 243 -15.67 21.57 -14.41
N GLN A 244 -14.70 20.80 -14.89
CA GLN A 244 -13.30 21.06 -14.61
C GLN A 244 -12.88 22.29 -15.43
N ALA A 245 -12.42 23.30 -14.69
CA ALA A 245 -11.96 24.54 -15.28
C ALA A 245 -10.46 24.45 -15.57
N GLY A 246 -10.15 24.44 -16.87
CA GLY A 246 -8.79 24.63 -17.39
C GLY A 246 -8.32 26.07 -17.27
N PHE A 247 -7.08 26.33 -17.69
CA PHE A 247 -6.42 27.63 -17.54
C PHE A 247 -7.29 28.74 -18.16
N ARG A 248 -7.71 28.53 -19.41
CA ARG A 248 -8.57 29.48 -20.11
C ARG A 248 -10.00 29.48 -19.57
N GLN A 249 -10.41 28.39 -18.93
CA GLN A 249 -11.80 28.20 -18.44
C GLN A 249 -11.96 28.84 -17.05
N GLY A 250 -11.09 29.78 -16.70
CA GLY A 250 -11.24 30.59 -15.50
C GLY A 250 -10.39 30.08 -14.35
N GLY A 251 -9.71 28.96 -14.56
CA GLY A 251 -8.88 28.34 -13.53
C GLY A 251 -7.57 29.07 -13.34
N GLY A 252 -6.99 29.54 -14.45
CA GLY A 252 -5.73 30.23 -14.41
C GLY A 252 -5.84 31.46 -13.55
N MET A 253 -6.92 32.20 -13.79
CA MET A 253 -7.19 33.46 -13.10
C MET A 253 -7.51 33.22 -11.62
N ALA A 254 -8.23 32.13 -11.31
CA ALA A 254 -8.56 31.80 -9.92
C ALA A 254 -7.28 31.55 -9.10
N ILE A 255 -6.28 30.91 -9.71
CA ILE A 255 -4.99 30.71 -9.05
C ILE A 255 -4.34 32.06 -8.76
N ALA A 256 -4.28 32.92 -9.79
CA ALA A 256 -3.62 34.22 -9.69
C ALA A 256 -4.21 35.06 -8.54
N ALA A 257 -5.53 35.01 -8.37
CA ALA A 257 -6.23 35.77 -7.32
C ALA A 257 -5.80 35.26 -5.94
N LEU A 258 -5.98 33.96 -5.72
CA LEU A 258 -5.72 33.33 -4.44
C LEU A 258 -4.25 33.55 -4.03
N ALA A 259 -3.33 33.58 -5.00
CA ALA A 259 -1.91 33.80 -4.72
C ALA A 259 -1.68 35.24 -4.24
N ALA A 260 -2.35 36.20 -4.89
CA ALA A 260 -2.26 37.60 -4.53
C ALA A 260 -2.98 37.87 -3.19
N ALA A 261 -4.07 37.12 -2.95
CA ALA A 261 -4.88 37.24 -1.73
C ALA A 261 -4.07 36.84 -0.49
N ALA A 262 -3.13 35.92 -0.71
CA ALA A 262 -2.26 35.36 0.33
C ALA A 262 -1.30 36.42 0.87
N ARG A 263 -1.03 37.46 0.07
CA ARG A 263 -0.05 38.47 0.44
C ARG A 263 -0.60 39.57 1.36
N LEU A 264 -1.90 39.57 1.60
CA LEU A 264 -2.52 40.55 2.50
C LEU A 264 -2.21 40.22 3.96
N ASP A 265 -2.05 41.29 4.76
CA ASP A 265 -1.81 41.23 6.21
C ASP A 265 -3.06 40.71 6.93
N THR A 266 -4.24 41.09 6.43
CA THR A 266 -5.51 40.52 6.90
C THR A 266 -5.89 39.34 5.98
N HIS A 267 -6.94 38.61 6.38
CA HIS A 267 -7.50 37.52 5.57
C HIS A 267 -8.99 37.40 5.91
N GLY A 268 -9.69 36.56 5.13
CA GLY A 268 -11.10 36.38 5.26
C GLY A 268 -11.44 35.20 6.15
N GLU A 269 -12.42 34.42 5.71
CA GLU A 269 -12.92 33.23 6.36
C GLU A 269 -11.93 32.09 6.21
N PHE A 270 -11.02 32.21 5.23
CA PHE A 270 -9.88 31.32 5.09
C PHE A 270 -8.60 32.12 5.30
N THR A 271 -7.53 31.43 5.68
CA THR A 271 -6.24 32.03 6.04
C THR A 271 -5.42 32.28 4.77
N GLN A 272 -4.33 33.04 4.90
CA GLN A 272 -3.44 33.32 3.79
C GLN A 272 -2.81 32.01 3.29
N ALA A 273 -2.46 31.14 4.23
CA ALA A 273 -1.92 29.83 3.95
C ALA A 273 -2.92 29.02 3.12
N ASP A 274 -4.21 29.07 3.52
CA ASP A 274 -5.31 28.37 2.83
C ASP A 274 -5.36 28.76 1.34
N TYR A 275 -5.27 30.07 1.08
CA TYR A 275 -5.32 30.65 -0.29
C TYR A 275 -4.10 30.14 -1.09
N LEU A 276 -2.90 30.32 -0.52
CA LEU A 276 -1.65 30.03 -1.20
C LEU A 276 -1.62 28.54 -1.60
N GLN A 277 -1.97 27.67 -0.66
CA GLN A 277 -2.04 26.24 -0.90
C GLN A 277 -2.96 25.98 -2.10
N ALA A 278 -4.21 26.44 -1.98
CA ALA A 278 -5.21 26.25 -3.03
C ALA A 278 -4.63 26.71 -4.39
N ALA A 279 -3.79 27.76 -4.37
CA ALA A 279 -3.15 28.28 -5.57
C ALA A 279 -2.11 27.29 -6.08
N GLU A 280 -1.12 26.97 -5.25
CA GLU A 280 -0.01 26.08 -5.63
C GLU A 280 -0.58 24.74 -6.12
N ASN A 281 -1.43 24.12 -5.30
CA ASN A 281 -2.08 22.85 -5.63
C ASN A 281 -2.77 22.95 -6.98
N GLY A 282 -3.64 23.95 -7.11
CA GLY A 282 -4.49 24.12 -8.27
C GLY A 282 -3.71 24.30 -9.55
N TYR A 283 -2.49 24.85 -9.43
CA TYR A 283 -1.62 25.14 -10.56
C TYR A 283 -0.94 23.87 -11.08
N TRP A 284 -0.33 23.11 -10.16
CA TRP A 284 0.42 21.93 -10.53
C TRP A 284 -0.52 20.84 -11.03
N HIS A 285 -1.78 20.88 -10.57
CA HIS A 285 -2.81 20.01 -11.06
C HIS A 285 -3.14 20.32 -12.52
N LEU A 286 -3.28 21.62 -12.86
CA LEU A 286 -3.60 22.03 -14.23
C LEU A 286 -2.38 21.85 -15.13
N LYS A 287 -1.17 21.96 -14.54
CA LYS A 287 0.07 21.74 -15.28
C LYS A 287 0.04 20.32 -15.84
N GLU A 288 -0.59 19.40 -15.08
CA GLU A 288 -0.76 18.00 -15.46
C GLU A 288 -1.95 17.85 -16.41
N HIS A 289 -3.16 18.24 -15.99
CA HIS A 289 -4.42 17.77 -16.65
C HIS A 289 -5.11 18.82 -17.55
N ASN A 290 -4.47 19.97 -17.81
CA ASN A 290 -5.15 21.08 -18.51
C ASN A 290 -5.89 20.56 -19.73
N LEU A 291 -5.16 19.79 -20.56
CA LEU A 291 -5.59 19.42 -21.91
C LEU A 291 -6.87 18.57 -21.86
N ALA A 292 -6.98 17.74 -20.82
CA ALA A 292 -8.15 16.88 -20.61
C ALA A 292 -9.41 17.70 -20.36
N TYR A 293 -9.24 18.95 -19.89
CA TYR A 293 -10.33 19.82 -19.47
C TYR A 293 -10.74 20.82 -20.56
N LEU A 294 -9.89 20.93 -21.61
CA LEU A 294 -10.17 21.80 -22.75
C LEU A 294 -11.06 21.07 -23.77
N ASN A 295 -12.17 21.71 -24.16
CA ASN A 295 -13.20 21.12 -25.00
C ASN A 295 -12.60 20.66 -26.34
N ASP A 296 -11.56 21.31 -26.83
CA ASP A 296 -10.92 20.95 -28.11
C ASP A 296 -9.50 20.39 -27.89
N GLY A 297 -9.08 20.26 -26.63
CA GLY A 297 -7.81 19.62 -26.25
C GLY A 297 -6.56 20.37 -26.70
N VAL A 298 -6.68 21.65 -27.08
CA VAL A 298 -5.51 22.47 -27.51
C VAL A 298 -5.49 23.78 -26.72
N GLU A 299 -4.35 24.06 -26.07
CA GLU A 299 -4.16 25.33 -25.35
C GLU A 299 -4.10 26.44 -26.41
N ASN A 300 -4.75 27.57 -26.13
CA ASN A 300 -4.73 28.76 -27.02
C ASN A 300 -4.26 29.96 -26.19
N ILE A 301 -4.31 31.16 -26.80
CA ILE A 301 -3.78 32.39 -26.20
C ILE A 301 -4.37 32.61 -24.80
N ILE A 302 -5.64 32.28 -24.63
CA ILE A 302 -6.34 32.61 -23.40
C ILE A 302 -5.68 31.85 -22.24
N ASP A 303 -5.41 30.56 -22.45
CA ASP A 303 -4.66 29.74 -21.49
C ASP A 303 -3.32 30.41 -21.17
N GLU A 304 -2.63 30.87 -22.23
CA GLU A 304 -1.28 31.38 -22.11
C GLU A 304 -1.29 32.65 -21.24
N TYR A 305 -2.22 33.58 -21.48
CA TYR A 305 -2.23 34.84 -20.70
C TYR A 305 -2.65 34.53 -19.25
N CYS A 306 -3.65 33.65 -19.08
CA CYS A 306 -4.18 33.30 -17.75
C CYS A 306 -3.11 32.61 -16.89
N ALA A 307 -2.39 31.65 -17.46
CA ALA A 307 -1.40 30.85 -16.74
C ALA A 307 -0.19 31.70 -16.37
N LEU A 308 0.21 32.62 -17.25
CA LEU A 308 1.34 33.50 -17.00
C LEU A 308 1.07 34.31 -15.73
N LEU A 309 -0.13 34.90 -15.65
CA LEU A 309 -0.57 35.64 -14.47
C LEU A 309 -0.44 34.78 -13.21
N ALA A 310 -0.98 33.56 -13.27
CA ALA A 310 -0.94 32.63 -12.14
C ALA A 310 0.51 32.46 -11.65
N CYS A 311 1.44 32.22 -12.60
CA CYS A 311 2.84 31.98 -12.28
C CYS A 311 3.48 33.26 -11.72
N CYS A 312 3.19 34.41 -12.33
CA CYS A 312 3.74 35.68 -11.91
C CYS A 312 3.30 36.01 -10.47
N GLU A 313 2.07 35.61 -10.13
CA GLU A 313 1.51 35.90 -8.82
C GLU A 313 2.05 34.91 -7.79
N LEU A 314 2.30 33.67 -8.20
CA LEU A 314 2.80 32.62 -7.29
C LEU A 314 4.28 32.87 -6.96
N TYR A 315 5.04 33.39 -7.92
CA TYR A 315 6.44 33.72 -7.67
C TYR A 315 6.51 34.89 -6.67
N ARG A 316 5.70 35.92 -6.90
CA ARG A 316 5.67 37.09 -6.03
C ARG A 316 5.40 36.69 -4.57
N THR A 317 4.49 35.73 -4.38
CA THR A 317 4.02 35.34 -3.06
C THR A 317 5.04 34.43 -2.37
N THR A 318 5.57 33.42 -3.08
CA THR A 318 6.41 32.35 -2.49
C THR A 318 7.91 32.59 -2.66
N GLU A 319 8.30 33.37 -3.69
CA GLU A 319 9.71 33.63 -4.04
C GLU A 319 10.46 32.33 -4.35
N ASN A 320 9.73 31.33 -4.87
CA ASN A 320 10.25 30.00 -5.17
C ASN A 320 10.53 29.93 -6.68
N ASP A 321 11.81 29.75 -7.03
CA ASP A 321 12.34 29.93 -8.40
C ASP A 321 11.53 29.15 -9.43
N GLN A 322 11.00 27.99 -9.05
CA GLN A 322 10.19 27.13 -9.95
C GLN A 322 9.20 27.97 -10.76
N TYR A 323 8.52 28.90 -10.09
CA TYR A 323 7.41 29.67 -10.65
C TYR A 323 7.94 30.73 -11.62
N LEU A 324 9.08 31.35 -11.30
CA LEU A 324 9.69 32.31 -12.21
C LEU A 324 10.03 31.60 -13.53
N ALA A 325 10.50 30.35 -13.42
CA ALA A 325 10.86 29.53 -14.57
C ALA A 325 9.61 29.27 -15.42
N GLN A 326 8.52 28.89 -14.74
CA GLN A 326 7.21 28.65 -15.38
C GLN A 326 6.69 29.92 -16.08
N ALA A 327 6.77 31.05 -15.38
CA ALA A 327 6.43 32.35 -15.96
C ALA A 327 7.21 32.55 -17.26
N ARG A 328 8.54 32.41 -17.17
CA ARG A 328 9.44 32.61 -18.29
C ARG A 328 9.02 31.81 -19.53
N GLU A 329 8.57 30.57 -19.30
CA GLU A 329 8.13 29.67 -20.38
C GLU A 329 6.82 30.16 -21.00
N TRP A 330 5.84 30.45 -20.14
CA TRP A 330 4.52 30.94 -20.56
C TRP A 330 4.67 32.25 -21.32
N ALA A 331 5.60 33.11 -20.89
CA ALA A 331 5.85 34.38 -21.53
C ALA A 331 6.33 34.15 -22.98
N GLN A 332 7.34 33.27 -23.13
CA GLN A 332 7.91 32.91 -24.44
C GLN A 332 6.81 32.36 -25.36
N ARG A 333 5.93 31.52 -24.80
CA ARG A 333 4.76 30.97 -25.49
C ARG A 333 3.77 32.02 -25.98
N LEU A 334 3.54 33.02 -25.12
CA LEU A 334 2.59 34.07 -25.38
C LEU A 334 3.16 34.99 -26.46
N ALA A 335 4.46 35.29 -26.37
CA ALA A 335 5.13 36.15 -27.35
C ALA A 335 4.98 35.57 -28.76
N LYS A 336 4.78 34.25 -28.85
CA LYS A 336 4.62 33.56 -30.11
C LYS A 336 3.24 33.86 -30.73
N ARG A 337 2.28 34.31 -29.93
CA ARG A 337 0.95 34.67 -30.46
C ARG A 337 0.98 36.00 -31.18
N GLN A 338 2.09 36.74 -31.05
CA GLN A 338 2.29 37.96 -31.82
C GLN A 338 2.64 37.59 -33.27
N CYS A 339 1.75 37.99 -34.19
CA CYS A 339 1.83 37.62 -35.60
C CYS A 339 1.65 38.87 -36.45
N SER A 340 2.32 38.85 -37.61
CA SER A 340 2.06 39.78 -38.68
C SER A 340 1.53 38.97 -39.87
N ASP A 341 0.62 39.58 -40.63
CA ASP A 341 0.09 39.00 -41.86
C ASP A 341 0.17 40.08 -42.94
N GLU A 342 -0.53 39.86 -44.07
CA GLU A 342 -0.30 40.62 -45.30
C GLU A 342 -0.95 42.01 -45.23
N GLN A 343 -1.82 42.25 -44.23
CA GLN A 343 -2.48 43.54 -44.15
C GLN A 343 -2.48 44.12 -42.72
N ILE A 344 -1.74 43.53 -41.77
CA ILE A 344 -1.63 44.13 -40.42
C ILE A 344 -0.54 43.42 -39.60
N ALA A 345 0.26 44.21 -38.87
CA ALA A 345 1.43 43.71 -38.16
C ALA A 345 1.17 43.69 -36.65
N HIS A 346 1.65 42.63 -36.00
CA HIS A 346 1.75 42.48 -34.55
C HIS A 346 0.37 42.40 -33.88
N TYR A 347 -0.61 41.89 -34.63
CA TYR A 347 -1.91 41.50 -34.07
C TYR A 347 -1.73 40.28 -33.17
N TRP A 348 -2.71 40.06 -32.28
CA TRP A 348 -2.72 38.92 -31.42
C TRP A 348 -3.51 37.81 -32.11
N SER A 349 -2.90 36.62 -32.17
CA SER A 349 -3.53 35.46 -32.75
C SER A 349 -4.02 34.51 -31.63
N ALA A 350 -5.25 34.02 -31.79
CA ALA A 350 -5.81 32.95 -30.96
C ALA A 350 -5.07 31.65 -31.26
N THR A 351 -5.21 31.17 -32.50
CA THR A 351 -4.56 29.96 -33.02
C THR A 351 -3.07 30.27 -33.23
N SER A 352 -2.23 29.22 -33.29
CA SER A 352 -0.76 29.38 -33.33
C SER A 352 -0.26 29.68 -34.74
N ASN A 353 -1.08 29.40 -35.77
CA ASN A 353 -0.68 29.63 -37.16
C ASN A 353 -0.95 31.09 -37.55
N GLY A 354 -1.77 31.81 -36.78
CA GLY A 354 -2.13 33.20 -37.08
C GLY A 354 -3.36 33.31 -37.97
N GLU A 355 -4.08 32.19 -38.14
CA GLU A 355 -5.17 32.10 -39.11
C GLU A 355 -6.43 32.77 -38.53
N ARG A 356 -6.68 32.61 -37.22
CA ARG A 356 -7.78 33.28 -36.52
C ARG A 356 -7.22 34.24 -35.48
N PRO A 357 -7.46 35.57 -35.59
CA PRO A 357 -6.95 36.52 -34.62
C PRO A 357 -7.68 36.41 -33.28
N TYR A 358 -7.00 36.88 -32.22
CA TYR A 358 -7.58 37.07 -30.91
C TYR A 358 -8.43 38.33 -30.91
N PHE A 359 -9.63 38.22 -30.36
CA PHE A 359 -10.50 39.33 -30.11
C PHE A 359 -11.49 38.89 -29.04
N HIS A 360 -11.84 39.80 -28.13
CA HIS A 360 -12.53 39.44 -26.90
C HIS A 360 -13.35 40.63 -26.42
N ALA A 361 -14.62 40.40 -26.08
CA ALA A 361 -15.53 41.49 -25.70
C ALA A 361 -15.53 41.68 -24.18
N SER A 362 -14.41 41.34 -23.55
CA SER A 362 -14.34 41.24 -22.12
C SER A 362 -12.89 41.45 -21.65
N ASP A 363 -11.97 40.54 -22.02
CA ASP A 363 -10.64 40.54 -21.40
C ASP A 363 -9.55 40.91 -22.41
N ALA A 364 -9.91 41.69 -23.44
CA ALA A 364 -9.03 41.98 -24.59
C ALA A 364 -7.68 42.56 -24.17
N GLY A 365 -7.59 43.09 -22.95
CA GLY A 365 -6.37 43.72 -22.47
C GLY A 365 -5.30 42.71 -22.09
N LEU A 366 -5.74 41.59 -21.50
CA LEU A 366 -4.90 40.71 -20.66
C LEU A 366 -3.57 40.35 -21.32
N PRO A 367 -3.50 39.99 -22.63
CA PRO A 367 -2.22 39.63 -23.23
C PRO A 367 -1.10 40.56 -22.76
N VAL A 368 -1.32 41.87 -22.91
CA VAL A 368 -0.31 42.87 -22.61
C VAL A 368 -0.17 43.02 -21.08
N ILE A 369 -1.30 42.96 -20.36
CA ILE A 369 -1.32 43.09 -18.90
C ILE A 369 -0.47 41.97 -18.28
N ALA A 370 -0.68 40.75 -18.76
CA ALA A 370 -0.01 39.56 -18.23
C ALA A 370 1.49 39.62 -18.51
N LEU A 371 1.86 40.11 -19.70
CA LEU A 371 3.26 40.29 -20.03
C LEU A 371 3.88 41.34 -19.11
N CYS A 372 3.09 42.36 -18.74
CA CYS A 372 3.58 43.44 -17.89
C CYS A 372 3.84 42.95 -16.46
N GLU A 373 2.99 42.03 -15.97
CA GLU A 373 3.20 41.40 -14.66
C GLU A 373 4.49 40.58 -14.67
N TYR A 374 4.77 39.92 -15.81
CA TYR A 374 6.01 39.20 -16.02
C TYR A 374 7.20 40.17 -15.99
N LEU A 375 7.13 41.24 -16.80
CA LEU A 375 8.19 42.24 -16.89
C LEU A 375 8.49 42.80 -15.50
N ASN A 376 7.46 42.92 -14.65
CA ASN A 376 7.58 43.45 -13.29
C ASN A 376 8.51 42.58 -12.42
N ILE A 377 8.66 41.30 -12.76
CA ILE A 377 9.38 40.34 -11.90
C ILE A 377 10.57 39.73 -12.64
N GLU A 378 10.86 40.16 -13.88
CA GLU A 378 11.89 39.54 -14.71
C GLU A 378 13.14 40.42 -14.67
N THR A 379 14.20 39.89 -14.05
CA THR A 379 15.41 40.63 -13.73
C THR A 379 16.48 40.37 -14.81
N ASP A 380 16.40 39.24 -15.51
CA ASP A 380 17.30 38.93 -16.61
C ASP A 380 16.96 39.84 -17.80
N THR A 381 17.93 40.67 -18.21
CA THR A 381 17.66 41.85 -19.07
C THR A 381 17.50 41.44 -20.54
N ALA A 382 17.97 40.24 -20.91
CA ALA A 382 17.76 39.70 -22.27
C ALA A 382 16.28 39.37 -22.45
N ASN A 383 15.74 38.56 -21.51
CA ASN A 383 14.34 38.17 -21.46
C ASN A 383 13.44 39.40 -21.40
N TYR A 384 13.83 40.36 -20.55
CA TYR A 384 13.07 41.58 -20.34
C TYR A 384 12.95 42.34 -21.66
N ALA A 385 14.10 42.64 -22.28
CA ALA A 385 14.16 43.49 -23.47
C ALA A 385 13.46 42.83 -24.66
N GLN A 386 13.41 41.48 -24.69
CA GLN A 386 12.67 40.75 -25.73
C GLN A 386 11.17 41.06 -25.61
N LEU A 387 10.61 40.73 -24.45
CA LEU A 387 9.17 40.77 -24.20
C LEU A 387 8.70 42.21 -23.96
N GLN A 388 9.64 43.09 -23.61
CA GLN A 388 9.43 44.53 -23.62
C GLN A 388 8.99 44.95 -25.03
N ARG A 389 9.76 44.53 -26.04
CA ARG A 389 9.49 44.86 -27.46
C ARG A 389 8.17 44.25 -27.97
N VAL A 390 7.75 43.12 -27.39
CA VAL A 390 6.46 42.51 -27.72
C VAL A 390 5.35 43.43 -27.24
N VAL A 391 5.45 43.85 -25.96
CA VAL A 391 4.48 44.75 -25.34
C VAL A 391 4.40 46.06 -26.12
N GLU A 392 5.57 46.58 -26.53
CA GLU A 392 5.67 47.82 -27.30
C GLU A 392 4.94 47.66 -28.66
N GLN A 393 5.18 46.53 -29.32
CA GLN A 393 4.64 46.30 -30.67
C GLN A 393 3.13 46.11 -30.59
N ALA A 394 2.68 45.37 -29.58
CA ALA A 394 1.26 45.09 -29.36
C ALA A 394 0.48 46.38 -29.12
N CYS A 395 1.09 47.36 -28.45
CA CYS A 395 0.45 48.64 -28.19
C CYS A 395 0.44 49.49 -29.46
N GLN A 396 1.54 49.43 -30.23
CA GLN A 396 1.64 50.13 -31.50
C GLN A 396 0.51 49.65 -32.41
N PHE A 397 0.23 48.35 -32.35
CA PHE A 397 -0.85 47.69 -33.11
C PHE A 397 -2.21 48.30 -32.72
N GLU A 398 -2.50 48.32 -31.41
CA GLU A 398 -3.80 48.78 -30.89
C GLU A 398 -4.08 50.20 -31.39
N LEU A 399 -3.01 51.00 -31.48
CA LEU A 399 -3.09 52.38 -31.92
C LEU A 399 -3.28 52.41 -33.44
N ALA A 400 -2.42 51.66 -34.15
CA ALA A 400 -2.42 51.63 -35.61
C ALA A 400 -3.82 51.27 -36.14
N ILE A 401 -4.34 50.12 -35.69
CA ILE A 401 -5.61 49.57 -36.16
C ILE A 401 -6.77 50.55 -35.86
N THR A 402 -6.71 51.23 -34.71
CA THR A 402 -7.82 52.05 -34.24
C THR A 402 -7.84 53.39 -34.99
N GLN A 403 -6.71 53.75 -35.61
CA GLN A 403 -6.52 55.03 -36.35
C GLN A 403 -6.37 54.78 -37.85
N GLN A 404 -6.84 53.62 -38.34
CA GLN A 404 -6.67 53.24 -39.74
C GLN A 404 -7.92 53.61 -40.55
N VAL A 405 -9.01 53.96 -39.88
CA VAL A 405 -10.21 54.44 -40.57
C VAL A 405 -10.74 55.67 -39.80
N SER A 406 -11.75 56.32 -40.37
CA SER A 406 -12.41 57.45 -39.76
C SER A 406 -12.92 57.01 -38.39
N ASN A 407 -12.33 57.57 -37.32
CA ASN A 407 -12.66 57.16 -35.95
C ASN A 407 -12.64 58.35 -35.01
N PRO A 408 -13.67 59.21 -35.07
CA PRO A 408 -13.71 60.40 -34.21
C PRO A 408 -13.83 60.03 -32.72
N PHE A 409 -14.51 58.92 -32.44
CA PHE A 409 -14.88 58.53 -31.09
C PHE A 409 -13.71 57.87 -30.36
N GLY A 410 -12.67 57.50 -31.13
CA GLY A 410 -11.42 56.92 -30.62
C GLY A 410 -11.61 55.47 -30.17
N TYR A 411 -12.74 54.86 -30.55
CA TYR A 411 -13.17 53.54 -30.09
C TYR A 411 -12.13 52.52 -30.51
N PRO A 412 -11.49 51.82 -29.55
CA PRO A 412 -10.44 50.85 -29.86
C PRO A 412 -10.96 49.81 -30.84
N ARG A 413 -10.27 49.67 -31.98
CA ARG A 413 -10.63 48.73 -33.01
C ARG A 413 -9.85 47.44 -32.78
N GLN A 414 -10.20 46.39 -33.56
CA GLN A 414 -9.73 45.05 -33.31
C GLN A 414 -9.77 44.23 -34.60
N TYR A 415 -8.92 43.19 -34.64
CA TYR A 415 -8.83 42.29 -35.76
C TYR A 415 -9.68 41.05 -35.45
N VAL A 416 -10.70 40.82 -36.28
CA VAL A 416 -11.71 39.80 -36.03
C VAL A 416 -11.81 38.87 -37.23
N LYS A 417 -12.51 37.75 -37.04
CA LYS A 417 -12.81 36.78 -38.07
C LYS A 417 -13.95 35.88 -37.59
N GLY A 418 -14.91 35.60 -38.48
CA GLY A 418 -15.99 34.65 -38.22
C GLY A 418 -15.57 33.23 -38.57
N VAL A 419 -16.36 32.24 -38.15
CA VAL A 419 -16.05 30.83 -38.43
C VAL A 419 -15.95 30.65 -39.95
N GLU A 420 -16.82 31.33 -40.71
CA GLU A 420 -16.91 31.19 -42.15
C GLU A 420 -16.76 32.55 -42.83
N SER A 421 -15.77 33.35 -42.43
CA SER A 421 -15.62 34.70 -43.00
C SER A 421 -14.21 35.25 -42.73
N ALA A 422 -13.83 36.25 -43.55
CA ALA A 422 -12.44 36.65 -43.73
C ALA A 422 -11.97 37.52 -42.57
N LYS A 423 -10.67 37.41 -42.25
CA LYS A 423 -10.05 38.33 -41.32
C LYS A 423 -10.33 39.75 -41.83
N ARG A 424 -10.82 40.60 -40.92
CA ARG A 424 -11.13 41.98 -41.23
C ARG A 424 -10.86 42.78 -39.95
N THR A 425 -10.44 44.04 -40.11
CA THR A 425 -10.40 44.99 -38.98
C THR A 425 -11.83 45.46 -38.73
N SER A 426 -12.15 45.77 -37.47
CA SER A 426 -13.52 46.05 -37.09
C SER A 426 -13.57 46.97 -35.87
N PHE A 427 -14.75 47.57 -35.66
CA PHE A 427 -15.04 48.22 -34.41
C PHE A 427 -15.38 47.14 -33.37
N PHE A 428 -16.43 46.38 -33.64
CA PHE A 428 -16.96 45.40 -32.71
C PHE A 428 -16.50 43.99 -33.09
N ILE A 429 -16.87 43.01 -32.26
CA ILE A 429 -16.47 41.62 -32.47
C ILE A 429 -17.28 41.04 -33.62
N ALA A 430 -16.73 39.94 -34.17
CA ALA A 430 -17.40 39.12 -35.12
C ALA A 430 -18.63 38.49 -34.44
N GLN A 431 -19.81 38.83 -34.97
CA GLN A 431 -21.09 38.34 -34.44
C GLN A 431 -21.22 36.85 -34.80
N ASP A 432 -20.57 36.44 -35.90
CA ASP A 432 -20.69 35.12 -36.52
C ASP A 432 -19.55 34.23 -36.03
N ASN A 433 -19.42 34.12 -34.69
CA ASN A 433 -18.32 33.44 -34.02
C ASN A 433 -18.74 32.01 -33.65
N GLU A 434 -17.84 31.29 -32.98
CA GLU A 434 -17.91 29.86 -32.75
C GLU A 434 -19.03 29.52 -31.76
N SER A 435 -19.50 30.50 -30.97
CA SER A 435 -20.57 30.31 -30.00
C SER A 435 -21.85 29.84 -30.70
N GLY A 436 -22.09 30.37 -31.90
CA GLY A 436 -23.30 30.13 -32.65
C GLY A 436 -24.35 31.21 -32.41
N TYR A 437 -24.16 32.06 -31.39
CA TYR A 437 -25.18 33.06 -31.04
C TYR A 437 -24.58 34.26 -30.28
N TRP A 438 -23.50 34.03 -29.50
CA TRP A 438 -23.09 34.96 -28.46
C TRP A 438 -22.33 36.16 -29.04
N TRP A 439 -22.86 37.34 -28.72
CA TRP A 439 -22.20 38.62 -28.90
C TRP A 439 -23.02 39.66 -28.13
N GLN A 440 -22.32 40.64 -27.56
CA GLN A 440 -22.92 41.67 -26.71
C GLN A 440 -21.99 42.90 -26.72
N GLY A 441 -22.31 43.86 -25.85
CA GLY A 441 -21.49 45.04 -25.63
C GLY A 441 -20.12 44.70 -25.07
N GLU A 442 -19.19 45.66 -25.21
CA GLU A 442 -17.76 45.45 -24.99
C GLU A 442 -17.21 46.38 -23.90
N ASN A 443 -18.07 46.91 -23.02
CA ASN A 443 -17.66 47.90 -22.01
C ASN A 443 -16.52 47.34 -21.16
N ALA A 444 -16.61 46.04 -20.88
CA ALA A 444 -15.56 45.32 -20.20
C ALA A 444 -14.29 45.44 -21.05
N ARG A 445 -14.37 45.04 -22.32
CA ARG A 445 -13.25 45.12 -23.24
C ARG A 445 -12.60 46.50 -23.21
N LEU A 446 -13.43 47.54 -23.30
CA LEU A 446 -12.94 48.92 -23.36
C LEU A 446 -12.10 49.23 -22.12
N ALA A 447 -12.69 48.96 -20.95
CA ALA A 447 -12.05 49.21 -19.65
C ALA A 447 -10.83 48.31 -19.47
N SER A 448 -10.91 47.10 -20.02
CA SER A 448 -9.80 46.16 -20.00
C SER A 448 -8.59 46.77 -20.73
N LEU A 449 -8.84 47.33 -21.92
CA LEU A 449 -7.82 47.95 -22.75
C LEU A 449 -7.29 49.23 -22.08
N ALA A 450 -8.20 50.06 -21.55
CA ALA A 450 -7.83 51.23 -20.78
C ALA A 450 -6.84 50.84 -19.67
N SER A 451 -7.25 49.86 -18.84
CA SER A 451 -6.42 49.32 -17.77
C SER A 451 -5.05 48.89 -18.31
N MET A 452 -5.07 48.17 -19.42
CA MET A 452 -3.84 47.70 -20.08
C MET A 452 -2.88 48.86 -20.32
N ALA A 453 -3.41 49.96 -20.86
CA ALA A 453 -2.60 51.09 -21.30
C ALA A 453 -1.93 51.75 -20.09
N TYR A 454 -2.71 51.98 -19.04
CA TYR A 454 -2.22 52.63 -17.83
C TYR A 454 -1.12 51.76 -17.19
N LEU A 455 -1.38 50.44 -17.06
CA LEU A 455 -0.47 49.54 -16.33
C LEU A 455 0.81 49.27 -17.12
N ALA A 456 0.80 49.52 -18.44
CA ALA A 456 1.94 49.23 -19.31
C ALA A 456 2.99 50.37 -19.33
N GLN A 457 2.58 51.58 -18.92
CA GLN A 457 3.37 52.82 -19.09
C GLN A 457 4.76 52.69 -18.45
N PRO A 458 4.90 52.11 -17.24
CA PRO A 458 6.21 51.73 -16.71
C PRO A 458 7.18 51.11 -17.72
N HIS A 459 6.69 50.20 -18.58
CA HIS A 459 7.55 49.43 -19.49
C HIS A 459 7.52 49.95 -20.93
N LEU A 460 7.01 51.16 -21.15
CA LEU A 460 6.88 51.70 -22.50
C LEU A 460 7.68 52.99 -22.67
N SER A 461 8.18 53.19 -23.91
CA SER A 461 8.81 54.44 -24.32
C SER A 461 7.85 55.61 -24.06
N THR A 462 8.43 56.79 -23.78
CA THR A 462 7.67 58.00 -23.55
C THR A 462 7.23 58.55 -24.91
N ALA A 463 7.76 57.97 -26.00
CA ALA A 463 7.30 58.22 -27.36
C ALA A 463 5.83 57.79 -27.51
N ILE A 464 5.44 56.64 -26.93
CA ILE A 464 4.12 56.06 -27.16
C ILE A 464 3.24 56.22 -25.90
N ALA A 465 3.69 57.05 -24.97
CA ALA A 465 2.98 57.29 -23.70
C ALA A 465 1.69 58.10 -23.95
N LYS A 466 1.84 59.30 -24.50
CA LYS A 466 0.74 60.25 -24.72
C LYS A 466 -0.35 59.65 -25.61
N PRO A 467 0.01 58.97 -26.73
CA PRO A 467 -1.00 58.32 -27.58
C PRO A 467 -1.91 57.33 -26.82
N LEU A 468 -1.34 56.52 -25.93
CA LEU A 468 -2.07 55.52 -25.14
C LEU A 468 -2.90 56.19 -24.04
N GLU A 469 -2.43 57.35 -23.55
CA GLU A 469 -3.21 58.19 -22.60
C GLU A 469 -4.58 58.52 -23.21
N GLN A 470 -4.55 58.80 -24.53
CA GLN A 470 -5.69 59.25 -25.32
C GLN A 470 -6.59 58.06 -25.66
N TRP A 471 -5.97 57.00 -26.16
CA TRP A 471 -6.62 55.75 -26.52
C TRP A 471 -7.42 55.24 -25.31
N SER A 472 -6.77 55.22 -24.15
CA SER A 472 -7.35 54.69 -22.93
C SER A 472 -8.52 55.58 -22.48
N GLN A 473 -8.35 56.89 -22.61
CA GLN A 473 -9.40 57.84 -22.21
C GLN A 473 -10.60 57.72 -23.14
N ASN A 474 -10.31 57.54 -24.44
CA ASN A 474 -11.35 57.47 -25.45
C ASN A 474 -12.21 56.23 -25.25
N ALA A 475 -11.58 55.17 -24.74
CA ALA A 475 -12.27 53.94 -24.36
C ALA A 475 -13.23 54.24 -23.19
N LEU A 476 -12.69 54.85 -22.13
CA LEU A 476 -13.47 55.13 -20.93
C LEU A 476 -14.59 56.13 -21.24
N ASN A 477 -14.29 57.14 -22.04
CA ASN A 477 -15.25 58.18 -22.39
C ASN A 477 -16.53 57.53 -22.94
N TRP A 478 -16.35 56.52 -23.80
CA TRP A 478 -17.45 55.80 -24.45
C TRP A 478 -18.38 55.17 -23.40
N ILE A 479 -17.78 54.57 -22.37
CA ILE A 479 -18.52 53.82 -21.37
C ILE A 479 -19.49 54.77 -20.68
N VAL A 480 -19.03 56.00 -20.41
CA VAL A 480 -19.76 56.96 -19.56
C VAL A 480 -20.42 58.09 -20.38
N GLY A 481 -20.58 57.92 -21.71
CA GLY A 481 -21.59 58.71 -22.45
C GLY A 481 -21.08 59.38 -23.71
N LEU A 482 -19.78 59.27 -24.01
CA LEU A 482 -19.25 59.79 -25.26
C LEU A 482 -19.38 58.70 -26.32
N ASN A 483 -20.64 58.43 -26.68
CA ASN A 483 -21.04 57.41 -27.64
C ASN A 483 -22.23 57.92 -28.47
N PRO A 484 -22.48 57.35 -29.67
CA PRO A 484 -23.56 57.80 -30.54
C PRO A 484 -24.95 57.84 -29.87
N TYR A 485 -25.14 57.03 -28.82
CA TYR A 485 -26.46 56.92 -28.20
C TYR A 485 -26.60 57.90 -27.02
N ASN A 486 -25.60 58.75 -26.80
CA ASN A 486 -25.60 59.79 -25.75
C ASN A 486 -26.01 59.19 -24.40
N MET A 487 -25.35 58.10 -24.03
CA MET A 487 -25.82 57.21 -22.99
C MET A 487 -24.66 56.82 -22.09
N CYS A 488 -24.75 57.19 -20.81
CA CYS A 488 -23.85 56.68 -19.79
C CYS A 488 -24.28 55.26 -19.39
N MET A 489 -23.39 54.29 -19.56
CA MET A 489 -23.67 52.87 -19.30
C MET A 489 -23.39 52.51 -17.83
N LEU A 490 -22.68 53.38 -17.12
CA LEU A 490 -22.49 53.28 -15.66
C LEU A 490 -23.76 53.79 -14.97
N ASP A 491 -24.42 52.92 -14.21
CA ASP A 491 -25.74 53.22 -13.69
C ASP A 491 -25.62 54.18 -12.51
N GLY A 492 -26.51 55.17 -12.47
CA GLY A 492 -26.55 56.21 -11.41
C GLY A 492 -25.66 57.39 -11.72
N HIS A 493 -25.16 57.46 -12.95
CA HIS A 493 -24.29 58.52 -13.42
C HIS A 493 -24.73 58.91 -14.83
N GLY A 494 -24.24 60.06 -15.30
CA GLY A 494 -24.56 60.57 -16.62
C GLY A 494 -26.04 60.53 -16.91
N HIS A 495 -26.38 60.31 -18.19
CA HIS A 495 -27.75 60.45 -18.70
C HIS A 495 -28.12 59.24 -19.55
N ASN A 496 -29.42 58.92 -19.54
CA ASN A 496 -30.01 57.89 -20.39
C ASN A 496 -29.55 56.50 -19.94
N ASN A 497 -29.35 56.32 -18.62
CA ASN A 497 -29.00 55.02 -18.10
C ASN A 497 -30.01 54.02 -18.64
N PRO A 498 -29.58 52.89 -19.25
CA PRO A 498 -30.52 51.86 -19.69
C PRO A 498 -30.82 50.89 -18.56
N ASP A 499 -32.09 50.46 -18.45
CA ASP A 499 -32.49 49.37 -17.57
C ASP A 499 -32.56 48.11 -18.43
N TYR A 500 -32.78 46.95 -17.78
CA TYR A 500 -32.81 45.67 -18.46
C TYR A 500 -34.26 45.19 -18.59
N LEU A 501 -34.75 44.45 -17.59
CA LEU A 501 -36.08 43.82 -17.67
C LEU A 501 -36.87 44.13 -16.40
N PRO A 502 -37.20 45.41 -16.16
CA PRO A 502 -37.89 45.80 -14.93
C PRO A 502 -39.26 45.11 -14.75
N HIS A 503 -39.99 44.94 -15.84
CA HIS A 503 -41.34 44.36 -15.79
C HIS A 503 -41.30 42.94 -15.19
N LEU A 504 -40.15 42.28 -15.17
CA LEU A 504 -39.98 40.94 -14.56
C LEU A 504 -39.19 41.03 -13.25
N GLY A 505 -38.85 42.24 -12.83
CA GLY A 505 -38.16 42.48 -11.57
C GLY A 505 -36.67 42.20 -11.64
N PHE A 506 -36.15 42.07 -12.87
CA PHE A 506 -34.71 41.96 -13.10
C PHE A 506 -34.18 43.33 -13.51
N PHE A 507 -33.93 44.15 -12.49
CA PHE A 507 -33.44 45.52 -12.64
C PHE A 507 -31.90 45.54 -12.78
N ASN A 508 -31.40 46.62 -13.39
CA ASN A 508 -30.00 46.97 -13.28
C ASN A 508 -29.81 47.60 -11.90
N ALA A 509 -28.55 47.66 -11.47
CA ALA A 509 -28.21 48.12 -10.12
C ALA A 509 -27.26 49.30 -10.25
N LYS A 510 -27.45 50.32 -9.41
CA LYS A 510 -26.68 51.53 -9.49
C LYS A 510 -25.23 51.16 -9.11
N GLY A 511 -24.28 51.62 -9.93
CA GLY A 511 -22.86 51.34 -9.73
C GLY A 511 -22.35 50.30 -10.70
N GLY A 512 -23.28 49.51 -11.28
CA GLY A 512 -22.94 48.53 -12.29
C GLY A 512 -22.75 49.16 -13.66
N VAL A 513 -21.97 48.47 -14.50
CA VAL A 513 -21.85 48.80 -15.90
C VAL A 513 -22.52 47.67 -16.69
N CYS A 514 -23.32 48.06 -17.69
CA CYS A 514 -24.05 47.13 -18.56
C CYS A 514 -23.20 46.74 -19.78
N ASN A 515 -23.67 45.71 -20.50
CA ASN A 515 -22.97 45.13 -21.66
C ASN A 515 -22.51 46.26 -22.59
N GLY A 516 -23.49 47.04 -23.10
CA GLY A 516 -23.21 48.22 -23.91
C GLY A 516 -23.55 48.02 -25.38
N ILE A 517 -22.83 48.78 -26.24
CA ILE A 517 -23.18 49.00 -27.64
C ILE A 517 -22.45 47.96 -28.51
N THR A 518 -23.13 47.54 -29.59
CA THR A 518 -22.66 46.49 -30.50
C THR A 518 -22.80 46.92 -31.96
N ALA A 519 -22.26 46.07 -32.84
CA ALA A 519 -22.54 46.11 -34.26
C ALA A 519 -24.05 45.91 -34.49
N GLY A 520 -24.53 46.36 -35.65
CA GLY A 520 -25.93 46.22 -36.06
C GLY A 520 -26.38 44.78 -36.04
N PHE A 521 -27.64 44.56 -35.65
CA PHE A 521 -28.21 43.21 -35.53
C PHE A 521 -28.24 42.54 -36.90
N ASP A 522 -28.61 43.32 -37.93
CA ASP A 522 -28.73 42.88 -39.30
C ASP A 522 -27.47 43.26 -40.08
N ASP A 523 -26.85 44.39 -39.74
CA ASP A 523 -25.77 44.98 -40.54
C ASP A 523 -24.49 45.06 -39.71
N PRO A 524 -23.53 44.13 -39.89
CA PRO A 524 -22.24 44.21 -39.20
C PRO A 524 -21.53 45.56 -39.23
N ARG A 525 -21.78 46.36 -40.26
CA ARG A 525 -21.09 47.63 -40.40
C ARG A 525 -21.87 48.81 -39.82
N ASP A 526 -23.10 48.56 -39.32
CA ASP A 526 -23.90 49.54 -38.58
C ASP A 526 -23.59 49.36 -37.09
N ILE A 527 -24.37 50.06 -36.26
CA ILE A 527 -24.25 50.11 -34.80
C ILE A 527 -25.64 49.90 -34.21
N ALA A 528 -25.69 49.29 -33.01
CA ALA A 528 -26.95 48.97 -32.41
C ALA A 528 -26.87 49.03 -30.89
N PHE A 529 -27.92 49.62 -30.31
CA PHE A 529 -28.25 49.48 -28.92
C PHE A 529 -29.78 49.52 -28.77
N ASN A 530 -30.34 48.45 -28.20
CA ASN A 530 -31.79 48.20 -28.08
C ASN A 530 -32.49 48.70 -29.33
N PRO A 531 -32.16 48.17 -30.53
CA PRO A 531 -32.80 48.59 -31.78
C PRO A 531 -34.22 48.05 -31.85
N ALA A 532 -35.16 48.83 -32.42
CA ALA A 532 -36.61 48.58 -32.27
C ALA A 532 -36.95 47.13 -32.65
N GLY A 533 -36.31 46.64 -33.71
CA GLY A 533 -36.51 45.28 -34.20
C GLY A 533 -36.46 44.25 -33.09
N GLN A 534 -35.39 44.29 -32.28
CA GLN A 534 -35.08 43.22 -31.35
C GLN A 534 -35.19 43.70 -29.90
N LYS A 535 -35.59 44.96 -29.68
CA LYS A 535 -35.51 45.59 -28.36
C LYS A 535 -36.42 44.86 -27.38
N ASP A 536 -37.52 44.28 -27.89
CA ASP A 536 -38.49 43.62 -27.03
C ASP A 536 -38.32 42.11 -27.07
N ASP A 537 -37.49 41.60 -27.99
CA ASP A 537 -37.25 40.16 -28.12
C ASP A 537 -36.32 39.76 -26.97
N MET A 538 -36.88 39.02 -26.00
CA MET A 538 -36.15 38.70 -24.77
C MET A 538 -35.04 37.70 -25.06
N LEU A 539 -35.02 37.13 -26.27
CA LEU A 539 -33.93 36.25 -26.72
C LEU A 539 -32.73 37.08 -27.17
N GLN A 540 -32.88 38.41 -27.30
CA GLN A 540 -31.84 39.25 -27.93
C GLN A 540 -31.50 40.50 -27.10
N ASN A 541 -32.44 40.99 -26.29
CA ASN A 541 -32.31 42.32 -25.65
C ASN A 541 -31.32 42.27 -24.47
N TRP A 542 -30.93 41.06 -24.05
CA TRP A 542 -29.85 40.85 -23.10
C TRP A 542 -28.54 41.44 -23.62
N ARG A 543 -28.36 41.41 -24.95
CA ARG A 543 -27.10 41.79 -25.57
C ARG A 543 -26.61 43.21 -25.26
N TRP A 544 -27.54 44.06 -24.79
CA TRP A 544 -27.33 45.51 -24.69
C TRP A 544 -27.51 46.00 -23.24
N GLY A 545 -28.74 45.89 -22.73
CA GLY A 545 -29.16 46.51 -21.48
C GLY A 545 -28.67 45.80 -20.22
N GLU A 546 -28.36 44.51 -20.33
CA GLU A 546 -28.06 43.66 -19.17
C GLU A 546 -26.69 44.08 -18.62
N GLN A 547 -26.55 44.00 -17.28
CA GLN A 547 -25.29 44.22 -16.57
C GLN A 547 -24.63 42.87 -16.30
N TRP A 548 -23.30 42.89 -16.20
CA TRP A 548 -22.45 41.71 -16.12
C TRP A 548 -21.19 42.09 -15.33
N ILE A 549 -20.82 41.28 -14.34
CA ILE A 549 -19.90 41.75 -13.31
C ILE A 549 -18.52 42.05 -13.89
N PRO A 550 -18.03 41.41 -14.97
CA PRO A 550 -16.75 41.79 -15.56
C PRO A 550 -16.68 43.26 -16.03
N HIS A 551 -17.79 43.81 -16.55
CA HIS A 551 -17.83 45.20 -16.99
C HIS A 551 -17.43 46.13 -15.85
N GLY A 552 -18.06 45.90 -14.68
CA GLY A 552 -17.77 46.61 -13.45
C GLY A 552 -16.32 46.44 -13.00
N ALA A 553 -15.87 45.19 -12.96
CA ALA A 553 -14.55 44.85 -12.42
C ALA A 553 -13.44 45.50 -13.25
N TRP A 554 -13.59 45.50 -14.57
CA TRP A 554 -12.59 46.09 -15.45
C TRP A 554 -12.69 47.62 -15.37
N TYR A 555 -13.92 48.14 -15.23
CA TYR A 555 -14.09 49.58 -15.03
C TYR A 555 -13.37 50.03 -13.75
N LEU A 556 -13.49 49.21 -12.69
CA LEU A 556 -12.91 49.51 -11.38
C LEU A 556 -11.38 49.57 -11.46
N LEU A 557 -10.77 48.64 -12.21
CA LEU A 557 -9.30 48.62 -12.32
C LEU A 557 -8.84 49.78 -13.20
N ALA A 558 -9.64 50.11 -14.22
CA ALA A 558 -9.32 51.22 -15.12
C ALA A 558 -9.23 52.53 -14.31
N ILE A 559 -10.26 52.83 -13.51
CA ILE A 559 -10.33 54.11 -12.80
C ILE A 559 -9.20 54.20 -11.77
N ILE A 560 -8.81 53.06 -11.19
CA ILE A 560 -7.75 52.99 -10.20
C ILE A 560 -6.38 53.16 -10.88
N SER A 561 -6.16 52.46 -12.01
CA SER A 561 -4.93 52.63 -12.81
C SER A 561 -4.79 54.08 -13.26
N GLN A 562 -5.92 54.69 -13.62
CA GLN A 562 -5.96 56.05 -14.08
C GLN A 562 -5.55 56.99 -12.95
N PHE A 563 -6.14 56.78 -11.77
CA PHE A 563 -5.88 57.58 -10.59
C PHE A 563 -4.38 57.56 -10.23
N ALA A 564 -3.78 56.38 -10.39
CA ALA A 564 -2.37 56.15 -10.08
C ALA A 564 -1.50 56.91 -11.08
N HIS A 565 -1.94 56.92 -12.34
CA HIS A 565 -1.18 57.52 -13.44
C HIS A 565 -1.22 59.05 -13.37
N PHE A 566 -2.08 59.66 -12.53
CA PHE A 566 -2.09 61.12 -12.22
C PHE A 566 -2.26 61.37 -10.70
N MET B 1 -24.22 -19.68 48.36
CA MET B 1 -23.93 -20.86 47.50
C MET B 1 -24.71 -20.73 46.19
N LEU B 2 -23.97 -20.50 45.08
CA LEU B 2 -24.56 -20.37 43.74
C LEU B 2 -23.90 -21.34 42.77
N LEU B 3 -24.72 -22.02 41.96
CA LEU B 3 -24.22 -22.75 40.81
C LEU B 3 -24.34 -21.83 39.58
N LEU B 4 -23.23 -21.18 39.20
CA LEU B 4 -23.21 -20.25 38.08
C LEU B 4 -23.13 -21.03 36.78
N THR B 5 -23.96 -20.63 35.80
CA THR B 5 -24.03 -21.26 34.47
C THR B 5 -24.17 -20.20 33.39
N ASN B 6 -23.94 -20.63 32.15
CA ASN B 6 -24.44 -19.98 30.94
C ASN B 6 -25.97 -19.94 31.02
N HIS B 7 -26.55 -18.74 30.95
CA HIS B 7 -27.99 -18.61 31.18
C HIS B 7 -28.79 -19.04 29.96
N ILE B 8 -28.11 -19.27 28.83
CA ILE B 8 -28.76 -19.61 27.58
C ILE B 8 -28.54 -21.11 27.31
N GLY B 9 -27.30 -21.50 27.02
CA GLY B 9 -27.00 -22.89 26.75
C GLY B 9 -25.60 -23.16 26.24
N TYR B 10 -25.32 -24.46 26.11
CA TYR B 10 -24.05 -25.04 25.73
C TYR B 10 -24.23 -25.82 24.43
N GLU B 11 -23.14 -25.95 23.65
CA GLU B 11 -23.18 -26.67 22.36
C GLU B 11 -23.25 -28.17 22.65
N THR B 12 -24.00 -28.90 21.84
CA THR B 12 -24.10 -30.33 22.01
C THR B 12 -22.68 -30.92 21.97
N GLN B 13 -21.89 -30.56 20.96
CA GLN B 13 -20.52 -31.07 20.78
C GLN B 13 -19.51 -30.06 21.30
N GLY B 14 -19.89 -29.28 22.30
CA GLY B 14 -19.07 -28.16 22.76
C GLY B 14 -18.61 -28.36 24.20
N PRO B 15 -17.57 -27.62 24.64
CA PRO B 15 -17.22 -27.55 26.06
C PRO B 15 -18.37 -27.01 26.91
N LYS B 16 -18.54 -27.64 28.07
CA LYS B 16 -19.57 -27.29 29.02
C LYS B 16 -18.93 -27.30 30.41
N GLN B 17 -19.10 -26.20 31.15
CA GLN B 17 -18.76 -26.17 32.56
C GLN B 17 -19.73 -25.25 33.31
N ALA B 18 -19.65 -25.34 34.64
CA ALA B 18 -20.27 -24.39 35.54
C ALA B 18 -19.24 -24.06 36.63
N VAL B 19 -19.57 -23.05 37.44
CA VAL B 19 -18.70 -22.63 38.50
C VAL B 19 -19.53 -22.51 39.77
N LEU B 20 -19.01 -23.14 40.84
CA LEU B 20 -19.63 -23.14 42.14
C LEU B 20 -19.01 -22.01 42.96
N LEU B 21 -19.86 -21.08 43.40
CA LEU B 21 -19.51 -20.03 44.35
C LEU B 21 -20.03 -20.44 45.73
N CYS B 22 -19.10 -20.57 46.69
CA CYS B 22 -19.42 -20.98 48.07
C CYS B 22 -18.41 -20.38 49.04
N GLY B 23 -18.00 -21.16 50.06
CA GLY B 23 -17.05 -20.77 51.10
C GLY B 23 -17.62 -20.91 52.51
N GLN B 24 -18.88 -21.36 52.64
CA GLN B 24 -19.70 -21.15 53.81
C GLN B 24 -19.94 -22.52 54.47
N THR B 25 -20.49 -23.47 53.70
CA THR B 25 -20.79 -24.83 54.17
C THR B 25 -19.58 -25.73 53.87
N GLN B 26 -19.34 -26.70 54.77
CA GLN B 26 -18.27 -27.70 54.64
C GLN B 26 -18.29 -28.41 53.28
N LEU B 27 -19.48 -28.59 52.69
CA LEU B 27 -19.70 -29.25 51.39
C LEU B 27 -19.67 -30.78 51.56
N MET B 28 -18.51 -31.34 51.95
CA MET B 28 -18.38 -32.77 52.26
C MET B 28 -18.46 -33.55 50.95
N ASP B 29 -19.66 -33.61 50.36
CA ASP B 29 -19.97 -34.36 49.15
C ASP B 29 -19.34 -33.63 47.96
N ASP B 30 -18.59 -34.36 47.12
CA ASP B 30 -17.73 -33.75 46.09
C ASP B 30 -18.35 -33.87 44.70
N CYS B 31 -19.65 -34.20 44.62
CA CYS B 31 -20.31 -34.48 43.33
C CYS B 31 -21.54 -33.58 43.14
N VAL B 32 -21.76 -33.24 41.86
CA VAL B 32 -22.86 -32.40 41.39
C VAL B 32 -23.67 -33.20 40.35
N LEU B 33 -24.99 -33.02 40.42
CA LEU B 33 -25.94 -33.77 39.61
C LEU B 33 -26.38 -32.90 38.43
N LEU B 34 -26.23 -33.44 37.22
CA LEU B 34 -26.87 -32.88 36.04
C LEU B 34 -28.27 -33.50 35.94
N VAL B 35 -29.29 -32.64 35.92
CA VAL B 35 -30.68 -33.07 36.09
C VAL B 35 -31.50 -32.58 34.91
N CYS B 36 -32.30 -33.49 34.33
CA CYS B 36 -33.24 -33.14 33.27
C CYS B 36 -34.33 -32.22 33.83
N ALA B 37 -34.60 -31.12 33.12
CA ALA B 37 -35.38 -30.00 33.63
C ALA B 37 -36.88 -30.28 33.48
N ARG B 38 -37.27 -31.16 32.54
CA ARG B 38 -38.68 -31.53 32.39
C ARG B 38 -39.06 -32.69 33.31
N SER B 39 -38.21 -33.72 33.39
CA SER B 39 -38.50 -34.98 34.12
C SER B 39 -37.98 -34.95 35.56
N HIS B 40 -37.04 -34.05 35.84
CA HIS B 40 -36.39 -33.87 37.16
C HIS B 40 -35.59 -35.10 37.58
N GLN B 41 -35.22 -35.95 36.62
CA GLN B 41 -34.45 -37.14 36.90
C GLN B 41 -32.98 -36.87 36.59
N THR B 42 -32.07 -37.42 37.40
CA THR B 42 -30.63 -37.30 37.21
C THR B 42 -30.23 -37.95 35.87
N VAL B 43 -29.23 -37.38 35.19
CA VAL B 43 -28.77 -37.89 33.89
C VAL B 43 -27.26 -37.98 33.84
N ALA B 44 -26.57 -37.55 34.92
CA ALA B 44 -25.10 -37.64 35.02
C ALA B 44 -24.63 -37.17 36.41
N LYS B 45 -23.52 -37.78 36.86
CA LYS B 45 -22.85 -37.43 38.09
C LYS B 45 -21.55 -36.71 37.70
N LEU B 46 -21.32 -35.53 38.27
CA LEU B 46 -20.23 -34.63 37.85
C LEU B 46 -19.30 -34.35 39.03
N ALA B 47 -17.98 -34.43 38.77
CA ALA B 47 -16.96 -34.21 39.77
C ALA B 47 -16.65 -32.71 39.89
N ILE B 48 -16.55 -32.22 41.13
CA ILE B 48 -16.13 -30.83 41.41
C ILE B 48 -14.60 -30.75 41.36
N GLU B 49 -14.09 -29.60 40.91
CA GLU B 49 -12.67 -29.37 40.76
C GLU B 49 -12.29 -28.11 41.54
N TRP B 50 -11.49 -28.29 42.59
CA TRP B 50 -11.30 -27.29 43.64
C TRP B 50 -10.31 -26.23 43.16
N HIS B 51 -10.43 -25.02 43.71
CA HIS B 51 -9.73 -23.83 43.23
C HIS B 51 -9.70 -22.75 44.33
N GLY B 52 -10.88 -22.25 44.71
CA GLY B 52 -11.02 -21.32 45.81
C GLY B 52 -10.92 -19.87 45.39
N LYS B 53 -9.96 -19.15 45.98
CA LYS B 53 -9.74 -17.73 45.75
C LYS B 53 -9.32 -17.55 44.29
N VAL B 54 -9.73 -16.42 43.72
CA VAL B 54 -9.27 -15.93 42.42
C VAL B 54 -8.81 -14.48 42.61
N ASP B 55 -7.54 -14.24 42.27
CA ASP B 55 -6.93 -12.93 42.48
C ASP B 55 -7.32 -12.49 43.90
N ASN B 56 -8.19 -11.47 44.02
CA ASN B 56 -8.69 -11.08 45.33
C ASN B 56 -10.17 -10.67 45.18
N TRP B 57 -10.95 -11.54 44.54
CA TRP B 57 -12.35 -11.28 44.28
C TRP B 57 -13.17 -11.56 45.55
N HIS B 58 -13.92 -10.52 45.98
CA HIS B 58 -14.60 -10.54 47.26
C HIS B 58 -15.63 -11.66 47.35
N GLN B 59 -16.50 -11.81 46.34
CA GLN B 59 -17.74 -12.64 46.44
C GLN B 59 -17.55 -13.92 47.30
N GLY B 60 -16.44 -14.64 47.08
CA GLY B 60 -16.10 -15.83 47.87
C GLY B 60 -15.17 -16.78 47.14
N GLN B 61 -15.51 -18.07 47.21
CA GLN B 61 -14.68 -19.18 46.75
C GLN B 61 -15.34 -19.86 45.55
N PHE B 62 -14.54 -20.16 44.53
CA PHE B 62 -14.99 -20.59 43.22
C PHE B 62 -14.37 -21.94 42.84
N HIS B 63 -15.22 -22.84 42.30
CA HIS B 63 -14.79 -24.19 41.88
C HIS B 63 -15.43 -24.53 40.53
N ARG B 64 -14.76 -25.42 39.77
CA ARG B 64 -15.19 -25.83 38.42
C ARG B 64 -15.89 -27.17 38.37
N ILE B 65 -16.94 -27.22 37.55
CA ILE B 65 -17.70 -28.44 37.29
C ILE B 65 -17.79 -28.62 35.78
N ASP B 66 -16.99 -29.55 35.25
CA ASP B 66 -16.98 -29.83 33.80
C ASP B 66 -18.03 -30.89 33.50
N PHE B 67 -18.82 -30.68 32.43
CA PHE B 67 -19.74 -31.71 31.90
C PHE B 67 -19.73 -31.72 30.36
N SER B 68 -18.54 -31.58 29.77
CA SER B 68 -18.38 -31.46 28.34
C SER B 68 -18.73 -32.76 27.62
N ASP B 69 -18.24 -33.89 28.14
CA ASP B 69 -18.40 -35.23 27.51
C ASP B 69 -19.88 -35.62 27.41
N PHE B 70 -20.77 -34.96 28.17
CA PHE B 70 -22.22 -35.17 28.08
C PHE B 70 -22.79 -34.45 26.85
N THR B 71 -23.43 -35.19 25.94
CA THR B 71 -23.72 -34.72 24.57
C THR B 71 -25.17 -34.94 24.14
N THR B 72 -26.08 -35.19 25.09
CA THR B 72 -27.49 -35.45 24.77
C THR B 72 -28.26 -34.13 24.82
N PRO B 73 -28.89 -33.69 23.71
CA PRO B 73 -29.67 -32.46 23.68
C PRO B 73 -30.86 -32.43 24.64
N GLY B 74 -31.31 -31.23 24.99
CA GLY B 74 -32.43 -30.99 25.90
C GLY B 74 -32.13 -29.88 26.89
N ASP B 75 -33.00 -29.74 27.89
CA ASP B 75 -32.89 -28.73 28.93
C ASP B 75 -32.51 -29.41 30.25
N TYR B 76 -31.47 -28.90 30.90
CA TYR B 76 -31.00 -29.46 32.14
C TYR B 76 -30.73 -28.33 33.14
N TYR B 77 -30.48 -28.74 34.39
CA TYR B 77 -29.91 -27.86 35.40
C TYR B 77 -28.99 -28.71 36.28
N LEU B 78 -28.10 -28.04 37.01
CA LEU B 78 -27.21 -28.70 37.97
C LEU B 78 -27.85 -28.63 39.37
N ARG B 79 -27.72 -29.69 40.15
CA ARG B 79 -28.17 -29.74 41.57
C ARG B 79 -27.03 -30.15 42.47
N LEU B 80 -26.94 -29.51 43.63
CA LEU B 80 -25.92 -29.80 44.67
C LEU B 80 -26.55 -29.66 46.05
N GLU B 81 -26.83 -30.80 46.69
CA GLU B 81 -27.66 -30.85 47.90
C GLU B 81 -28.88 -29.95 47.62
N HIS B 82 -29.09 -28.92 48.45
CA HIS B 82 -30.27 -28.06 48.42
C HIS B 82 -30.26 -27.15 47.19
N THR B 83 -29.08 -26.60 46.85
CA THR B 83 -28.91 -25.52 45.86
C THR B 83 -28.94 -26.11 44.44
N HIS B 84 -29.58 -25.40 43.51
CA HIS B 84 -29.52 -25.81 42.08
C HIS B 84 -29.44 -24.61 41.12
N SER B 85 -28.81 -24.86 39.97
CA SER B 85 -28.50 -23.87 38.95
C SER B 85 -29.75 -23.47 38.17
N ALA B 86 -29.63 -22.37 37.42
CA ALA B 86 -30.65 -21.95 36.51
C ALA B 86 -30.68 -22.97 35.37
N THR B 87 -31.86 -23.17 34.78
CA THR B 87 -32.01 -24.05 33.63
C THR B 87 -31.20 -23.50 32.47
N PHE B 88 -30.61 -24.43 31.71
CA PHE B 88 -29.88 -24.12 30.49
C PHE B 88 -30.20 -25.19 29.45
N THR B 89 -29.75 -24.98 28.20
CA THR B 89 -30.09 -25.85 27.08
C THR B 89 -28.82 -26.39 26.43
N ILE B 90 -28.86 -27.66 26.05
CA ILE B 90 -27.83 -28.25 25.23
C ILE B 90 -28.42 -28.55 23.85
N ALA B 91 -27.87 -27.93 22.81
CA ALA B 91 -28.31 -28.07 21.43
C ALA B 91 -27.20 -27.59 20.50
N ARG B 92 -27.39 -27.77 19.19
CA ARG B 92 -26.44 -27.30 18.17
C ARG B 92 -26.69 -25.84 17.90
N GLY B 93 -25.61 -25.07 17.76
CA GLY B 93 -25.64 -23.62 17.46
C GLY B 93 -26.66 -22.87 18.32
N VAL B 94 -26.56 -23.08 19.64
CA VAL B 94 -27.61 -22.68 20.57
C VAL B 94 -27.68 -21.14 20.68
N LEU B 95 -26.51 -20.50 20.78
CA LEU B 95 -26.43 -19.06 21.04
C LEU B 95 -26.92 -18.29 19.81
N MET B 96 -26.47 -18.75 18.64
CA MET B 96 -26.79 -18.16 17.36
C MET B 96 -28.32 -18.14 17.17
N GLN B 97 -28.97 -19.31 17.29
CA GLN B 97 -30.40 -19.40 16.92
C GLN B 97 -31.27 -18.80 18.04
N ARG B 98 -30.70 -18.61 19.24
CA ARG B 98 -31.41 -17.94 20.35
C ARG B 98 -31.39 -16.41 20.36
N THR B 99 -30.29 -15.81 19.89
CA THR B 99 -29.98 -14.39 20.15
C THR B 99 -29.85 -13.57 18.87
N PHE B 100 -29.22 -14.15 17.83
CA PHE B 100 -28.90 -13.44 16.58
C PHE B 100 -29.99 -12.44 16.18
N SER B 101 -31.26 -12.88 16.12
CA SER B 101 -32.36 -12.01 15.70
C SER B 101 -32.38 -10.74 16.56
N ASP B 102 -32.32 -10.95 17.88
CA ASP B 102 -32.51 -9.90 18.85
C ASP B 102 -31.38 -8.88 18.81
N VAL B 103 -30.16 -9.37 18.57
CA VAL B 103 -28.97 -8.52 18.49
C VAL B 103 -29.11 -7.59 17.28
N LEU B 104 -29.67 -8.12 16.20
CA LEU B 104 -29.87 -7.36 15.00
C LEU B 104 -31.00 -6.35 15.20
N HIS B 105 -32.09 -6.78 15.84
CA HIS B 105 -33.16 -5.84 16.21
C HIS B 105 -32.56 -4.65 16.99
N TYR B 106 -31.71 -4.95 17.97
CA TYR B 106 -31.00 -3.93 18.77
C TYR B 106 -30.39 -2.89 17.84
N PHE B 107 -29.63 -3.36 16.85
CA PHE B 107 -28.96 -2.44 15.95
C PHE B 107 -29.98 -1.56 15.24
N LYS B 108 -31.08 -2.15 14.77
CA LYS B 108 -32.10 -1.37 14.08
C LYS B 108 -32.79 -0.41 15.07
N SER B 109 -32.81 -0.78 16.36
CA SER B 109 -33.40 0.05 17.41
C SER B 109 -32.52 1.27 17.67
N GLN B 110 -31.21 1.12 17.44
CA GLN B 110 -30.22 2.16 17.75
C GLN B 110 -29.83 2.99 16.51
N ARG B 111 -30.50 2.79 15.37
CA ARG B 111 -30.21 3.61 14.19
C ARG B 111 -30.48 5.06 14.49
N CYS B 112 -29.55 5.93 14.08
CA CYS B 112 -29.72 7.38 14.24
C CYS B 112 -31.01 7.83 13.53
N SER B 113 -31.86 8.56 14.23
CA SER B 113 -33.20 8.86 13.74
C SER B 113 -33.71 10.21 14.27
N GLY B 114 -34.92 10.57 13.84
CA GLY B 114 -35.67 11.73 14.30
C GLY B 114 -34.89 13.03 14.19
N GLN B 115 -35.08 13.90 15.20
CA GLN B 115 -34.46 15.22 15.32
C GLN B 115 -32.95 15.16 15.05
N PHE B 116 -32.29 14.17 15.67
CA PHE B 116 -30.85 14.01 15.63
C PHE B 116 -30.39 13.76 14.18
N ASP B 117 -31.06 12.85 13.48
CA ASP B 117 -30.66 12.48 12.14
C ASP B 117 -31.01 13.61 11.15
N GLN B 118 -32.09 14.36 11.44
CA GLN B 118 -32.44 15.53 10.61
C GLN B 118 -31.26 16.49 10.63
N GLN B 119 -30.80 16.78 11.84
CA GLN B 119 -29.71 17.73 12.09
C GLN B 119 -28.39 17.24 11.48
N ASP B 120 -28.19 15.91 11.46
CA ASP B 120 -26.93 15.32 11.00
C ASP B 120 -26.79 15.46 9.48
N LYS B 121 -27.79 16.07 8.82
CA LYS B 121 -27.72 16.38 7.40
C LYS B 121 -26.89 17.66 7.16
N GLN B 122 -26.77 18.50 8.20
CA GLN B 122 -26.09 19.76 8.13
C GLN B 122 -25.26 19.93 9.41
N VAL B 123 -24.10 19.26 9.48
CA VAL B 123 -23.24 19.24 10.68
C VAL B 123 -22.03 20.14 10.48
N PRO B 124 -21.83 21.13 11.39
CA PRO B 124 -20.62 21.95 11.39
C PRO B 124 -19.34 21.13 11.58
N LEU B 125 -18.32 21.41 10.76
CA LEU B 125 -16.97 20.92 10.98
C LEU B 125 -16.23 21.94 11.84
N LEU B 126 -15.76 21.51 13.01
CA LEU B 126 -15.34 22.39 14.08
C LEU B 126 -14.33 23.41 13.56
N SER B 127 -14.60 24.70 13.86
CA SER B 127 -13.67 25.79 13.66
C SER B 127 -13.58 26.25 12.19
N THR B 128 -14.35 25.59 11.33
CA THR B 128 -14.57 26.05 9.96
C THR B 128 -16.01 26.54 9.87
N SER B 129 -16.40 27.02 8.69
CA SER B 129 -17.78 27.34 8.41
C SER B 129 -18.31 26.39 7.33
N THR B 130 -18.07 25.09 7.53
CA THR B 130 -18.44 24.07 6.57
C THR B 130 -19.49 23.17 7.19
N THR B 131 -20.23 22.49 6.31
CA THR B 131 -21.24 21.55 6.63
C THR B 131 -20.89 20.22 5.96
N ALA B 132 -21.33 19.12 6.58
CA ALA B 132 -21.28 17.81 5.95
C ALA B 132 -22.61 17.10 6.21
N ASP B 133 -23.03 16.29 5.24
CA ASP B 133 -24.19 15.42 5.37
C ASP B 133 -23.70 14.05 5.81
N VAL B 134 -23.96 13.75 7.09
CA VAL B 134 -23.47 12.56 7.77
C VAL B 134 -24.63 11.91 8.52
N HIS B 135 -25.84 11.99 7.96
CA HIS B 135 -27.01 11.30 8.50
C HIS B 135 -26.79 9.79 8.35
N GLY B 136 -27.51 9.02 9.16
CA GLY B 136 -27.40 7.57 9.17
C GLY B 136 -26.60 7.10 10.36
N GLY B 137 -26.15 5.84 10.32
CA GLY B 137 -25.34 5.22 11.37
C GLY B 137 -26.14 4.92 12.64
N TRP B 138 -25.41 4.47 13.67
CA TRP B 138 -26.02 4.10 14.94
C TRP B 138 -25.50 5.00 16.06
N TYR B 139 -26.43 5.44 16.93
CA TYR B 139 -26.10 5.99 18.23
C TYR B 139 -25.15 5.03 18.95
N ASP B 140 -24.18 5.60 19.66
CA ASP B 140 -23.03 4.84 20.11
C ASP B 140 -23.35 4.05 21.38
N ALA B 141 -24.23 4.57 22.24
CA ALA B 141 -24.41 4.02 23.61
C ALA B 141 -25.77 4.41 24.20
N SER B 142 -26.12 3.76 25.32
CA SER B 142 -27.40 3.92 26.00
C SER B 142 -27.63 5.41 26.30
N GLY B 143 -26.54 6.08 26.69
CA GLY B 143 -26.55 7.51 26.98
C GLY B 143 -25.50 8.25 26.18
N ASP B 144 -25.56 8.13 24.86
CA ASP B 144 -24.78 8.93 23.94
C ASP B 144 -25.35 8.78 22.53
N VAL B 145 -25.91 9.88 22.01
CA VAL B 145 -26.48 9.89 20.64
C VAL B 145 -25.42 10.43 19.67
N SER B 146 -24.18 10.53 20.12
CA SER B 146 -23.02 10.83 19.28
C SER B 146 -22.69 9.58 18.47
N LYS B 147 -21.99 9.77 17.35
CA LYS B 147 -21.67 8.69 16.41
C LYS B 147 -20.16 8.74 16.14
N TYR B 148 -19.53 7.57 16.17
CA TYR B 148 -18.07 7.48 16.24
C TYR B 148 -17.51 6.55 15.16
N LEU B 149 -16.34 6.92 14.63
CA LEU B 149 -15.41 5.97 14.04
C LEU B 149 -14.52 5.41 15.15
N SER B 150 -13.99 6.32 15.99
CA SER B 150 -13.21 5.98 17.17
C SER B 150 -13.24 7.18 18.13
N HIS B 151 -12.73 6.97 19.35
CA HIS B 151 -12.38 8.07 20.25
C HIS B 151 -11.18 7.65 21.11
N LEU B 152 -10.86 8.43 22.15
CA LEU B 152 -9.64 8.25 22.97
C LEU B 152 -8.41 8.31 22.07
N SER B 153 -8.48 9.16 21.03
CA SER B 153 -7.45 9.21 19.99
C SER B 153 -6.16 9.72 20.61
N TYR B 154 -6.34 10.59 21.61
CA TYR B 154 -5.29 11.32 22.30
C TYR B 154 -4.44 10.39 23.15
N ALA B 155 -5.02 9.31 23.67
CA ALA B 155 -4.27 8.35 24.48
C ALA B 155 -3.39 7.47 23.58
N ASN B 156 -3.77 7.31 22.30
CA ASN B 156 -2.93 6.74 21.23
C ASN B 156 -3.02 5.21 21.21
N TYR B 157 -2.91 4.57 22.37
CA TYR B 157 -2.86 3.13 22.47
C TYR B 157 -4.24 2.55 22.80
N LEU B 158 -5.29 3.38 22.81
CA LEU B 158 -6.60 2.94 23.34
C LEU B 158 -7.69 2.95 22.26
N ASN B 159 -7.50 3.74 21.19
CA ASN B 159 -8.46 3.88 20.10
C ASN B 159 -9.20 2.56 19.89
N PRO B 160 -10.53 2.51 20.19
CA PRO B 160 -11.37 1.39 19.82
C PRO B 160 -12.03 1.64 18.46
N GLN B 161 -12.23 0.56 17.69
CA GLN B 161 -12.99 0.64 16.45
C GLN B 161 -14.49 0.55 16.83
N GLN B 162 -15.28 1.49 16.29
CA GLN B 162 -16.69 1.66 16.62
C GLN B 162 -17.54 1.46 15.35
N THR B 163 -18.19 2.50 14.81
CA THR B 163 -19.17 2.32 13.72
C THR B 163 -18.60 1.42 12.63
N PRO B 164 -17.37 1.63 12.12
CA PRO B 164 -16.78 0.75 11.10
C PRO B 164 -16.75 -0.73 11.48
N LEU B 165 -16.42 -1.02 12.74
CA LEU B 165 -16.31 -2.39 13.23
C LEU B 165 -17.67 -3.08 13.10
N VAL B 166 -18.72 -2.38 13.52
CA VAL B 166 -20.08 -2.88 13.36
C VAL B 166 -20.23 -3.38 11.92
N VAL B 167 -20.04 -2.47 10.96
CA VAL B 167 -20.26 -2.76 9.55
C VAL B 167 -19.41 -3.97 9.15
N TRP B 168 -18.10 -3.89 9.41
CA TRP B 168 -17.19 -4.95 8.98
C TRP B 168 -17.58 -6.31 9.60
N ASN B 169 -17.90 -6.31 10.89
CA ASN B 169 -18.29 -7.55 11.62
C ASN B 169 -19.50 -8.20 10.92
N MET B 170 -20.51 -7.38 10.64
CA MET B 170 -21.71 -7.81 9.96
C MET B 170 -21.39 -8.40 8.59
N LEU B 171 -20.60 -7.68 7.79
CA LEU B 171 -20.20 -8.14 6.46
C LEU B 171 -19.47 -9.46 6.58
N LYS B 172 -18.60 -9.54 7.59
CA LYS B 172 -17.81 -10.73 7.85
C LYS B 172 -18.73 -11.89 8.28
N GLY B 173 -19.83 -11.58 8.96
CA GLY B 173 -20.86 -12.56 9.31
C GLY B 173 -21.50 -13.14 8.07
N LEU B 174 -22.06 -12.27 7.23
CA LEU B 174 -22.65 -12.62 5.93
C LEU B 174 -21.69 -13.52 5.14
N ALA B 175 -20.40 -13.18 5.19
CA ALA B 175 -19.35 -13.91 4.49
C ALA B 175 -19.30 -15.37 4.96
N VAL B 176 -19.28 -15.60 6.27
CA VAL B 176 -19.08 -16.97 6.82
C VAL B 176 -20.34 -17.81 6.57
N LEU B 177 -21.51 -17.15 6.41
CA LEU B 177 -22.78 -17.82 6.38
C LEU B 177 -23.41 -17.79 4.98
N GLN B 178 -22.81 -17.08 4.03
CA GLN B 178 -23.11 -17.32 2.63
C GLN B 178 -22.82 -18.80 2.39
N HIS B 179 -23.79 -19.52 1.82
CA HIS B 179 -23.68 -20.96 1.50
C HIS B 179 -24.16 -21.84 2.67
N HIS B 180 -24.19 -21.29 3.88
CA HIS B 180 -24.70 -22.02 5.03
C HIS B 180 -26.23 -22.03 4.99
N SER B 181 -26.80 -23.20 4.69
CA SER B 181 -28.25 -23.37 4.45
C SER B 181 -29.04 -23.29 5.76
N GLY B 182 -28.36 -23.43 6.90
CA GLY B 182 -28.96 -23.26 8.23
C GLY B 182 -29.19 -21.81 8.63
N PHE B 183 -28.80 -20.87 7.76
CA PHE B 183 -29.00 -19.45 8.00
C PHE B 183 -30.11 -18.96 7.07
N ALA B 184 -31.27 -18.62 7.66
CA ALA B 184 -32.50 -18.33 6.92
C ALA B 184 -32.29 -17.15 5.97
N SER B 185 -33.03 -17.18 4.84
CA SER B 185 -32.93 -16.21 3.75
C SER B 185 -33.30 -14.82 4.25
N PHE B 186 -34.39 -14.73 5.02
CA PHE B 186 -34.81 -13.45 5.58
C PHE B 186 -33.73 -12.93 6.52
N SER B 187 -33.12 -13.85 7.27
CA SER B 187 -32.08 -13.50 8.22
C SER B 187 -30.83 -12.95 7.50
N ARG B 188 -30.52 -13.48 6.31
CA ARG B 188 -29.44 -12.95 5.49
C ARG B 188 -29.82 -11.54 5.01
N THR B 189 -31.09 -11.35 4.64
CA THR B 189 -31.60 -10.05 4.13
C THR B 189 -31.45 -8.97 5.20
N ARG B 190 -31.76 -9.32 6.45
CA ARG B 190 -31.75 -8.39 7.55
C ARG B 190 -30.32 -7.93 7.81
N LEU B 191 -29.37 -8.85 7.68
CA LEU B 191 -27.98 -8.56 7.96
C LEU B 191 -27.39 -7.68 6.86
N LYS B 192 -27.74 -7.94 5.59
CA LYS B 192 -27.32 -7.05 4.51
C LYS B 192 -27.89 -5.64 4.76
N ASP B 193 -29.20 -5.58 5.01
CA ASP B 193 -29.94 -4.32 5.22
C ASP B 193 -29.16 -3.45 6.19
N GLU B 194 -28.80 -4.04 7.34
CA GLU B 194 -28.13 -3.33 8.44
C GLU B 194 -26.69 -2.95 8.04
N ALA B 195 -25.97 -3.91 7.45
CA ALA B 195 -24.60 -3.70 7.02
C ALA B 195 -24.53 -2.58 5.99
N LEU B 196 -25.46 -2.55 5.03
CA LEU B 196 -25.42 -1.57 3.94
C LEU B 196 -25.85 -0.19 4.46
N PHE B 197 -26.76 -0.18 5.43
CA PHE B 197 -27.10 1.04 6.16
C PHE B 197 -25.84 1.67 6.73
N GLY B 198 -24.96 0.83 7.29
CA GLY B 198 -23.71 1.25 7.89
C GLY B 198 -22.73 1.76 6.85
N ALA B 199 -22.57 0.97 5.78
CA ALA B 199 -21.68 1.30 4.67
C ALA B 199 -21.99 2.69 4.13
N ASP B 200 -23.28 2.98 3.96
CA ASP B 200 -23.73 4.28 3.46
C ASP B 200 -23.19 5.38 4.37
N PHE B 201 -23.30 5.18 5.68
CA PHE B 201 -22.86 6.16 6.65
C PHE B 201 -21.35 6.35 6.54
N LEU B 202 -20.59 5.25 6.49
CA LEU B 202 -19.15 5.34 6.34
C LEU B 202 -18.79 6.13 5.07
N ARG B 203 -19.52 5.88 3.98
CA ARG B 203 -19.31 6.62 2.74
C ARG B 203 -19.60 8.13 2.91
N ARG B 204 -20.64 8.45 3.67
CA ARG B 204 -20.99 9.84 4.00
C ARG B 204 -19.97 10.51 4.93
N MET B 205 -19.21 9.70 5.68
CA MET B 205 -18.27 10.20 6.68
C MET B 205 -16.93 10.54 6.03
N GLN B 206 -16.78 10.30 4.73
CA GLN B 206 -15.52 10.60 4.03
C GLN B 206 -15.61 11.97 3.35
N ASN B 207 -14.92 12.96 3.93
CA ASN B 207 -14.63 14.24 3.29
C ASN B 207 -13.95 13.96 1.94
N SER B 208 -14.20 14.85 0.97
CA SER B 208 -13.80 14.63 -0.42
C SER B 208 -12.28 14.47 -0.56
N GLU B 209 -11.51 15.12 0.32
CA GLU B 209 -10.04 15.07 0.24
C GLU B 209 -9.50 13.65 0.41
N GLY B 210 -10.24 12.80 1.14
CA GLY B 210 -9.96 11.35 1.25
C GLY B 210 -9.96 10.82 2.67
N PHE B 211 -9.86 11.73 3.65
CA PHE B 211 -9.90 11.34 5.06
C PHE B 211 -11.37 11.12 5.48
N PHE B 212 -11.55 10.46 6.64
CA PHE B 212 -12.89 10.23 7.21
C PHE B 212 -13.04 11.03 8.50
N TYR B 213 -14.22 11.62 8.73
CA TYR B 213 -14.50 12.31 10.01
C TYR B 213 -14.51 11.28 11.15
N MET B 214 -13.92 11.65 12.29
CA MET B 214 -13.63 10.69 13.35
C MET B 214 -14.83 10.53 14.27
N THR B 215 -15.55 11.63 14.51
CA THR B 215 -16.61 11.67 15.52
C THR B 215 -17.69 12.68 15.09
N VAL B 216 -18.92 12.44 15.55
CA VAL B 216 -19.99 13.41 15.51
C VAL B 216 -20.49 13.53 16.94
N PHE B 217 -19.93 14.52 17.65
CA PHE B 217 -19.94 14.57 19.10
C PHE B 217 -20.83 15.72 19.58
N ASP B 218 -21.59 15.45 20.63
CA ASP B 218 -22.56 16.40 21.16
C ASP B 218 -22.23 16.69 22.63
N LYS B 219 -21.03 16.29 23.07
CA LYS B 219 -20.56 16.54 24.43
C LYS B 219 -21.53 15.89 25.44
N TRP B 220 -22.26 14.86 25.00
CA TRP B 220 -23.24 14.10 25.78
C TRP B 220 -24.46 14.95 26.17
N SER B 221 -24.71 16.03 25.42
CA SER B 221 -25.71 17.01 25.79
C SER B 221 -27.12 16.51 25.45
N LYS B 222 -27.20 15.63 24.45
CA LYS B 222 -28.45 15.23 23.80
C LYS B 222 -29.10 16.47 23.15
N ASP B 223 -28.28 17.47 22.85
CA ASP B 223 -28.69 18.66 22.11
C ASP B 223 -28.44 18.38 20.62
N THR B 224 -29.39 18.82 19.79
CA THR B 224 -29.27 18.64 18.36
C THR B 224 -28.24 19.66 17.85
N LYS B 225 -28.29 20.85 18.46
CA LYS B 225 -27.56 22.01 17.99
C LYS B 225 -26.10 21.94 18.43
N GLN B 226 -25.72 20.93 19.23
CA GLN B 226 -24.33 20.81 19.68
C GLN B 226 -23.59 19.73 18.88
N ARG B 227 -24.17 19.26 17.77
CA ARG B 227 -23.61 18.15 17.06
C ARG B 227 -22.58 18.71 16.13
N GLU B 228 -21.32 18.32 16.35
CA GLU B 228 -20.18 18.89 15.62
C GLU B 228 -19.23 17.76 15.24
N ILE B 229 -18.71 17.84 14.00
CA ILE B 229 -17.65 16.96 13.56
C ILE B 229 -16.36 17.43 14.23
N CYS B 230 -15.74 16.54 15.01
CA CYS B 230 -14.56 16.87 15.77
C CYS B 230 -13.91 15.61 16.32
N ALA B 231 -12.80 15.81 17.05
CA ALA B 231 -12.30 14.86 18.02
C ALA B 231 -12.61 15.43 19.41
N TYR B 232 -12.23 14.69 20.47
CA TYR B 232 -12.28 15.23 21.81
C TYR B 232 -11.33 14.46 22.75
N ALA B 233 -11.12 15.03 23.94
CA ALA B 233 -10.20 14.48 24.91
C ALA B 233 -10.75 14.66 26.33
N THR B 234 -10.23 13.83 27.25
CA THR B 234 -10.61 13.75 28.67
C THR B 234 -12.08 13.33 28.83
N GLN B 235 -12.51 13.25 30.09
CA GLN B 235 -13.88 12.90 30.43
C GLN B 235 -14.82 14.12 30.26
N GLN B 236 -14.26 15.33 30.13
CA GLN B 236 -15.09 16.53 29.98
C GLN B 236 -15.29 16.85 28.49
N GLY B 237 -14.72 16.02 27.62
CA GLY B 237 -15.04 15.98 26.19
C GLY B 237 -14.69 17.27 25.46
N HIS B 238 -13.47 17.76 25.71
CA HIS B 238 -12.98 18.99 25.12
C HIS B 238 -12.79 18.80 23.61
N LYS B 239 -13.60 19.51 22.82
CA LYS B 239 -13.64 19.33 21.36
C LYS B 239 -12.42 19.99 20.70
N SER B 240 -11.98 19.43 19.58
CA SER B 240 -10.77 19.87 18.86
C SER B 240 -10.89 19.51 17.37
N ASP B 241 -10.18 20.26 16.52
CA ASP B 241 -10.40 20.20 15.08
C ASP B 241 -9.52 19.14 14.40
N ASP B 242 -9.00 18.18 15.18
CA ASP B 242 -8.15 17.09 14.65
C ASP B 242 -9.06 15.90 14.31
N TYR B 243 -10.03 16.16 13.40
CA TYR B 243 -11.13 15.23 13.11
C TYR B 243 -10.74 14.29 11.96
N GLN B 244 -9.52 14.42 11.44
CA GLN B 244 -8.99 13.49 10.46
C GLN B 244 -8.67 12.18 11.18
N ALA B 245 -9.34 11.12 10.72
CA ALA B 245 -9.20 9.78 11.26
C ALA B 245 -8.06 9.05 10.54
N GLY B 246 -6.97 8.82 11.27
CA GLY B 246 -5.89 7.92 10.87
C GLY B 246 -6.30 6.45 10.95
N PHE B 247 -5.37 5.56 10.57
CA PHE B 247 -5.62 4.11 10.49
C PHE B 247 -6.18 3.59 11.81
N ARG B 248 -5.47 3.90 12.91
CA ARG B 248 -5.90 3.49 14.24
C ARG B 248 -7.12 4.26 14.74
N GLN B 249 -7.36 5.45 14.18
CA GLN B 249 -8.43 6.35 14.62
C GLN B 249 -9.76 5.97 13.92
N GLY B 250 -9.86 4.72 13.44
CA GLY B 250 -11.11 4.18 12.92
C GLY B 250 -11.18 4.26 11.40
N GLY B 251 -10.16 4.86 10.79
CA GLY B 251 -10.11 5.03 9.33
C GLY B 251 -9.77 3.75 8.62
N GLY B 252 -8.86 2.98 9.22
CA GLY B 252 -8.42 1.75 8.62
C GLY B 252 -9.59 0.81 8.45
N MET B 253 -10.38 0.71 9.53
CA MET B 253 -11.53 -0.17 9.60
C MET B 253 -12.65 0.30 8.64
N ALA B 254 -12.84 1.61 8.51
CA ALA B 254 -13.84 2.18 7.61
C ALA B 254 -13.55 1.78 6.16
N ILE B 255 -12.28 1.75 5.77
CA ILE B 255 -11.87 1.32 4.44
C ILE B 255 -12.23 -0.16 4.26
N ALA B 256 -11.85 -0.98 5.23
CA ALA B 256 -12.07 -2.43 5.18
C ALA B 256 -13.55 -2.77 4.96
N ALA B 257 -14.45 -2.03 5.63
CA ALA B 257 -15.90 -2.23 5.53
C ALA B 257 -16.37 -1.93 4.11
N LEU B 258 -16.08 -0.71 3.66
CA LEU B 258 -16.53 -0.22 2.36
C LEU B 258 -16.03 -1.14 1.23
N ALA B 259 -14.84 -1.71 1.39
CA ALA B 259 -14.28 -2.62 0.37
C ALA B 259 -15.07 -3.94 0.34
N ALA B 260 -15.43 -4.45 1.52
CA ALA B 260 -16.21 -5.67 1.64
C ALA B 260 -17.64 -5.44 1.20
N ALA B 261 -18.16 -4.22 1.44
CA ALA B 261 -19.51 -3.83 1.09
C ALA B 261 -19.71 -3.82 -0.42
N ALA B 262 -18.61 -3.52 -1.13
CA ALA B 262 -18.56 -3.43 -2.59
C ALA B 262 -18.79 -4.81 -3.23
N ARG B 263 -18.54 -5.88 -2.49
CA ARG B 263 -18.64 -7.23 -3.04
C ARG B 263 -20.04 -7.83 -3.03
N LEU B 264 -20.99 -7.14 -2.39
CA LEU B 264 -22.37 -7.61 -2.33
C LEU B 264 -23.07 -7.40 -3.68
N ASP B 265 -23.96 -8.34 -4.01
CA ASP B 265 -24.81 -8.34 -5.21
C ASP B 265 -25.82 -7.19 -5.14
N THR B 266 -26.34 -6.91 -3.95
CA THR B 266 -27.19 -5.75 -3.70
C THR B 266 -26.30 -4.61 -3.17
N HIS B 267 -26.89 -3.42 -3.04
CA HIS B 267 -26.22 -2.26 -2.46
C HIS B 267 -27.27 -1.36 -1.81
N GLY B 268 -26.80 -0.34 -1.09
CA GLY B 268 -27.67 0.54 -0.35
C GLY B 268 -28.00 1.78 -1.16
N GLU B 269 -27.96 2.93 -0.47
CA GLU B 269 -28.24 4.25 -1.02
C GLU B 269 -27.08 4.69 -1.90
N PHE B 270 -25.92 4.07 -1.72
CA PHE B 270 -24.78 4.24 -2.59
C PHE B 270 -24.49 2.91 -3.29
N THR B 271 -23.83 2.99 -4.45
CA THR B 271 -23.56 1.83 -5.30
C THR B 271 -22.29 1.12 -4.80
N GLN B 272 -22.04 -0.09 -5.31
CA GLN B 272 -20.85 -0.86 -4.96
C GLN B 272 -19.59 -0.09 -5.39
N ALA B 273 -19.68 0.53 -6.58
CA ALA B 273 -18.62 1.37 -7.13
C ALA B 273 -18.33 2.53 -6.17
N ASP B 274 -19.39 3.17 -5.67
CA ASP B 274 -19.30 4.29 -4.71
C ASP B 274 -18.46 3.90 -3.47
N TYR B 275 -18.75 2.71 -2.91
CA TYR B 275 -18.06 2.16 -1.73
C TYR B 275 -16.59 1.91 -2.06
N LEU B 276 -16.34 1.19 -3.15
CA LEU B 276 -15.00 0.75 -3.54
C LEU B 276 -14.10 1.98 -3.72
N GLN B 277 -14.61 2.97 -4.44
CA GLN B 277 -13.87 4.19 -4.67
C GLN B 277 -13.49 4.81 -3.31
N ALA B 278 -14.51 5.06 -2.48
CA ALA B 278 -14.30 5.64 -1.18
C ALA B 278 -13.23 4.86 -0.40
N ALA B 279 -13.18 3.54 -0.60
CA ALA B 279 -12.18 2.67 0.02
C ALA B 279 -10.79 2.96 -0.55
N GLU B 280 -10.64 2.76 -1.86
CA GLU B 280 -9.34 2.94 -2.54
C GLU B 280 -8.80 4.35 -2.27
N ASN B 281 -9.61 5.37 -2.54
CA ASN B 281 -9.25 6.76 -2.33
C ASN B 281 -8.77 6.96 -0.89
N GLY B 282 -9.62 6.54 0.05
CA GLY B 282 -9.40 6.77 1.48
C GLY B 282 -8.11 6.14 1.97
N TYR B 283 -7.70 5.04 1.32
CA TYR B 283 -6.55 4.26 1.70
C TYR B 283 -5.25 4.95 1.26
N TRP B 284 -5.20 5.33 -0.02
CA TRP B 284 -4.00 5.92 -0.59
C TRP B 284 -3.76 7.30 0.00
N HIS B 285 -4.84 7.96 0.44
CA HIS B 285 -4.75 9.22 1.15
C HIS B 285 -4.07 9.01 2.52
N LEU B 286 -4.47 7.97 3.26
CA LEU B 286 -3.89 7.69 4.58
C LEU B 286 -2.47 7.14 4.42
N LYS B 287 -2.21 6.46 3.29
CA LYS B 287 -0.88 5.94 3.00
C LYS B 287 0.10 7.11 2.94
N GLU B 288 -0.42 8.29 2.49
CA GLU B 288 0.33 9.54 2.45
C GLU B 288 0.33 10.20 3.85
N HIS B 289 -0.84 10.54 4.39
CA HIS B 289 -0.95 11.54 5.50
C HIS B 289 -1.22 10.93 6.89
N ASN B 290 -1.13 9.61 7.06
CA ASN B 290 -1.52 8.96 8.32
C ASN B 290 -0.91 9.72 9.50
N LEU B 291 0.42 9.91 9.42
CA LEU B 291 1.24 10.33 10.56
C LEU B 291 0.81 11.73 11.02
N ALA B 292 0.41 12.57 10.06
CA ALA B 292 -0.06 13.93 10.33
C ALA B 292 -1.34 13.92 11.18
N TYR B 293 -2.09 12.81 11.14
CA TYR B 293 -3.40 12.69 11.79
C TYR B 293 -3.30 11.99 13.15
N LEU B 294 -2.14 11.37 13.42
CA LEU B 294 -1.89 10.69 14.69
C LEU B 294 -1.40 11.69 15.74
N ASN B 295 -2.05 11.68 16.90
CA ASN B 295 -1.82 12.66 17.97
C ASN B 295 -0.35 12.66 18.41
N ASP B 296 0.34 11.51 18.33
CA ASP B 296 1.74 11.42 18.74
C ASP B 296 2.66 11.17 17.52
N GLY B 297 2.09 11.14 16.31
CA GLY B 297 2.86 11.05 15.05
C GLY B 297 3.61 9.74 14.84
N VAL B 298 3.28 8.69 15.61
CA VAL B 298 3.92 7.37 15.43
C VAL B 298 2.84 6.29 15.28
N GLU B 299 2.92 5.51 14.21
CA GLU B 299 2.03 4.35 14.00
C GLU B 299 2.35 3.32 15.07
N ASN B 300 1.30 2.71 15.65
CA ASN B 300 1.42 1.63 16.64
C ASN B 300 0.64 0.41 16.14
N ILE B 301 0.54 -0.63 16.98
CA ILE B 301 -0.07 -1.92 16.62
C ILE B 301 -1.49 -1.71 16.05
N ILE B 302 -2.23 -0.75 16.61
CA ILE B 302 -3.62 -0.60 16.25
C ILE B 302 -3.71 -0.21 14.76
N ASP B 303 -2.87 0.75 14.35
CA ASP B 303 -2.74 1.12 12.93
C ASP B 303 -2.44 -0.12 12.09
N GLU B 304 -1.51 -0.94 12.58
CA GLU B 304 -1.01 -2.06 11.81
C GLU B 304 -2.14 -3.08 11.60
N TYR B 305 -2.91 -3.41 12.64
CA TYR B 305 -3.97 -4.43 12.48
C TYR B 305 -5.09 -3.84 11.60
N CYS B 306 -5.43 -2.56 11.80
CA CYS B 306 -6.52 -1.90 11.06
C CYS B 306 -6.20 -1.82 9.56
N ALA B 307 -4.98 -1.40 9.23
CA ALA B 307 -4.55 -1.18 7.84
C ALA B 307 -4.42 -2.52 7.10
N LEU B 308 -3.96 -3.56 7.80
CA LEU B 308 -3.84 -4.90 7.20
C LEU B 308 -5.19 -5.36 6.69
N LEU B 309 -6.21 -5.23 7.55
CA LEU B 309 -7.59 -5.56 7.22
C LEU B 309 -8.02 -4.82 5.95
N ALA B 310 -7.79 -3.51 5.92
CA ALA B 310 -8.15 -2.67 4.79
C ALA B 310 -7.56 -3.25 3.49
N CYS B 311 -6.28 -3.59 3.54
CA CYS B 311 -5.56 -4.10 2.38
C CYS B 311 -6.09 -5.49 1.98
N CYS B 312 -6.31 -6.35 2.98
CA CYS B 312 -6.81 -7.70 2.75
C CYS B 312 -8.19 -7.66 2.09
N GLU B 313 -8.99 -6.64 2.45
CA GLU B 313 -10.35 -6.50 1.94
C GLU B 313 -10.33 -5.88 0.55
N LEU B 314 -9.38 -4.98 0.29
CA LEU B 314 -9.27 -4.30 -1.01
C LEU B 314 -8.72 -5.27 -2.07
N TYR B 315 -7.83 -6.17 -1.66
CA TYR B 315 -7.30 -7.18 -2.58
C TYR B 315 -8.43 -8.13 -2.98
N ARG B 316 -9.18 -8.59 -1.99
CA ARG B 316 -10.30 -9.53 -2.23
C ARG B 316 -11.29 -8.95 -3.24
N THR B 317 -11.55 -7.64 -3.14
CA THR B 317 -12.56 -6.97 -3.94
C THR B 317 -12.04 -6.71 -5.36
N THR B 318 -10.82 -6.17 -5.49
CA THR B 318 -10.28 -5.66 -6.78
C THR B 318 -9.37 -6.67 -7.48
N GLU B 319 -8.77 -7.59 -6.73
CA GLU B 319 -7.81 -8.60 -7.23
C GLU B 319 -6.60 -7.90 -7.88
N ASN B 320 -6.26 -6.71 -7.38
CA ASN B 320 -5.20 -5.86 -7.91
C ASN B 320 -3.97 -6.03 -7.01
N ASP B 321 -2.89 -6.57 -7.58
CA ASP B 321 -1.74 -7.10 -6.82
C ASP B 321 -1.17 -6.06 -5.85
N GLN B 322 -1.25 -4.76 -6.20
CA GLN B 322 -0.78 -3.66 -5.34
C GLN B 322 -1.16 -3.90 -3.87
N TYR B 323 -2.42 -4.29 -3.66
CA TYR B 323 -3.01 -4.40 -2.32
C TYR B 323 -2.47 -5.63 -1.58
N LEU B 324 -2.26 -6.74 -2.30
CA LEU B 324 -1.67 -7.93 -1.71
C LEU B 324 -0.27 -7.58 -1.20
N ALA B 325 0.45 -6.75 -1.97
CA ALA B 325 1.79 -6.31 -1.61
C ALA B 325 1.74 -5.49 -0.33
N GLN B 326 0.78 -4.55 -0.27
CA GLN B 326 0.55 -3.71 0.92
C GLN B 326 0.18 -4.57 2.14
N ALA B 327 -0.71 -5.54 1.94
CA ALA B 327 -1.06 -6.52 2.98
C ALA B 327 0.21 -7.18 3.51
N ARG B 328 1.00 -7.74 2.59
CA ARG B 328 2.22 -8.46 2.91
C ARG B 328 3.15 -7.64 3.80
N GLU B 329 3.24 -6.32 3.52
CA GLU B 329 4.08 -5.37 4.28
C GLU B 329 3.53 -5.21 5.70
N TRP B 330 2.23 -4.88 5.78
CA TRP B 330 1.55 -4.63 7.03
C TRP B 330 1.61 -5.88 7.91
N ALA B 331 1.51 -7.06 7.29
CA ALA B 331 1.55 -8.33 8.02
C ALA B 331 2.91 -8.48 8.70
N GLN B 332 3.98 -8.27 7.92
CA GLN B 332 5.38 -8.37 8.39
C GLN B 332 5.60 -7.38 9.56
N ARG B 333 5.05 -6.16 9.42
CA ARG B 333 5.09 -5.10 10.45
C ARG B 333 4.39 -5.50 11.73
N LEU B 334 3.24 -6.16 11.59
CA LEU B 334 2.43 -6.57 12.71
C LEU B 334 3.13 -7.73 13.43
N ALA B 335 3.69 -8.65 12.66
CA ALA B 335 4.40 -9.81 13.23
C ALA B 335 5.55 -9.34 14.13
N LYS B 336 6.05 -8.13 13.89
CA LYS B 336 7.13 -7.53 14.68
C LYS B 336 6.61 -7.11 16.08
N ARG B 337 5.29 -6.94 16.24
CA ARG B 337 4.74 -6.60 17.53
C ARG B 337 4.68 -7.79 18.47
N GLN B 338 4.95 -8.99 17.93
CA GLN B 338 5.10 -10.20 18.75
C GLN B 338 6.46 -10.14 19.46
N CYS B 339 6.41 -10.07 20.79
CA CYS B 339 7.56 -9.87 21.66
C CYS B 339 7.54 -10.89 22.78
N SER B 340 8.74 -11.29 23.21
CA SER B 340 8.94 -12.00 24.44
C SER B 340 9.76 -11.11 25.37
N ASP B 341 9.50 -11.22 26.67
CA ASP B 341 10.25 -10.53 27.69
C ASP B 341 10.61 -11.55 28.78
N GLU B 342 11.06 -11.06 29.95
CA GLU B 342 11.73 -11.90 30.94
C GLU B 342 10.72 -12.73 31.74
N GLN B 343 9.42 -12.45 31.62
CA GLN B 343 8.43 -13.21 32.38
C GLN B 343 7.21 -13.62 31.53
N ILE B 344 7.25 -13.46 30.20
CA ILE B 344 6.15 -13.97 29.34
C ILE B 344 6.54 -13.88 27.86
N ALA B 345 6.22 -14.93 27.09
CA ALA B 345 6.62 -15.04 25.69
C ALA B 345 5.43 -14.79 24.75
N HIS B 346 5.71 -14.09 23.64
CA HIS B 346 4.83 -13.93 22.49
C HIS B 346 3.58 -13.09 22.82
N TYR B 347 3.70 -12.21 23.82
CA TYR B 347 2.69 -11.18 24.09
C TYR B 347 2.68 -10.16 22.93
N TRP B 348 1.59 -9.41 22.82
CA TRP B 348 1.46 -8.37 21.83
C TRP B 348 1.93 -7.05 22.44
N SER B 349 2.81 -6.36 21.72
CA SER B 349 3.31 -5.07 22.16
C SER B 349 2.65 -3.94 21.36
N ALA B 350 2.21 -2.90 22.08
CA ALA B 350 1.75 -1.64 21.49
C ALA B 350 2.94 -0.92 20.83
N THR B 351 3.90 -0.51 21.67
CA THR B 351 5.15 0.15 21.25
C THR B 351 6.07 -0.89 20.60
N SER B 352 7.04 -0.45 19.80
CA SER B 352 7.87 -1.37 18.98
C SER B 352 9.01 -1.99 19.80
N ASN B 353 9.35 -1.39 20.94
CA ASN B 353 10.44 -1.88 21.79
C ASN B 353 9.94 -3.01 22.72
N GLY B 354 8.61 -3.13 22.88
CA GLY B 354 8.04 -4.15 23.77
C GLY B 354 7.87 -3.65 25.21
N GLU B 355 8.01 -2.33 25.40
CA GLU B 355 8.06 -1.73 26.72
C GLU B 355 6.63 -1.62 27.29
N ARG B 356 5.65 -1.28 26.44
CA ARG B 356 4.22 -1.27 26.81
C ARG B 356 3.46 -2.33 26.03
N PRO B 357 2.86 -3.35 26.70
CA PRO B 357 2.11 -4.37 25.98
C PRO B 357 0.80 -3.81 25.41
N TYR B 358 0.30 -4.51 24.37
CA TYR B 358 -1.03 -4.30 23.84
C TYR B 358 -2.04 -4.97 24.77
N PHE B 359 -3.10 -4.23 25.08
CA PHE B 359 -4.26 -4.73 25.77
C PHE B 359 -5.40 -3.79 25.44
N HIS B 360 -6.61 -4.33 25.27
CA HIS B 360 -7.72 -3.57 24.72
C HIS B 360 -9.04 -4.10 25.27
N ALA B 361 -9.92 -3.22 25.73
CA ALA B 361 -11.19 -3.63 26.37
C ALA B 361 -12.31 -3.70 25.33
N SER B 362 -11.94 -3.96 24.08
CA SER B 362 -12.84 -3.80 22.95
C SER B 362 -12.38 -4.70 21.80
N ASP B 363 -11.21 -4.42 21.22
CA ASP B 363 -10.83 -5.05 19.95
C ASP B 363 -9.63 -6.00 20.14
N ALA B 364 -9.48 -6.56 21.35
CA ALA B 364 -8.30 -7.35 21.74
C ALA B 364 -8.00 -8.51 20.79
N GLY B 365 -9.00 -8.93 20.01
CA GLY B 365 -8.86 -10.06 19.10
C GLY B 365 -8.08 -9.71 17.85
N LEU B 366 -8.29 -8.47 17.35
CA LEU B 366 -7.99 -8.08 15.96
C LEU B 366 -6.59 -8.49 15.51
N PRO B 367 -5.50 -8.29 16.29
CA PRO B 367 -4.17 -8.71 15.85
C PRO B 367 -4.21 -10.04 15.11
N VAL B 368 -4.77 -11.06 15.76
CA VAL B 368 -4.78 -12.42 15.23
C VAL B 368 -5.82 -12.53 14.11
N ILE B 369 -6.96 -11.85 14.26
CA ILE B 369 -8.03 -11.85 13.26
C ILE B 369 -7.49 -11.30 11.95
N ALA B 370 -6.77 -10.17 12.02
CA ALA B 370 -6.27 -9.47 10.85
C ALA B 370 -5.20 -10.32 10.16
N LEU B 371 -4.36 -11.00 10.94
CA LEU B 371 -3.36 -11.88 10.38
C LEU B 371 -4.06 -13.05 9.68
N CYS B 372 -5.20 -13.50 10.22
CA CYS B 372 -5.94 -14.64 9.66
C CYS B 372 -6.59 -14.25 8.32
N GLU B 373 -7.05 -13.00 8.19
CA GLU B 373 -7.59 -12.49 6.92
C GLU B 373 -6.48 -12.45 5.86
N TYR B 374 -5.27 -12.12 6.29
CA TYR B 374 -4.09 -12.16 5.43
C TYR B 374 -3.83 -13.60 5.01
N LEU B 375 -3.74 -14.52 5.98
CA LEU B 375 -3.46 -15.93 5.72
C LEU B 375 -4.49 -16.49 4.73
N ASN B 376 -5.73 -15.99 4.80
CA ASN B 376 -6.83 -16.42 3.91
C ASN B 376 -6.54 -16.10 2.45
N ILE B 377 -5.68 -15.11 2.16
CA ILE B 377 -5.46 -14.60 0.81
C ILE B 377 -4.00 -14.74 0.37
N GLU B 378 -3.16 -15.36 1.22
CA GLU B 378 -1.71 -15.40 0.95
C GLU B 378 -1.38 -16.80 0.42
N THR B 379 -0.97 -16.85 -0.84
CA THR B 379 -0.80 -18.09 -1.59
C THR B 379 0.67 -18.53 -1.55
N ASP B 380 1.61 -17.59 -1.35
CA ASP B 380 3.03 -17.91 -1.20
C ASP B 380 3.24 -18.59 0.16
N THR B 381 3.72 -19.84 0.13
CA THR B 381 3.65 -20.75 1.28
C THR B 381 4.76 -20.44 2.31
N ALA B 382 5.80 -19.71 1.90
CA ALA B 382 6.84 -19.28 2.83
C ALA B 382 6.27 -18.18 3.74
N ASN B 383 5.67 -17.16 3.13
CA ASN B 383 5.00 -16.06 3.82
C ASN B 383 3.92 -16.61 4.76
N TYR B 384 3.12 -17.55 4.22
CA TYR B 384 2.04 -18.17 4.96
C TYR B 384 2.57 -18.84 6.23
N ALA B 385 3.53 -19.76 6.05
CA ALA B 385 4.04 -20.59 7.14
C ALA B 385 4.76 -19.75 8.21
N GLN B 386 5.31 -18.58 7.81
CA GLN B 386 5.93 -17.63 8.76
C GLN B 386 4.86 -17.10 9.72
N LEU B 387 3.85 -16.44 9.13
CA LEU B 387 2.85 -15.70 9.88
C LEU B 387 1.79 -16.64 10.46
N GLN B 388 1.72 -17.86 9.92
CA GLN B 388 1.00 -18.97 10.54
C GLN B 388 1.56 -19.19 11.95
N ARG B 389 2.89 -19.30 12.07
CA ARG B 389 3.56 -19.53 13.34
C ARG B 389 3.39 -18.36 14.33
N VAL B 390 3.22 -17.14 13.80
CA VAL B 390 2.95 -15.99 14.64
C VAL B 390 1.55 -16.16 15.27
N VAL B 391 0.57 -16.48 14.43
CA VAL B 391 -0.81 -16.69 14.85
C VAL B 391 -0.88 -17.82 15.88
N GLU B 392 -0.12 -18.90 15.62
CA GLU B 392 -0.03 -20.06 16.51
C GLU B 392 0.52 -19.63 17.88
N GLN B 393 1.60 -18.84 17.87
CA GLN B 393 2.28 -18.46 19.12
C GLN B 393 1.40 -17.50 19.91
N ALA B 394 0.76 -16.56 19.21
CA ALA B 394 -0.11 -15.56 19.84
C ALA B 394 -1.29 -16.23 20.55
N CYS B 395 -1.79 -17.34 20.00
CA CYS B 395 -2.88 -18.09 20.62
C CYS B 395 -2.37 -18.91 21.81
N GLN B 396 -1.16 -19.47 21.66
CA GLN B 396 -0.51 -20.22 22.73
C GLN B 396 -0.33 -19.30 23.93
N PHE B 397 -0.01 -18.02 23.65
CA PHE B 397 0.12 -16.95 24.65
C PHE B 397 -1.21 -16.76 25.39
N GLU B 398 -2.29 -16.55 24.63
CA GLU B 398 -3.63 -16.25 25.18
C GLU B 398 -4.03 -17.35 26.16
N LEU B 399 -3.65 -18.58 25.83
CA LEU B 399 -3.95 -19.75 26.63
C LEU B 399 -3.04 -19.78 27.86
N ALA B 400 -1.74 -19.62 27.61
CA ALA B 400 -0.71 -19.68 28.66
C ALA B 400 -1.06 -18.70 29.78
N ILE B 401 -1.21 -17.42 29.42
CA ILE B 401 -1.45 -16.33 30.37
C ILE B 401 -2.74 -16.57 31.16
N THR B 402 -3.77 -17.11 30.51
CA THR B 402 -5.10 -17.24 31.11
C THR B 402 -5.14 -18.44 32.08
N GLN B 403 -4.18 -19.35 31.95
CA GLN B 403 -4.08 -20.58 32.75
C GLN B 403 -2.85 -20.54 33.67
N GLN B 404 -2.33 -19.34 33.96
CA GLN B 404 -1.13 -19.19 34.75
C GLN B 404 -1.50 -18.93 36.23
N VAL B 405 -2.77 -18.63 36.51
CA VAL B 405 -3.24 -18.50 37.89
C VAL B 405 -4.57 -19.25 38.01
N SER B 406 -5.05 -19.36 39.25
CA SER B 406 -6.32 -20.02 39.53
C SER B 406 -7.40 -19.28 38.76
N ASN B 407 -8.02 -19.96 37.78
CA ASN B 407 -8.99 -19.32 36.87
C ASN B 407 -10.12 -20.28 36.53
N PRO B 408 -11.05 -20.52 37.46
CA PRO B 408 -12.15 -21.47 37.23
C PRO B 408 -13.08 -20.99 36.11
N PHE B 409 -13.24 -19.67 35.99
CA PHE B 409 -14.23 -19.05 35.11
C PHE B 409 -13.74 -19.03 33.65
N GLY B 410 -12.43 -19.26 33.46
CA GLY B 410 -11.79 -19.33 32.16
C GLY B 410 -11.62 -17.97 31.51
N TYR B 411 -11.79 -16.89 32.30
CA TYR B 411 -11.79 -15.51 31.83
C TYR B 411 -10.45 -15.20 31.17
N PRO B 412 -10.42 -14.87 29.86
CA PRO B 412 -9.18 -14.58 29.15
C PRO B 412 -8.40 -13.48 29.87
N ARG B 413 -7.14 -13.80 30.23
CA ARG B 413 -6.26 -12.87 30.91
C ARG B 413 -5.41 -12.15 29.88
N GLN B 414 -4.65 -11.14 30.34
CA GLN B 414 -3.98 -10.19 29.44
C GLN B 414 -2.79 -9.54 30.14
N TYR B 415 -1.83 -9.09 29.33
CA TYR B 415 -0.63 -8.43 29.79
C TYR B 415 -0.85 -6.92 29.69
N VAL B 416 -0.80 -6.24 30.85
CA VAL B 416 -1.18 -4.84 30.97
C VAL B 416 -0.02 -4.06 31.62
N LYS B 417 -0.12 -2.73 31.54
CA LYS B 417 0.82 -1.81 32.15
C LYS B 417 0.15 -0.43 32.20
N GLY B 418 0.29 0.25 33.35
CA GLY B 418 -0.18 1.63 33.53
C GLY B 418 0.89 2.61 33.08
N VAL B 419 0.48 3.88 32.92
CA VAL B 419 1.39 4.94 32.50
C VAL B 419 2.57 4.99 33.48
N GLU B 420 2.29 4.78 34.78
CA GLU B 420 3.32 4.89 35.82
C GLU B 420 3.37 3.60 36.65
N SER B 421 3.39 2.44 36.01
CA SER B 421 3.38 1.16 36.75
C SER B 421 3.84 -0.01 35.87
N ALA B 422 4.25 -1.10 36.53
CA ALA B 422 5.02 -2.18 35.90
C ALA B 422 4.11 -3.12 35.09
N LYS B 423 4.68 -3.66 34.01
CA LYS B 423 4.07 -4.75 33.27
C LYS B 423 3.67 -5.83 34.28
N ARG B 424 2.41 -6.26 34.21
CA ARG B 424 1.88 -7.33 35.04
C ARG B 424 0.83 -8.07 34.23
N THR B 425 0.67 -9.37 34.49
CA THR B 425 -0.46 -10.16 33.95
C THR B 425 -1.70 -9.80 34.78
N SER B 426 -2.88 -9.85 34.15
CA SER B 426 -4.08 -9.35 34.79
C SER B 426 -5.34 -10.05 34.26
N PHE B 427 -6.43 -9.94 35.01
CA PHE B 427 -7.74 -10.26 34.50
C PHE B 427 -8.20 -9.10 33.60
N PHE B 428 -8.33 -7.93 34.21
CA PHE B 428 -8.91 -6.76 33.54
C PHE B 428 -7.79 -5.80 33.11
N ILE B 429 -8.18 -4.72 32.43
CA ILE B 429 -7.21 -3.76 31.88
C ILE B 429 -6.66 -2.91 33.03
N ALA B 430 -5.51 -2.30 32.74
CA ALA B 430 -4.92 -1.30 33.58
C ALA B 430 -5.87 -0.09 33.68
N GLN B 431 -6.36 0.18 34.88
CA GLN B 431 -7.28 1.28 35.14
C GLN B 431 -6.53 2.60 35.02
N ASP B 432 -5.21 2.56 35.28
CA ASP B 432 -4.31 3.71 35.41
C ASP B 432 -3.59 3.97 34.08
N ASN B 433 -4.38 4.09 33.00
CA ASN B 433 -3.88 4.14 31.61
C ASN B 433 -3.78 5.61 31.14
N GLU B 434 -3.42 5.77 29.87
CA GLU B 434 -3.03 7.05 29.27
C GLU B 434 -4.24 7.97 29.11
N SER B 435 -5.45 7.42 29.14
CA SER B 435 -6.69 8.19 29.01
C SER B 435 -6.81 9.22 30.13
N GLY B 436 -6.34 8.83 31.33
CA GLY B 436 -6.47 9.62 32.52
C GLY B 436 -7.69 9.25 33.33
N TYR B 437 -8.62 8.46 32.75
CA TYR B 437 -9.88 8.15 33.43
C TYR B 437 -10.53 6.85 32.90
N TRP B 438 -10.34 6.55 31.62
CA TRP B 438 -11.17 5.60 30.90
C TRP B 438 -10.80 4.15 31.23
N TRP B 439 -11.81 3.41 31.69
CA TRP B 439 -11.81 1.98 31.82
C TRP B 439 -13.26 1.56 32.10
N GLN B 440 -13.64 0.39 31.57
CA GLN B 440 -15.00 -0.13 31.66
C GLN B 440 -14.97 -1.65 31.49
N GLY B 441 -16.15 -2.25 31.35
CA GLY B 441 -16.31 -3.67 31.06
C GLY B 441 -15.73 -4.04 29.71
N GLU B 442 -15.47 -5.35 29.54
CA GLU B 442 -14.68 -5.88 28.45
C GLU B 442 -15.47 -6.90 27.63
N ASN B 443 -16.81 -6.86 27.69
CA ASN B 443 -17.64 -7.85 27.01
C ASN B 443 -17.32 -7.88 25.52
N ALA B 444 -17.04 -6.70 24.97
CA ALA B 444 -16.55 -6.57 23.61
C ALA B 444 -15.26 -7.37 23.47
N ARG B 445 -14.27 -7.07 24.32
CA ARG B 445 -13.00 -7.77 24.32
C ARG B 445 -13.21 -9.29 24.33
N LEU B 446 -14.09 -9.78 25.23
CA LEU B 446 -14.32 -11.22 25.41
C LEU B 446 -14.81 -11.82 24.09
N ALA B 447 -15.84 -11.20 23.51
CA ALA B 447 -16.46 -11.66 22.28
C ALA B 447 -15.48 -11.50 21.11
N SER B 448 -14.65 -10.47 21.16
CA SER B 448 -13.60 -10.23 20.18
C SER B 448 -12.64 -11.42 20.16
N LEU B 449 -12.21 -11.85 21.36
CA LEU B 449 -11.28 -12.97 21.53
C LEU B 449 -11.96 -14.28 21.13
N ALA B 450 -13.21 -14.48 21.55
CA ALA B 450 -14.00 -15.65 21.15
C ALA B 450 -14.00 -15.75 19.61
N SER B 451 -14.40 -14.65 18.95
CA SER B 451 -14.40 -14.54 17.50
C SER B 451 -13.04 -14.90 16.92
N MET B 452 -11.99 -14.35 17.51
CA MET B 452 -10.62 -14.63 17.09
C MET B 452 -10.35 -16.12 17.05
N ALA B 453 -10.75 -16.83 18.12
CA ALA B 453 -10.43 -18.24 18.29
C ALA B 453 -11.13 -19.07 17.21
N TYR B 454 -12.41 -18.80 17.00
CA TYR B 454 -13.21 -19.53 16.03
C TYR B 454 -12.63 -19.31 14.62
N LEU B 455 -12.32 -18.05 14.27
CA LEU B 455 -11.90 -17.70 12.91
C LEU B 455 -10.48 -18.21 12.61
N ALA B 456 -9.69 -18.49 13.65
CA ALA B 456 -8.29 -18.88 13.50
C ALA B 456 -8.11 -20.39 13.26
N GLN B 457 -9.14 -21.19 13.60
CA GLN B 457 -9.06 -22.66 13.65
C GLN B 457 -8.60 -23.24 12.32
N PRO B 458 -9.11 -22.75 11.15
CA PRO B 458 -8.53 -23.08 9.86
C PRO B 458 -7.00 -23.11 9.80
N HIS B 459 -6.34 -22.11 10.42
CA HIS B 459 -4.91 -21.91 10.30
C HIS B 459 -4.12 -22.44 11.52
N LEU B 460 -4.75 -23.24 12.38
CA LEU B 460 -4.09 -23.72 13.62
C LEU B 460 -4.01 -25.25 13.62
N SER B 461 -2.94 -25.77 14.24
CA SER B 461 -2.79 -27.19 14.54
C SER B 461 -4.01 -27.67 15.32
N THR B 462 -4.34 -28.96 15.15
CA THR B 462 -5.46 -29.58 15.82
C THR B 462 -5.04 -29.91 17.25
N ALA B 463 -3.73 -29.75 17.54
CA ALA B 463 -3.20 -29.81 18.89
C ALA B 463 -3.78 -28.70 19.76
N ILE B 464 -3.92 -27.48 19.20
CA ILE B 464 -4.30 -26.30 20.00
C ILE B 464 -5.74 -25.89 19.66
N ALA B 465 -6.46 -26.76 18.95
CA ALA B 465 -7.86 -26.50 18.54
C ALA B 465 -8.78 -26.60 19.75
N LYS B 466 -8.79 -27.76 20.42
CA LYS B 466 -9.72 -28.01 21.55
C LYS B 466 -9.54 -27.00 22.67
N PRO B 467 -8.30 -26.65 23.07
CA PRO B 467 -8.07 -25.63 24.09
C PRO B 467 -8.75 -24.28 23.79
N LEU B 468 -8.67 -23.81 22.53
CA LEU B 468 -9.26 -22.55 22.10
C LEU B 468 -10.80 -22.66 21.98
N GLU B 469 -11.31 -23.86 21.71
CA GLU B 469 -12.76 -24.14 21.74
C GLU B 469 -13.32 -23.77 23.11
N GLN B 470 -12.53 -24.10 24.16
CA GLN B 470 -12.88 -23.95 25.56
C GLN B 470 -12.71 -22.49 25.98
N TRP B 471 -11.55 -21.92 25.65
CA TRP B 471 -11.20 -20.53 25.91
C TRP B 471 -12.30 -19.62 25.38
N SER B 472 -12.69 -19.87 24.12
CA SER B 472 -13.67 -19.04 23.42
C SER B 472 -15.03 -19.19 24.08
N GLN B 473 -15.39 -20.41 24.47
CA GLN B 473 -16.69 -20.68 25.11
C GLN B 473 -16.72 -20.01 26.49
N ASN B 474 -15.59 -20.08 27.20
CA ASN B 474 -15.48 -19.56 28.54
C ASN B 474 -15.65 -18.04 28.54
N ALA B 475 -15.18 -17.41 27.45
CA ALA B 475 -15.33 -15.99 27.22
C ALA B 475 -16.82 -15.67 27.04
N LEU B 476 -17.48 -16.40 26.14
CA LEU B 476 -18.87 -16.15 25.82
C LEU B 476 -19.76 -16.44 27.04
N ASN B 477 -19.45 -17.53 27.76
CA ASN B 477 -20.23 -17.95 28.91
C ASN B 477 -20.35 -16.79 29.90
N TRP B 478 -19.24 -16.07 30.11
CA TRP B 478 -19.16 -14.94 31.03
C TRP B 478 -20.18 -13.84 30.65
N ILE B 479 -20.26 -13.56 29.34
CA ILE B 479 -21.07 -12.47 28.84
C ILE B 479 -22.52 -12.73 29.22
N VAL B 480 -22.93 -14.01 29.13
CA VAL B 480 -24.35 -14.39 29.25
C VAL B 480 -24.66 -15.08 30.60
N GLY B 481 -23.80 -14.92 31.61
CA GLY B 481 -24.20 -15.14 33.00
C GLY B 481 -23.33 -16.09 33.82
N LEU B 482 -22.29 -16.69 33.22
CA LEU B 482 -21.34 -17.50 33.96
C LEU B 482 -20.25 -16.55 34.47
N ASN B 483 -20.65 -15.71 35.42
CA ASN B 483 -19.81 -14.69 36.04
C ASN B 483 -20.18 -14.58 37.52
N PRO B 484 -19.26 -14.07 38.39
CA PRO B 484 -19.53 -13.96 39.82
C PRO B 484 -20.84 -13.23 40.19
N TYR B 485 -21.33 -12.35 39.31
CA TYR B 485 -22.50 -11.54 39.61
C TYR B 485 -23.79 -12.22 39.13
N ASN B 486 -23.70 -13.46 38.62
CA ASN B 486 -24.84 -14.27 38.15
C ASN B 486 -25.76 -13.45 37.24
N MET B 487 -25.16 -12.81 36.25
CA MET B 487 -25.78 -11.73 35.52
C MET B 487 -25.53 -11.92 34.02
N CYS B 488 -26.62 -12.11 33.26
CA CYS B 488 -26.55 -12.07 31.80
C CYS B 488 -26.49 -10.60 31.35
N MET B 489 -25.43 -10.23 30.63
CA MET B 489 -25.19 -8.87 30.19
C MET B 489 -25.89 -8.57 28.84
N LEU B 490 -26.30 -9.64 28.15
CA LEU B 490 -27.15 -9.55 26.95
C LEU B 490 -28.59 -9.30 27.37
N ASP B 491 -29.16 -8.16 26.96
CA ASP B 491 -30.42 -7.70 27.48
C ASP B 491 -31.55 -8.51 26.82
N GLY B 492 -32.54 -8.91 27.63
CA GLY B 492 -33.70 -9.70 27.20
C GLY B 492 -33.43 -11.20 27.24
N HIS B 493 -32.30 -11.59 27.84
CA HIS B 493 -31.88 -12.98 27.96
C HIS B 493 -31.35 -13.21 29.37
N GLY B 494 -31.20 -14.48 29.75
CA GLY B 494 -30.71 -14.87 31.06
C GLY B 494 -31.40 -14.10 32.18
N HIS B 495 -30.65 -13.82 33.26
CA HIS B 495 -31.20 -13.29 34.51
C HIS B 495 -30.36 -12.10 34.97
N ASN B 496 -31.04 -11.16 35.66
CA ASN B 496 -30.39 -10.03 36.35
C ASN B 496 -29.84 -9.03 35.33
N ASN B 497 -30.53 -8.87 34.21
CA ASN B 497 -30.13 -7.90 33.22
C ASN B 497 -29.99 -6.55 33.92
N PRO B 498 -28.85 -5.84 33.79
CA PRO B 498 -28.71 -4.50 34.36
C PRO B 498 -29.25 -3.43 33.41
N ASP B 499 -29.88 -2.41 33.96
CA ASP B 499 -30.22 -1.17 33.25
C ASP B 499 -29.13 -0.12 33.53
N TYR B 500 -29.20 1.01 32.84
CA TYR B 500 -28.20 2.08 32.96
C TYR B 500 -28.80 3.23 33.76
N LEU B 501 -29.49 4.19 33.10
CA LEU B 501 -29.98 5.39 33.76
C LEU B 501 -31.45 5.59 33.37
N PRO B 502 -32.34 4.67 33.78
CA PRO B 502 -33.75 4.74 33.41
C PRO B 502 -34.45 6.03 33.88
N HIS B 503 -34.11 6.49 35.08
CA HIS B 503 -34.73 7.66 35.70
C HIS B 503 -34.55 8.90 34.82
N LEU B 504 -33.56 8.90 33.91
CA LEU B 504 -33.33 10.03 32.99
C LEU B 504 -33.76 9.65 31.56
N GLY B 505 -34.34 8.47 31.40
CA GLY B 505 -34.87 8.02 30.12
C GLY B 505 -33.79 7.49 29.19
N PHE B 506 -32.59 7.26 29.72
CA PHE B 506 -31.52 6.62 28.99
C PHE B 506 -31.46 5.15 29.39
N PHE B 507 -32.37 4.38 28.77
CA PHE B 507 -32.53 2.96 29.00
C PHE B 507 -31.51 2.15 28.18
N ASN B 508 -31.23 0.93 28.67
CA ASN B 508 -30.63 -0.10 27.86
C ASN B 508 -31.73 -0.64 26.93
N ALA B 509 -31.29 -1.31 25.87
CA ALA B 509 -32.21 -1.80 24.85
C ALA B 509 -32.03 -3.31 24.72
N LYS B 510 -33.15 -4.01 24.55
CA LYS B 510 -33.15 -5.46 24.48
C LYS B 510 -32.38 -5.85 23.21
N GLY B 511 -31.47 -6.80 23.36
CA GLY B 511 -30.62 -7.29 22.26
C GLY B 511 -29.20 -6.74 22.35
N GLY B 512 -29.04 -5.64 23.09
CA GLY B 512 -27.74 -5.05 23.33
C GLY B 512 -26.96 -5.77 24.40
N VAL B 513 -25.63 -5.63 24.32
CA VAL B 513 -24.73 -6.06 25.38
C VAL B 513 -24.11 -4.82 26.00
N CYS B 514 -24.08 -4.81 27.34
CA CYS B 514 -23.55 -3.69 28.14
C CYS B 514 -22.04 -3.87 28.39
N ASN B 515 -21.41 -2.80 28.87
CA ASN B 515 -19.96 -2.74 29.10
C ASN B 515 -19.52 -4.00 29.85
N GLY B 516 -20.06 -4.21 31.06
CA GLY B 516 -19.84 -5.41 31.85
C GLY B 516 -18.97 -5.16 33.07
N ILE B 517 -18.27 -6.24 33.48
CA ILE B 517 -17.61 -6.36 34.77
C ILE B 517 -16.15 -5.90 34.65
N THR B 518 -15.65 -5.26 35.71
CA THR B 518 -14.31 -4.66 35.76
C THR B 518 -13.56 -5.05 37.04
N ALA B 519 -12.29 -4.66 37.09
CA ALA B 519 -11.50 -4.66 38.31
C ALA B 519 -12.18 -3.75 39.35
N GLY B 520 -11.88 -3.99 40.63
CA GLY B 520 -12.39 -3.18 41.74
C GLY B 520 -12.08 -1.70 41.55
N PHE B 521 -13.02 -0.83 41.95
CA PHE B 521 -12.84 0.61 41.79
C PHE B 521 -11.66 1.09 42.65
N ASP B 522 -11.58 0.53 43.86
CA ASP B 522 -10.60 0.86 44.86
C ASP B 522 -9.48 -0.18 44.85
N ASP B 523 -9.80 -1.45 44.52
CA ASP B 523 -8.81 -2.55 44.61
C ASP B 523 -8.60 -3.18 43.23
N PRO B 524 -7.51 -2.84 42.49
CA PRO B 524 -7.20 -3.48 41.22
C PRO B 524 -7.30 -5.01 41.20
N ARG B 525 -7.05 -5.67 42.33
CA ARG B 525 -7.07 -7.14 42.34
C ARG B 525 -8.43 -7.74 42.75
N ASP B 526 -9.39 -6.88 43.07
CA ASP B 526 -10.78 -7.28 43.31
C ASP B 526 -11.54 -7.17 41.98
N ILE B 527 -12.86 -7.31 42.07
CA ILE B 527 -13.81 -7.31 40.96
C ILE B 527 -14.96 -6.37 41.32
N ALA B 528 -15.56 -5.74 40.30
CA ALA B 528 -16.60 -4.77 40.54
C ALA B 528 -17.63 -4.76 39.40
N PHE B 529 -18.91 -4.68 39.81
CA PHE B 529 -19.98 -4.29 38.95
C PHE B 529 -21.01 -3.50 39.78
N ASN B 530 -21.29 -2.25 39.36
CA ASN B 530 -22.15 -1.30 40.05
C ASN B 530 -21.94 -1.42 41.57
N PRO B 531 -20.70 -1.22 42.07
CA PRO B 531 -20.41 -1.32 43.50
C PRO B 531 -21.00 -0.12 44.25
N ALA B 532 -21.51 -0.35 45.48
CA ALA B 532 -22.37 0.63 46.17
C ALA B 532 -21.71 2.01 46.22
N GLY B 533 -20.40 2.01 46.43
CA GLY B 533 -19.58 3.23 46.47
C GLY B 533 -19.89 4.18 45.32
N GLN B 534 -19.83 3.65 44.10
CA GLN B 534 -19.84 4.47 42.90
C GLN B 534 -21.12 4.23 42.08
N LYS B 535 -22.03 3.39 42.57
CA LYS B 535 -23.15 2.87 41.75
C LYS B 535 -24.05 4.04 41.35
N ASP B 536 -24.15 5.07 42.20
CA ASP B 536 -25.03 6.18 41.93
C ASP B 536 -24.25 7.40 41.42
N ASP B 537 -22.91 7.33 41.45
CA ASP B 537 -22.05 8.42 40.95
C ASP B 537 -22.11 8.37 39.43
N MET B 538 -22.79 9.34 38.82
CA MET B 538 -23.05 9.33 37.39
C MET B 538 -21.76 9.60 36.61
N LEU B 539 -20.69 9.99 37.31
CA LEU B 539 -19.37 10.16 36.71
C LEU B 539 -18.67 8.81 36.56
N GLN B 540 -19.22 7.74 37.14
CA GLN B 540 -18.52 6.45 37.22
C GLN B 540 -19.41 5.26 36.80
N ASN B 541 -20.73 5.38 36.94
CA ASN B 541 -21.63 4.21 36.82
C ASN B 541 -21.81 3.82 35.33
N TRP B 542 -21.38 4.69 34.41
CA TRP B 542 -21.29 4.38 32.99
C TRP B 542 -20.38 3.16 32.75
N ARG B 543 -19.36 3.01 33.59
CA ARG B 543 -18.34 1.99 33.40
C ARG B 543 -18.86 0.54 33.34
N TRP B 544 -20.09 0.32 33.83
CA TRP B 544 -20.64 -1.02 34.07
C TRP B 544 -21.94 -1.26 33.28
N GLY B 545 -22.98 -0.49 33.62
CA GLY B 545 -24.35 -0.76 33.16
C GLY B 545 -24.63 -0.29 31.74
N GLU B 546 -23.82 0.65 31.23
CA GLU B 546 -24.07 1.30 29.94
C GLU B 546 -23.81 0.29 28.83
N GLN B 547 -24.62 0.37 27.76
CA GLN B 547 -24.43 -0.40 26.53
C GLN B 547 -23.66 0.44 25.51
N TRP B 548 -22.93 -0.25 24.63
CA TRP B 548 -21.98 0.35 23.71
C TRP B 548 -21.90 -0.57 22.48
N ILE B 549 -22.01 0.00 21.28
CA ILE B 549 -22.35 -0.81 20.11
C ILE B 549 -21.26 -1.83 19.80
N PRO B 550 -19.97 -1.61 20.09
CA PRO B 550 -18.95 -2.65 19.87
C PRO B 550 -19.21 -3.97 20.61
N HIS B 551 -19.76 -3.91 21.83
CA HIS B 551 -20.07 -5.13 22.61
C HIS B 551 -21.00 -6.04 21.81
N GLY B 552 -22.08 -5.42 21.29
CA GLY B 552 -23.05 -6.08 20.43
C GLY B 552 -22.41 -6.64 19.16
N ALA B 553 -21.63 -5.81 18.47
CA ALA B 553 -21.07 -6.15 17.17
C ALA B 553 -20.11 -7.34 17.30
N TRP B 554 -19.31 -7.36 18.36
CA TRP B 554 -18.36 -8.45 18.56
C TRP B 554 -19.10 -9.70 19.03
N TYR B 555 -20.16 -9.51 19.83
CA TYR B 555 -21.00 -10.63 20.24
C TYR B 555 -21.61 -11.28 19.00
N LEU B 556 -22.06 -10.45 18.05
CA LEU B 556 -22.74 -10.92 16.83
C LEU B 556 -21.79 -11.77 15.98
N LEU B 557 -20.53 -11.34 15.86
CA LEU B 557 -19.55 -12.08 15.06
C LEU B 557 -19.15 -13.37 15.78
N ALA B 558 -19.09 -13.32 17.10
CA ALA B 558 -18.74 -14.49 17.91
C ALA B 558 -19.77 -15.60 17.68
N ILE B 559 -21.06 -15.26 17.81
CA ILE B 559 -22.13 -16.27 17.74
C ILE B 559 -22.18 -16.88 16.34
N ILE B 560 -21.86 -16.06 15.32
CA ILE B 560 -21.87 -16.49 13.93
C ILE B 560 -20.64 -17.39 13.65
N SER B 561 -19.46 -16.99 14.12
CA SER B 561 -18.25 -17.82 14.00
C SER B 561 -18.46 -19.16 14.70
N GLN B 562 -19.15 -19.11 15.85
CA GLN B 562 -19.43 -20.29 16.64
C GLN B 562 -20.35 -21.23 15.84
N PHE B 563 -21.41 -20.66 15.28
CA PHE B 563 -22.39 -21.40 14.51
C PHE B 563 -21.74 -22.13 13.33
N ALA B 564 -20.77 -21.44 12.71
CA ALA B 564 -20.04 -21.96 11.57
C ALA B 564 -19.16 -23.13 12.01
N HIS B 565 -18.56 -23.00 13.20
CA HIS B 565 -17.62 -23.96 13.74
C HIS B 565 -18.32 -25.26 14.17
N PHE B 566 -19.67 -25.27 14.28
CA PHE B 566 -20.49 -26.47 14.56
C PHE B 566 -21.76 -26.50 13.67
N MET C 1 9.65 -9.41 -48.38
CA MET C 1 9.02 -9.67 -49.70
C MET C 1 7.62 -10.21 -49.48
N LEU C 2 6.60 -9.39 -49.73
CA LEU C 2 5.20 -9.78 -49.63
C LEU C 2 4.48 -9.50 -50.94
N LEU C 3 3.73 -10.50 -51.43
CA LEU C 3 2.77 -10.28 -52.49
C LEU C 3 1.40 -10.01 -51.87
N LEU C 4 1.03 -8.73 -51.80
CA LEU C 4 -0.22 -8.32 -51.17
C LEU C 4 -1.35 -8.52 -52.18
N THR C 5 -2.45 -9.14 -51.75
CA THR C 5 -3.62 -9.43 -52.58
C THR C 5 -4.90 -9.18 -51.78
N ASN C 6 -6.02 -9.09 -52.49
CA ASN C 6 -7.35 -9.31 -51.94
C ASN C 6 -7.40 -10.75 -51.42
N HIS C 7 -7.72 -10.93 -50.15
CA HIS C 7 -7.63 -12.24 -49.52
C HIS C 7 -8.86 -13.07 -49.88
N ILE C 8 -9.87 -12.45 -50.49
CA ILE C 8 -11.14 -13.10 -50.78
C ILE C 8 -11.18 -13.43 -52.28
N GLY C 9 -11.23 -12.40 -53.12
CA GLY C 9 -11.10 -12.58 -54.56
C GLY C 9 -11.50 -11.37 -55.41
N TYR C 10 -11.38 -11.59 -56.73
CA TYR C 10 -11.54 -10.58 -57.76
C TYR C 10 -12.68 -11.00 -58.68
N GLU C 11 -13.34 -10.00 -59.32
CA GLU C 11 -14.45 -10.29 -60.24
C GLU C 11 -13.88 -10.88 -61.52
N THR C 12 -14.58 -11.85 -62.11
CA THR C 12 -14.15 -12.46 -63.36
C THR C 12 -13.92 -11.33 -64.38
N GLN C 13 -14.91 -10.44 -64.54
CA GLN C 13 -14.85 -9.36 -65.51
C GLN C 13 -14.48 -8.05 -64.79
N GLY C 14 -13.66 -8.15 -63.75
CA GLY C 14 -13.35 -7.00 -62.91
C GLY C 14 -11.87 -6.64 -62.95
N PRO C 15 -11.51 -5.41 -62.53
CA PRO C 15 -10.12 -5.06 -62.29
C PRO C 15 -9.48 -5.97 -61.24
N LYS C 16 -8.24 -6.38 -61.53
CA LYS C 16 -7.46 -7.21 -60.66
C LYS C 16 -6.04 -6.65 -60.60
N GLN C 17 -5.56 -6.42 -59.37
CA GLN C 17 -4.19 -6.10 -59.15
C GLN C 17 -3.71 -6.69 -57.81
N ALA C 18 -2.39 -6.66 -57.66
CA ALA C 18 -1.71 -6.96 -56.43
C ALA C 18 -0.64 -5.90 -56.24
N VAL C 19 0.00 -5.90 -55.07
CA VAL C 19 1.04 -4.96 -54.75
C VAL C 19 2.19 -5.74 -54.12
N LEU C 20 3.39 -5.49 -54.64
CA LEU C 20 4.61 -6.11 -54.18
C LEU C 20 5.25 -5.16 -53.17
N LEU C 21 5.44 -5.65 -51.94
CA LEU C 21 6.21 -4.98 -50.90
C LEU C 21 7.58 -5.65 -50.82
N CYS C 22 8.63 -4.86 -51.06
CA CYS C 22 10.00 -5.37 -51.06
C CYS C 22 10.96 -4.26 -50.61
N GLY C 23 12.23 -4.36 -51.04
CA GLY C 23 13.30 -3.47 -50.58
C GLY C 23 13.84 -2.57 -51.67
N GLN C 24 13.65 -2.98 -52.93
CA GLN C 24 14.31 -2.38 -54.07
C GLN C 24 13.30 -1.56 -54.88
N THR C 25 13.82 -0.68 -55.75
CA THR C 25 13.03 0.09 -56.70
C THR C 25 12.75 -0.73 -57.96
N GLN C 26 13.69 -1.60 -58.34
CA GLN C 26 13.56 -2.53 -59.45
C GLN C 26 14.20 -3.86 -59.01
N LEU C 27 13.80 -4.97 -59.64
CA LEU C 27 14.32 -6.31 -59.34
C LEU C 27 15.10 -6.82 -60.54
N MET C 28 15.73 -8.00 -60.42
CA MET C 28 16.40 -8.64 -61.54
C MET C 28 15.34 -9.05 -62.59
N ASP C 29 14.59 -10.11 -62.29
CA ASP C 29 13.47 -10.50 -63.14
C ASP C 29 12.29 -9.60 -62.78
N ASP C 30 11.59 -9.10 -63.80
CA ASP C 30 10.52 -8.11 -63.62
C ASP C 30 9.13 -8.75 -63.71
N CYS C 31 9.04 -10.08 -63.59
CA CYS C 31 7.79 -10.81 -63.80
C CYS C 31 7.37 -11.62 -62.57
N VAL C 32 6.05 -11.74 -62.40
CA VAL C 32 5.38 -12.46 -61.31
C VAL C 32 4.43 -13.50 -61.92
N LEU C 33 4.33 -14.65 -61.27
CA LEU C 33 3.61 -15.81 -61.77
C LEU C 33 2.23 -15.89 -61.11
N LEU C 34 1.18 -15.92 -61.92
CA LEU C 34 -0.16 -16.29 -61.49
C LEU C 34 -0.27 -17.81 -61.57
N VAL C 35 -0.57 -18.44 -60.43
CA VAL C 35 -0.46 -19.88 -60.27
C VAL C 35 -1.81 -20.44 -59.80
N CYS C 36 -2.25 -21.53 -60.44
CA CYS C 36 -3.44 -22.25 -60.04
C CYS C 36 -3.19 -22.91 -58.68
N ALA C 37 -4.15 -22.74 -57.76
CA ALA C 37 -3.98 -23.03 -56.36
C ALA C 37 -4.15 -24.52 -56.05
N ARG C 38 -4.90 -25.24 -56.90
CA ARG C 38 -5.11 -26.68 -56.71
C ARG C 38 -3.98 -27.48 -57.40
N SER C 39 -3.62 -27.09 -58.64
CA SER C 39 -2.68 -27.83 -59.49
C SER C 39 -1.23 -27.33 -59.32
N HIS C 40 -1.07 -26.11 -58.80
CA HIS C 40 0.24 -25.45 -58.58
C HIS C 40 0.98 -25.21 -59.91
N GLN C 41 0.25 -25.17 -61.01
CA GLN C 41 0.85 -24.93 -62.32
C GLN C 41 0.66 -23.45 -62.67
N THR C 42 1.68 -22.83 -63.27
CA THR C 42 1.59 -21.45 -63.76
C THR C 42 0.48 -21.34 -64.81
N VAL C 43 -0.22 -20.20 -64.84
CA VAL C 43 -1.31 -19.97 -65.80
C VAL C 43 -1.16 -18.62 -66.50
N ALA C 44 -0.16 -17.83 -66.10
CA ALA C 44 0.08 -16.49 -66.66
C ALA C 44 1.37 -15.90 -66.06
N LYS C 45 2.03 -15.09 -66.88
CA LYS C 45 3.19 -14.33 -66.53
C LYS C 45 2.74 -12.87 -66.46
N LEU C 46 3.06 -12.19 -65.35
CA LEU C 46 2.55 -10.85 -65.05
C LEU C 46 3.71 -9.85 -64.91
N ALA C 47 3.57 -8.72 -65.57
CA ALA C 47 4.57 -7.67 -65.58
C ALA C 47 4.36 -6.73 -64.40
N ILE C 48 5.45 -6.44 -63.68
CA ILE C 48 5.44 -5.58 -62.49
C ILE C 48 5.59 -4.12 -62.92
N GLU C 49 5.02 -3.21 -62.14
CA GLU C 49 4.96 -1.79 -62.46
C GLU C 49 5.54 -0.99 -61.30
N TRP C 50 6.67 -0.33 -61.54
CA TRP C 50 7.52 0.20 -60.48
C TRP C 50 6.95 1.52 -59.93
N HIS C 51 7.27 1.82 -58.66
CA HIS C 51 6.65 2.90 -57.91
C HIS C 51 7.54 3.29 -56.71
N GLY C 52 7.75 2.34 -55.80
CA GLY C 52 8.68 2.48 -54.69
C GLY C 52 8.04 3.11 -53.45
N LYS C 53 8.60 4.23 -53.02
CA LYS C 53 8.20 4.95 -51.83
C LYS C 53 6.77 5.45 -52.00
N VAL C 54 6.02 5.44 -50.89
CA VAL C 54 4.65 5.95 -50.82
C VAL C 54 4.55 6.88 -49.60
N ASP C 55 4.22 8.14 -49.84
CA ASP C 55 4.28 9.18 -48.83
C ASP C 55 5.55 8.95 -48.00
N ASN C 56 5.41 8.49 -46.76
CA ASN C 56 6.56 8.11 -45.94
C ASN C 56 6.19 6.88 -45.12
N TRP C 57 5.64 5.87 -45.80
CA TRP C 57 5.19 4.64 -45.17
C TRP C 57 6.42 3.75 -44.91
N HIS C 58 6.62 3.38 -43.65
CA HIS C 58 7.83 2.73 -43.19
C HIS C 58 8.04 1.37 -43.88
N GLN C 59 7.02 0.51 -43.95
CA GLN C 59 7.15 -0.92 -44.31
C GLN C 59 8.26 -1.17 -45.37
N GLY C 60 8.28 -0.35 -46.45
CA GLY C 60 9.31 -0.44 -47.49
C GLY C 60 8.85 0.14 -48.83
N GLN C 61 9.10 -0.63 -49.90
CA GLN C 61 8.90 -0.23 -51.29
C GLN C 61 7.76 -1.04 -51.90
N PHE C 62 6.89 -0.35 -52.64
CA PHE C 62 5.64 -0.89 -53.14
C PHE C 62 5.54 -0.77 -54.66
N HIS C 63 5.09 -1.85 -55.31
CA HIS C 63 4.94 -1.93 -56.77
C HIS C 63 3.60 -2.58 -57.13
N ARG C 64 3.08 -2.24 -58.31
CA ARG C 64 1.80 -2.77 -58.81
C ARG C 64 1.94 -3.93 -59.80
N ILE C 65 1.06 -4.90 -59.67
CA ILE C 65 0.95 -6.05 -60.55
C ILE C 65 -0.50 -6.12 -61.03
N ASP C 66 -0.75 -5.68 -62.28
CA ASP C 66 -2.09 -5.75 -62.87
C ASP C 66 -2.27 -7.12 -63.54
N PHE C 67 -3.41 -7.77 -63.30
CA PHE C 67 -3.80 -8.98 -64.03
C PHE C 67 -5.30 -8.95 -64.34
N SER C 68 -5.80 -7.78 -64.77
CA SER C 68 -7.23 -7.57 -65.01
C SER C 68 -7.68 -8.38 -66.25
N ASP C 69 -6.88 -8.34 -67.32
CA ASP C 69 -7.20 -9.01 -68.61
C ASP C 69 -7.42 -10.52 -68.43
N PHE C 70 -6.88 -11.11 -67.34
CA PHE C 70 -7.04 -12.54 -67.04
C PHE C 70 -8.43 -12.77 -66.45
N THR C 71 -9.24 -13.63 -67.10
CA THR C 71 -10.70 -13.70 -66.86
C THR C 71 -11.19 -15.14 -66.66
N THR C 72 -10.29 -16.08 -66.36
CA THR C 72 -10.66 -17.49 -66.20
C THR C 72 -10.96 -17.76 -64.73
N PRO C 73 -12.20 -18.18 -64.37
CA PRO C 73 -12.57 -18.46 -62.99
C PRO C 73 -11.76 -19.58 -62.34
N GLY C 74 -11.73 -19.58 -61.00
CA GLY C 74 -10.99 -20.56 -60.21
C GLY C 74 -10.24 -19.90 -59.07
N ASP C 75 -9.38 -20.68 -58.41
CA ASP C 75 -8.57 -20.23 -57.27
C ASP C 75 -7.11 -20.15 -57.72
N TYR C 76 -6.47 -19.00 -57.48
CA TYR C 76 -5.10 -18.78 -57.84
C TYR C 76 -4.34 -18.11 -56.71
N TYR C 77 -3.02 -18.03 -56.85
CA TYR C 77 -2.16 -17.21 -56.05
C TYR C 77 -1.02 -16.69 -56.93
N LEU C 78 -0.34 -15.63 -56.47
CA LEU C 78 0.84 -15.07 -57.13
C LEU C 78 2.09 -15.68 -56.51
N ARG C 79 3.11 -15.96 -57.33
CA ARG C 79 4.44 -16.43 -56.87
C ARG C 79 5.54 -15.56 -57.43
N LEU C 80 6.56 -15.33 -56.60
CA LEU C 80 7.76 -14.58 -56.98
C LEU C 80 8.97 -15.20 -56.26
N GLU C 81 9.81 -15.93 -57.01
CA GLU C 81 10.88 -16.73 -56.45
C GLU C 81 10.28 -17.50 -55.26
N HIS C 82 10.83 -17.32 -54.06
CA HIS C 82 10.44 -18.06 -52.87
C HIS C 82 9.05 -17.64 -52.35
N THR C 83 8.76 -16.33 -52.39
CA THR C 83 7.57 -15.75 -51.75
C THR C 83 6.33 -15.97 -52.62
N HIS C 84 5.18 -16.29 -52.00
CA HIS C 84 3.91 -16.31 -52.71
C HIS C 84 2.74 -15.73 -51.89
N SER C 85 1.74 -15.25 -52.63
CA SER C 85 0.57 -14.56 -52.11
C SER C 85 -0.41 -15.55 -51.48
N ALA C 86 -1.36 -15.00 -50.71
CA ALA C 86 -2.45 -15.75 -50.20
C ALA C 86 -3.32 -16.17 -51.38
N THR C 87 -3.97 -17.33 -51.24
CA THR C 87 -4.91 -17.79 -52.24
C THR C 87 -6.09 -16.82 -52.33
N PHE C 88 -6.56 -16.58 -53.56
CA PHE C 88 -7.71 -15.78 -53.83
C PHE C 88 -8.53 -16.45 -54.94
N THR C 89 -9.74 -15.96 -55.17
CA THR C 89 -10.70 -16.57 -56.06
C THR C 89 -11.12 -15.56 -57.13
N ILE C 90 -11.24 -16.04 -58.37
CA ILE C 90 -11.80 -15.27 -59.45
C ILE C 90 -13.13 -15.91 -59.83
N ALA C 91 -14.22 -15.13 -59.68
CA ALA C 91 -15.57 -15.58 -59.97
C ALA C 91 -16.46 -14.35 -60.14
N ARG C 92 -17.72 -14.59 -60.55
CA ARG C 92 -18.74 -13.54 -60.67
C ARG C 92 -19.27 -13.25 -59.27
N GLY C 93 -19.48 -11.96 -58.98
CA GLY C 93 -20.03 -11.48 -57.67
C GLY C 93 -19.37 -12.17 -56.48
N VAL C 94 -18.04 -12.15 -56.44
CA VAL C 94 -17.25 -13.00 -55.54
C VAL C 94 -17.46 -12.57 -54.09
N LEU C 95 -17.43 -11.25 -53.86
CA LEU C 95 -17.43 -10.70 -52.50
C LEU C 95 -18.80 -10.90 -51.88
N MET C 96 -19.83 -10.61 -52.69
CA MET C 96 -21.23 -10.74 -52.30
C MET C 96 -21.51 -12.17 -51.84
N GLN C 97 -21.23 -13.17 -52.69
CA GLN C 97 -21.67 -14.56 -52.40
C GLN C 97 -20.74 -15.19 -51.34
N ARG C 98 -19.57 -14.60 -51.08
CA ARG C 98 -18.65 -15.06 -50.04
C ARG C 98 -18.88 -14.55 -48.63
N THR C 99 -19.38 -13.31 -48.53
CA THR C 99 -19.36 -12.56 -47.26
C THR C 99 -20.77 -12.16 -46.80
N PHE C 100 -21.63 -11.73 -47.73
CA PHE C 100 -22.96 -11.18 -47.43
C PHE C 100 -23.62 -11.88 -46.24
N SER C 101 -23.69 -13.22 -46.27
CA SER C 101 -24.31 -13.98 -45.18
C SER C 101 -23.69 -13.60 -43.83
N ASP C 102 -22.36 -13.61 -43.78
CA ASP C 102 -21.61 -13.47 -42.55
C ASP C 102 -21.75 -12.05 -41.99
N VAL C 103 -21.81 -11.05 -42.88
CA VAL C 103 -21.96 -9.65 -42.51
C VAL C 103 -23.31 -9.47 -41.82
N LEU C 104 -24.32 -10.16 -42.34
CA LEU C 104 -25.67 -10.08 -41.82
C LEU C 104 -25.72 -10.82 -40.47
N HIS C 105 -25.11 -11.99 -40.39
CA HIS C 105 -25.01 -12.70 -39.10
C HIS C 105 -24.40 -11.76 -38.05
N TYR C 106 -23.32 -11.07 -38.40
CA TYR C 106 -22.65 -10.08 -37.53
C TYR C 106 -23.72 -9.16 -36.95
N PHE C 107 -24.55 -8.57 -37.83
CA PHE C 107 -25.54 -7.62 -37.38
C PHE C 107 -26.48 -8.29 -36.37
N LYS C 108 -26.92 -9.51 -36.66
CA LYS C 108 -27.82 -10.21 -35.77
C LYS C 108 -27.09 -10.56 -34.45
N SER C 109 -25.76 -10.73 -34.53
CA SER C 109 -24.94 -11.03 -33.36
C SER C 109 -24.81 -9.80 -32.45
N GLN C 110 -24.89 -8.61 -33.05
CA GLN C 110 -24.69 -7.35 -32.34
C GLN C 110 -26.03 -6.67 -31.98
N ARG C 111 -27.17 -7.34 -32.19
CA ARG C 111 -28.46 -6.79 -31.75
C ARG C 111 -28.43 -6.59 -30.26
N CYS C 112 -28.92 -5.42 -29.82
CA CYS C 112 -29.05 -5.11 -28.38
C CYS C 112 -29.93 -6.17 -27.72
N SER C 113 -29.44 -6.76 -26.63
CA SER C 113 -30.09 -7.92 -26.04
C SER C 113 -29.86 -7.99 -24.53
N GLY C 114 -30.48 -9.02 -23.92
CA GLY C 114 -30.34 -9.37 -22.51
C GLY C 114 -30.60 -8.21 -21.57
N GLN C 115 -29.79 -8.15 -20.49
CA GLN C 115 -29.81 -7.14 -19.44
C GLN C 115 -29.95 -5.72 -20.02
N PHE C 116 -29.11 -5.41 -21.01
CA PHE C 116 -29.00 -4.09 -21.61
C PHE C 116 -30.32 -3.71 -22.28
N ASP C 117 -30.90 -4.62 -23.06
CA ASP C 117 -32.11 -4.32 -23.80
C ASP C 117 -33.31 -4.27 -22.84
N GLN C 118 -33.27 -5.05 -21.76
CA GLN C 118 -34.32 -5.01 -20.74
C GLN C 118 -34.37 -3.57 -20.20
N GLN C 119 -33.20 -3.07 -19.82
CA GLN C 119 -33.04 -1.76 -19.23
C GLN C 119 -33.43 -0.65 -20.21
N ASP C 120 -33.19 -0.86 -21.51
CA ASP C 120 -33.44 0.15 -22.55
C ASP C 120 -34.94 0.36 -22.75
N LYS C 121 -35.78 -0.37 -22.00
CA LYS C 121 -37.23 -0.16 -21.99
C LYS C 121 -37.60 1.03 -21.11
N GLN C 122 -36.71 1.40 -20.19
CA GLN C 122 -36.94 2.48 -19.23
C GLN C 122 -35.63 3.27 -19.08
N VAL C 123 -35.35 4.14 -20.06
CA VAL C 123 -34.08 4.91 -20.12
C VAL C 123 -34.31 6.37 -19.70
N PRO C 124 -33.57 6.85 -18.68
CA PRO C 124 -33.59 8.25 -18.29
C PRO C 124 -33.20 9.21 -19.42
N LEU C 125 -33.98 10.27 -19.62
CA LEU C 125 -33.57 11.42 -20.45
C LEU C 125 -32.84 12.42 -19.54
N LEU C 126 -31.58 12.70 -19.86
CA LEU C 126 -30.69 13.45 -19.01
C LEU C 126 -31.33 14.77 -18.60
N SER C 127 -31.27 15.07 -17.30
CA SER C 127 -31.63 16.38 -16.74
C SER C 127 -33.14 16.46 -16.49
N THR C 128 -33.89 15.48 -16.95
CA THR C 128 -35.32 15.38 -16.66
C THR C 128 -35.51 14.20 -15.73
N SER C 129 -36.76 13.94 -15.34
CA SER C 129 -37.09 12.69 -14.68
C SER C 129 -38.11 11.97 -15.55
N THR C 130 -37.73 11.77 -16.81
CA THR C 130 -38.55 11.09 -17.80
C THR C 130 -37.85 9.80 -18.22
N THR C 131 -38.63 8.92 -18.83
CA THR C 131 -38.24 7.65 -19.34
C THR C 131 -38.66 7.59 -20.81
N ALA C 132 -37.92 6.80 -21.60
CA ALA C 132 -38.31 6.42 -22.95
C ALA C 132 -38.06 4.93 -23.15
N ASP C 133 -38.91 4.30 -23.97
CA ASP C 133 -38.74 2.92 -24.38
C ASP C 133 -38.02 2.93 -25.73
N VAL C 134 -36.74 2.55 -25.70
CA VAL C 134 -35.86 2.61 -26.83
C VAL C 134 -35.10 1.29 -26.93
N HIS C 135 -35.77 0.19 -26.59
CA HIS C 135 -35.20 -1.15 -26.75
C HIS C 135 -35.04 -1.45 -28.25
N GLY C 136 -34.17 -2.39 -28.58
CA GLY C 136 -33.88 -2.76 -29.96
C GLY C 136 -32.56 -2.17 -30.41
N GLY C 137 -32.34 -2.14 -31.73
CA GLY C 137 -31.12 -1.60 -32.33
C GLY C 137 -29.89 -2.48 -32.11
N TRP C 138 -28.73 -1.98 -32.54
CA TRP C 138 -27.48 -2.71 -32.44
C TRP C 138 -26.51 -1.95 -31.52
N TYR C 139 -25.81 -2.71 -30.67
CA TYR C 139 -24.58 -2.26 -30.02
C TYR C 139 -23.64 -1.68 -31.08
N ASP C 140 -22.97 -0.58 -30.73
CA ASP C 140 -22.30 0.25 -31.72
C ASP C 140 -20.94 -0.32 -32.10
N ALA C 141 -20.25 -1.00 -31.17
CA ALA C 141 -18.85 -1.36 -31.34
C ALA C 141 -18.44 -2.53 -30.45
N SER C 142 -17.26 -3.09 -30.71
CA SER C 142 -16.73 -4.26 -30.01
C SER C 142 -16.72 -4.01 -28.51
N GLY C 143 -16.37 -2.77 -28.16
CA GLY C 143 -16.33 -2.31 -26.78
C GLY C 143 -17.17 -1.06 -26.57
N ASP C 144 -18.46 -1.14 -26.94
CA ASP C 144 -19.44 -0.13 -26.62
C ASP C 144 -20.82 -0.69 -26.85
N VAL C 145 -21.59 -0.86 -25.76
CA VAL C 145 -22.97 -1.37 -25.84
C VAL C 145 -23.95 -0.17 -25.86
N SER C 146 -23.41 1.04 -26.06
CA SER C 146 -24.18 2.23 -26.31
C SER C 146 -24.74 2.17 -27.75
N LYS C 147 -25.81 2.92 -27.99
CA LYS C 147 -26.51 2.90 -29.28
C LYS C 147 -26.67 4.33 -29.75
N TYR C 148 -26.39 4.55 -31.04
CA TYR C 148 -26.19 5.89 -31.57
C TYR C 148 -27.05 6.14 -32.82
N LEU C 149 -27.53 7.38 -32.94
CA LEU C 149 -27.87 7.97 -34.24
C LEU C 149 -26.60 8.61 -34.83
N SER C 150 -25.89 9.37 -33.98
CA SER C 150 -24.60 9.97 -34.32
C SER C 150 -23.87 10.31 -33.02
N HIS C 151 -22.59 10.69 -33.14
CA HIS C 151 -21.87 11.36 -32.05
C HIS C 151 -20.85 12.33 -32.67
N LEU C 152 -19.94 12.87 -31.85
CA LEU C 152 -19.01 13.94 -32.24
C LEU C 152 -19.80 15.15 -32.76
N SER C 153 -20.97 15.37 -32.15
CA SER C 153 -21.90 16.38 -32.61
C SER C 153 -21.28 17.76 -32.42
N TYR C 154 -20.46 17.84 -31.36
CA TYR C 154 -19.83 19.05 -30.88
C TYR C 154 -18.76 19.54 -31.85
N ALA C 155 -18.11 18.62 -32.58
CA ALA C 155 -17.09 19.01 -33.55
C ALA C 155 -17.74 19.57 -34.82
N ASN C 156 -19.00 19.19 -35.08
CA ASN C 156 -19.88 19.83 -36.09
C ASN C 156 -19.65 19.26 -37.48
N TYR C 157 -18.38 19.15 -37.90
CA TYR C 157 -18.03 18.73 -39.25
C TYR C 157 -17.73 17.23 -39.29
N LEU C 158 -17.95 16.49 -38.19
CA LEU C 158 -17.47 15.10 -38.08
C LEU C 158 -18.63 14.11 -37.95
N ASN C 159 -19.80 14.57 -37.48
CA ASN C 159 -20.97 13.73 -37.23
C ASN C 159 -21.01 12.59 -38.25
N PRO C 160 -20.81 11.33 -37.83
CA PRO C 160 -21.05 10.17 -38.68
C PRO C 160 -22.48 9.65 -38.50
N GLN C 161 -23.09 9.13 -39.57
CA GLN C 161 -24.38 8.46 -39.49
C GLN C 161 -24.11 7.03 -39.05
N GLN C 162 -24.86 6.58 -38.02
CA GLN C 162 -24.68 5.30 -37.35
C GLN C 162 -25.96 4.47 -37.51
N THR C 163 -26.73 4.24 -36.45
CA THR C 163 -27.85 3.25 -36.52
C THR C 163 -28.72 3.52 -37.75
N PRO C 164 -29.14 4.76 -38.04
CA PRO C 164 -29.92 5.05 -39.24
C PRO C 164 -29.29 4.59 -40.56
N LEU C 165 -27.98 4.78 -40.67
CA LEU C 165 -27.24 4.42 -41.88
C LEU C 165 -27.37 2.91 -42.13
N VAL C 166 -27.17 2.13 -41.07
CA VAL C 166 -27.34 0.71 -41.14
C VAL C 166 -28.68 0.42 -41.83
N VAL C 167 -29.77 0.93 -41.23
CA VAL C 167 -31.11 0.66 -41.70
C VAL C 167 -31.22 1.06 -43.17
N TRP C 168 -30.88 2.32 -43.47
CA TRP C 168 -31.05 2.83 -44.82
C TRP C 168 -30.24 2.01 -45.83
N ASN C 169 -28.98 1.69 -45.49
CA ASN C 169 -28.09 0.91 -46.39
C ASN C 169 -28.76 -0.42 -46.75
N MET C 170 -29.28 -1.11 -45.73
CA MET C 170 -29.95 -2.38 -45.89
C MET C 170 -31.16 -2.23 -46.81
N LEU C 171 -32.01 -1.24 -46.53
CA LEU C 171 -33.20 -1.00 -47.34
C LEU C 171 -32.79 -0.72 -48.78
N LYS C 172 -31.71 0.06 -48.94
CA LYS C 172 -31.18 0.41 -50.24
C LYS C 172 -30.64 -0.83 -50.95
N GLY C 173 -30.11 -1.79 -50.18
CA GLY C 173 -29.68 -3.09 -50.71
C GLY C 173 -30.87 -3.86 -51.29
N LEU C 174 -31.89 -4.08 -50.46
CA LEU C 174 -33.14 -4.72 -50.84
C LEU C 174 -33.68 -4.10 -52.13
N ALA C 175 -33.60 -2.78 -52.22
CA ALA C 175 -34.06 -2.01 -53.36
C ALA C 175 -33.37 -2.46 -54.65
N VAL C 176 -32.03 -2.56 -54.63
CA VAL C 176 -31.29 -2.83 -55.87
C VAL C 176 -31.44 -4.29 -56.26
N LEU C 177 -31.79 -5.16 -55.29
CA LEU C 177 -31.81 -6.60 -55.52
C LEU C 177 -33.24 -7.16 -55.56
N GLN C 178 -34.24 -6.33 -55.28
CA GLN C 178 -35.60 -6.67 -55.66
C GLN C 178 -35.56 -6.89 -57.18
N HIS C 179 -36.08 -8.03 -57.65
CA HIS C 179 -36.13 -8.39 -59.08
C HIS C 179 -34.87 -9.18 -59.51
N HIS C 180 -33.77 -9.03 -58.77
CA HIS C 180 -32.56 -9.77 -59.07
C HIS C 180 -32.70 -11.22 -58.59
N SER C 181 -32.83 -12.14 -59.55
CA SER C 181 -33.15 -13.55 -59.32
C SER C 181 -31.94 -14.31 -58.72
N GLY C 182 -30.74 -13.73 -58.84
CA GLY C 182 -29.52 -14.27 -58.25
C GLY C 182 -29.38 -14.01 -56.76
N PHE C 183 -30.35 -13.32 -56.17
CA PHE C 183 -30.37 -13.05 -54.73
C PHE C 183 -31.44 -13.94 -54.09
N ALA C 184 -30.99 -14.93 -53.30
CA ALA C 184 -31.86 -16.00 -52.78
C ALA C 184 -32.99 -15.43 -51.91
N SER C 185 -34.13 -16.13 -51.92
CA SER C 185 -35.36 -15.70 -51.26
C SER C 185 -35.15 -15.59 -49.75
N PHE C 186 -34.51 -16.60 -49.17
CA PHE C 186 -34.21 -16.57 -47.73
C PHE C 186 -33.29 -15.38 -47.44
N SER C 187 -32.35 -15.11 -48.36
CA SER C 187 -31.40 -14.03 -48.21
C SER C 187 -32.11 -12.67 -48.24
N ARG C 188 -33.16 -12.55 -49.05
CA ARG C 188 -33.98 -11.35 -49.06
C ARG C 188 -34.71 -11.21 -47.73
N THR C 189 -35.21 -12.34 -47.21
CA THR C 189 -35.97 -12.37 -45.94
C THR C 189 -35.09 -11.89 -44.79
N ARG C 190 -33.83 -12.32 -44.77
CA ARG C 190 -32.92 -12.00 -43.71
C ARG C 190 -32.63 -10.50 -43.70
N LEU C 191 -32.54 -9.91 -44.89
CA LEU C 191 -32.21 -8.51 -45.02
C LEU C 191 -33.42 -7.65 -44.58
N LYS C 192 -34.64 -8.06 -44.95
CA LYS C 192 -35.83 -7.36 -44.45
C LYS C 192 -35.87 -7.44 -42.92
N ASP C 193 -35.74 -8.66 -42.40
CA ASP C 193 -35.81 -8.95 -40.96
C ASP C 193 -34.95 -7.94 -40.21
N GLU C 194 -33.69 -7.81 -40.65
CA GLU C 194 -32.69 -6.97 -39.99
C GLU C 194 -33.04 -5.48 -40.17
N ALA C 195 -33.38 -5.09 -41.40
CA ALA C 195 -33.73 -3.72 -41.72
C ALA C 195 -34.94 -3.27 -40.88
N LEU C 196 -35.96 -4.12 -40.77
CA LEU C 196 -37.20 -3.73 -40.08
C LEU C 196 -36.98 -3.72 -38.56
N PHE C 197 -36.10 -4.59 -38.07
CA PHE C 197 -35.63 -4.53 -36.69
C PHE C 197 -35.08 -3.13 -36.39
N GLY C 198 -34.30 -2.59 -37.33
CA GLY C 198 -33.70 -1.29 -37.21
C GLY C 198 -34.74 -0.18 -37.26
N ALA C 199 -35.64 -0.26 -38.26
CA ALA C 199 -36.71 0.71 -38.46
C ALA C 199 -37.50 0.88 -37.15
N ASP C 200 -37.84 -0.25 -36.52
CA ASP C 200 -38.58 -0.24 -35.26
C ASP C 200 -37.86 0.62 -34.23
N PHE C 201 -36.54 0.41 -34.12
CA PHE C 201 -35.74 1.13 -33.16
C PHE C 201 -35.76 2.63 -33.49
N LEU C 202 -35.55 3.00 -34.76
CA LEU C 202 -35.59 4.38 -35.16
C LEU C 202 -36.94 5.01 -34.79
N ARG C 203 -38.02 4.25 -34.99
CA ARG C 203 -39.36 4.72 -34.62
C ARG C 203 -39.48 4.95 -33.11
N ARG C 204 -38.88 4.05 -32.31
CA ARG C 204 -38.84 4.17 -30.86
C ARG C 204 -37.97 5.33 -30.38
N MET C 205 -37.02 5.76 -31.21
CA MET C 205 -36.05 6.79 -30.84
C MET C 205 -36.63 8.19 -31.04
N GLN C 206 -37.85 8.29 -31.59
CA GLN C 206 -38.50 9.58 -31.80
C GLN C 206 -39.40 9.95 -30.63
N ASN C 207 -38.97 10.91 -29.81
CA ASN C 207 -39.79 11.63 -28.83
C ASN C 207 -41.01 12.20 -29.56
N SER C 208 -42.13 12.27 -28.83
CA SER C 208 -43.44 12.61 -29.39
C SER C 208 -43.43 13.99 -30.07
N GLU C 209 -42.62 14.92 -29.55
CA GLU C 209 -42.61 16.29 -30.08
C GLU C 209 -42.11 16.33 -31.52
N GLY C 210 -41.29 15.34 -31.93
CA GLY C 210 -40.91 15.11 -33.35
C GLY C 210 -39.41 14.92 -33.57
N PHE C 211 -38.60 15.27 -32.56
CA PHE C 211 -37.15 15.09 -32.66
C PHE C 211 -36.82 13.63 -32.33
N PHE C 212 -35.59 13.21 -32.67
CA PHE C 212 -35.09 11.87 -32.36
C PHE C 212 -33.97 11.97 -31.32
N TYR C 213 -33.93 11.03 -30.37
CA TYR C 213 -32.83 10.96 -29.39
C TYR C 213 -31.54 10.59 -30.14
N MET C 214 -30.44 11.23 -29.77
CA MET C 214 -29.19 11.19 -30.53
C MET C 214 -28.38 9.96 -30.13
N THR C 215 -28.38 9.64 -28.84
CA THR C 215 -27.50 8.63 -28.27
C THR C 215 -28.20 7.96 -27.08
N VAL C 216 -27.81 6.72 -26.81
CA VAL C 216 -28.10 6.02 -25.58
C VAL C 216 -26.75 5.56 -25.04
N PHE C 217 -26.18 6.38 -24.16
CA PHE C 217 -24.76 6.37 -23.84
C PHE C 217 -24.57 5.92 -22.39
N ASP C 218 -23.55 5.06 -22.20
CA ASP C 218 -23.27 4.44 -20.92
C ASP C 218 -21.87 4.80 -20.47
N LYS C 219 -21.25 5.79 -21.14
CA LYS C 219 -19.92 6.28 -20.78
C LYS C 219 -18.91 5.14 -20.90
N TRP C 220 -19.24 4.12 -21.72
CA TRP C 220 -18.41 2.92 -21.97
C TRP C 220 -18.30 2.04 -20.72
N SER C 221 -19.24 2.17 -19.78
CA SER C 221 -19.12 1.53 -18.48
C SER C 221 -19.49 0.05 -18.56
N LYS C 222 -20.33 -0.29 -19.55
CA LYS C 222 -21.02 -1.58 -19.65
C LYS C 222 -21.91 -1.78 -18.41
N ASP C 223 -22.31 -0.66 -17.79
CA ASP C 223 -23.29 -0.65 -16.72
C ASP C 223 -24.67 -0.46 -17.34
N THR C 224 -25.65 -1.19 -16.80
CA THR C 224 -27.03 -1.15 -17.23
C THR C 224 -27.61 0.18 -16.74
N LYS C 225 -27.23 0.52 -15.50
CA LYS C 225 -27.85 1.58 -14.76
C LYS C 225 -27.28 2.93 -15.21
N GLN C 226 -26.28 2.95 -16.10
CA GLN C 226 -25.70 4.20 -16.56
C GLN C 226 -26.22 4.57 -17.96
N ARG C 227 -27.27 3.90 -18.41
CA ARG C 227 -27.70 4.09 -19.78
C ARG C 227 -28.63 5.27 -19.76
N GLU C 228 -28.24 6.34 -20.47
CA GLU C 228 -28.96 7.61 -20.46
C GLU C 228 -29.05 8.15 -21.88
N ILE C 229 -30.23 8.69 -22.21
CA ILE C 229 -30.42 9.43 -23.43
C ILE C 229 -29.72 10.79 -23.26
N CYS C 230 -28.76 11.06 -24.12
CA CYS C 230 -27.97 12.27 -24.05
C CYS C 230 -27.16 12.45 -25.33
N ALA C 231 -26.38 13.54 -25.35
CA ALA C 231 -25.20 13.69 -26.19
C ALA C 231 -23.97 13.55 -25.29
N TYR C 232 -22.78 13.64 -25.88
CA TYR C 232 -21.55 13.75 -25.11
C TYR C 232 -20.42 14.35 -25.94
N ALA C 233 -19.34 14.72 -25.25
CA ALA C 233 -18.22 15.39 -25.88
C ALA C 233 -16.90 14.91 -25.26
N THR C 234 -15.81 15.11 -26.01
CA THR C 234 -14.45 14.69 -25.67
C THR C 234 -14.34 13.16 -25.56
N GLN C 235 -13.13 12.70 -25.25
CA GLN C 235 -12.83 11.30 -25.09
C GLN C 235 -13.29 10.80 -23.71
N GLN C 236 -13.59 11.71 -22.77
CA GLN C 236 -14.03 11.33 -21.41
C GLN C 236 -15.55 11.26 -21.35
N GLY C 237 -16.22 11.55 -22.47
CA GLY C 237 -17.64 11.26 -22.68
C GLY C 237 -18.55 12.03 -21.74
N HIS C 238 -18.28 13.34 -21.62
CA HIS C 238 -19.03 14.21 -20.75
C HIS C 238 -20.46 14.37 -21.27
N LYS C 239 -21.44 13.85 -20.52
CA LYS C 239 -22.83 13.79 -20.97
C LYS C 239 -23.50 15.17 -20.86
N SER C 240 -24.46 15.43 -21.74
CA SER C 240 -25.14 16.72 -21.85
C SER C 240 -26.55 16.52 -22.43
N ASP C 241 -27.47 17.45 -22.13
CA ASP C 241 -28.89 17.21 -22.40
C ASP C 241 -29.30 17.76 -23.77
N ASP C 242 -28.32 17.95 -24.67
CA ASP C 242 -28.57 18.37 -26.07
C ASP C 242 -28.77 17.14 -26.94
N TYR C 243 -29.79 16.34 -26.57
CA TYR C 243 -30.02 15.01 -27.13
C TYR C 243 -30.96 15.10 -28.36
N GLN C 244 -31.36 16.32 -28.73
CA GLN C 244 -32.12 16.52 -29.94
C GLN C 244 -31.14 16.38 -31.12
N ALA C 245 -31.47 15.42 -31.99
CA ALA C 245 -30.71 15.11 -33.18
C ALA C 245 -31.21 15.98 -34.35
N GLY C 246 -30.35 16.91 -34.77
CA GLY C 246 -30.48 17.67 -36.02
C GLY C 246 -30.20 16.81 -37.24
N PHE C 247 -30.35 17.42 -38.43
CA PHE C 247 -30.21 16.73 -39.72
C PHE C 247 -28.86 16.00 -39.79
N ARG C 248 -27.77 16.73 -39.50
CA ARG C 248 -26.43 16.15 -39.52
C ARG C 248 -26.19 15.23 -38.33
N GLN C 249 -26.96 15.41 -37.25
CA GLN C 249 -26.77 14.67 -35.99
C GLN C 249 -27.50 13.32 -36.06
N GLY C 250 -27.78 12.83 -37.27
CA GLY C 250 -28.31 11.49 -37.48
C GLY C 250 -29.81 11.48 -37.66
N GLY C 251 -30.44 12.65 -37.54
CA GLY C 251 -31.89 12.79 -37.68
C GLY C 251 -32.33 12.72 -39.13
N GLY C 252 -31.53 13.31 -40.02
CA GLY C 252 -31.86 13.35 -41.42
C GLY C 252 -31.94 11.95 -41.96
N MET C 253 -30.93 11.15 -41.60
CA MET C 253 -30.82 9.78 -42.06
C MET C 253 -31.93 8.89 -41.46
N ALA C 254 -32.30 9.14 -40.20
CA ALA C 254 -33.37 8.38 -39.54
C ALA C 254 -34.70 8.58 -40.28
N ILE C 255 -34.97 9.78 -40.76
CA ILE C 255 -36.17 10.06 -41.56
C ILE C 255 -36.12 9.23 -42.85
N ALA C 256 -34.99 9.30 -43.55
CA ALA C 256 -34.81 8.63 -44.85
C ALA C 256 -35.10 7.14 -44.74
N ALA C 257 -34.64 6.51 -43.64
CA ALA C 257 -34.80 5.08 -43.41
C ALA C 257 -36.29 4.75 -43.25
N LEU C 258 -36.92 5.43 -42.29
CA LEU C 258 -38.31 5.19 -41.93
C LEU C 258 -39.23 5.38 -43.15
N ALA C 259 -38.89 6.32 -44.03
CA ALA C 259 -39.68 6.59 -45.24
C ALA C 259 -39.55 5.42 -46.23
N ALA C 260 -38.33 4.89 -46.37
CA ALA C 260 -38.06 3.76 -47.24
C ALA C 260 -38.64 2.48 -46.66
N ALA C 261 -38.66 2.38 -45.33
CA ALA C 261 -39.17 1.22 -44.59
C ALA C 261 -40.68 1.08 -44.82
N ALA C 262 -41.34 2.23 -45.02
CA ALA C 262 -42.79 2.33 -45.22
C ALA C 262 -43.20 1.69 -46.55
N ARG C 263 -42.26 1.57 -47.49
CA ARG C 263 -42.56 1.06 -48.83
C ARG C 263 -42.56 -0.46 -48.94
N LEU C 264 -42.14 -1.15 -47.88
CA LEU C 264 -42.09 -2.60 -47.88
C LEU C 264 -43.51 -3.18 -47.72
N ASP C 265 -43.73 -4.31 -48.38
CA ASP C 265 -44.97 -5.10 -48.33
C ASP C 265 -45.16 -5.69 -46.94
N THR C 266 -44.07 -6.11 -46.30
CA THR C 266 -44.08 -6.55 -44.91
C THR C 266 -43.71 -5.35 -44.02
N HIS C 267 -43.85 -5.54 -42.70
CA HIS C 267 -43.44 -4.55 -41.71
C HIS C 267 -43.06 -5.27 -40.42
N GLY C 268 -42.50 -4.52 -39.48
CA GLY C 268 -42.02 -5.07 -38.24
C GLY C 268 -43.05 -4.97 -37.14
N GLU C 269 -42.58 -4.59 -35.96
CA GLU C 269 -43.35 -4.40 -34.75
C GLU C 269 -44.19 -3.13 -34.85
N PHE C 270 -43.81 -2.24 -35.76
CA PHE C 270 -44.61 -1.08 -36.12
C PHE C 270 -45.03 -1.22 -37.60
N THR C 271 -46.12 -0.53 -37.95
CA THR C 271 -46.74 -0.64 -39.27
C THR C 271 -46.04 0.32 -40.24
N GLN C 272 -46.34 0.19 -41.55
CA GLN C 272 -45.78 1.06 -42.58
C GLN C 272 -46.24 2.50 -42.32
N ALA C 273 -47.51 2.64 -41.92
CA ALA C 273 -48.11 3.92 -41.56
C ALA C 273 -47.32 4.56 -40.41
N ASP C 274 -47.00 3.75 -39.39
CA ASP C 274 -46.25 4.17 -38.20
C ASP C 274 -44.91 4.82 -38.60
N TYR C 275 -44.18 4.13 -39.51
CA TYR C 275 -42.88 4.57 -40.01
C TYR C 275 -43.02 5.90 -40.77
N LEU C 276 -43.95 5.93 -41.73
CA LEU C 276 -44.13 7.08 -42.61
C LEU C 276 -44.45 8.32 -41.78
N GLN C 277 -45.39 8.18 -40.86
CA GLN C 277 -45.78 9.28 -39.97
C GLN C 277 -44.52 9.81 -39.26
N ALA C 278 -43.83 8.90 -38.54
CA ALA C 278 -42.63 9.25 -37.80
C ALA C 278 -41.65 10.02 -38.71
N ALA C 279 -41.60 9.63 -40.00
CA ALA C 279 -40.74 10.28 -40.98
C ALA C 279 -41.24 11.70 -41.27
N GLU C 280 -42.48 11.82 -41.76
CA GLU C 280 -43.06 13.11 -42.14
C GLU C 280 -43.00 14.07 -40.94
N ASN C 281 -43.51 13.63 -39.79
CA ASN C 281 -43.51 14.43 -38.57
C ASN C 281 -42.09 14.91 -38.25
N GLY C 282 -41.17 13.95 -38.19
CA GLY C 282 -39.80 14.20 -37.77
C GLY C 282 -39.08 15.19 -38.67
N TYR C 283 -39.50 15.25 -39.95
CA TYR C 283 -38.90 16.09 -40.96
C TYR C 283 -39.35 17.55 -40.79
N TRP C 284 -40.66 17.75 -40.69
CA TRP C 284 -41.22 19.09 -40.62
C TRP C 284 -40.86 19.74 -39.28
N HIS C 285 -40.62 18.91 -38.27
CA HIS C 285 -40.14 19.36 -36.99
C HIS C 285 -38.71 19.91 -37.13
N LEU C 286 -37.83 19.19 -37.84
CA LEU C 286 -36.44 19.63 -38.04
C LEU C 286 -36.39 20.82 -39.02
N LYS C 287 -37.35 20.87 -39.93
CA LYS C 287 -37.47 21.98 -40.87
C LYS C 287 -37.64 23.27 -40.07
N GLU C 288 -38.31 23.16 -38.92
CA GLU C 288 -38.53 24.26 -37.98
C GLU C 288 -37.29 24.46 -37.10
N HIS C 289 -36.88 23.44 -36.33
CA HIS C 289 -35.97 23.64 -35.18
C HIS C 289 -34.51 23.19 -35.40
N ASN C 290 -34.13 22.84 -36.64
CA ASN C 290 -32.80 22.23 -36.87
C ASN C 290 -31.72 23.03 -36.14
N LEU C 291 -31.71 24.34 -36.37
CA LEU C 291 -30.60 25.23 -36.01
C LEU C 291 -30.44 25.26 -34.48
N ALA C 292 -31.56 25.15 -33.76
CA ALA C 292 -31.57 25.13 -32.28
C ALA C 292 -30.83 23.89 -31.75
N TYR C 293 -30.75 22.83 -32.58
CA TYR C 293 -30.20 21.53 -32.17
C TYR C 293 -28.74 21.37 -32.60
N LEU C 294 -28.26 22.28 -33.47
CA LEU C 294 -26.89 22.28 -33.95
C LEU C 294 -25.99 23.04 -32.97
N ASN C 295 -24.90 22.39 -32.56
CA ASN C 295 -24.01 22.88 -31.52
C ASN C 295 -23.46 24.27 -31.87
N ASP C 296 -23.27 24.56 -33.16
CA ASP C 296 -22.73 25.84 -33.61
C ASP C 296 -23.79 26.68 -34.35
N GLY C 297 -25.03 26.16 -34.43
CA GLY C 297 -26.18 26.88 -34.98
C GLY C 297 -26.09 27.18 -36.48
N VAL C 298 -25.21 26.50 -37.21
CA VAL C 298 -25.08 26.68 -38.68
C VAL C 298 -25.15 25.32 -39.38
N GLU C 299 -26.06 25.18 -40.36
CA GLU C 299 -26.13 23.97 -41.19
C GLU C 299 -24.87 23.92 -42.05
N ASN C 300 -24.30 22.71 -42.19
CA ASN C 300 -23.12 22.45 -43.05
C ASN C 300 -23.47 21.33 -44.03
N ILE C 301 -22.47 20.85 -44.80
CA ILE C 301 -22.65 19.87 -45.88
C ILE C 301 -23.38 18.64 -45.35
N ILE C 302 -23.07 18.23 -44.12
CA ILE C 302 -23.56 16.97 -43.62
C ILE C 302 -25.09 17.05 -43.52
N ASP C 303 -25.60 18.16 -42.97
CA ASP C 303 -27.04 18.43 -42.92
C ASP C 303 -27.62 18.33 -44.33
N GLU C 304 -26.92 18.94 -45.30
CA GLU C 304 -27.43 19.08 -46.65
C GLU C 304 -27.57 17.68 -47.27
N TYR C 305 -26.55 16.82 -47.15
CA TYR C 305 -26.62 15.50 -47.80
C TYR C 305 -27.68 14.64 -47.07
N CYS C 306 -27.73 14.72 -45.74
CA CYS C 306 -28.67 13.93 -44.93
C CYS C 306 -30.13 14.29 -45.24
N ALA C 307 -30.42 15.59 -45.29
CA ALA C 307 -31.79 16.09 -45.48
C ALA C 307 -32.27 15.79 -46.91
N LEU C 308 -31.37 15.88 -47.89
CA LEU C 308 -31.72 15.60 -49.29
C LEU C 308 -32.24 14.17 -49.41
N LEU C 309 -31.52 13.23 -48.80
CA LEU C 309 -31.90 11.82 -48.76
C LEU C 309 -33.31 11.68 -48.17
N ALA C 310 -33.54 12.33 -47.03
CA ALA C 310 -34.82 12.27 -46.35
C ALA C 310 -35.94 12.68 -47.31
N CYS C 311 -35.73 13.80 -48.01
CA CYS C 311 -36.73 14.36 -48.93
C CYS C 311 -36.93 13.42 -50.13
N CYS C 312 -35.83 12.90 -50.68
CA CYS C 312 -35.88 12.00 -51.83
C CYS C 312 -36.66 10.72 -51.48
N GLU C 313 -36.53 10.28 -50.23
CA GLU C 313 -37.18 9.04 -49.77
C GLU C 313 -38.64 9.30 -49.44
N LEU C 314 -38.96 10.51 -48.95
CA LEU C 314 -40.34 10.86 -48.57
C LEU C 314 -41.18 11.11 -49.83
N TYR C 315 -40.56 11.66 -50.89
CA TYR C 315 -41.26 11.86 -52.15
C TYR C 315 -41.58 10.51 -52.77
N ARG C 316 -40.59 9.60 -52.79
CA ARG C 316 -40.77 8.28 -53.35
C ARG C 316 -41.95 7.55 -52.71
N THR C 317 -42.09 7.70 -51.39
CA THR C 317 -43.06 6.97 -50.61
C THR C 317 -44.47 7.58 -50.76
N THR C 318 -44.57 8.92 -50.65
CA THR C 318 -45.88 9.63 -50.57
C THR C 318 -46.33 10.20 -51.92
N GLU C 319 -45.38 10.45 -52.83
CA GLU C 319 -45.63 11.06 -54.16
C GLU C 319 -46.26 12.46 -54.02
N ASN C 320 -45.95 13.14 -52.92
CA ASN C 320 -46.52 14.44 -52.57
C ASN C 320 -45.50 15.52 -52.95
N ASP C 321 -45.86 16.38 -53.90
CA ASP C 321 -44.93 17.28 -54.61
C ASP C 321 -44.11 18.14 -53.63
N GLN C 322 -44.68 18.48 -52.47
CA GLN C 322 -43.97 19.26 -51.45
C GLN C 322 -42.52 18.78 -51.27
N TYR C 323 -42.35 17.45 -51.21
CA TYR C 323 -41.06 16.83 -50.88
C TYR C 323 -40.09 16.92 -52.06
N LEU C 324 -40.60 16.78 -53.30
CA LEU C 324 -39.75 16.94 -54.48
C LEU C 324 -39.19 18.36 -54.49
N ALA C 325 -40.02 19.33 -54.10
CA ALA C 325 -39.65 20.73 -54.02
C ALA C 325 -38.53 20.91 -52.99
N GLN C 326 -38.71 20.31 -51.82
CA GLN C 326 -37.72 20.33 -50.73
C GLN C 326 -36.40 19.67 -51.20
N ALA C 327 -36.51 18.51 -51.85
CA ALA C 327 -35.35 17.85 -52.45
C ALA C 327 -34.60 18.83 -53.37
N ARG C 328 -35.34 19.42 -54.31
CA ARG C 328 -34.79 20.35 -55.29
C ARG C 328 -33.98 21.48 -54.64
N GLU C 329 -34.48 21.99 -53.50
CA GLU C 329 -33.83 23.07 -52.73
C GLU C 329 -32.52 22.56 -52.12
N TRP C 330 -32.62 21.42 -51.40
CA TRP C 330 -31.48 20.81 -50.73
C TRP C 330 -30.40 20.46 -51.74
N ALA C 331 -30.80 19.99 -52.92
CA ALA C 331 -29.88 19.62 -53.99
C ALA C 331 -29.06 20.85 -54.42
N GLN C 332 -29.77 21.96 -54.69
CA GLN C 332 -29.16 23.23 -55.11
C GLN C 332 -28.16 23.71 -54.05
N ARG C 333 -28.55 23.59 -52.77
CA ARG C 333 -27.70 23.91 -51.61
C ARG C 333 -26.45 23.07 -51.52
N LEU C 334 -26.59 21.78 -51.83
CA LEU C 334 -25.50 20.83 -51.76
C LEU C 334 -24.54 21.09 -52.91
N ALA C 335 -25.08 21.37 -54.09
CA ALA C 335 -24.26 21.64 -55.27
C ALA C 335 -23.33 22.84 -55.02
N LYS C 336 -23.74 23.72 -54.08
CA LYS C 336 -22.96 24.89 -53.71
C LYS C 336 -21.71 24.50 -52.90
N ARG C 337 -21.71 23.29 -52.32
CA ARG C 337 -20.54 22.83 -51.57
C ARG C 337 -19.43 22.37 -52.49
N GLN C 338 -19.73 22.25 -53.79
CA GLN C 338 -18.71 21.96 -54.80
C GLN C 338 -17.90 23.23 -55.05
N CYS C 339 -16.60 23.17 -54.71
CA CYS C 339 -15.70 24.30 -54.75
C CYS C 339 -14.42 23.91 -55.47
N SER C 340 -13.84 24.90 -56.15
CA SER C 340 -12.49 24.83 -56.64
C SER C 340 -11.67 25.88 -55.92
N ASP C 341 -10.39 25.58 -55.68
CA ASP C 341 -9.46 26.52 -55.07
C ASP C 341 -8.19 26.50 -55.92
N GLU C 342 -7.10 27.06 -55.39
CA GLU C 342 -5.91 27.41 -56.15
C GLU C 342 -5.06 26.17 -56.47
N GLN C 343 -5.34 25.03 -55.82
CA GLN C 343 -4.54 23.84 -56.07
C GLN C 343 -5.39 22.57 -56.26
N ILE C 344 -6.72 22.68 -56.38
CA ILE C 344 -7.55 21.47 -56.65
C ILE C 344 -9.00 21.90 -56.96
N ALA C 345 -9.60 21.24 -57.95
CA ALA C 345 -10.91 21.61 -58.48
C ALA C 345 -11.97 20.58 -58.05
N HIS C 346 -13.15 21.11 -57.70
CA HIS C 346 -14.39 20.35 -57.49
C HIS C 346 -14.31 19.44 -56.25
N TYR C 347 -13.50 19.83 -55.28
CA TYR C 347 -13.49 19.21 -53.95
C TYR C 347 -14.80 19.56 -53.23
N TRP C 348 -15.12 18.78 -52.19
CA TRP C 348 -16.28 19.04 -51.38
C TRP C 348 -15.87 19.91 -50.19
N SER C 349 -16.62 20.99 -49.96
CA SER C 349 -16.36 21.88 -48.84
C SER C 349 -17.40 21.65 -47.74
N ALA C 350 -16.91 21.57 -46.50
CA ALA C 350 -17.74 21.55 -45.30
C ALA C 350 -18.41 22.92 -45.13
N THR C 351 -17.57 23.94 -44.89
CA THR C 351 -17.97 25.33 -44.75
C THR C 351 -18.38 25.87 -46.12
N SER C 352 -19.15 26.97 -46.14
CA SER C 352 -19.73 27.51 -47.37
C SER C 352 -18.72 28.39 -48.13
N ASN C 353 -17.67 28.85 -47.46
CA ASN C 353 -16.65 29.69 -48.11
C ASN C 353 -15.63 28.83 -48.87
N GLY C 354 -15.57 27.53 -48.57
CA GLY C 354 -14.59 26.62 -49.19
C GLY C 354 -13.29 26.53 -48.41
N GLU C 355 -13.27 27.10 -47.19
CA GLU C 355 -12.04 27.32 -46.47
C GLU C 355 -11.62 26.06 -45.71
N ARG C 356 -12.59 25.26 -45.24
CA ARG C 356 -12.35 23.90 -44.71
C ARG C 356 -13.02 22.87 -45.60
N PRO C 357 -12.26 21.95 -46.24
CA PRO C 357 -12.85 20.92 -47.07
C PRO C 357 -13.62 19.88 -46.24
N TYR C 358 -14.55 19.19 -46.91
CA TYR C 358 -15.23 18.02 -46.38
C TYR C 358 -14.29 16.82 -46.49
N PHE C 359 -14.21 16.07 -45.40
CA PHE C 359 -13.54 14.80 -45.38
C PHE C 359 -14.12 14.03 -44.21
N HIS C 360 -14.29 12.73 -44.36
CA HIS C 360 -15.07 11.93 -43.43
C HIS C 360 -14.56 10.49 -43.44
N ALA C 361 -14.33 9.93 -42.24
CA ALA C 361 -13.73 8.59 -42.11
C ALA C 361 -14.83 7.52 -42.05
N SER C 362 -15.98 7.81 -42.65
CA SER C 362 -17.17 7.04 -42.43
C SER C 362 -18.12 7.20 -43.63
N ASP C 363 -18.64 8.42 -43.85
CA ASP C 363 -19.73 8.59 -44.79
C ASP C 363 -19.29 9.41 -46.02
N ALA C 364 -18.00 9.37 -46.36
CA ALA C 364 -17.38 10.23 -47.37
C ALA C 364 -18.09 10.14 -48.73
N GLY C 365 -18.85 9.07 -48.96
CA GLY C 365 -19.53 8.86 -50.23
C GLY C 365 -20.76 9.75 -50.39
N LEU C 366 -21.50 9.96 -49.28
CA LEU C 366 -22.91 10.40 -49.28
C LEU C 366 -23.15 11.60 -50.19
N PRO C 367 -22.33 12.68 -50.18
CA PRO C 367 -22.58 13.82 -51.06
C PRO C 367 -23.07 13.37 -52.45
N VAL C 368 -22.30 12.49 -53.09
CA VAL C 368 -22.57 12.05 -54.45
C VAL C 368 -23.77 11.07 -54.44
N ILE C 369 -23.83 10.20 -53.42
CA ILE C 369 -24.89 9.21 -53.28
C ILE C 369 -26.24 9.94 -53.18
N ALA C 370 -26.30 10.98 -52.34
CA ALA C 370 -27.53 11.70 -52.07
C ALA C 370 -27.97 12.46 -53.33
N LEU C 371 -27.01 13.02 -54.07
CA LEU C 371 -27.34 13.68 -55.32
C LEU C 371 -27.87 12.65 -56.33
N CYS C 372 -27.36 11.42 -56.28
CA CYS C 372 -27.78 10.36 -57.20
C CYS C 372 -29.22 9.92 -56.90
N GLU C 373 -29.60 9.90 -55.61
CA GLU C 373 -30.98 9.60 -55.20
C GLU C 373 -31.94 10.69 -55.72
N TYR C 374 -31.46 11.94 -55.71
CA TYR C 374 -32.18 13.07 -56.28
C TYR C 374 -32.33 12.87 -57.79
N LEU C 375 -31.21 12.63 -58.48
CA LEU C 375 -31.22 12.43 -59.94
C LEU C 375 -32.20 11.30 -60.33
N ASN C 376 -32.32 10.29 -59.46
CA ASN C 376 -33.22 9.15 -59.69
C ASN C 376 -34.68 9.56 -59.77
N ILE C 377 -35.05 10.72 -59.18
CA ILE C 377 -36.44 11.13 -59.05
C ILE C 377 -36.69 12.48 -59.73
N GLU C 378 -35.67 13.06 -60.37
CA GLU C 378 -35.77 14.42 -60.92
C GLU C 378 -36.01 14.30 -62.43
N THR C 379 -37.21 14.73 -62.85
CA THR C 379 -37.71 14.52 -64.19
C THR C 379 -37.46 15.78 -65.04
N ASP C 380 -37.35 16.96 -64.40
CA ASP C 380 -37.04 18.21 -65.10
C ASP C 380 -35.57 18.18 -65.55
N THR C 381 -35.35 18.26 -66.86
CA THR C 381 -34.06 17.87 -67.48
C THR C 381 -33.00 18.97 -67.32
N ALA C 382 -33.43 20.21 -67.02
CA ALA C 382 -32.52 21.30 -66.72
C ALA C 382 -31.82 21.03 -65.38
N ASN C 383 -32.64 20.80 -64.34
CA ASN C 383 -32.19 20.45 -62.99
C ASN C 383 -31.31 19.21 -63.03
N TYR C 384 -31.76 18.19 -63.78
CA TYR C 384 -31.05 16.93 -63.90
C TYR C 384 -29.64 17.17 -64.45
N ALA C 385 -29.57 17.81 -65.62
CA ALA C 385 -28.31 17.98 -66.35
C ALA C 385 -27.33 18.87 -65.56
N GLN C 386 -27.85 19.79 -64.74
CA GLN C 386 -27.00 20.62 -63.85
C GLN C 386 -26.28 19.73 -62.83
N LEU C 387 -27.07 19.02 -62.02
CA LEU C 387 -26.58 18.27 -60.87
C LEU C 387 -25.97 16.94 -61.32
N GLN C 388 -26.29 16.51 -62.55
CA GLN C 388 -25.57 15.45 -63.26
C GLN C 388 -24.09 15.84 -63.33
N ARG C 389 -23.83 17.07 -63.83
CA ARG C 389 -22.47 17.59 -64.00
C ARG C 389 -21.72 17.77 -62.67
N VAL C 390 -22.46 18.02 -61.58
CA VAL C 390 -21.86 18.11 -60.25
C VAL C 390 -21.34 16.72 -59.86
N VAL C 391 -22.19 15.71 -60.02
CA VAL C 391 -21.87 14.32 -59.70
C VAL C 391 -20.68 13.87 -60.54
N GLU C 392 -20.68 14.25 -61.82
CA GLU C 392 -19.59 13.93 -62.76
C GLU C 392 -18.27 14.56 -62.28
N GLN C 393 -18.33 15.83 -61.88
CA GLN C 393 -17.13 16.58 -61.53
C GLN C 393 -16.56 16.07 -60.20
N ALA C 394 -17.46 15.75 -59.26
CA ALA C 394 -17.09 15.24 -57.95
C ALA C 394 -16.36 13.89 -58.08
N CYS C 395 -16.76 13.08 -59.04
CA CYS C 395 -16.10 11.78 -59.29
C CYS C 395 -14.75 11.99 -59.99
N GLN C 396 -14.71 12.95 -60.91
CA GLN C 396 -13.47 13.32 -61.60
C GLN C 396 -12.43 13.73 -60.56
N PHE C 397 -12.90 14.45 -59.53
CA PHE C 397 -12.09 14.90 -58.39
C PHE C 397 -11.51 13.69 -57.65
N GLU C 398 -12.38 12.75 -57.26
CA GLU C 398 -12.00 11.58 -56.45
C GLU C 398 -10.88 10.82 -57.15
N LEU C 399 -10.96 10.79 -58.49
CA LEU C 399 -9.99 10.11 -59.31
C LEU C 399 -8.70 10.93 -59.40
N ALA C 400 -8.88 12.22 -59.71
CA ALA C 400 -7.76 13.15 -59.89
C ALA C 400 -6.85 13.13 -58.65
N ILE C 401 -7.44 13.40 -57.49
CA ILE C 401 -6.72 13.53 -56.22
C ILE C 401 -6.00 12.21 -55.87
N THR C 402 -6.63 11.08 -56.18
CA THR C 402 -6.14 9.78 -55.74
C THR C 402 -4.98 9.32 -56.64
N GLN C 403 -4.87 9.93 -57.84
CA GLN C 403 -3.84 9.58 -58.84
C GLN C 403 -2.83 10.74 -59.00
N GLN C 404 -2.71 11.61 -57.99
CA GLN C 404 -1.86 12.79 -58.10
C GLN C 404 -0.47 12.52 -57.50
N VAL C 405 -0.31 11.42 -56.78
CA VAL C 405 0.98 10.99 -56.24
C VAL C 405 1.12 9.48 -56.48
N SER C 406 2.32 8.95 -56.18
CA SER C 406 2.60 7.53 -56.30
C SER C 406 1.60 6.81 -55.41
N ASN C 407 0.71 6.02 -56.02
CA ASN C 407 -0.37 5.34 -55.29
C ASN C 407 -0.62 3.95 -55.87
N PRO C 408 0.27 2.97 -55.60
CA PRO C 408 0.12 1.63 -56.15
C PRO C 408 -1.14 0.93 -55.60
N PHE C 409 -1.51 1.24 -54.35
CA PHE C 409 -2.56 0.55 -53.63
C PHE C 409 -3.96 1.03 -54.05
N GLY C 410 -3.99 2.17 -54.75
CA GLY C 410 -5.20 2.76 -55.31
C GLY C 410 -6.08 3.41 -54.25
N TYR C 411 -5.52 3.61 -53.05
CA TYR C 411 -6.25 4.05 -51.86
C TYR C 411 -6.84 5.42 -52.13
N PRO C 412 -8.18 5.56 -52.08
CA PRO C 412 -8.84 6.83 -52.34
C PRO C 412 -8.27 7.93 -51.44
N ARG C 413 -7.75 9.00 -52.05
CA ARG C 413 -7.18 10.12 -51.35
C ARG C 413 -8.27 11.18 -51.16
N GLN C 414 -7.97 12.22 -50.38
CA GLN C 414 -8.97 13.17 -49.89
C GLN C 414 -8.31 14.50 -49.53
N TYR C 415 -9.11 15.56 -49.56
CA TYR C 415 -8.67 16.91 -49.25
C TYR C 415 -9.02 17.19 -47.79
N VAL C 416 -8.00 17.44 -46.97
CA VAL C 416 -8.15 17.56 -45.51
C VAL C 416 -7.57 18.89 -45.04
N LYS C 417 -7.86 19.24 -43.79
CA LYS C 417 -7.31 20.41 -43.11
C LYS C 417 -7.53 20.24 -41.60
N GLY C 418 -6.51 20.58 -40.81
CA GLY C 418 -6.61 20.61 -39.34
C GLY C 418 -7.08 21.97 -38.85
N VAL C 419 -7.37 22.04 -37.55
CA VAL C 419 -7.90 23.26 -36.92
C VAL C 419 -6.88 24.39 -37.15
N GLU C 420 -5.58 24.05 -37.04
CA GLU C 420 -4.51 25.04 -37.10
C GLU C 420 -3.49 24.58 -38.16
N SER C 421 -3.95 24.16 -39.34
CA SER C 421 -3.02 23.65 -40.34
C SER C 421 -3.66 23.70 -41.74
N ALA C 422 -2.78 23.64 -42.75
CA ALA C 422 -3.11 24.05 -44.11
C ALA C 422 -3.91 22.96 -44.84
N LYS C 423 -4.81 23.38 -45.72
CA LYS C 423 -5.44 22.47 -46.66
C LYS C 423 -4.33 21.71 -47.38
N ARG C 424 -4.43 20.38 -47.39
CA ARG C 424 -3.49 19.53 -48.05
C ARG C 424 -4.25 18.32 -48.56
N THR C 425 -3.78 17.73 -49.67
CA THR C 425 -4.27 16.43 -50.14
C THR C 425 -3.61 15.37 -49.26
N SER C 426 -4.31 14.25 -49.04
CA SER C 426 -3.85 13.28 -48.07
C SER C 426 -4.36 11.87 -48.41
N PHE C 427 -3.71 10.85 -47.82
CA PHE C 427 -4.26 9.53 -47.80
C PHE C 427 -5.36 9.49 -46.74
N PHE C 428 -4.98 9.74 -45.49
CA PHE C 428 -5.89 9.60 -44.36
C PHE C 428 -6.40 10.98 -43.92
N ILE C 429 -7.29 10.98 -42.91
CA ILE C 429 -7.91 12.20 -42.42
C ILE C 429 -6.89 12.98 -41.60
N ALA C 430 -7.21 14.26 -41.43
CA ALA C 430 -6.51 15.14 -40.52
C ALA C 430 -6.70 14.63 -39.10
N GLN C 431 -5.59 14.24 -38.46
CA GLN C 431 -5.62 13.73 -37.09
C GLN C 431 -5.94 14.88 -36.13
N ASP C 432 -5.57 16.10 -36.53
CA ASP C 432 -5.60 17.32 -35.72
C ASP C 432 -6.89 18.08 -36.01
N ASN C 433 -8.02 17.40 -35.85
CA ASN C 433 -9.35 17.89 -36.23
C ASN C 433 -10.06 18.47 -34.99
N GLU C 434 -11.31 18.90 -35.19
CA GLU C 434 -12.08 19.69 -34.24
C GLU C 434 -12.47 18.86 -33.01
N SER C 435 -12.47 17.53 -33.13
CA SER C 435 -12.81 16.62 -32.05
C SER C 435 -11.88 16.83 -30.84
N GLY C 436 -10.62 17.12 -31.13
CA GLY C 436 -9.60 17.23 -30.12
C GLY C 436 -8.82 15.95 -29.94
N TYR C 437 -9.33 14.84 -30.46
CA TYR C 437 -8.70 13.52 -30.23
C TYR C 437 -9.05 12.50 -31.31
N TRP C 438 -10.25 12.60 -31.90
CA TRP C 438 -10.84 11.52 -32.65
C TRP C 438 -10.24 11.39 -34.05
N TRP C 439 -9.73 10.19 -34.32
CA TRP C 439 -9.33 9.73 -35.63
C TRP C 439 -9.10 8.21 -35.52
N GLN C 440 -9.45 7.49 -36.58
CA GLN C 440 -9.42 6.03 -36.62
C GLN C 440 -9.32 5.58 -38.08
N GLY C 441 -9.44 4.27 -38.28
CA GLY C 441 -9.49 3.68 -39.60
C GLY C 441 -10.70 4.11 -40.39
N GLU C 442 -10.61 3.92 -41.72
CA GLU C 442 -11.54 4.53 -42.68
C GLU C 442 -12.27 3.45 -43.53
N ASN C 443 -12.32 2.21 -43.05
CA ASN C 443 -12.88 1.10 -43.83
C ASN C 443 -14.31 1.43 -44.26
N ALA C 444 -15.04 2.09 -43.37
CA ALA C 444 -16.36 2.61 -43.67
C ALA C 444 -16.25 3.57 -44.86
N ARG C 445 -15.39 4.57 -44.73
CA ARG C 445 -15.15 5.55 -45.78
C ARG C 445 -14.88 4.86 -47.11
N LEU C 446 -13.99 3.85 -47.10
CA LEU C 446 -13.58 3.15 -48.32
C LEU C 446 -14.81 2.53 -49.00
N ALA C 447 -15.56 1.76 -48.21
CA ALA C 447 -16.75 1.06 -48.69
C ALA C 447 -17.85 2.07 -49.08
N SER C 448 -17.90 3.20 -48.38
CA SER C 448 -18.82 4.27 -48.68
C SER C 448 -18.55 4.81 -50.08
N LEU C 449 -17.27 5.04 -50.38
CA LEU C 449 -16.83 5.55 -51.68
C LEU C 449 -17.05 4.50 -52.77
N ALA C 450 -16.69 3.25 -52.47
CA ALA C 450 -16.95 2.13 -53.38
C ALA C 450 -18.44 2.13 -53.77
N SER C 451 -19.32 2.10 -52.75
CA SER C 451 -20.76 2.15 -52.94
C SER C 451 -21.15 3.32 -53.83
N MET C 452 -20.59 4.50 -53.52
CA MET C 452 -20.87 5.72 -54.28
C MET C 452 -20.61 5.47 -55.78
N ALA C 453 -19.46 4.86 -56.10
CA ALA C 453 -19.01 4.69 -57.49
C ALA C 453 -19.98 3.77 -58.24
N TYR C 454 -20.33 2.64 -57.62
CA TYR C 454 -21.21 1.67 -58.23
C TYR C 454 -22.59 2.31 -58.48
N LEU C 455 -23.14 3.00 -57.47
CA LEU C 455 -24.51 3.52 -57.53
C LEU C 455 -24.62 4.70 -58.50
N ALA C 456 -23.50 5.35 -58.82
CA ALA C 456 -23.48 6.57 -59.64
C ALA C 456 -23.44 6.25 -61.15
N GLN C 457 -23.04 5.02 -61.51
CA GLN C 457 -22.74 4.61 -62.91
C GLN C 457 -23.93 4.89 -63.82
N PRO C 458 -25.19 4.59 -63.42
CA PRO C 458 -26.37 5.07 -64.13
C PRO C 458 -26.31 6.52 -64.65
N HIS C 459 -25.82 7.45 -63.82
CA HIS C 459 -25.83 8.89 -64.14
C HIS C 459 -24.45 9.40 -64.63
N LEU C 460 -23.53 8.50 -65.01
CA LEU C 460 -22.17 8.90 -65.41
C LEU C 460 -21.89 8.47 -66.84
N SER C 461 -21.08 9.29 -67.54
CA SER C 461 -20.51 8.95 -68.83
C SER C 461 -19.76 7.61 -68.73
N THR C 462 -19.75 6.86 -69.84
CA THR C 462 -19.02 5.59 -69.90
C THR C 462 -17.53 5.89 -70.13
N ALA C 463 -17.21 7.17 -70.36
CA ALA C 463 -15.83 7.66 -70.32
C ALA C 463 -15.21 7.46 -68.92
N ILE C 464 -15.98 7.72 -67.86
CA ILE C 464 -15.45 7.71 -66.48
C ILE C 464 -15.94 6.46 -65.73
N ALA C 465 -16.51 5.50 -66.47
CA ALA C 465 -17.06 4.27 -65.89
C ALA C 465 -15.93 3.35 -65.43
N LYS C 466 -15.06 2.95 -66.36
CA LYS C 466 -13.99 1.99 -66.09
C LYS C 466 -13.05 2.48 -64.99
N PRO C 467 -12.62 3.77 -64.99
CA PRO C 467 -11.79 4.31 -63.91
C PRO C 467 -12.38 4.11 -62.50
N LEU C 468 -13.68 4.35 -62.34
CA LEU C 468 -14.37 4.23 -61.06
C LEU C 468 -14.57 2.76 -60.69
N GLU C 469 -14.67 1.87 -61.68
CA GLU C 469 -14.69 0.41 -61.46
C GLU C 469 -13.45 -0.02 -60.67
N GLN C 470 -12.31 0.60 -61.04
CA GLN C 470 -10.99 0.30 -60.51
C GLN C 470 -10.82 0.96 -59.12
N TRP C 471 -11.16 2.24 -59.05
CA TRP C 471 -11.12 3.04 -57.83
C TRP C 471 -11.91 2.31 -56.73
N SER C 472 -13.13 1.88 -57.08
CA SER C 472 -14.04 1.26 -56.13
C SER C 472 -13.48 -0.09 -55.68
N GLN C 473 -12.90 -0.84 -56.63
CA GLN C 473 -12.33 -2.16 -56.31
C GLN C 473 -11.10 -1.98 -55.41
N ASN C 474 -10.30 -0.96 -55.70
CA ASN C 474 -9.06 -0.71 -54.99
C ASN C 474 -9.35 -0.35 -53.54
N ALA C 475 -10.50 0.32 -53.33
CA ALA C 475 -10.99 0.64 -52.00
C ALA C 475 -11.33 -0.66 -51.26
N LEU C 476 -12.15 -1.50 -51.90
CA LEU C 476 -12.61 -2.74 -51.29
C LEU C 476 -11.43 -3.69 -51.04
N ASN C 477 -10.51 -3.76 -52.00
CA ASN C 477 -9.36 -4.65 -51.92
C ASN C 477 -8.61 -4.40 -50.60
N TRP C 478 -8.45 -3.11 -50.25
CA TRP C 478 -7.74 -2.68 -49.05
C TRP C 478 -8.38 -3.27 -47.79
N ILE C 479 -9.73 -3.24 -47.75
CA ILE C 479 -10.48 -3.63 -46.58
C ILE C 479 -10.17 -5.10 -46.28
N VAL C 480 -10.07 -5.91 -47.33
CA VAL C 480 -10.00 -7.37 -47.21
C VAL C 480 -8.59 -7.92 -47.50
N GLY C 481 -7.54 -7.07 -47.44
CA GLY C 481 -6.17 -7.56 -47.23
C GLY C 481 -5.14 -7.04 -48.21
N LEU C 482 -5.54 -6.25 -49.20
CA LEU C 482 -4.58 -5.63 -50.11
C LEU C 482 -4.15 -4.30 -49.50
N ASN C 483 -3.40 -4.43 -48.41
CA ASN C 483 -2.90 -3.31 -47.62
C ASN C 483 -1.51 -3.64 -47.10
N PRO C 484 -0.68 -2.63 -46.74
CA PRO C 484 0.69 -2.87 -46.28
C PRO C 484 0.82 -3.87 -45.13
N TYR C 485 -0.23 -4.04 -44.33
CA TYR C 485 -0.20 -4.87 -43.14
C TYR C 485 -0.64 -6.31 -43.44
N ASN C 486 -0.90 -6.61 -44.72
CA ASN C 486 -1.28 -7.97 -45.19
C ASN C 486 -2.40 -8.55 -44.31
N MET C 487 -3.46 -7.75 -44.12
CA MET C 487 -4.42 -7.97 -43.08
C MET C 487 -5.83 -7.77 -43.62
N CYS C 488 -6.62 -8.85 -43.61
CA CYS C 488 -8.05 -8.76 -43.88
C CYS C 488 -8.77 -8.21 -42.63
N MET C 489 -9.45 -7.08 -42.79
CA MET C 489 -10.12 -6.39 -41.68
C MET C 489 -11.55 -6.92 -41.49
N LEU C 490 -12.06 -7.67 -42.48
CA LEU C 490 -13.32 -8.43 -42.35
C LEU C 490 -13.06 -9.72 -41.57
N ASP C 491 -13.71 -9.85 -40.41
CA ASP C 491 -13.37 -10.92 -39.49
C ASP C 491 -13.96 -12.24 -40.00
N GLY C 492 -13.16 -13.31 -39.89
CA GLY C 492 -13.53 -14.67 -40.34
C GLY C 492 -13.21 -14.91 -41.81
N HIS C 493 -12.45 -14.00 -42.40
CA HIS C 493 -12.03 -14.06 -43.79
C HIS C 493 -10.56 -13.66 -43.85
N GLY C 494 -9.92 -13.93 -44.99
CA GLY C 494 -8.53 -13.61 -45.21
C GLY C 494 -7.65 -14.01 -44.04
N HIS C 495 -6.58 -13.22 -43.82
CA HIS C 495 -5.51 -13.56 -42.91
C HIS C 495 -5.18 -12.37 -42.00
N ASN C 496 -4.72 -12.71 -40.79
CA ASN C 496 -4.23 -11.74 -39.82
C ASN C 496 -5.38 -10.88 -39.29
N ASN C 497 -6.58 -11.48 -39.16
CA ASN C 497 -7.69 -10.78 -38.61
C ASN C 497 -7.24 -10.19 -37.27
N PRO C 498 -7.44 -8.88 -37.02
CA PRO C 498 -7.13 -8.29 -35.72
C PRO C 498 -8.32 -8.45 -34.76
N ASP C 499 -8.01 -8.74 -33.49
CA ASP C 499 -8.98 -8.68 -32.41
C ASP C 499 -8.81 -7.34 -31.71
N TYR C 500 -9.69 -7.04 -30.75
CA TYR C 500 -9.67 -5.75 -30.06
C TYR C 500 -9.14 -5.94 -28.64
N LEU C 501 -10.00 -6.24 -27.68
CA LEU C 501 -9.61 -6.33 -26.26
C LEU C 501 -10.14 -7.62 -25.66
N PRO C 502 -9.66 -8.79 -26.15
CA PRO C 502 -10.13 -10.08 -25.67
C PRO C 502 -9.92 -10.29 -24.16
N HIS C 503 -8.80 -9.78 -23.62
CA HIS C 503 -8.48 -9.99 -22.20
C HIS C 503 -9.57 -9.39 -21.29
N LEU C 504 -10.39 -8.49 -21.80
CA LEU C 504 -11.52 -7.90 -21.05
C LEU C 504 -12.86 -8.46 -21.54
N GLY C 505 -12.81 -9.39 -22.49
CA GLY C 505 -14.00 -10.04 -23.01
C GLY C 505 -14.76 -9.20 -24.04
N PHE C 506 -14.10 -8.14 -24.53
CA PHE C 506 -14.62 -7.31 -25.60
C PHE C 506 -13.96 -7.75 -26.91
N PHE C 507 -14.50 -8.85 -27.46
CA PHE C 507 -14.01 -9.46 -28.68
C PHE C 507 -14.57 -8.75 -29.92
N ASN C 508 -13.88 -8.89 -31.05
CA ASN C 508 -14.44 -8.62 -32.34
C ASN C 508 -15.33 -9.82 -32.69
N ALA C 509 -16.22 -9.62 -33.65
CA ALA C 509 -17.21 -10.61 -34.02
C ALA C 509 -17.03 -10.94 -35.49
N LYS C 510 -17.17 -12.23 -35.82
CA LYS C 510 -16.95 -12.69 -37.17
C LYS C 510 -18.05 -12.08 -38.04
N GLY C 511 -17.66 -11.51 -39.18
CA GLY C 511 -18.58 -10.86 -40.11
C GLY C 511 -18.52 -9.34 -40.02
N GLY C 512 -17.97 -8.84 -38.91
CA GLY C 512 -17.75 -7.42 -38.72
C GLY C 512 -16.49 -6.94 -39.43
N VAL C 513 -16.50 -5.64 -39.76
CA VAL C 513 -15.32 -4.96 -40.23
C VAL C 513 -14.88 -3.99 -39.14
N CYS C 514 -13.56 -3.96 -38.86
CA CYS C 514 -12.94 -3.11 -37.86
C CYS C 514 -12.54 -1.76 -38.46
N ASN C 515 -12.21 -0.82 -37.57
CA ASN C 515 -11.88 0.57 -37.93
C ASN C 515 -10.88 0.55 -39.09
N GLY C 516 -9.71 -0.04 -38.86
CA GLY C 516 -8.69 -0.23 -39.88
C GLY C 516 -7.47 0.65 -39.71
N ILE C 517 -6.81 0.97 -40.85
CA ILE C 517 -5.47 1.54 -40.92
C ILE C 517 -5.56 3.06 -40.99
N THR C 518 -4.58 3.74 -40.34
CA THR C 518 -4.53 5.19 -40.22
C THR C 518 -3.14 5.74 -40.56
N ALA C 519 -3.04 7.07 -40.59
CA ALA C 519 -1.77 7.78 -40.59
C ALA C 519 -0.98 7.43 -39.33
N GLY C 520 0.33 7.61 -39.39
CA GLY C 520 1.23 7.38 -38.25
C GLY C 520 0.81 8.17 -37.02
N PHE C 521 0.97 7.56 -35.84
CA PHE C 521 0.57 8.18 -34.58
C PHE C 521 1.38 9.44 -34.35
N ASP C 522 2.70 9.35 -34.65
CA ASP C 522 3.64 10.43 -34.46
C ASP C 522 3.88 11.15 -35.78
N ASP C 523 3.81 10.43 -36.91
CA ASP C 523 4.20 10.98 -38.22
C ASP C 523 3.00 10.96 -39.16
N PRO C 524 2.32 12.11 -39.39
CA PRO C 524 1.22 12.19 -40.34
C PRO C 524 1.50 11.59 -41.73
N ARG C 525 2.75 11.57 -42.17
CA ARG C 525 3.05 11.05 -43.49
C ARG C 525 3.44 9.57 -43.51
N ASP C 526 3.49 8.94 -42.33
CA ASP C 526 3.67 7.50 -42.20
C ASP C 526 2.27 6.85 -42.15
N ILE C 527 2.27 5.54 -41.84
CA ILE C 527 1.10 4.70 -41.78
C ILE C 527 1.17 3.90 -40.46
N ALA C 528 0.00 3.56 -39.92
CA ALA C 528 -0.03 2.91 -38.62
C ALA C 528 -1.23 1.96 -38.53
N PHE C 529 -0.94 0.78 -37.96
CA PHE C 529 -1.93 -0.11 -37.42
C PHE C 529 -1.31 -0.84 -36.22
N ASN C 530 -1.94 -0.68 -35.05
CA ASN C 530 -1.45 -1.19 -33.75
C ASN C 530 0.08 -1.03 -33.69
N PRO C 531 0.61 0.21 -33.81
CA PRO C 531 2.06 0.45 -33.72
C PRO C 531 2.55 0.30 -32.28
N ALA C 532 3.77 -0.23 -32.10
CA ALA C 532 4.23 -0.76 -30.80
C ALA C 532 4.03 0.26 -29.69
N GLY C 533 4.31 1.52 -30.00
CA GLY C 533 4.21 2.62 -29.06
C GLY C 533 2.89 2.64 -28.35
N GLN C 534 1.79 2.57 -29.12
CA GLN C 534 0.46 2.83 -28.59
C GLN C 534 -0.41 1.57 -28.63
N LYS C 535 0.16 0.43 -29.04
CA LYS C 535 -0.65 -0.77 -29.33
C LYS C 535 -1.33 -1.26 -28.04
N ASP C 536 -0.68 -1.04 -26.90
CA ASP C 536 -1.19 -1.52 -25.64
C ASP C 536 -1.87 -0.40 -24.86
N ASP C 537 -1.74 0.85 -25.32
CA ASP C 537 -2.37 2.00 -24.67
C ASP C 537 -3.86 1.96 -24.99
N MET C 538 -4.68 1.61 -23.99
CA MET C 538 -6.10 1.38 -24.19
C MET C 538 -6.83 2.70 -24.51
N LEU C 539 -6.14 3.83 -24.34
CA LEU C 539 -6.67 5.14 -24.70
C LEU C 539 -6.51 5.37 -26.20
N GLN C 540 -5.79 4.49 -26.90
CA GLN C 540 -5.42 4.74 -28.31
C GLN C 540 -5.69 3.54 -29.22
N ASN C 541 -5.68 2.30 -28.67
CA ASN C 541 -5.66 1.09 -29.48
C ASN C 541 -7.05 0.81 -30.08
N TRP C 542 -8.08 1.52 -29.58
CA TRP C 542 -9.42 1.53 -30.17
C TRP C 542 -9.35 2.00 -31.63
N ARG C 543 -8.42 2.91 -31.92
CA ARG C 543 -8.35 3.55 -33.24
C ARG C 543 -8.20 2.59 -34.44
N TRP C 544 -7.77 1.35 -34.15
CA TRP C 544 -7.33 0.39 -35.15
C TRP C 544 -8.18 -0.89 -35.09
N GLY C 545 -8.06 -1.63 -33.99
CA GLY C 545 -8.59 -2.99 -33.84
C GLY C 545 -10.10 -3.08 -33.64
N GLU C 546 -10.71 -2.00 -33.14
CA GLU C 546 -12.12 -2.02 -32.70
C GLU C 546 -12.99 -2.07 -33.96
N GLN C 547 -14.12 -2.78 -33.83
CA GLN C 547 -15.17 -2.84 -34.85
C GLN C 547 -16.25 -1.80 -34.53
N TRP C 548 -16.94 -1.34 -35.58
CA TRP C 548 -17.90 -0.25 -35.52
C TRP C 548 -18.93 -0.48 -36.64
N ILE C 549 -20.21 -0.38 -36.31
CA ILE C 549 -21.26 -0.94 -37.17
C ILE C 549 -21.29 -0.24 -38.52
N PRO C 550 -20.93 1.06 -38.68
CA PRO C 550 -20.90 1.68 -40.00
C PRO C 550 -19.95 0.99 -41.00
N HIS C 551 -18.81 0.46 -40.52
CA HIS C 551 -17.86 -0.22 -41.39
C HIS C 551 -18.56 -1.39 -42.11
N GLY C 552 -19.26 -2.20 -41.31
CA GLY C 552 -20.07 -3.31 -41.79
C GLY C 552 -21.16 -2.87 -42.75
N ALA C 553 -21.93 -1.84 -42.37
CA ALA C 553 -23.10 -1.41 -43.10
C ALA C 553 -22.70 -0.90 -44.49
N TRP C 554 -21.59 -0.15 -44.56
CA TRP C 554 -21.13 0.39 -45.81
C TRP C 554 -20.51 -0.74 -46.65
N TYR C 555 -19.82 -1.68 -45.99
CA TYR C 555 -19.29 -2.84 -46.68
C TYR C 555 -20.42 -3.62 -47.33
N LEU C 556 -21.54 -3.76 -46.61
CA LEU C 556 -22.71 -4.54 -47.05
C LEU C 556 -23.32 -3.89 -48.31
N LEU C 557 -23.41 -2.56 -48.35
CA LEU C 557 -24.00 -1.85 -49.50
C LEU C 557 -23.04 -1.93 -50.69
N ALA C 558 -21.73 -1.88 -50.39
CA ALA C 558 -20.70 -1.94 -51.42
C ALA C 558 -20.80 -3.28 -52.16
N ILE C 559 -20.84 -4.39 -51.42
CA ILE C 559 -20.80 -5.73 -52.03
C ILE C 559 -22.08 -5.96 -52.83
N ILE C 560 -23.19 -5.37 -52.38
CA ILE C 560 -24.49 -5.50 -53.05
C ILE C 560 -24.50 -4.64 -54.33
N SER C 561 -24.02 -3.40 -54.25
CA SER C 561 -23.89 -2.52 -55.42
C SER C 561 -22.97 -3.17 -56.47
N GLN C 562 -21.92 -3.82 -55.97
CA GLN C 562 -20.95 -4.49 -56.81
C GLN C 562 -21.62 -5.67 -57.54
N PHE C 563 -22.36 -6.47 -56.79
CA PHE C 563 -23.07 -7.63 -57.31
C PHE C 563 -24.02 -7.23 -58.44
N ALA C 564 -24.69 -6.09 -58.25
CA ALA C 564 -25.65 -5.55 -59.18
C ALA C 564 -24.93 -5.11 -60.45
N HIS C 565 -23.75 -4.52 -60.29
CA HIS C 565 -22.97 -3.95 -61.37
C HIS C 565 -22.34 -5.05 -62.25
N PHE C 566 -22.35 -6.33 -61.81
CA PHE C 566 -21.97 -7.51 -62.65
C PHE C 566 -22.95 -8.68 -62.42
N MET D 1 16.03 -25.58 -28.83
CA MET D 1 17.41 -26.08 -28.88
C MET D 1 18.40 -24.89 -28.95
N LEU D 2 18.96 -24.55 -27.78
CA LEU D 2 20.19 -23.76 -27.66
C LEU D 2 21.16 -24.53 -26.78
N LEU D 3 22.42 -24.64 -27.23
CA LEU D 3 23.49 -25.12 -26.36
C LEU D 3 24.19 -23.90 -25.79
N LEU D 4 23.86 -23.53 -24.55
CA LEU D 4 24.45 -22.38 -23.87
C LEU D 4 25.85 -22.77 -23.35
N THR D 5 26.83 -21.89 -23.58
CA THR D 5 28.22 -22.06 -23.14
C THR D 5 28.78 -20.75 -22.61
N ASN D 6 29.92 -20.86 -21.91
CA ASN D 6 30.85 -19.76 -21.70
C ASN D 6 31.32 -19.28 -23.08
N HIS D 7 31.14 -17.99 -23.37
CA HIS D 7 31.41 -17.48 -24.71
C HIS D 7 32.92 -17.29 -24.94
N ILE D 8 33.71 -17.41 -23.87
CA ILE D 8 35.15 -17.20 -23.94
C ILE D 8 35.83 -18.56 -23.89
N GLY D 9 35.75 -19.23 -22.73
CA GLY D 9 36.39 -20.54 -22.56
C GLY D 9 36.51 -21.00 -21.10
N TYR D 10 37.02 -22.23 -20.99
CA TYR D 10 37.12 -23.01 -19.78
C TYR D 10 38.59 -23.33 -19.49
N GLU D 11 38.93 -23.54 -18.21
CA GLU D 11 40.30 -23.87 -17.80
C GLU D 11 40.64 -25.29 -18.23
N THR D 12 41.87 -25.51 -18.67
CA THR D 12 42.32 -26.82 -19.08
C THR D 12 42.03 -27.81 -17.93
N GLN D 13 42.48 -27.46 -16.72
CA GLN D 13 42.34 -28.29 -15.53
C GLN D 13 41.15 -27.83 -14.68
N GLY D 14 40.13 -27.27 -15.34
CA GLY D 14 39.02 -26.64 -14.64
C GLY D 14 37.71 -27.36 -14.90
N PRO D 15 36.68 -27.13 -14.05
CA PRO D 15 35.33 -27.57 -14.36
C PRO D 15 34.79 -26.96 -15.66
N LYS D 16 34.11 -27.80 -16.43
CA LYS D 16 33.52 -27.42 -17.70
C LYS D 16 32.12 -28.00 -17.77
N GLN D 17 31.15 -27.16 -18.11
CA GLN D 17 29.82 -27.61 -18.42
C GLN D 17 29.18 -26.69 -19.46
N ALA D 18 28.05 -27.15 -20.00
CA ALA D 18 27.15 -26.35 -20.79
C ALA D 18 25.73 -26.66 -20.33
N VAL D 19 24.77 -25.87 -20.83
CA VAL D 19 23.39 -26.05 -20.47
C VAL D 19 22.56 -26.04 -21.74
N LEU D 20 21.69 -27.06 -21.86
CA LEU D 20 20.80 -27.23 -22.99
C LEU D 20 19.45 -26.60 -22.62
N LEU D 21 19.04 -25.62 -23.42
CA LEU D 21 17.72 -25.02 -23.38
C LEU D 21 16.88 -25.61 -24.51
N CYS D 22 15.77 -26.28 -24.16
CA CYS D 22 14.89 -26.91 -25.15
C CYS D 22 13.44 -26.90 -24.63
N GLY D 23 12.63 -27.84 -25.13
CA GLY D 23 11.18 -27.90 -24.87
C GLY D 23 10.78 -29.07 -23.97
N GLN D 24 11.57 -30.13 -24.00
CA GLN D 24 11.21 -31.41 -23.40
C GLN D 24 12.03 -31.65 -22.14
N THR D 25 11.56 -32.61 -21.32
CA THR D 25 12.27 -33.04 -20.11
C THR D 25 13.32 -34.12 -20.45
N GLN D 26 13.05 -34.93 -21.48
CA GLN D 26 14.03 -35.85 -22.06
C GLN D 26 13.94 -35.76 -23.58
N LEU D 27 15.01 -36.18 -24.26
CA LEU D 27 15.09 -36.27 -25.72
C LEU D 27 15.21 -37.76 -26.08
N MET D 28 15.15 -38.06 -27.39
CA MET D 28 15.36 -39.42 -27.87
C MET D 28 16.81 -39.82 -27.61
N ASP D 29 17.73 -39.24 -28.37
CA ASP D 29 19.15 -39.51 -28.12
C ASP D 29 19.61 -38.62 -26.96
N ASP D 30 20.37 -39.19 -26.03
CA ASP D 30 20.70 -38.55 -24.75
C ASP D 30 22.16 -38.05 -24.73
N CYS D 31 22.80 -37.93 -25.91
CA CYS D 31 24.26 -37.65 -25.99
C CYS D 31 24.56 -36.42 -26.83
N VAL D 32 25.63 -35.71 -26.46
CA VAL D 32 26.12 -34.48 -27.10
C VAL D 32 27.59 -34.67 -27.48
N LEU D 33 27.96 -34.11 -28.64
CA LEU D 33 29.30 -34.26 -29.20
C LEU D 33 30.13 -33.01 -28.90
N LEU D 34 31.30 -33.22 -28.28
CA LEU D 34 32.34 -32.19 -28.22
C LEU D 34 33.18 -32.30 -29.50
N VAL D 35 33.25 -31.20 -30.25
CA VAL D 35 33.78 -31.22 -31.60
C VAL D 35 34.91 -30.19 -31.71
N CYS D 36 36.03 -30.62 -32.30
CA CYS D 36 37.16 -29.75 -32.60
C CYS D 36 36.73 -28.73 -33.66
N ALA D 37 37.05 -27.45 -33.42
CA ALA D 37 36.47 -26.34 -34.17
C ALA D 37 37.24 -26.12 -35.48
N ARG D 38 38.51 -26.56 -35.56
CA ARG D 38 39.29 -26.44 -36.80
C ARG D 38 39.05 -27.63 -37.73
N SER D 39 39.07 -28.85 -37.17
CA SER D 39 39.01 -30.11 -37.95
C SER D 39 37.57 -30.62 -38.11
N HIS D 40 36.66 -30.15 -37.24
CA HIS D 40 35.23 -30.51 -37.23
C HIS D 40 35.02 -32.00 -36.90
N GLN D 41 36.02 -32.63 -36.29
CA GLN D 41 35.94 -34.04 -35.94
C GLN D 41 35.59 -34.13 -34.45
N THR D 42 34.80 -35.15 -34.11
CA THR D 42 34.41 -35.44 -32.73
C THR D 42 35.65 -35.74 -31.89
N VAL D 43 35.64 -35.34 -30.61
CA VAL D 43 36.77 -35.58 -29.71
C VAL D 43 36.27 -36.11 -28.36
N ALA D 44 34.95 -36.22 -28.17
CA ALA D 44 34.34 -36.80 -26.97
C ALA D 44 32.82 -36.92 -27.14
N LYS D 45 32.25 -37.94 -26.49
CA LYS D 45 30.82 -38.12 -26.40
C LYS D 45 30.42 -37.76 -24.96
N LEU D 46 29.41 -36.90 -24.82
CA LEU D 46 29.03 -36.31 -23.54
C LEU D 46 27.58 -36.68 -23.20
N ALA D 47 27.37 -37.04 -21.93
CA ALA D 47 26.06 -37.39 -21.41
C ALA D 47 25.32 -36.11 -21.01
N ILE D 48 24.03 -36.05 -21.39
CA ILE D 48 23.11 -35.02 -20.92
C ILE D 48 22.57 -35.45 -19.55
N GLU D 49 22.32 -34.45 -18.69
CA GLU D 49 21.85 -34.66 -17.35
C GLU D 49 20.56 -33.86 -17.16
N TRP D 50 19.45 -34.59 -16.96
CA TRP D 50 18.12 -34.01 -17.10
C TRP D 50 17.74 -33.23 -15.84
N HIS D 51 16.87 -32.23 -16.00
CA HIS D 51 16.57 -31.24 -14.97
C HIS D 51 15.20 -30.60 -15.24
N GLY D 52 15.10 -29.90 -16.38
CA GLY D 52 13.85 -29.33 -16.86
C GLY D 52 13.60 -27.93 -16.32
N LYS D 53 12.47 -27.76 -15.63
CA LYS D 53 12.03 -26.46 -15.16
C LYS D 53 12.98 -25.99 -14.07
N VAL D 54 13.18 -24.66 -14.03
CA VAL D 54 14.01 -23.99 -13.04
C VAL D 54 13.17 -22.87 -12.42
N ASP D 55 12.96 -22.94 -11.11
CA ASP D 55 12.07 -22.03 -10.42
C ASP D 55 10.82 -21.85 -11.30
N ASN D 56 10.65 -20.68 -11.92
CA ASN D 56 9.57 -20.48 -12.88
C ASN D 56 10.09 -19.59 -14.02
N TRP D 57 11.25 -19.96 -14.56
CA TRP D 57 11.90 -19.22 -15.62
C TRP D 57 11.21 -19.55 -16.96
N HIS D 58 10.71 -18.51 -17.63
CA HIS D 58 9.88 -18.65 -18.81
C HIS D 58 10.61 -19.37 -19.96
N GLN D 59 11.83 -18.97 -20.29
CA GLN D 59 12.53 -19.39 -21.52
C GLN D 59 12.21 -20.84 -21.94
N GLY D 60 12.26 -21.79 -20.99
CA GLY D 60 11.86 -23.19 -21.25
C GLY D 60 12.47 -24.20 -20.28
N GLN D 61 13.03 -25.27 -20.84
CA GLN D 61 13.57 -26.42 -20.08
C GLN D 61 15.09 -26.48 -20.23
N PHE D 62 15.78 -26.73 -19.11
CA PHE D 62 17.22 -26.62 -18.99
C PHE D 62 17.84 -27.93 -18.51
N HIS D 63 18.96 -28.33 -19.13
CA HIS D 63 19.68 -29.56 -18.80
C HIS D 63 21.18 -29.29 -18.76
N ARG D 64 21.92 -30.11 -18.01
CA ARG D 64 23.39 -30.00 -17.88
C ARG D 64 24.18 -30.97 -18.74
N ILE D 65 25.29 -30.47 -19.28
CA ILE D 65 26.25 -31.25 -20.02
C ILE D 65 27.63 -31.01 -19.39
N ASP D 66 28.15 -31.95 -18.60
CA ASP D 66 29.47 -31.83 -17.99
C ASP D 66 30.52 -32.39 -18.96
N PHE D 67 31.63 -31.66 -19.13
CA PHE D 67 32.80 -32.18 -19.88
C PHE D 67 34.11 -31.76 -19.18
N SER D 68 34.13 -31.85 -17.85
CA SER D 68 35.25 -31.39 -17.03
C SER D 68 36.48 -32.28 -17.25
N ASP D 69 36.28 -33.61 -17.25
CA ASP D 69 37.37 -34.61 -17.33
C ASP D 69 38.18 -34.44 -18.64
N PHE D 70 37.60 -33.77 -19.65
CA PHE D 70 38.28 -33.51 -20.92
C PHE D 70 39.25 -32.33 -20.74
N THR D 71 40.55 -32.57 -21.02
CA THR D 71 41.64 -31.68 -20.60
C THR D 71 42.63 -31.36 -21.73
N THR D 72 42.23 -31.56 -22.99
CA THR D 72 43.10 -31.24 -24.13
C THR D 72 42.83 -29.80 -24.59
N PRO D 73 43.84 -28.90 -24.56
CA PRO D 73 43.67 -27.51 -25.00
C PRO D 73 43.29 -27.37 -26.47
N GLY D 74 42.71 -26.23 -26.83
CA GLY D 74 42.28 -25.93 -28.20
C GLY D 74 40.91 -25.29 -28.22
N ASP D 75 40.33 -25.18 -29.43
CA ASP D 75 39.02 -24.59 -29.65
C ASP D 75 38.03 -25.70 -30.02
N TYR D 76 36.90 -25.73 -29.33
CA TYR D 76 35.89 -26.72 -29.55
C TYR D 76 34.51 -26.06 -29.56
N TYR D 77 33.51 -26.84 -29.96
CA TYR D 77 32.11 -26.50 -29.78
C TYR D 77 31.35 -27.80 -29.50
N LEU D 78 30.14 -27.67 -28.95
CA LEU D 78 29.24 -28.80 -28.73
C LEU D 78 28.28 -28.90 -29.93
N ARG D 79 28.00 -30.13 -30.38
CA ARG D 79 26.99 -30.38 -31.42
C ARG D 79 25.95 -31.36 -30.92
N LEU D 80 24.68 -31.09 -31.28
CA LEU D 80 23.54 -31.93 -30.90
C LEU D 80 22.54 -31.97 -32.08
N GLU D 81 22.52 -33.10 -32.78
CA GLU D 81 21.85 -33.22 -34.08
C GLU D 81 22.22 -31.96 -34.88
N HIS D 82 21.22 -31.17 -35.29
CA HIS D 82 21.37 -30.00 -36.16
C HIS D 82 22.07 -28.84 -35.43
N THR D 83 21.71 -28.62 -34.16
CA THR D 83 22.07 -27.43 -33.39
C THR D 83 23.49 -27.57 -32.85
N HIS D 84 24.26 -26.47 -32.83
CA HIS D 84 25.58 -26.48 -32.16
C HIS D 84 25.84 -25.18 -31.38
N SER D 85 26.69 -25.32 -30.35
CA SER D 85 27.08 -24.26 -29.43
C SER D 85 28.04 -23.29 -30.10
N ALA D 86 28.22 -22.13 -29.46
CA ALA D 86 29.21 -21.18 -29.89
C ALA D 86 30.58 -21.80 -29.62
N THR D 87 31.57 -21.47 -30.47
CA THR D 87 32.92 -21.92 -30.25
C THR D 87 33.45 -21.32 -28.94
N PHE D 88 34.22 -22.13 -28.23
CA PHE D 88 34.83 -21.76 -26.98
C PHE D 88 36.24 -22.35 -26.94
N THR D 89 37.03 -21.95 -25.93
CA THR D 89 38.41 -22.31 -25.85
C THR D 89 38.71 -23.02 -24.53
N ILE D 90 39.54 -24.05 -24.60
CA ILE D 90 40.10 -24.67 -23.42
C ILE D 90 41.60 -24.37 -23.38
N ALA D 91 42.04 -23.68 -22.33
CA ALA D 91 43.43 -23.30 -22.14
C ALA D 91 43.67 -22.96 -20.67
N ARG D 92 44.94 -22.75 -20.29
CA ARG D 92 45.30 -22.36 -18.94
C ARG D 92 45.07 -20.85 -18.80
N GLY D 93 44.52 -20.43 -17.65
CA GLY D 93 44.25 -19.03 -17.31
C GLY D 93 43.58 -18.28 -18.45
N VAL D 94 42.49 -18.87 -18.98
CA VAL D 94 41.89 -18.42 -20.23
C VAL D 94 41.26 -17.04 -20.05
N LEU D 95 40.52 -16.84 -18.94
CA LEU D 95 39.74 -15.62 -18.73
C LEU D 95 40.67 -14.43 -18.51
N MET D 96 41.69 -14.68 -17.68
CA MET D 96 42.68 -13.68 -17.32
C MET D 96 43.37 -13.15 -18.57
N GLN D 97 43.94 -14.04 -19.41
CA GLN D 97 44.78 -13.58 -20.52
C GLN D 97 43.90 -13.07 -21.68
N ARG D 98 42.60 -13.39 -21.66
CA ARG D 98 41.65 -12.91 -22.67
C ARG D 98 41.05 -11.53 -22.41
N THR D 99 40.84 -11.18 -21.13
CA THR D 99 39.98 -10.06 -20.74
C THR D 99 40.73 -9.00 -19.93
N PHE D 100 41.61 -9.43 -19.02
CA PHE D 100 42.30 -8.55 -18.07
C PHE D 100 42.63 -7.18 -18.68
N SER D 101 43.31 -7.17 -19.84
CA SER D 101 43.71 -5.92 -20.51
C SER D 101 42.50 -5.00 -20.68
N ASP D 102 41.42 -5.57 -21.22
CA ASP D 102 40.25 -4.82 -21.66
C ASP D 102 39.52 -4.23 -20.46
N VAL D 103 39.48 -4.98 -19.35
CA VAL D 103 38.81 -4.56 -18.14
C VAL D 103 39.54 -3.33 -17.58
N LEU D 104 40.87 -3.36 -17.68
CA LEU D 104 41.69 -2.27 -17.19
C LEU D 104 41.52 -1.06 -18.12
N HIS D 105 41.52 -1.29 -19.44
CA HIS D 105 41.23 -0.19 -20.38
C HIS D 105 39.91 0.49 -20.00
N TYR D 106 38.88 -0.32 -19.73
CA TYR D 106 37.56 0.18 -19.29
C TYR D 106 37.76 1.20 -18.16
N PHE D 107 38.51 0.80 -17.13
CA PHE D 107 38.70 1.67 -15.98
C PHE D 107 39.35 2.99 -16.43
N LYS D 108 40.36 2.91 -17.28
CA LYS D 108 41.05 4.10 -17.76
C LYS D 108 40.11 4.94 -18.64
N SER D 109 39.15 4.26 -19.29
CA SER D 109 38.16 4.93 -20.14
C SER D 109 37.16 5.72 -19.29
N GLN D 110 36.91 5.23 -18.06
CA GLN D 110 35.90 5.79 -17.17
C GLN D 110 36.50 6.74 -16.11
N ARG D 111 37.79 7.08 -16.21
CA ARG D 111 38.39 8.06 -15.30
C ARG D 111 37.66 9.38 -15.43
N CYS D 112 37.34 10.01 -14.28
CA CYS D 112 36.73 11.33 -14.25
C CYS D 112 37.64 12.33 -14.98
N SER D 113 37.06 13.09 -15.92
CA SER D 113 37.86 13.92 -16.82
C SER D 113 37.09 15.16 -17.28
N GLY D 114 37.76 15.98 -18.09
CA GLY D 114 37.19 17.15 -18.77
C GLY D 114 36.53 18.13 -17.80
N GLN D 115 35.44 18.74 -18.26
CA GLN D 115 34.65 19.74 -17.53
C GLN D 115 34.29 19.23 -16.13
N PHE D 116 33.88 17.96 -16.03
CA PHE D 116 33.46 17.35 -14.77
C PHE D 116 34.61 17.37 -13.75
N ASP D 117 35.79 16.94 -14.17
CA ASP D 117 36.92 16.83 -13.26
C ASP D 117 37.46 18.24 -12.93
N GLN D 118 37.34 19.18 -13.87
CA GLN D 118 37.73 20.56 -13.60
C GLN D 118 36.91 21.08 -12.43
N GLN D 119 35.60 20.89 -12.53
CA GLN D 119 34.61 21.33 -11.53
C GLN D 119 34.84 20.62 -10.19
N ASP D 120 35.28 19.36 -10.21
CA ASP D 120 35.46 18.54 -9.01
C ASP D 120 36.66 19.05 -8.19
N LYS D 121 37.33 20.10 -8.66
CA LYS D 121 38.40 20.77 -7.91
C LYS D 121 37.81 21.73 -6.86
N GLN D 122 36.57 22.15 -7.07
CA GLN D 122 35.90 23.11 -6.22
C GLN D 122 34.44 22.66 -6.05
N VAL D 123 34.23 21.65 -5.19
CA VAL D 123 32.89 21.03 -4.98
C VAL D 123 32.26 21.53 -3.69
N PRO D 124 31.04 22.10 -3.77
CA PRO D 124 30.28 22.47 -2.58
C PRO D 124 30.00 21.28 -1.66
N LEU D 125 30.21 21.47 -0.35
CA LEU D 125 29.70 20.56 0.67
C LEU D 125 28.30 21.05 1.06
N LEU D 126 27.30 20.17 0.88
CA LEU D 126 25.90 20.54 0.96
C LEU D 126 25.62 21.24 2.29
N SER D 127 24.89 22.36 2.20
CA SER D 127 24.33 23.06 3.35
C SER D 127 25.34 24.04 3.92
N THR D 128 26.61 23.94 3.50
CA THR D 128 27.66 24.81 4.02
C THR D 128 28.08 25.74 2.88
N SER D 129 29.07 26.59 3.15
CA SER D 129 29.72 27.35 2.11
C SER D 129 31.19 26.95 2.09
N THR D 130 31.42 25.64 1.99
CA THR D 130 32.74 25.06 1.94
C THR D 130 32.97 24.41 0.56
N THR D 131 34.24 24.25 0.24
CA THR D 131 34.70 23.64 -0.98
C THR D 131 35.65 22.49 -0.61
N ALA D 132 35.72 21.46 -1.46
CA ALA D 132 36.75 20.43 -1.36
C ALA D 132 37.29 20.12 -2.76
N ASP D 133 38.58 19.79 -2.84
CA ASP D 133 39.22 19.34 -4.07
C ASP D 133 39.20 17.81 -4.07
N VAL D 134 38.32 17.26 -4.91
CA VAL D 134 38.04 15.84 -4.98
C VAL D 134 38.06 15.41 -6.46
N HIS D 135 38.95 16.02 -7.24
CA HIS D 135 39.17 15.62 -8.64
C HIS D 135 39.79 14.21 -8.64
N GLY D 136 39.65 13.52 -9.76
CA GLY D 136 40.16 12.16 -9.93
C GLY D 136 39.03 11.15 -9.82
N GLY D 137 39.38 9.87 -9.62
CA GLY D 137 38.41 8.77 -9.48
C GLY D 137 37.73 8.40 -10.80
N TRP D 138 36.76 7.49 -10.71
CA TRP D 138 36.04 7.00 -11.88
C TRP D 138 34.56 7.34 -11.77
N TYR D 139 33.98 7.80 -12.89
CA TYR D 139 32.55 7.84 -13.10
C TYR D 139 31.94 6.47 -12.74
N ASP D 140 30.78 6.48 -12.10
CA ASP D 140 30.26 5.31 -11.42
C ASP D 140 29.58 4.33 -12.39
N ALA D 141 28.96 4.85 -13.44
CA ALA D 141 28.07 4.04 -14.30
C ALA D 141 27.93 4.64 -15.70
N SER D 142 27.34 3.85 -16.62
CA SER D 142 27.16 4.21 -18.02
C SER D 142 26.42 5.54 -18.10
N GLY D 143 25.45 5.70 -17.20
CA GLY D 143 24.64 6.92 -17.09
C GLY D 143 24.68 7.51 -15.69
N ASP D 144 25.89 7.78 -15.19
CA ASP D 144 26.08 8.51 -13.96
C ASP D 144 27.55 8.94 -13.87
N VAL D 145 27.79 10.25 -13.93
CA VAL D 145 29.14 10.82 -13.82
C VAL D 145 29.40 11.25 -12.36
N SER D 146 28.51 10.84 -11.46
CA SER D 146 28.72 10.98 -10.02
C SER D 146 29.77 9.96 -9.58
N LYS D 147 30.40 10.22 -8.43
CA LYS D 147 31.49 9.39 -7.91
C LYS D 147 31.17 9.04 -6.46
N TYR D 148 31.36 7.77 -6.10
CA TYR D 148 30.81 7.24 -4.85
C TYR D 148 31.87 6.51 -4.03
N LEU D 149 31.75 6.63 -2.71
CA LEU D 149 32.28 5.63 -1.78
C LEU D 149 31.22 4.53 -1.59
N SER D 150 29.97 4.97 -1.34
CA SER D 150 28.81 4.09 -1.24
C SER D 150 27.55 4.93 -1.47
N HIS D 151 26.41 4.25 -1.62
CA HIS D 151 25.09 4.89 -1.52
C HIS D 151 24.10 3.89 -0.93
N LEU D 152 22.79 4.19 -0.99
CA LEU D 152 21.73 3.43 -0.31
C LEU D 152 22.02 3.36 1.19
N SER D 153 22.61 4.44 1.73
CA SER D 153 23.09 4.46 3.09
C SER D 153 21.91 4.37 4.03
N TYR D 154 20.79 4.93 3.57
CA TYR D 154 19.55 5.07 4.31
C TYR D 154 18.88 3.72 4.53
N ALA D 155 19.06 2.76 3.62
CA ALA D 155 18.46 1.44 3.77
C ALA D 155 19.24 0.61 4.79
N ASN D 156 20.53 0.95 4.99
CA ASN D 156 21.34 0.45 6.12
C ASN D 156 21.98 -0.91 5.82
N TYR D 157 21.19 -1.85 5.29
CA TYR D 157 21.66 -3.20 5.05
C TYR D 157 22.08 -3.39 3.59
N LEU D 158 22.14 -2.29 2.80
CA LEU D 158 22.34 -2.43 1.36
C LEU D 158 23.64 -1.79 0.88
N ASN D 159 24.18 -0.84 1.65
CA ASN D 159 25.41 -0.10 1.29
C ASN D 159 26.35 -1.02 0.51
N PRO D 160 26.58 -0.74 -0.80
CA PRO D 160 27.64 -1.40 -1.56
C PRO D 160 28.94 -0.59 -1.50
N GLN D 161 30.09 -1.29 -1.50
CA GLN D 161 31.37 -0.63 -1.61
C GLN D 161 31.64 -0.36 -3.10
N GLN D 162 32.03 0.88 -3.40
CA GLN D 162 32.18 1.39 -4.76
C GLN D 162 33.64 1.82 -4.98
N THR D 163 33.94 3.12 -5.13
CA THR D 163 35.29 3.56 -5.55
C THR D 163 36.36 2.86 -4.72
N PRO D 164 36.27 2.80 -3.37
CA PRO D 164 37.26 2.10 -2.55
C PRO D 164 37.49 0.63 -2.94
N LEU D 165 36.41 -0.07 -3.28
CA LEU D 165 36.47 -1.48 -3.62
C LEU D 165 37.34 -1.66 -4.87
N VAL D 166 37.10 -0.80 -5.86
CA VAL D 166 37.90 -0.79 -7.07
C VAL D 166 39.37 -0.81 -6.65
N VAL D 167 39.77 0.22 -5.89
CA VAL D 167 41.16 0.41 -5.51
C VAL D 167 41.66 -0.84 -4.78
N TRP D 168 40.94 -1.26 -3.73
CA TRP D 168 41.39 -2.38 -2.92
C TRP D 168 41.53 -3.66 -3.76
N ASN D 169 40.53 -3.92 -4.63
CA ASN D 169 40.53 -5.13 -5.49
C ASN D 169 41.81 -5.15 -6.35
N MET D 170 42.11 -4.01 -6.97
CA MET D 170 43.27 -3.84 -7.82
C MET D 170 44.56 -4.10 -7.01
N LEU D 171 44.68 -3.45 -5.85
CA LEU D 171 45.85 -3.63 -4.99
C LEU D 171 45.98 -5.11 -4.61
N LYS D 172 44.84 -5.73 -4.30
CA LYS D 172 44.80 -7.13 -3.91
C LYS D 172 45.21 -8.01 -5.09
N GLY D 173 44.89 -7.57 -6.33
CA GLY D 173 45.33 -8.25 -7.54
C GLY D 173 46.85 -8.24 -7.66
N LEU D 174 47.41 -7.03 -7.64
CA LEU D 174 48.87 -6.80 -7.66
C LEU D 174 49.56 -7.69 -6.63
N ALA D 175 48.94 -7.79 -5.44
CA ALA D 175 49.46 -8.58 -4.33
C ALA D 175 49.62 -10.05 -4.73
N VAL D 176 48.58 -10.65 -5.33
CA VAL D 176 48.60 -12.09 -5.58
C VAL D 176 49.53 -12.40 -6.77
N LEU D 177 49.79 -11.40 -7.61
CA LEU D 177 50.52 -11.61 -8.87
C LEU D 177 51.92 -10.98 -8.83
N GLN D 178 52.24 -10.24 -7.77
CA GLN D 178 53.64 -9.97 -7.47
C GLN D 178 54.33 -11.33 -7.37
N HIS D 179 55.43 -11.51 -8.11
CA HIS D 179 56.24 -12.77 -8.11
C HIS D 179 55.74 -13.75 -9.19
N HIS D 180 54.50 -13.59 -9.63
CA HIS D 180 53.96 -14.45 -10.68
C HIS D 180 54.51 -14.02 -12.03
N SER D 181 55.40 -14.85 -12.60
CA SER D 181 56.15 -14.56 -13.81
C SER D 181 55.26 -14.56 -15.07
N GLY D 182 54.08 -15.17 -14.97
CA GLY D 182 53.08 -15.20 -16.03
C GLY D 182 52.30 -13.90 -16.17
N PHE D 183 52.57 -12.93 -15.29
CA PHE D 183 51.91 -11.63 -15.34
C PHE D 183 52.91 -10.60 -15.84
N ALA D 184 52.69 -10.10 -17.07
CA ALA D 184 53.64 -9.24 -17.78
C ALA D 184 53.93 -7.97 -16.99
N SER D 185 55.18 -7.47 -17.14
CA SER D 185 55.70 -6.32 -16.40
C SER D 185 54.88 -5.06 -16.72
N PHE D 186 54.59 -4.86 -18.01
CA PHE D 186 53.77 -3.73 -18.43
C PHE D 186 52.39 -3.84 -17.79
N SER D 187 51.87 -5.08 -17.73
CA SER D 187 50.55 -5.34 -17.17
C SER D 187 50.52 -5.03 -15.67
N ARG D 188 51.63 -5.29 -14.97
CA ARG D 188 51.75 -4.90 -13.57
C ARG D 188 51.75 -3.37 -13.46
N THR D 189 52.45 -2.70 -14.38
CA THR D 189 52.58 -1.24 -14.38
C THR D 189 51.21 -0.58 -14.52
N ARG D 190 50.38 -1.14 -15.41
CA ARG D 190 49.09 -0.59 -15.73
C ARG D 190 48.19 -0.68 -14.49
N LEU D 191 48.32 -1.78 -13.74
CA LEU D 191 47.47 -2.03 -12.59
C LEU D 191 47.88 -1.10 -11.44
N LYS D 192 49.18 -0.88 -11.23
CA LYS D 192 49.63 0.10 -10.24
C LYS D 192 49.09 1.48 -10.62
N ASP D 193 49.32 1.89 -11.87
CA ASP D 193 48.93 3.20 -12.40
C ASP D 193 47.48 3.49 -11.98
N GLU D 194 46.60 2.52 -12.27
CA GLU D 194 45.16 2.65 -12.05
C GLU D 194 44.84 2.65 -10.56
N ALA D 195 45.44 1.72 -9.82
CA ALA D 195 45.25 1.60 -8.39
C ALA D 195 45.66 2.90 -7.68
N LEU D 196 46.80 3.46 -8.05
CA LEU D 196 47.34 4.66 -7.37
C LEU D 196 46.53 5.90 -7.75
N PHE D 197 46.02 5.92 -8.98
CA PHE D 197 45.06 6.94 -9.40
C PHE D 197 43.87 6.96 -8.43
N GLY D 198 43.41 5.76 -8.06
CA GLY D 198 42.29 5.59 -7.15
C GLY D 198 42.63 6.04 -5.73
N ALA D 199 43.78 5.56 -5.25
CA ALA D 199 44.28 5.88 -3.92
C ALA D 199 44.32 7.41 -3.72
N ASP D 200 44.83 8.12 -4.74
CA ASP D 200 44.92 9.58 -4.70
C ASP D 200 43.53 10.17 -4.43
N PHE D 201 42.54 9.67 -5.17
CA PHE D 201 41.19 10.16 -5.03
C PHE D 201 40.67 9.88 -3.61
N LEU D 202 40.86 8.66 -3.11
CA LEU D 202 40.42 8.33 -1.76
C LEU D 202 41.08 9.28 -0.75
N ARG D 203 42.36 9.59 -0.96
CA ARG D 203 43.06 10.53 -0.09
C ARG D 203 42.46 11.93 -0.15
N ARG D 204 42.05 12.36 -1.35
CA ARG D 204 41.39 13.64 -1.56
C ARG D 204 39.98 13.68 -0.97
N MET D 205 39.36 12.50 -0.78
CA MET D 205 37.98 12.38 -0.32
C MET D 205 37.91 12.48 1.22
N GLN D 206 39.06 12.57 1.90
CA GLN D 206 39.08 12.67 3.36
C GLN D 206 39.16 14.13 3.82
N ASN D 207 38.03 14.65 4.33
CA ASN D 207 37.97 15.90 5.08
C ASN D 207 38.98 15.82 6.24
N SER D 208 39.54 16.99 6.59
CA SER D 208 40.66 17.08 7.54
C SER D 208 40.29 16.49 8.91
N GLU D 209 39.01 16.58 9.30
CA GLU D 209 38.58 16.11 10.62
C GLU D 209 38.78 14.61 10.79
N GLY D 210 38.75 13.85 9.66
CA GLY D 210 39.14 12.42 9.63
C GLY D 210 38.13 11.53 8.90
N PHE D 211 36.92 12.04 8.69
CA PHE D 211 35.88 11.29 7.95
C PHE D 211 36.14 11.44 6.45
N PHE D 212 35.49 10.58 5.66
CA PHE D 212 35.56 10.62 4.19
C PHE D 212 34.21 11.03 3.62
N TYR D 213 34.21 11.85 2.55
CA TYR D 213 32.96 12.22 1.86
C TYR D 213 32.38 10.97 1.19
N MET D 214 31.05 10.83 1.26
CA MET D 214 30.38 9.59 0.89
C MET D 214 30.13 9.54 -0.63
N THR D 215 29.76 10.69 -1.19
CA THR D 215 29.28 10.78 -2.56
C THR D 215 29.66 12.14 -3.15
N VAL D 216 29.83 12.18 -4.47
CA VAL D 216 29.86 13.42 -5.23
C VAL D 216 28.77 13.29 -6.30
N PHE D 217 27.59 13.82 -5.97
CA PHE D 217 26.33 13.46 -6.60
C PHE D 217 25.80 14.65 -7.41
N ASP D 218 25.28 14.34 -8.60
CA ASP D 218 24.80 15.36 -9.53
C ASP D 218 23.33 15.11 -9.84
N LYS D 219 22.67 14.25 -9.05
CA LYS D 219 21.24 13.95 -9.21
C LYS D 219 21.00 13.36 -10.60
N TRP D 220 22.05 12.79 -11.22
CA TRP D 220 22.03 12.17 -12.55
C TRP D 220 21.81 13.22 -13.66
N SER D 221 22.11 14.48 -13.36
CA SER D 221 21.78 15.59 -14.26
C SER D 221 22.76 15.66 -15.44
N LYS D 222 23.98 15.17 -15.22
CA LYS D 222 25.14 15.38 -16.08
C LYS D 222 25.44 16.88 -16.16
N ASP D 223 25.01 17.63 -15.14
CA ASP D 223 25.33 19.03 -14.98
C ASP D 223 26.61 19.13 -14.13
N THR D 224 27.49 20.05 -14.53
CA THR D 224 28.73 20.30 -13.85
C THR D 224 28.40 21.04 -12.54
N LYS D 225 27.43 21.95 -12.66
CA LYS D 225 27.12 22.92 -11.63
C LYS D 225 26.26 22.27 -10.54
N GLN D 226 25.84 21.02 -10.72
CA GLN D 226 25.01 20.34 -9.71
C GLN D 226 25.85 19.36 -8.88
N ARG D 227 27.17 19.44 -8.98
CA ARG D 227 28.00 18.44 -8.35
C ARG D 227 28.23 18.87 -6.92
N GLU D 228 27.74 18.06 -5.98
CA GLU D 228 27.73 18.41 -4.55
C GLU D 228 28.15 17.19 -3.73
N ILE D 229 28.98 17.44 -2.72
CA ILE D 229 29.30 16.43 -1.72
C ILE D 229 28.08 16.28 -0.81
N CYS D 230 27.53 15.07 -0.76
CA CYS D 230 26.33 14.79 0.01
C CYS D 230 26.11 13.29 0.13
N ALA D 231 25.02 12.94 0.82
CA ALA D 231 24.36 11.65 0.69
C ALA D 231 23.08 11.87 -0.09
N TYR D 232 22.33 10.79 -0.35
CA TYR D 232 20.99 10.93 -0.93
C TYR D 232 20.15 9.68 -0.67
N ALA D 233 18.85 9.80 -0.93
CA ALA D 233 17.89 8.74 -0.62
C ALA D 233 16.79 8.70 -1.68
N THR D 234 16.11 7.54 -1.77
CA THR D 234 15.08 7.24 -2.75
C THR D 234 15.63 7.24 -4.17
N GLN D 235 14.75 6.96 -5.13
CA GLN D 235 15.09 6.95 -6.54
C GLN D 235 15.13 8.39 -7.10
N GLN D 236 14.59 9.37 -6.37
CA GLN D 236 14.58 10.77 -6.86
C GLN D 236 15.82 11.51 -6.34
N GLY D 237 16.65 10.80 -5.56
CA GLY D 237 18.00 11.26 -5.20
C GLY D 237 18.00 12.54 -4.37
N HIS D 238 17.14 12.56 -3.34
CA HIS D 238 17.00 13.70 -2.45
C HIS D 238 18.28 13.85 -1.62
N LYS D 239 18.99 14.96 -1.85
CA LYS D 239 20.31 15.20 -1.27
C LYS D 239 20.16 15.61 0.20
N SER D 240 21.17 15.27 1.02
CA SER D 240 21.17 15.50 2.46
C SER D 240 22.62 15.64 2.95
N ASP D 241 22.82 16.34 4.07
CA ASP D 241 24.19 16.76 4.46
C ASP D 241 24.82 15.74 5.42
N ASP D 242 24.31 14.50 5.43
CA ASP D 242 24.89 13.38 6.20
C ASP D 242 25.96 12.68 5.37
N TYR D 243 26.98 13.44 4.93
CA TYR D 243 27.98 13.02 3.95
C TYR D 243 29.19 12.35 4.64
N GLN D 244 29.13 12.22 5.96
CA GLN D 244 30.12 11.48 6.70
C GLN D 244 29.90 9.98 6.43
N ALA D 245 30.94 9.35 5.90
CA ALA D 245 30.94 7.93 5.56
C ALA D 245 31.44 7.11 6.76
N GLY D 246 30.51 6.36 7.35
CA GLY D 246 30.78 5.32 8.34
C GLY D 246 31.41 4.08 7.71
N PHE D 247 31.74 3.09 8.56
CA PHE D 247 32.45 1.88 8.14
C PHE D 247 31.72 1.20 6.98
N ARG D 248 30.42 0.96 7.14
CA ARG D 248 29.60 0.33 6.10
C ARG D 248 29.33 1.29 4.94
N GLN D 249 29.43 2.60 5.18
CA GLN D 249 29.10 3.62 4.18
C GLN D 249 30.32 3.90 3.27
N GLY D 250 31.25 2.93 3.18
CA GLY D 250 32.33 2.98 2.23
C GLY D 250 33.63 3.48 2.84
N GLY D 251 33.57 3.90 4.11
CA GLY D 251 34.72 4.42 4.83
C GLY D 251 35.68 3.32 5.24
N GLY D 252 35.14 2.17 5.64
CA GLY D 252 35.96 1.08 6.09
C GLY D 252 36.87 0.63 4.98
N MET D 253 36.27 0.50 3.78
CA MET D 253 36.98 0.03 2.59
C MET D 253 38.02 1.07 2.13
N ALA D 254 37.70 2.36 2.25
CA ALA D 254 38.61 3.44 1.86
C ALA D 254 39.90 3.39 2.70
N ILE D 255 39.77 3.07 3.99
CA ILE D 255 40.92 2.91 4.86
C ILE D 255 41.78 1.74 4.37
N ALA D 256 41.13 0.59 4.14
CA ALA D 256 41.80 -0.64 3.74
C ALA D 256 42.65 -0.43 2.48
N ALA D 257 42.12 0.33 1.51
CA ALA D 257 42.80 0.61 0.23
C ALA D 257 44.07 1.43 0.50
N LEU D 258 43.88 2.59 1.15
CA LEU D 258 44.96 3.53 1.41
C LEU D 258 46.10 2.86 2.20
N ALA D 259 45.76 1.93 3.10
CA ALA D 259 46.76 1.21 3.90
C ALA D 259 47.57 0.26 3.02
N ALA D 260 46.90 -0.42 2.09
CA ALA D 260 47.55 -1.34 1.16
C ALA D 260 48.35 -0.55 0.11
N ALA D 261 47.85 0.64 -0.25
CA ALA D 261 48.49 1.52 -1.23
C ALA D 261 49.84 2.01 -0.72
N ALA D 262 49.94 2.14 0.61
CA ALA D 262 51.13 2.61 1.31
C ALA D 262 52.28 1.60 1.17
N ARG D 263 51.96 0.33 0.89
CA ARG D 263 52.97 -0.71 0.82
C ARG D 263 53.69 -0.83 -0.52
N LEU D 264 53.23 -0.08 -1.51
CA LEU D 264 53.85 -0.10 -2.84
C LEU D 264 55.16 0.70 -2.83
N ASP D 265 56.13 0.21 -3.63
CA ASP D 265 57.46 0.81 -3.81
C ASP D 265 57.33 2.15 -4.55
N THR D 266 56.39 2.21 -5.51
CA THR D 266 56.04 3.47 -6.18
C THR D 266 54.84 4.08 -5.45
N HIS D 267 54.50 5.32 -5.83
CA HIS D 267 53.33 6.02 -5.31
C HIS D 267 52.81 7.00 -6.38
N GLY D 268 51.64 7.58 -6.12
CA GLY D 268 51.00 8.46 -7.05
C GLY D 268 51.34 9.92 -6.77
N GLU D 269 50.31 10.76 -6.86
CA GLU D 269 50.37 12.19 -6.64
C GLU D 269 50.52 12.48 -5.15
N PHE D 270 50.17 11.50 -4.31
CA PHE D 270 50.45 11.54 -2.88
C PHE D 270 51.44 10.42 -2.53
N THR D 271 52.15 10.61 -1.42
CA THR D 271 53.23 9.71 -0.99
C THR D 271 52.63 8.54 -0.21
N GLN D 272 53.45 7.51 0.04
CA GLN D 272 53.00 6.33 0.81
C GLN D 272 52.62 6.76 2.23
N ALA D 273 53.42 7.69 2.78
CA ALA D 273 53.18 8.28 4.08
C ALA D 273 51.80 8.97 4.11
N ASP D 274 51.51 9.74 3.06
CA ASP D 274 50.24 10.48 2.91
C ASP D 274 49.04 9.51 3.01
N TYR D 275 49.13 8.37 2.30
CA TYR D 275 48.09 7.33 2.27
C TYR D 275 47.92 6.73 3.68
N LEU D 276 49.03 6.28 4.27
CA LEU D 276 49.03 5.58 5.55
C LEU D 276 48.39 6.47 6.62
N GLN D 277 48.83 7.73 6.66
CA GLN D 277 48.29 8.69 7.62
C GLN D 277 46.77 8.77 7.43
N ALA D 278 46.33 9.07 6.21
CA ALA D 278 44.92 9.19 5.91
C ALA D 278 44.17 7.94 6.38
N ALA D 279 44.82 6.78 6.29
CA ALA D 279 44.24 5.51 6.75
C ALA D 279 44.12 5.48 8.27
N GLU D 280 45.26 5.63 8.97
CA GLU D 280 45.31 5.56 10.44
C GLU D 280 44.36 6.61 11.02
N ASN D 281 44.50 7.87 10.59
CA ASN D 281 43.64 8.97 11.04
C ASN D 281 42.17 8.59 10.87
N GLY D 282 41.83 8.22 9.63
CA GLY D 282 40.46 7.96 9.24
C GLY D 282 39.81 6.85 10.04
N TYR D 283 40.64 5.91 10.51
CA TYR D 283 40.20 4.74 11.25
C TYR D 283 39.85 5.10 12.70
N TRP D 284 40.77 5.79 13.36
CA TRP D 284 40.60 6.11 14.78
C TRP D 284 39.47 7.13 14.95
N HIS D 285 39.25 7.93 13.91
CA HIS D 285 38.14 8.86 13.88
C HIS D 285 36.80 8.09 13.84
N LEU D 286 36.71 7.05 12.99
CA LEU D 286 35.49 6.24 12.87
C LEU D 286 35.33 5.35 14.11
N LYS D 287 36.45 4.96 14.73
CA LYS D 287 36.41 4.17 15.94
C LYS D 287 35.66 4.97 17.02
N GLU D 288 35.78 6.29 16.95
CA GLU D 288 35.07 7.24 17.82
C GLU D 288 33.64 7.45 17.33
N HIS D 289 33.46 7.97 16.10
CA HIS D 289 32.18 8.58 15.67
C HIS D 289 31.31 7.72 14.73
N ASN D 290 31.65 6.45 14.53
CA ASN D 290 30.97 5.62 13.51
C ASN D 290 29.45 5.79 13.65
N LEU D 291 28.96 5.58 14.89
CA LEU D 291 27.55 5.42 15.19
C LEU D 291 26.77 6.69 14.80
N ALA D 292 27.41 7.85 15.00
CA ALA D 292 26.82 9.14 14.68
C ALA D 292 26.57 9.28 13.18
N TYR D 293 27.31 8.51 12.36
CA TYR D 293 27.29 8.62 10.89
C TYR D 293 26.38 7.57 10.26
N LEU D 294 25.95 6.58 11.05
CA LEU D 294 25.03 5.53 10.61
C LEU D 294 23.59 6.02 10.73
N ASN D 295 22.83 5.88 9.64
CA ASN D 295 21.48 6.42 9.51
C ASN D 295 20.57 5.86 10.61
N ASP D 296 20.81 4.63 11.07
CA ASP D 296 19.98 4.02 12.11
C ASP D 296 20.77 3.84 13.42
N GLY D 297 22.02 4.31 13.47
CA GLY D 297 22.84 4.33 14.68
C GLY D 297 23.24 2.95 15.20
N VAL D 298 23.10 1.89 14.39
CA VAL D 298 23.52 0.53 14.81
C VAL D 298 24.46 -0.08 13.77
N GLU D 299 25.65 -0.53 14.22
CA GLU D 299 26.60 -1.24 13.36
C GLU D 299 25.98 -2.59 12.98
N ASN D 300 26.09 -2.98 11.70
CA ASN D 300 25.61 -4.28 11.18
C ASN D 300 26.78 -5.01 10.50
N ILE D 301 26.49 -6.16 9.87
CA ILE D 301 27.51 -7.03 9.29
C ILE D 301 28.43 -6.25 8.34
N ILE D 302 27.86 -5.30 7.60
CA ILE D 302 28.62 -4.63 6.55
C ILE D 302 29.75 -3.84 7.21
N ASP D 303 29.45 -3.11 8.28
CA ASP D 303 30.46 -2.41 9.08
C ASP D 303 31.55 -3.41 9.52
N GLU D 304 31.11 -4.57 10.00
CA GLU D 304 32.00 -5.54 10.59
C GLU D 304 32.98 -6.06 9.52
N TYR D 305 32.50 -6.42 8.33
CA TYR D 305 33.41 -6.97 7.30
C TYR D 305 34.33 -5.85 6.80
N CYS D 306 33.80 -4.64 6.62
CA CYS D 306 34.57 -3.49 6.11
C CYS D 306 35.70 -3.11 7.06
N ALA D 307 35.38 -3.01 8.35
CA ALA D 307 36.32 -2.55 9.37
C ALA D 307 37.43 -3.60 9.60
N LEU D 308 37.06 -4.89 9.54
CA LEU D 308 38.03 -5.97 9.72
C LEU D 308 39.14 -5.85 8.66
N LEU D 309 38.72 -5.64 7.41
CA LEU D 309 39.63 -5.44 6.28
C LEU D 309 40.59 -4.27 6.59
N ALA D 310 40.01 -3.15 7.02
CA ALA D 310 40.80 -1.95 7.33
C ALA D 310 41.90 -2.30 8.34
N CYS D 311 41.52 -3.01 9.41
CA CYS D 311 42.45 -3.37 10.48
C CYS D 311 43.50 -4.36 9.97
N CYS D 312 43.07 -5.36 9.19
CA CYS D 312 43.98 -6.36 8.64
C CYS D 312 45.02 -5.69 7.74
N GLU D 313 44.61 -4.64 7.02
CA GLU D 313 45.49 -3.96 6.07
C GLU D 313 46.42 -2.99 6.82
N LEU D 314 45.94 -2.40 7.91
CA LEU D 314 46.73 -1.43 8.70
C LEU D 314 47.81 -2.17 9.50
N TYR D 315 47.50 -3.38 9.97
CA TYR D 315 48.47 -4.18 10.70
C TYR D 315 49.58 -4.61 9.74
N ARG D 316 49.19 -5.08 8.55
CA ARG D 316 50.15 -5.53 7.54
C ARG D 316 51.16 -4.42 7.21
N THR D 317 50.67 -3.18 7.13
CA THR D 317 51.47 -2.04 6.69
C THR D 317 52.37 -1.56 7.83
N THR D 318 51.83 -1.40 9.05
CA THR D 318 52.54 -0.72 10.18
C THR D 318 53.17 -1.72 11.16
N GLU D 319 52.67 -2.96 11.20
CA GLU D 319 53.13 -4.04 12.10
C GLU D 319 52.95 -3.61 13.58
N ASN D 320 51.96 -2.76 13.84
CA ASN D 320 51.71 -2.17 15.15
C ASN D 320 50.56 -2.96 15.80
N ASP D 321 50.85 -3.63 16.92
CA ASP D 321 49.99 -4.69 17.50
C ASP D 321 48.56 -4.19 17.75
N GLN D 322 48.39 -2.89 18.03
CA GLN D 322 47.06 -2.28 18.25
C GLN D 322 46.05 -2.77 17.22
N TYR D 323 46.46 -2.81 15.94
CA TYR D 323 45.58 -3.10 14.81
C TYR D 323 45.24 -4.60 14.77
N LEU D 324 46.20 -5.47 15.09
CA LEU D 324 45.93 -6.90 15.17
C LEU D 324 44.85 -7.16 16.25
N ALA D 325 44.93 -6.41 17.34
CA ALA D 325 43.98 -6.50 18.44
C ALA D 325 42.58 -6.10 17.95
N GLN D 326 42.52 -4.97 17.22
CA GLN D 326 41.27 -4.46 16.64
C GLN D 326 40.71 -5.48 15.62
N ALA D 327 41.56 -6.03 14.75
CA ALA D 327 41.17 -7.10 13.83
C ALA D 327 40.52 -8.24 14.61
N ARG D 328 41.23 -8.74 15.63
CA ARG D 328 40.77 -9.86 16.45
C ARG D 328 39.36 -9.64 17.00
N GLU D 329 39.06 -8.39 17.41
CA GLU D 329 37.76 -8.00 17.97
C GLU D 329 36.70 -8.05 16.87
N TRP D 330 36.99 -7.37 15.75
CA TRP D 330 36.08 -7.30 14.61
C TRP D 330 35.76 -8.71 14.10
N ALA D 331 36.79 -9.58 14.08
CA ALA D 331 36.64 -10.95 13.61
C ALA D 331 35.62 -11.70 14.48
N GLN D 332 35.81 -11.60 15.80
CA GLN D 332 34.94 -12.25 16.80
C GLN D 332 33.49 -11.77 16.62
N ARG D 333 33.34 -10.45 16.39
CA ARG D 333 32.04 -9.80 16.12
C ARG D 333 31.37 -10.30 14.84
N LEU D 334 32.19 -10.50 13.80
CA LEU D 334 31.71 -10.94 12.51
C LEU D 334 31.29 -12.41 12.59
N ALA D 335 32.08 -13.22 13.30
CA ALA D 335 31.80 -14.64 13.45
C ALA D 335 30.42 -14.84 14.11
N LYS D 336 29.98 -13.82 14.86
CA LYS D 336 28.68 -13.85 15.54
C LYS D 336 27.53 -13.68 14.53
N ARG D 337 27.81 -13.15 13.33
CA ARG D 337 26.78 -13.02 12.30
C ARG D 337 26.48 -14.35 11.63
N GLN D 338 27.30 -15.38 11.90
CA GLN D 338 27.03 -16.74 11.44
C GLN D 338 25.91 -17.32 12.32
N CYS D 339 24.77 -17.61 11.67
CA CYS D 339 23.56 -18.05 12.34
C CYS D 339 23.03 -19.30 11.65
N SER D 340 22.41 -20.16 12.45
CA SER D 340 21.58 -21.23 11.94
C SER D 340 20.14 -20.94 12.40
N ASP D 341 19.16 -21.32 11.56
CA ASP D 341 17.76 -21.21 11.89
C ASP D 341 17.12 -22.56 11.56
N GLU D 342 15.77 -22.59 11.52
CA GLU D 342 15.08 -23.87 11.56
C GLU D 342 14.97 -24.48 10.15
N GLN D 343 15.48 -23.82 9.10
CA GLN D 343 15.50 -24.46 7.78
C GLN D 343 16.83 -24.26 7.05
N ILE D 344 17.86 -23.69 7.68
CA ILE D 344 19.17 -23.54 6.98
C ILE D 344 20.25 -23.14 8.00
N ALA D 345 21.44 -23.76 7.86
CA ALA D 345 22.52 -23.60 8.82
C ALA D 345 23.63 -22.73 8.24
N HIS D 346 24.18 -21.85 9.09
CA HIS D 346 25.42 -21.11 8.86
C HIS D 346 25.27 -20.06 7.77
N TYR D 347 24.05 -19.56 7.59
CA TYR D 347 23.78 -18.38 6.76
C TYR D 347 24.35 -17.14 7.45
N TRP D 348 24.54 -16.08 6.68
CA TRP D 348 25.01 -14.81 7.21
C TRP D 348 23.81 -13.95 7.56
N SER D 349 23.80 -13.40 8.78
CA SER D 349 22.76 -12.51 9.24
C SER D 349 23.23 -11.05 9.20
N ALA D 350 22.37 -10.17 8.67
CA ALA D 350 22.55 -8.72 8.75
C ALA D 350 22.38 -8.26 10.19
N THR D 351 21.15 -8.42 10.69
CA THR D 351 20.74 -8.09 12.06
C THR D 351 21.35 -9.12 13.01
N SER D 352 21.43 -8.77 14.31
CA SER D 352 22.11 -9.59 15.31
C SER D 352 21.25 -10.76 15.80
N ASN D 353 19.93 -10.67 15.61
CA ASN D 353 19.01 -11.72 16.08
C ASN D 353 18.91 -12.86 15.04
N GLY D 354 19.35 -12.60 13.80
CA GLY D 354 19.25 -13.59 12.72
C GLY D 354 17.93 -13.49 11.95
N GLU D 355 17.15 -12.43 12.21
CA GLU D 355 15.79 -12.31 11.73
C GLU D 355 15.78 -11.88 10.25
N ARG D 356 16.73 -11.00 9.86
CA ARG D 356 16.99 -10.67 8.44
C ARG D 356 18.36 -11.18 8.02
N PRO D 357 18.44 -12.11 7.05
CA PRO D 357 19.72 -12.59 6.54
C PRO D 357 20.46 -11.49 5.77
N TYR D 358 21.78 -11.66 5.68
CA TYR D 358 22.63 -10.88 4.79
C TYR D 358 22.48 -11.44 3.37
N PHE D 359 22.31 -10.53 2.43
CA PHE D 359 22.36 -10.83 1.02
C PHE D 359 22.67 -9.51 0.32
N HIS D 360 23.47 -9.58 -0.75
CA HIS D 360 24.04 -8.38 -1.34
C HIS D 360 24.25 -8.62 -2.84
N ALA D 361 23.83 -7.66 -3.68
CA ALA D 361 23.89 -7.82 -5.13
C ALA D 361 25.21 -7.26 -5.68
N SER D 362 26.25 -7.26 -4.85
CA SER D 362 27.45 -6.53 -5.11
C SER D 362 28.62 -7.17 -4.34
N ASP D 363 28.59 -7.12 -3.00
CA ASP D 363 29.76 -7.46 -2.21
C ASP D 363 29.54 -8.76 -1.40
N ALA D 364 28.67 -9.65 -1.89
CA ALA D 364 28.21 -10.84 -1.14
C ALA D 364 29.37 -11.71 -0.67
N GLY D 365 30.55 -11.57 -1.28
CA GLY D 365 31.71 -12.38 -0.93
C GLY D 365 32.37 -11.96 0.37
N LEU D 366 32.39 -10.63 0.62
CA LEU D 366 33.31 -9.98 1.58
C LEU D 366 33.35 -10.67 2.95
N PRO D 367 32.21 -11.05 3.58
CA PRO D 367 32.25 -11.71 4.88
C PRO D 367 33.41 -12.72 4.96
N VAL D 368 33.45 -13.64 4.00
CA VAL D 368 34.41 -14.74 4.01
C VAL D 368 35.80 -14.20 3.60
N ILE D 369 35.82 -13.27 2.63
CA ILE D 369 37.07 -12.67 2.14
C ILE D 369 37.78 -11.96 3.30
N ALA D 370 37.02 -11.18 4.08
CA ALA D 370 37.57 -10.38 5.16
C ALA D 370 38.09 -11.29 6.27
N LEU D 371 37.36 -12.38 6.55
CA LEU D 371 37.82 -13.34 7.53
C LEU D 371 39.11 -14.00 7.04
N CYS D 372 39.24 -14.20 5.73
CA CYS D 372 40.43 -14.85 5.17
C CYS D 372 41.66 -13.93 5.28
N GLU D 373 41.46 -12.61 5.11
CA GLU D 373 42.54 -11.64 5.32
C GLU D 373 43.00 -11.66 6.78
N TYR D 374 42.06 -11.84 7.71
CA TYR D 374 42.35 -11.99 9.13
C TYR D 374 43.16 -13.27 9.34
N LEU D 375 42.66 -14.41 8.83
CA LEU D 375 43.33 -15.70 8.98
C LEU D 375 44.77 -15.62 8.46
N ASN D 376 44.98 -14.80 7.41
CA ASN D 376 46.30 -14.63 6.79
C ASN D 376 47.31 -14.01 7.77
N ILE D 377 46.84 -13.30 8.79
CA ILE D 377 47.71 -12.52 9.70
C ILE D 377 47.55 -12.98 11.15
N GLU D 378 46.75 -14.03 11.40
CA GLU D 378 46.45 -14.48 12.75
C GLU D 378 47.31 -15.71 13.06
N THR D 379 48.25 -15.54 14.00
CA THR D 379 49.28 -16.53 14.30
C THR D 379 48.84 -17.38 15.51
N ASP D 380 47.98 -16.83 16.39
CA ASP D 380 47.45 -17.57 17.53
C ASP D 380 46.47 -18.64 17.03
N THR D 381 46.79 -19.92 17.28
CA THR D 381 46.19 -21.05 16.56
C THR D 381 44.79 -21.38 17.12
N ALA D 382 44.47 -20.90 18.32
CA ALA D 382 43.12 -21.04 18.88
C ALA D 382 42.14 -20.16 18.07
N ASN D 383 42.48 -18.88 17.98
CA ASN D 383 41.73 -17.88 17.19
C ASN D 383 41.59 -18.34 15.74
N TYR D 384 42.71 -18.81 15.18
CA TYR D 384 42.76 -19.25 13.79
C TYR D 384 41.76 -20.39 13.57
N ALA D 385 41.90 -21.46 14.36
CA ALA D 385 41.11 -22.68 14.17
C ALA D 385 39.62 -22.42 14.42
N GLN D 386 39.28 -21.44 15.27
CA GLN D 386 37.88 -21.03 15.48
C GLN D 386 37.29 -20.47 14.17
N LEU D 387 37.91 -19.39 13.69
CA LEU D 387 37.39 -18.61 12.57
C LEU D 387 37.68 -19.31 11.25
N GLN D 388 38.63 -20.26 11.25
CA GLN D 388 38.83 -21.21 10.15
C GLN D 388 37.51 -21.96 9.94
N ARG D 389 36.96 -22.52 11.03
CA ARG D 389 35.72 -23.30 10.97
C ARG D 389 34.49 -22.46 10.57
N VAL D 390 34.51 -21.15 10.87
CA VAL D 390 33.47 -20.24 10.43
C VAL D 390 33.52 -20.13 8.90
N VAL D 391 34.72 -19.87 8.37
CA VAL D 391 34.95 -19.73 6.93
C VAL D 391 34.55 -21.04 6.23
N GLU D 392 34.90 -22.18 6.83
CA GLU D 392 34.57 -23.50 6.29
C GLU D 392 33.04 -23.67 6.23
N GLN D 393 32.35 -23.30 7.31
CA GLN D 393 30.91 -23.51 7.42
C GLN D 393 30.17 -22.59 6.46
N ALA D 394 30.64 -21.34 6.36
CA ALA D 394 30.04 -20.33 5.48
C ALA D 394 30.12 -20.78 4.01
N CYS D 395 31.19 -21.48 3.63
CA CYS D 395 31.35 -21.99 2.28
C CYS D 395 30.47 -23.22 2.06
N GLN D 396 30.38 -24.07 3.09
CA GLN D 396 29.51 -25.25 3.06
C GLN D 396 28.07 -24.79 2.82
N PHE D 397 27.70 -23.65 3.44
CA PHE D 397 26.39 -23.01 3.28
C PHE D 397 26.16 -22.63 1.81
N GLU D 398 27.11 -21.88 1.23
CA GLU D 398 26.99 -21.35 -0.13
C GLU D 398 26.76 -22.50 -1.12
N LEU D 399 27.38 -23.64 -0.83
CA LEU D 399 27.27 -24.83 -1.65
C LEU D 399 25.92 -25.50 -1.41
N ALA D 400 25.59 -25.69 -0.13
CA ALA D 400 24.36 -26.37 0.28
C ALA D 400 23.15 -25.70 -0.37
N ILE D 401 23.01 -24.39 -0.14
CA ILE D 401 21.87 -23.59 -0.59
C ILE D 401 21.76 -23.62 -2.12
N THR D 402 22.90 -23.61 -2.81
CA THR D 402 22.91 -23.46 -4.28
C THR D 402 22.57 -24.80 -4.95
N GLN D 403 22.69 -25.90 -4.20
CA GLN D 403 22.47 -27.27 -4.69
C GLN D 403 21.23 -27.89 -4.03
N GLN D 404 20.31 -27.05 -3.52
CA GLN D 404 19.15 -27.54 -2.79
C GLN D 404 17.92 -27.65 -3.71
N VAL D 405 18.01 -27.10 -4.92
CA VAL D 405 16.92 -27.16 -5.91
C VAL D 405 17.52 -27.46 -7.28
N SER D 406 16.65 -27.68 -8.27
CA SER D 406 17.09 -27.91 -9.65
C SER D 406 17.89 -26.68 -10.07
N ASN D 407 19.20 -26.84 -10.30
CA ASN D 407 20.09 -25.71 -10.61
C ASN D 407 21.13 -26.12 -11.65
N PRO D 408 20.75 -26.27 -12.93
CA PRO D 408 21.68 -26.70 -13.96
C PRO D 408 22.79 -25.67 -14.21
N PHE D 409 22.44 -24.38 -14.04
CA PHE D 409 23.31 -23.27 -14.40
C PHE D 409 24.39 -23.02 -13.32
N GLY D 410 24.18 -23.62 -12.13
CA GLY D 410 25.11 -23.54 -11.01
C GLY D 410 25.09 -22.19 -10.31
N TYR D 411 24.07 -21.36 -10.62
CA TYR D 411 23.97 -19.97 -10.18
C TYR D 411 23.94 -19.93 -8.65
N PRO D 412 24.93 -19.28 -8.01
CA PRO D 412 25.00 -19.20 -6.55
C PRO D 412 23.70 -18.65 -5.99
N ARG D 413 23.08 -19.43 -5.09
CA ARG D 413 21.83 -19.07 -4.46
C ARG D 413 22.13 -18.37 -3.13
N GLN D 414 21.09 -17.82 -2.50
CA GLN D 414 21.25 -16.92 -1.36
C GLN D 414 19.98 -16.91 -0.50
N TYR D 415 20.15 -16.57 0.77
CA TYR D 415 19.09 -16.50 1.74
C TYR D 415 18.64 -15.03 1.85
N VAL D 416 17.39 -14.75 1.49
CA VAL D 416 16.89 -13.39 1.37
C VAL D 416 15.63 -13.25 2.22
N LYS D 417 15.24 -11.99 2.45
CA LYS D 417 14.01 -11.64 3.11
C LYS D 417 13.66 -10.18 2.79
N GLY D 418 12.40 -9.92 2.44
CA GLY D 418 11.94 -8.62 2.10
C GLY D 418 11.30 -7.93 3.27
N VAL D 419 11.03 -6.63 3.05
CA VAL D 419 10.13 -5.83 3.87
C VAL D 419 8.78 -6.56 3.91
N GLU D 420 8.36 -7.16 2.79
CA GLU D 420 7.05 -7.78 2.67
C GLU D 420 7.16 -9.28 2.33
N SER D 421 8.08 -10.02 2.94
CA SER D 421 8.13 -11.47 2.69
C SER D 421 8.94 -12.21 3.77
N ALA D 422 8.67 -13.52 3.85
CA ALA D 422 9.34 -14.46 4.76
C ALA D 422 10.76 -14.77 4.28
N LYS D 423 11.65 -15.12 5.21
CA LYS D 423 12.94 -15.71 4.85
C LYS D 423 12.69 -16.87 3.89
N ARG D 424 13.39 -16.82 2.75
CA ARG D 424 13.30 -17.84 1.73
C ARG D 424 14.67 -17.90 1.05
N THR D 425 15.05 -19.10 0.57
CA THR D 425 16.19 -19.29 -0.29
C THR D 425 15.78 -18.82 -1.69
N SER D 426 16.74 -18.30 -2.45
CA SER D 426 16.43 -17.64 -3.71
C SER D 426 17.60 -17.70 -4.69
N PHE D 427 17.29 -17.47 -5.97
CA PHE D 427 18.32 -17.18 -6.95
C PHE D 427 18.78 -15.74 -6.75
N PHE D 428 17.84 -14.80 -6.93
CA PHE D 428 18.15 -13.38 -6.93
C PHE D 428 17.76 -12.75 -5.59
N ILE D 429 18.06 -11.46 -5.43
CA ILE D 429 17.81 -10.77 -4.16
C ILE D 429 16.33 -10.49 -4.02
N ALA D 430 15.95 -10.19 -2.78
CA ALA D 430 14.66 -9.66 -2.46
C ALA D 430 14.48 -8.29 -3.15
N GLN D 431 13.52 -8.24 -4.08
CA GLN D 431 13.21 -7.01 -4.82
C GLN D 431 12.55 -6.02 -3.86
N ASP D 432 11.87 -6.55 -2.83
CA ASP D 432 11.01 -5.83 -1.90
C ASP D 432 11.79 -5.49 -0.64
N ASN D 433 12.95 -4.84 -0.82
CA ASN D 433 13.93 -4.55 0.25
C ASN D 433 13.72 -3.12 0.77
N GLU D 434 14.59 -2.71 1.69
CA GLU D 434 14.44 -1.50 2.52
C GLU D 434 14.64 -0.23 1.67
N SER D 435 15.27 -0.36 0.50
CA SER D 435 15.51 0.77 -0.40
C SER D 435 14.18 1.41 -0.82
N GLY D 436 13.16 0.57 -1.00
CA GLY D 436 11.89 0.98 -1.52
C GLY D 436 11.79 0.80 -3.03
N TYR D 437 12.91 0.57 -3.72
CA TYR D 437 12.91 0.51 -5.19
C TYR D 437 14.09 -0.30 -5.74
N TRP D 438 15.23 -0.28 -5.03
CA TRP D 438 16.51 -0.67 -5.62
C TRP D 438 16.65 -2.21 -5.69
N TRP D 439 16.89 -2.68 -6.91
CA TRP D 439 17.33 -4.02 -7.21
C TRP D 439 17.76 -4.04 -8.69
N GLN D 440 18.79 -4.84 -8.98
CA GLN D 440 19.41 -4.90 -10.30
C GLN D 440 20.11 -6.24 -10.44
N GLY D 441 20.88 -6.38 -11.53
CA GLY D 441 21.72 -7.55 -11.77
C GLY D 441 22.82 -7.68 -10.71
N GLU D 442 23.36 -8.90 -10.62
CA GLU D 442 24.21 -9.33 -9.52
C GLU D 442 25.59 -9.80 -10.03
N ASN D 443 25.99 -9.36 -11.23
CA ASN D 443 27.26 -9.81 -11.83
C ASN D 443 28.42 -9.53 -10.87
N ALA D 444 28.33 -8.40 -10.17
CA ALA D 444 29.26 -8.06 -9.14
C ALA D 444 29.24 -9.16 -8.07
N ARG D 445 28.05 -9.42 -7.53
CA ARG D 445 27.87 -10.46 -6.54
C ARG D 445 28.51 -11.80 -6.99
N LEU D 446 28.23 -12.21 -8.24
CA LEU D 446 28.72 -13.48 -8.77
C LEU D 446 30.24 -13.52 -8.71
N ALA D 447 30.87 -12.48 -9.26
CA ALA D 447 32.33 -12.36 -9.32
C ALA D 447 32.91 -12.21 -7.91
N SER D 448 32.16 -11.54 -7.03
CA SER D 448 32.55 -11.38 -5.64
C SER D 448 32.67 -12.75 -4.97
N LEU D 449 31.67 -13.60 -5.21
CA LEU D 449 31.62 -14.95 -4.64
C LEU D 449 32.70 -15.83 -5.27
N ALA D 450 32.86 -15.74 -6.60
CA ALA D 450 33.94 -16.45 -7.30
C ALA D 450 35.28 -16.09 -6.63
N SER D 451 35.57 -14.80 -6.52
CA SER D 451 36.78 -14.28 -5.88
C SER D 451 36.93 -14.89 -4.48
N MET D 452 35.84 -14.87 -3.70
CA MET D 452 35.82 -15.42 -2.35
C MET D 452 36.34 -16.87 -2.35
N ALA D 453 35.84 -17.68 -3.29
CA ALA D 453 36.11 -19.11 -3.32
C ALA D 453 37.59 -19.34 -3.57
N TYR D 454 38.13 -18.64 -4.57
CA TYR D 454 39.53 -18.81 -4.95
C TYR D 454 40.44 -18.37 -3.78
N LEU D 455 40.15 -17.22 -3.17
CA LEU D 455 41.02 -16.65 -2.14
C LEU D 455 40.95 -17.44 -0.82
N ALA D 456 39.90 -18.24 -0.63
CA ALA D 456 39.67 -18.98 0.63
C ALA D 456 40.41 -20.34 0.65
N GLN D 457 40.80 -20.84 -0.53
CA GLN D 457 41.32 -22.22 -0.70
C GLN D 457 42.52 -22.49 0.21
N PRO D 458 43.48 -21.56 0.36
CA PRO D 458 44.48 -21.65 1.42
C PRO D 458 43.98 -22.14 2.79
N HIS D 459 42.83 -21.64 3.24
CA HIS D 459 42.32 -21.92 4.59
C HIS D 459 41.19 -22.96 4.59
N LEU D 460 41.02 -23.72 3.52
CA LEU D 460 39.92 -24.71 3.42
C LEU D 460 40.50 -26.12 3.23
N SER D 461 39.79 -27.11 3.77
CA SER D 461 40.06 -28.53 3.54
C SER D 461 40.04 -28.79 2.03
N THR D 462 40.83 -29.78 1.60
CA THR D 462 40.90 -30.16 0.19
C THR D 462 39.68 -31.06 -0.11
N ALA D 463 38.93 -31.41 0.94
CA ALA D 463 37.60 -32.03 0.79
C ALA D 463 36.62 -31.08 0.07
N ILE D 464 36.66 -29.78 0.39
CA ILE D 464 35.66 -28.82 -0.11
C ILE D 464 36.30 -27.90 -1.16
N ALA D 465 37.49 -28.27 -1.65
CA ALA D 465 38.21 -27.50 -2.65
C ALA D 465 37.52 -27.59 -4.02
N LYS D 466 37.38 -28.81 -4.54
CA LYS D 466 36.84 -29.07 -5.89
C LYS D 466 35.42 -28.53 -6.03
N PRO D 467 34.52 -28.72 -5.03
CA PRO D 467 33.17 -28.16 -5.10
C PRO D 467 33.13 -26.64 -5.34
N LEU D 468 34.00 -25.89 -4.65
CA LEU D 468 34.07 -24.43 -4.75
C LEU D 468 34.72 -24.01 -6.09
N GLU D 469 35.60 -24.87 -6.63
CA GLU D 469 36.17 -24.67 -7.97
C GLU D 469 35.04 -24.56 -9.01
N GLN D 470 34.02 -25.40 -8.82
CA GLN D 470 32.86 -25.56 -9.72
C GLN D 470 31.90 -24.39 -9.52
N TRP D 471 31.55 -24.15 -8.25
CA TRP D 471 30.68 -23.07 -7.84
C TRP D 471 31.19 -21.74 -8.42
N SER D 472 32.49 -21.50 -8.25
CA SER D 472 33.12 -20.25 -8.64
C SER D 472 33.11 -20.13 -10.17
N GLN D 473 33.36 -21.25 -10.87
CA GLN D 473 33.39 -21.24 -12.34
C GLN D 473 31.96 -20.99 -12.87
N ASN D 474 30.99 -21.61 -12.20
CA ASN D 474 29.61 -21.54 -12.64
C ASN D 474 29.08 -20.11 -12.51
N ALA D 475 29.60 -19.39 -11.50
CA ALA D 475 29.32 -17.98 -11.31
C ALA D 475 29.87 -17.18 -12.49
N LEU D 476 31.16 -17.38 -12.79
CA LEU D 476 31.83 -16.64 -13.83
C LEU D 476 31.23 -16.97 -15.20
N ASN D 477 30.92 -18.26 -15.43
CA ASN D 477 30.37 -18.72 -16.71
C ASN D 477 29.13 -17.89 -17.06
N TRP D 478 28.28 -17.64 -16.06
CA TRP D 478 27.03 -16.88 -16.22
C TRP D 478 27.32 -15.47 -16.75
N ILE D 479 28.36 -14.83 -16.19
CA ILE D 479 28.65 -13.44 -16.48
C ILE D 479 28.96 -13.32 -17.98
N VAL D 480 29.66 -14.32 -18.53
CA VAL D 480 30.21 -14.26 -19.88
C VAL D 480 29.44 -15.16 -20.87
N GLY D 481 28.21 -15.58 -20.54
CA GLY D 481 27.25 -16.02 -21.57
C GLY D 481 26.60 -17.37 -21.32
N LEU D 482 26.98 -18.07 -20.24
CA LEU D 482 26.29 -19.31 -19.88
C LEU D 482 25.10 -18.95 -18.99
N ASN D 483 24.12 -18.32 -19.63
CA ASN D 483 22.90 -17.82 -19.00
C ASN D 483 21.72 -18.01 -19.97
N PRO D 484 20.47 -18.06 -19.47
CA PRO D 484 19.30 -18.28 -20.33
C PRO D 484 19.16 -17.28 -21.49
N TYR D 485 19.77 -16.09 -21.37
CA TYR D 485 19.63 -15.05 -22.38
C TYR D 485 20.75 -15.12 -23.43
N ASN D 486 21.62 -16.16 -23.33
CA ASN D 486 22.72 -16.41 -24.29
C ASN D 486 23.50 -15.12 -24.55
N MET D 487 23.91 -14.46 -23.46
CA MET D 487 24.35 -13.09 -23.50
C MET D 487 25.61 -12.95 -22.64
N CYS D 488 26.72 -12.56 -23.28
CA CYS D 488 27.92 -12.15 -22.56
C CYS D 488 27.73 -10.71 -22.06
N MET D 489 27.83 -10.52 -20.74
CA MET D 489 27.60 -9.23 -20.08
C MET D 489 28.90 -8.41 -20.02
N LEU D 490 30.04 -9.06 -20.28
CA LEU D 490 31.34 -8.38 -20.47
C LEU D 490 31.39 -7.80 -21.89
N ASP D 491 31.50 -6.47 -21.99
CA ASP D 491 31.35 -5.79 -23.27
C ASP D 491 32.62 -6.01 -24.10
N GLY D 492 32.43 -6.27 -25.40
CA GLY D 492 33.52 -6.51 -26.36
C GLY D 492 33.93 -7.97 -26.41
N HIS D 493 33.16 -8.85 -25.76
CA HIS D 493 33.42 -10.28 -25.71
C HIS D 493 32.11 -11.03 -25.93
N GLY D 494 32.21 -12.33 -26.17
CA GLY D 494 31.08 -13.19 -26.40
C GLY D 494 30.09 -12.60 -27.39
N HIS D 495 28.79 -12.86 -27.16
CA HIS D 495 27.73 -12.52 -28.09
C HIS D 495 26.57 -11.85 -27.35
N ASN D 496 25.88 -10.97 -28.09
CA ASN D 496 24.65 -10.33 -27.65
C ASN D 496 24.93 -9.33 -26.53
N ASN D 497 26.08 -8.65 -26.61
CA ASN D 497 26.41 -7.62 -25.64
C ASN D 497 25.22 -6.67 -25.58
N PRO D 498 24.69 -6.33 -24.39
CA PRO D 498 23.65 -5.33 -24.27
C PRO D 498 24.27 -3.92 -24.16
N ASP D 499 23.64 -2.94 -24.79
CA ASP D 499 23.92 -1.53 -24.56
C ASP D 499 22.92 -0.99 -23.56
N TYR D 500 23.10 0.26 -23.12
CA TYR D 500 22.23 0.88 -22.13
C TYR D 500 21.31 1.89 -22.81
N LEU D 501 21.76 3.15 -22.95
CA LEU D 501 20.91 4.20 -23.48
C LEU D 501 21.64 4.96 -24.57
N PRO D 502 21.97 4.30 -25.70
CA PRO D 502 22.72 4.94 -26.78
C PRO D 502 22.02 6.18 -27.35
N HIS D 503 20.69 6.14 -27.46
CA HIS D 503 19.93 7.24 -28.06
C HIS D 503 20.16 8.56 -27.29
N LEU D 504 20.60 8.48 -26.03
CA LEU D 504 20.91 9.67 -25.23
C LEU D 504 22.43 9.88 -25.07
N GLY D 505 23.21 9.01 -25.73
CA GLY D 505 24.66 9.10 -25.74
C GLY D 505 25.30 8.56 -24.47
N PHE D 506 24.50 7.83 -23.67
CA PHE D 506 25.00 7.11 -22.51
C PHE D 506 25.22 5.65 -22.88
N PHE D 507 26.35 5.40 -23.54
CA PHE D 507 26.75 4.08 -24.04
C PHE D 507 27.40 3.26 -22.91
N ASN D 508 27.38 1.94 -23.08
CA ASN D 508 28.24 1.05 -22.34
C ASN D 508 29.63 1.17 -22.95
N ALA D 509 30.65 0.73 -22.19
CA ALA D 509 32.03 0.84 -22.61
C ALA D 509 32.63 -0.56 -22.69
N LYS D 510 33.44 -0.79 -23.73
CA LYS D 510 34.04 -2.09 -23.95
C LYS D 510 34.99 -2.35 -22.78
N GLY D 511 34.91 -3.55 -22.21
CA GLY D 511 35.71 -3.96 -21.06
C GLY D 511 34.93 -3.91 -19.76
N GLY D 512 33.83 -3.16 -19.75
CA GLY D 512 32.94 -3.09 -18.61
C GLY D 512 32.00 -4.28 -18.52
N VAL D 513 31.55 -4.54 -17.28
CA VAL D 513 30.50 -5.50 -17.02
C VAL D 513 29.27 -4.73 -16.55
N CYS D 514 28.11 -5.10 -17.11
CA CYS D 514 26.82 -4.48 -16.80
C CYS D 514 26.14 -5.18 -15.63
N ASN D 515 25.09 -4.54 -15.11
CA ASN D 515 24.35 -5.00 -13.92
C ASN D 515 24.03 -6.50 -14.10
N GLY D 516 23.29 -6.83 -15.15
CA GLY D 516 22.98 -8.22 -15.52
C GLY D 516 21.53 -8.59 -15.27
N ILE D 517 21.33 -9.89 -15.03
CA ILE D 517 20.03 -10.56 -15.06
C ILE D 517 19.45 -10.57 -13.65
N THR D 518 18.11 -10.44 -13.57
CA THR D 518 17.35 -10.34 -12.31
C THR D 518 16.16 -11.29 -12.30
N ALA D 519 15.50 -11.35 -11.14
CA ALA D 519 14.18 -11.93 -11.00
C ALA D 519 13.19 -11.16 -11.90
N GLY D 520 12.08 -11.82 -12.25
CA GLY D 520 11.00 -11.23 -13.05
C GLY D 520 10.49 -9.94 -12.41
N PHE D 521 10.12 -8.99 -13.29
CA PHE D 521 9.65 -7.68 -12.84
C PHE D 521 8.35 -7.83 -12.05
N ASP D 522 7.47 -8.69 -12.57
CA ASP D 522 6.16 -8.96 -12.01
C ASP D 522 6.19 -10.23 -11.17
N ASP D 523 7.05 -11.19 -11.54
CA ASP D 523 7.06 -12.54 -10.96
C ASP D 523 8.41 -12.82 -10.31
N PRO D 524 8.55 -12.69 -8.97
CA PRO D 524 9.79 -13.04 -8.28
C PRO D 524 10.39 -14.40 -8.65
N ARG D 525 9.57 -15.37 -9.06
CA ARG D 525 10.09 -16.70 -9.37
C ARG D 525 10.43 -16.90 -10.86
N ASP D 526 10.19 -15.87 -11.68
CA ASP D 526 10.62 -15.84 -13.08
C ASP D 526 12.00 -15.15 -13.13
N ILE D 527 12.47 -14.89 -14.37
CA ILE D 527 13.75 -14.30 -14.69
C ILE D 527 13.51 -13.17 -15.69
N ALA D 528 14.37 -12.14 -15.65
CA ALA D 528 14.16 -10.98 -16.49
C ALA D 528 15.50 -10.33 -16.86
N PHE D 529 15.58 -9.97 -18.14
CA PHE D 529 16.57 -9.03 -18.64
C PHE D 529 15.94 -8.24 -19.79
N ASN D 530 15.91 -6.91 -19.63
CA ASN D 530 15.26 -5.96 -20.54
C ASN D 530 13.95 -6.55 -21.05
N PRO D 531 12.99 -6.90 -20.17
CA PRO D 531 11.70 -7.48 -20.59
C PRO D 531 10.82 -6.38 -21.21
N ALA D 532 10.05 -6.75 -22.25
CA ALA D 532 9.40 -5.76 -23.16
C ALA D 532 8.61 -4.71 -22.35
N GLY D 533 7.94 -5.18 -21.30
CA GLY D 533 7.14 -4.35 -20.42
C GLY D 533 7.88 -3.10 -19.98
N GLN D 534 9.10 -3.27 -19.45
CA GLN D 534 9.81 -2.21 -18.76
C GLN D 534 11.08 -1.82 -19.53
N LYS D 535 11.32 -2.43 -20.70
CA LYS D 535 12.60 -2.28 -21.42
C LYS D 535 12.78 -0.82 -21.83
N ASP D 536 11.67 -0.12 -22.09
CA ASP D 536 11.74 1.25 -22.57
C ASP D 536 11.47 2.24 -21.43
N ASP D 537 11.02 1.75 -20.27
CA ASP D 537 10.73 2.60 -19.12
C ASP D 537 12.07 3.00 -18.49
N MET D 538 12.44 4.27 -18.66
CA MET D 538 13.75 4.74 -18.25
C MET D 538 13.87 4.78 -16.72
N LEU D 539 12.74 4.59 -16.02
CA LEU D 539 12.73 4.50 -14.58
C LEU D 539 13.15 3.09 -14.14
N GLN D 540 13.25 2.14 -15.07
CA GLN D 540 13.41 0.71 -14.73
C GLN D 540 14.54 0.03 -15.52
N ASN D 541 14.85 0.52 -16.72
CA ASN D 541 15.72 -0.20 -17.67
C ASN D 541 17.20 -0.12 -17.24
N TRP D 542 17.50 0.79 -16.30
CA TRP D 542 18.81 0.85 -15.65
C TRP D 542 19.14 -0.49 -14.96
N ARG D 543 18.12 -1.17 -14.45
CA ARG D 543 18.31 -2.36 -13.65
C ARG D 543 19.10 -3.50 -14.33
N TRP D 544 19.21 -3.45 -15.67
CA TRP D 544 19.71 -4.56 -16.48
C TRP D 544 20.94 -4.17 -17.31
N GLY D 545 20.74 -3.24 -18.25
CA GLY D 545 21.74 -2.94 -19.30
C GLY D 545 22.87 -2.05 -18.82
N GLU D 546 22.65 -1.30 -17.72
CA GLU D 546 23.59 -0.27 -17.25
C GLU D 546 24.82 -0.99 -16.69
N GLN D 547 25.99 -0.36 -16.90
CA GLN D 547 27.27 -0.79 -16.33
C GLN D 547 27.54 0.01 -15.05
N TRP D 548 28.28 -0.62 -14.13
CA TRP D 548 28.51 -0.11 -12.78
C TRP D 548 29.88 -0.63 -12.33
N ILE D 549 30.73 0.25 -11.80
CA ILE D 549 32.16 -0.06 -11.71
C ILE D 549 32.42 -1.24 -10.79
N PRO D 550 31.62 -1.52 -9.74
CA PRO D 550 31.83 -2.73 -8.92
C PRO D 550 31.80 -4.05 -9.70
N HIS D 551 30.94 -4.15 -10.72
CA HIS D 551 30.83 -5.37 -11.53
C HIS D 551 32.19 -5.69 -12.15
N GLY D 552 32.79 -4.66 -12.77
CA GLY D 552 34.13 -4.73 -13.35
C GLY D 552 35.19 -5.08 -12.34
N ALA D 553 35.19 -4.38 -11.20
CA ALA D 553 36.25 -4.51 -10.19
C ALA D 553 36.25 -5.92 -9.60
N TRP D 554 35.06 -6.48 -9.36
CA TRP D 554 34.96 -7.82 -8.79
C TRP D 554 35.30 -8.84 -9.87
N TYR D 555 34.90 -8.56 -11.13
CA TYR D 555 35.27 -9.43 -12.24
C TYR D 555 36.80 -9.50 -12.35
N LEU D 556 37.46 -8.35 -12.19
CA LEU D 556 38.92 -8.24 -12.32
C LEU D 556 39.63 -9.08 -11.25
N LEU D 557 39.12 -9.05 -10.01
CA LEU D 557 39.74 -9.81 -8.91
C LEU D 557 39.47 -11.29 -9.09
N ALA D 558 38.29 -11.63 -9.62
CA ALA D 558 37.92 -13.01 -9.86
C ALA D 558 38.90 -13.65 -10.86
N ILE D 559 39.13 -12.99 -12.00
CA ILE D 559 39.95 -13.56 -13.08
C ILE D 559 41.40 -13.69 -12.60
N ILE D 560 41.84 -12.77 -11.73
CA ILE D 560 43.18 -12.76 -11.18
C ILE D 560 43.33 -13.88 -10.15
N SER D 561 42.35 -14.01 -9.24
CA SER D 561 42.33 -15.12 -8.26
C SER D 561 42.33 -16.47 -8.98
N GLN D 562 41.58 -16.53 -10.09
CA GLN D 562 41.46 -17.73 -10.88
C GLN D 562 42.82 -18.07 -11.50
N PHE D 563 43.47 -17.07 -12.09
CA PHE D 563 44.76 -17.22 -12.73
C PHE D 563 45.80 -17.77 -11.75
N ALA D 564 45.74 -17.27 -10.52
CA ALA D 564 46.65 -17.64 -9.45
C ALA D 564 46.41 -19.10 -9.05
N HIS D 565 45.14 -19.50 -9.03
CA HIS D 565 44.72 -20.81 -8.59
C HIS D 565 45.09 -21.90 -9.62
N PHE D 566 45.48 -21.53 -10.86
CA PHE D 566 46.04 -22.47 -11.88
C PHE D 566 47.25 -21.85 -12.60
N MET E 1 -11.09 -35.97 65.86
CA MET E 1 -10.93 -34.50 65.85
C MET E 1 -9.49 -34.13 66.28
N LEU E 2 -8.64 -33.83 65.29
CA LEU E 2 -7.28 -33.36 65.55
C LEU E 2 -7.04 -32.03 64.83
N LEU E 3 -6.47 -31.07 65.58
CA LEU E 3 -5.97 -29.84 65.00
C LEU E 3 -4.48 -30.02 64.74
N LEU E 4 -4.14 -30.31 63.47
CA LEU E 4 -2.76 -30.57 63.07
C LEU E 4 -2.04 -29.22 62.90
N THR E 5 -0.84 -29.12 63.47
CA THR E 5 -0.01 -27.90 63.42
C THR E 5 1.45 -28.30 63.19
N ASN E 6 2.26 -27.30 62.83
CA ASN E 6 3.70 -27.32 62.99
C ASN E 6 3.99 -27.45 64.49
N HIS E 7 4.75 -28.48 64.88
CA HIS E 7 4.96 -28.79 66.29
C HIS E 7 6.00 -27.85 66.91
N ILE E 8 6.69 -27.07 66.06
CA ILE E 8 7.76 -26.19 66.50
C ILE E 8 7.24 -24.75 66.49
N GLY E 9 6.99 -24.20 65.29
CA GLY E 9 6.50 -22.84 65.16
C GLY E 9 6.50 -22.28 63.74
N TYR E 10 5.94 -21.07 63.64
CA TYR E 10 5.70 -20.32 62.42
C TYR E 10 6.48 -19.00 62.48
N GLU E 11 6.82 -18.43 61.32
CA GLU E 11 7.57 -17.17 61.25
C GLU E 11 6.63 -16.02 61.62
N THR E 12 7.14 -15.02 62.33
CA THR E 12 6.35 -13.87 62.72
C THR E 12 5.71 -13.28 61.45
N GLN E 13 6.55 -13.01 60.43
CA GLN E 13 6.12 -12.39 59.18
C GLN E 13 5.95 -13.47 58.10
N GLY E 14 5.55 -14.68 58.51
CA GLY E 14 5.51 -15.82 57.61
C GLY E 14 4.10 -16.35 57.43
N PRO E 15 3.85 -17.16 56.37
CA PRO E 15 2.61 -17.92 56.26
C PRO E 15 2.41 -18.88 57.44
N LYS E 16 1.17 -18.93 57.92
CA LYS E 16 0.77 -19.78 59.01
C LYS E 16 -0.57 -20.43 58.65
N GLN E 17 -0.63 -21.76 58.80
CA GLN E 17 -1.89 -22.47 58.70
C GLN E 17 -1.86 -23.69 59.63
N ALA E 18 -3.04 -24.27 59.81
CA ALA E 18 -3.24 -25.55 60.45
C ALA E 18 -4.24 -26.34 59.59
N VAL E 19 -4.40 -27.62 59.90
CA VAL E 19 -5.32 -28.46 59.18
C VAL E 19 -6.14 -29.24 60.21
N LEU E 20 -7.47 -29.20 60.01
CA LEU E 20 -8.41 -29.90 60.86
C LEU E 20 -8.71 -31.26 60.22
N LEU E 21 -8.42 -32.32 60.97
CA LEU E 21 -8.74 -33.69 60.60
C LEU E 21 -9.89 -34.17 61.49
N CYS E 22 -11.09 -33.64 61.27
CA CYS E 22 -12.27 -34.00 62.06
C CYS E 22 -12.68 -35.45 61.74
N GLY E 23 -12.68 -35.81 60.45
CA GLY E 23 -13.10 -37.15 59.97
C GLY E 23 -14.60 -37.27 59.77
N GLN E 24 -15.36 -36.37 60.41
CA GLN E 24 -16.80 -36.34 60.34
C GLN E 24 -17.23 -35.22 59.37
N THR E 25 -18.35 -35.42 58.68
CA THR E 25 -18.81 -34.53 57.62
C THR E 25 -19.55 -33.31 58.19
N GLN E 26 -20.11 -33.46 59.40
CA GLN E 26 -20.78 -32.33 60.11
C GLN E 26 -20.00 -31.90 61.37
N LEU E 27 -19.68 -30.61 61.48
CA LEU E 27 -19.08 -30.00 62.67
C LEU E 27 -20.09 -29.00 63.24
N MET E 28 -19.90 -28.58 64.49
CA MET E 28 -20.73 -27.47 65.00
C MET E 28 -20.16 -26.19 64.37
N ASP E 29 -19.03 -25.73 64.92
CA ASP E 29 -18.58 -24.36 64.72
C ASP E 29 -17.80 -24.31 63.41
N ASP E 30 -17.96 -23.22 62.65
CA ASP E 30 -17.10 -22.99 61.45
C ASP E 30 -15.92 -22.03 61.75
N CYS E 31 -15.66 -21.75 63.03
CA CYS E 31 -14.61 -20.87 63.48
C CYS E 31 -13.73 -21.58 64.52
N VAL E 32 -12.44 -21.21 64.51
CA VAL E 32 -11.40 -21.79 65.36
C VAL E 32 -10.71 -20.64 66.12
N LEU E 33 -10.38 -20.91 67.39
CA LEU E 33 -9.83 -19.91 68.29
C LEU E 33 -8.29 -20.08 68.37
N LEU E 34 -7.57 -18.99 68.08
CA LEU E 34 -6.15 -18.91 68.38
C LEU E 34 -6.03 -18.40 69.83
N VAL E 35 -5.35 -19.18 70.67
CA VAL E 35 -5.36 -18.96 72.12
C VAL E 35 -3.92 -18.81 72.62
N CYS E 36 -3.69 -17.78 73.43
CA CYS E 36 -2.41 -17.58 74.09
C CYS E 36 -2.17 -18.71 75.10
N ALA E 37 -0.96 -19.28 75.07
CA ALA E 37 -0.66 -20.54 75.73
C ALA E 37 -0.34 -20.32 77.22
N ARG E 38 0.10 -19.10 77.59
CA ARG E 38 0.39 -18.77 78.99
C ARG E 38 -0.88 -18.30 79.72
N SER E 39 -1.65 -17.41 79.09
CA SER E 39 -2.81 -16.72 79.70
C SER E 39 -4.12 -17.48 79.44
N HIS E 40 -4.13 -18.35 78.42
CA HIS E 40 -5.30 -19.15 77.99
C HIS E 40 -6.45 -18.28 77.50
N GLN E 41 -6.16 -17.03 77.13
CA GLN E 41 -7.16 -16.11 76.63
C GLN E 41 -7.09 -16.10 75.10
N THR E 42 -8.25 -16.00 74.45
CA THR E 42 -8.36 -15.92 72.99
C THR E 42 -7.64 -14.66 72.48
N VAL E 43 -7.02 -14.75 71.30
CA VAL E 43 -6.29 -13.62 70.70
C VAL E 43 -6.66 -13.42 69.23
N ALA E 44 -7.53 -14.29 68.70
CA ALA E 44 -8.02 -14.19 67.31
C ALA E 44 -9.10 -15.26 67.06
N LYS E 45 -10.04 -14.91 66.18
CA LYS E 45 -11.03 -15.81 65.65
C LYS E 45 -10.60 -16.13 64.21
N LEU E 46 -10.55 -17.43 63.87
CA LEU E 46 -10.05 -17.91 62.59
C LEU E 46 -11.15 -18.67 61.84
N ALA E 47 -11.30 -18.38 60.55
CA ALA E 47 -12.29 -19.01 59.68
C ALA E 47 -11.73 -20.33 59.15
N ILE E 48 -12.56 -21.38 59.20
CA ILE E 48 -12.21 -22.68 58.63
C ILE E 48 -12.52 -22.67 57.12
N GLU E 49 -11.71 -23.39 56.35
CA GLU E 49 -11.79 -23.38 54.89
C GLU E 49 -11.95 -24.83 54.42
N TRP E 50 -13.11 -25.10 53.81
CA TRP E 50 -13.59 -26.45 53.62
C TRP E 50 -12.91 -27.10 52.41
N HIS E 51 -12.80 -28.43 52.46
CA HIS E 51 -11.99 -29.21 51.53
C HIS E 51 -12.46 -30.68 51.52
N GLY E 52 -12.32 -31.36 52.66
CA GLY E 52 -12.82 -32.72 52.87
C GLY E 52 -11.83 -33.79 52.45
N LYS E 53 -12.23 -34.63 51.49
CA LYS E 53 -11.43 -35.73 50.98
C LYS E 53 -10.16 -35.17 50.31
N VAL E 54 -9.06 -35.91 50.46
CA VAL E 54 -7.79 -35.67 49.77
C VAL E 54 -7.35 -36.99 49.12
N ASP E 55 -7.21 -36.95 47.78
CA ASP E 55 -6.93 -38.15 47.00
C ASP E 55 -7.85 -39.26 47.55
N ASN E 56 -7.28 -40.26 48.23
CA ASN E 56 -8.08 -41.28 48.88
C ASN E 56 -7.42 -41.66 50.22
N TRP E 57 -7.10 -40.62 51.00
CA TRP E 57 -6.43 -40.79 52.29
C TRP E 57 -7.46 -41.23 53.34
N HIS E 58 -7.19 -42.37 53.98
CA HIS E 58 -8.14 -43.04 54.85
C HIS E 58 -8.50 -42.17 56.06
N GLN E 59 -7.51 -41.58 56.75
CA GLN E 59 -7.70 -40.95 58.08
C GLN E 59 -9.08 -40.27 58.24
N GLY E 60 -9.50 -39.48 57.23
CA GLY E 60 -10.82 -38.84 57.25
C GLY E 60 -10.91 -37.60 56.36
N GLN E 61 -11.45 -36.52 56.94
CA GLN E 61 -11.75 -35.27 56.25
C GLN E 61 -10.82 -34.16 56.77
N PHE E 62 -10.30 -33.36 55.84
CA PHE E 62 -9.27 -32.36 56.10
C PHE E 62 -9.76 -30.97 55.70
N HIS E 63 -9.52 -29.97 56.57
CA HIS E 63 -9.85 -28.57 56.30
C HIS E 63 -8.69 -27.66 56.69
N ARG E 64 -8.61 -26.48 56.04
CA ARG E 64 -7.56 -25.48 56.29
C ARG E 64 -7.98 -24.35 57.20
N ILE E 65 -7.05 -23.94 58.07
CA ILE E 65 -7.21 -22.81 58.96
C ILE E 65 -6.01 -21.91 58.76
N ASP E 66 -6.19 -20.79 58.03
CA ASP E 66 -5.13 -19.83 57.79
C ASP E 66 -5.11 -18.82 58.94
N PHE E 67 -3.92 -18.52 59.47
CA PHE E 67 -3.75 -17.43 60.44
C PHE E 67 -2.44 -16.66 60.16
N SER E 68 -2.16 -16.41 58.88
CA SER E 68 -0.94 -15.77 58.43
C SER E 68 -0.91 -14.30 58.87
N ASP E 69 -2.05 -13.59 58.69
CA ASP E 69 -2.20 -12.16 59.00
C ASP E 69 -1.86 -11.84 60.46
N PHE E 70 -1.95 -12.84 61.34
CA PHE E 70 -1.64 -12.69 62.77
C PHE E 70 -0.12 -12.71 62.97
N THR E 71 0.43 -11.63 63.55
CA THR E 71 1.88 -11.35 63.49
C THR E 71 2.48 -11.00 64.86
N THR E 72 1.77 -11.31 65.95
CA THR E 72 2.26 -11.01 67.31
C THR E 72 3.04 -12.23 67.83
N PRO E 73 4.35 -12.07 68.15
CA PRO E 73 5.16 -13.17 68.68
C PRO E 73 4.66 -13.72 70.02
N GLY E 74 5.06 -14.97 70.33
CA GLY E 74 4.68 -15.66 71.56
C GLY E 74 4.30 -17.11 71.28
N ASP E 75 3.73 -17.76 72.29
CA ASP E 75 3.31 -19.16 72.23
C ASP E 75 1.78 -19.21 72.22
N TYR E 76 1.22 -19.94 71.26
CA TYR E 76 -0.21 -20.06 71.12
C TYR E 76 -0.58 -21.52 70.83
N TYR E 77 -1.88 -21.80 70.89
CA TYR E 77 -2.45 -23.04 70.37
C TYR E 77 -3.83 -22.71 69.79
N LEU E 78 -4.35 -23.61 68.95
CA LEU E 78 -5.69 -23.50 68.39
C LEU E 78 -6.66 -24.30 69.26
N ARG E 79 -7.88 -23.77 69.47
CA ARG E 79 -8.98 -24.49 70.15
C ARG E 79 -10.21 -24.54 69.27
N LEU E 80 -10.91 -25.68 69.31
CA LEU E 80 -12.15 -25.91 68.58
C LEU E 80 -13.07 -26.77 69.44
N GLU E 81 -14.09 -26.14 70.03
CA GLU E 81 -14.94 -26.78 71.04
C GLU E 81 -14.01 -27.53 72.00
N HIS E 82 -14.16 -28.85 72.13
CA HIS E 82 -13.42 -29.68 73.09
C HIS E 82 -11.93 -29.81 72.71
N THR E 83 -11.65 -29.98 71.42
CA THR E 83 -10.32 -30.35 70.89
C THR E 83 -9.42 -29.10 70.84
N HIS E 84 -8.13 -29.25 71.19
CA HIS E 84 -7.16 -28.17 70.93
C HIS E 84 -5.80 -28.72 70.45
N SER E 85 -5.11 -27.88 69.66
CA SER E 85 -3.86 -28.20 68.99
C SER E 85 -2.69 -28.21 69.98
N ALA E 86 -1.56 -28.77 69.53
CA ALA E 86 -0.33 -28.70 70.25
C ALA E 86 0.12 -27.24 70.27
N THR E 87 0.79 -26.85 71.36
CA THR E 87 1.36 -25.51 71.47
C THR E 87 2.44 -25.33 70.39
N PHE E 88 2.48 -24.13 69.82
CA PHE E 88 3.46 -23.75 68.83
C PHE E 88 3.91 -22.32 69.12
N THR E 89 4.96 -21.88 68.42
CA THR E 89 5.59 -20.59 68.67
C THR E 89 5.59 -19.73 67.41
N ILE E 90 5.33 -18.45 67.58
CA ILE E 90 5.49 -17.48 66.52
C ILE E 90 6.66 -16.56 66.91
N ALA E 91 7.70 -16.56 66.08
CA ALA E 91 8.92 -15.76 66.29
C ALA E 91 9.68 -15.64 64.96
N ARG E 92 10.75 -14.84 64.93
CA ARG E 92 11.63 -14.71 63.77
C ARG E 92 12.57 -15.91 63.74
N GLY E 93 12.81 -16.44 62.54
CA GLY E 93 13.75 -17.55 62.26
C GLY E 93 13.60 -18.69 63.26
N VAL E 94 12.37 -19.16 63.43
CA VAL E 94 12.01 -20.03 64.57
C VAL E 94 12.65 -21.41 64.40
N LEU E 95 12.61 -21.95 63.19
CA LEU E 95 13.07 -23.33 62.93
C LEU E 95 14.59 -23.40 63.08
N MET E 96 15.26 -22.40 62.51
CA MET E 96 16.71 -22.29 62.53
C MET E 96 17.22 -22.28 63.98
N GLN E 97 16.71 -21.37 64.81
CA GLN E 97 17.30 -21.17 66.15
C GLN E 97 16.82 -22.29 67.10
N ARG E 98 15.78 -23.03 66.72
CA ARG E 98 15.29 -24.18 67.51
C ARG E 98 15.99 -25.51 67.28
N THR E 99 16.44 -25.75 66.03
CA THR E 99 16.82 -27.09 65.58
C THR E 99 18.27 -27.16 65.12
N PHE E 100 18.75 -26.12 64.41
CA PHE E 100 20.08 -26.09 63.78
C PHE E 100 21.14 -26.86 64.59
N SER E 101 21.29 -26.51 65.88
CA SER E 101 22.30 -27.15 66.75
C SER E 101 22.13 -28.68 66.72
N ASP E 102 20.90 -29.13 66.92
CA ASP E 102 20.58 -30.54 67.12
C ASP E 102 20.83 -31.33 65.84
N VAL E 103 20.53 -30.72 64.68
CA VAL E 103 20.72 -31.35 63.38
C VAL E 103 22.22 -31.60 63.16
N LEU E 104 23.03 -30.64 63.60
CA LEU E 104 24.46 -30.72 63.46
C LEU E 104 25.00 -31.77 64.43
N HIS E 105 24.51 -31.77 65.69
CA HIS E 105 24.88 -32.82 66.64
C HIS E 105 24.63 -34.19 66.02
N TYR E 106 23.45 -34.38 65.41
CA TYR E 106 23.09 -35.63 64.70
C TYR E 106 24.24 -36.05 63.80
N PHE E 107 24.69 -35.12 62.94
CA PHE E 107 25.73 -35.44 61.98
C PHE E 107 26.99 -35.91 62.72
N LYS E 108 27.37 -35.20 63.79
CA LYS E 108 28.55 -35.55 64.55
C LYS E 108 28.34 -36.90 65.27
N SER E 109 27.07 -37.23 65.58
CA SER E 109 26.71 -38.48 66.24
C SER E 109 26.86 -39.65 65.25
N GLN E 110 26.65 -39.37 63.95
CA GLN E 110 26.64 -40.40 62.92
C GLN E 110 27.97 -40.46 62.14
N ARG E 111 29.02 -39.76 62.60
CA ARG E 111 30.34 -39.87 61.98
C ARG E 111 30.80 -41.31 62.08
N CYS E 112 31.35 -41.84 60.97
CA CYS E 112 31.92 -43.18 60.95
C CYS E 112 33.03 -43.29 62.00
N SER E 113 32.97 -44.31 62.85
CA SER E 113 33.84 -44.38 64.02
C SER E 113 34.13 -45.84 64.41
N GLY E 114 34.95 -45.99 65.47
CA GLY E 114 35.25 -47.27 66.11
C GLY E 114 35.77 -48.32 65.13
N GLN E 115 35.36 -49.57 65.36
CA GLN E 115 35.72 -50.77 64.58
C GLN E 115 35.57 -50.51 63.08
N PHE E 116 34.42 -49.92 62.71
CA PHE E 116 34.04 -49.69 61.32
C PHE E 116 35.05 -48.75 60.63
N ASP E 117 35.39 -47.64 61.30
CA ASP E 117 36.27 -46.66 60.70
C ASP E 117 37.71 -47.18 60.69
N GLN E 118 38.08 -48.02 61.67
CA GLN E 118 39.40 -48.65 61.69
C GLN E 118 39.55 -49.45 60.40
N GLN E 119 38.54 -50.28 60.13
CA GLN E 119 38.50 -51.19 58.97
C GLN E 119 38.49 -50.40 57.65
N ASP E 120 37.85 -49.22 57.65
CA ASP E 120 37.68 -48.41 56.43
C ASP E 120 39.03 -47.79 56.00
N LYS E 121 40.10 -48.06 56.76
CA LYS E 121 41.45 -47.64 56.39
C LYS E 121 42.05 -48.60 55.35
N GLN E 122 41.51 -49.83 55.30
CA GLN E 122 42.02 -50.88 54.42
C GLN E 122 40.82 -51.63 53.83
N VAL E 123 40.17 -51.02 52.82
CA VAL E 123 38.91 -51.54 52.23
C VAL E 123 39.19 -52.18 50.89
N PRO E 124 38.81 -53.47 50.72
CA PRO E 124 38.90 -54.16 49.43
C PRO E 124 38.09 -53.46 48.33
N LEU E 125 38.71 -53.28 47.15
CA LEU E 125 37.98 -52.94 45.92
C LEU E 125 37.55 -54.25 45.24
N LEU E 126 36.25 -54.43 45.08
CA LEU E 126 35.65 -55.71 44.69
C LEU E 126 36.35 -56.26 43.44
N THR E 131 43.37 -52.19 47.96
CA THR E 131 42.94 -51.53 49.17
C THR E 131 42.82 -50.03 48.89
N ALA E 132 41.91 -49.37 49.61
CA ALA E 132 41.84 -47.91 49.65
C ALA E 132 41.61 -47.48 51.09
N ASP E 133 42.16 -46.31 51.44
CA ASP E 133 41.93 -45.67 52.73
C ASP E 133 40.80 -44.66 52.55
N VAL E 134 39.63 -45.02 53.07
CA VAL E 134 38.40 -44.26 52.91
C VAL E 134 37.72 -44.11 54.27
N HIS E 135 38.53 -43.96 55.33
CA HIS E 135 38.02 -43.67 56.66
C HIS E 135 37.40 -42.26 56.66
N GLY E 136 36.52 -42.03 57.63
CA GLY E 136 35.82 -40.76 57.74
C GLY E 136 34.39 -40.89 57.25
N GLY E 137 33.73 -39.74 56.99
CA GLY E 137 32.36 -39.69 56.49
C GLY E 137 31.32 -40.08 57.55
N TRP E 138 30.06 -40.19 57.10
CA TRP E 138 28.94 -40.50 57.98
C TRP E 138 28.30 -41.83 57.54
N TYR E 139 27.96 -42.66 58.53
CA TYR E 139 27.02 -43.77 58.37
C TYR E 139 25.74 -43.24 57.71
N ASP E 140 25.17 -44.03 56.79
CA ASP E 140 24.16 -43.54 55.87
C ASP E 140 22.77 -43.47 56.52
N ALA E 141 22.48 -44.40 57.45
CA ALA E 141 21.10 -44.58 57.95
C ALA E 141 21.09 -45.26 59.33
N SER E 142 19.91 -45.24 59.97
CA SER E 142 19.69 -45.80 61.31
C SER E 142 20.15 -47.25 61.35
N GLY E 143 19.88 -47.96 60.25
CA GLY E 143 20.28 -49.36 60.07
C GLY E 143 21.09 -49.56 58.81
N ASP E 144 22.19 -48.81 58.67
CA ASP E 144 23.17 -49.03 57.63
C ASP E 144 24.44 -48.24 57.97
N VAL E 145 25.53 -48.96 58.25
CA VAL E 145 26.83 -48.33 58.54
C VAL E 145 27.67 -48.27 57.26
N SER E 146 27.04 -48.54 56.11
CA SER E 146 27.64 -48.34 54.80
C SER E 146 27.69 -46.83 54.51
N LYS E 147 28.58 -46.43 53.59
CA LYS E 147 28.80 -45.02 53.27
C LYS E 147 28.72 -44.85 51.76
N TYR E 148 28.01 -43.80 51.32
CA TYR E 148 27.57 -43.70 49.93
C TYR E 148 27.92 -42.34 49.32
N LEU E 149 28.28 -42.35 48.03
CA LEU E 149 28.13 -41.19 47.15
C LEU E 149 26.70 -41.20 46.57
N SER E 150 26.28 -42.37 46.08
CA SER E 150 24.93 -42.62 45.58
C SER E 150 24.68 -44.13 45.59
N HIS E 151 23.43 -44.52 45.36
CA HIS E 151 23.08 -45.90 45.02
C HIS E 151 21.87 -45.89 44.07
N LEU E 152 21.26 -47.06 43.84
CA LEU E 152 20.20 -47.26 42.82
C LEU E 152 20.72 -46.82 41.45
N SER E 153 22.01 -47.05 41.21
CA SER E 153 22.68 -46.56 40.02
C SER E 153 22.11 -47.27 38.79
N TYR E 154 21.69 -48.52 39.03
CA TYR E 154 21.20 -49.45 38.02
C TYR E 154 19.84 -49.00 37.47
N ALA E 155 19.03 -48.34 38.30
CA ALA E 155 17.71 -47.86 37.85
C ALA E 155 17.87 -46.62 36.95
N ASN E 156 18.98 -45.89 37.12
CA ASN E 156 19.43 -44.82 36.21
C ASN E 156 18.76 -43.48 36.51
N TYR E 157 17.43 -43.49 36.70
CA TYR E 157 16.67 -42.27 36.89
C TYR E 157 16.44 -41.99 38.38
N LEU E 158 17.06 -42.75 39.28
CA LEU E 158 16.72 -42.68 40.72
C LEU E 158 17.90 -42.19 41.57
N ASN E 159 19.13 -42.35 41.08
CA ASN E 159 20.35 -41.99 41.81
C ASN E 159 20.09 -40.77 42.69
N PRO E 160 20.13 -40.93 44.03
CA PRO E 160 20.11 -39.80 44.96
C PRO E 160 21.55 -39.39 45.33
N GLN E 161 21.76 -38.08 45.54
CA GLN E 161 23.04 -37.59 46.04
C GLN E 161 23.02 -37.75 47.56
N GLN E 162 24.09 -38.34 48.10
CA GLN E 162 24.22 -38.72 49.52
C GLN E 162 25.40 -37.96 50.14
N THR E 163 26.50 -38.65 50.50
CA THR E 163 27.57 -38.01 51.30
C THR E 163 27.96 -36.66 50.69
N PRO E 164 28.20 -36.55 49.36
CA PRO E 164 28.53 -35.26 48.74
C PRO E 164 27.52 -34.13 49.01
N LEU E 165 26.23 -34.49 48.98
CA LEU E 165 25.16 -33.52 49.17
C LEU E 165 25.27 -32.91 50.56
N VAL E 166 25.49 -33.77 51.56
CA VAL E 166 25.70 -33.33 52.92
C VAL E 166 26.73 -32.19 52.89
N VAL E 167 27.93 -32.51 52.38
CA VAL E 167 29.06 -31.59 52.38
C VAL E 167 28.64 -30.30 51.66
N TRP E 168 28.14 -30.43 50.43
CA TRP E 168 27.82 -29.25 49.62
C TRP E 168 26.75 -28.38 50.33
N ASN E 169 25.71 -29.02 50.88
CA ASN E 169 24.62 -28.31 51.57
C ASN E 169 25.18 -27.46 52.70
N MET E 170 26.06 -28.08 53.52
CA MET E 170 26.71 -27.44 54.64
C MET E 170 27.52 -26.23 54.16
N LEU E 171 28.37 -26.45 53.14
CA LEU E 171 29.20 -25.38 52.59
C LEU E 171 28.31 -24.25 52.09
N LYS E 172 27.21 -24.63 51.43
CA LYS E 172 26.25 -23.68 50.88
C LYS E 172 25.57 -22.90 52.03
N GLY E 173 25.38 -23.56 53.18
CA GLY E 173 24.88 -22.93 54.38
C GLY E 173 25.81 -21.84 54.88
N LEU E 174 27.06 -22.23 55.14
CA LEU E 174 28.14 -21.33 55.54
C LEU E 174 28.19 -20.12 54.62
N ALA E 175 28.02 -20.36 53.32
CA ALA E 175 28.05 -19.33 52.28
C ALA E 175 26.98 -18.25 52.56
N VAL E 176 25.73 -18.68 52.80
CA VAL E 176 24.62 -17.71 52.91
C VAL E 176 24.70 -16.98 54.25
N LEU E 177 25.39 -17.56 55.24
CA LEU E 177 25.39 -17.02 56.61
C LEU E 177 26.75 -16.41 56.99
N GLN E 178 27.76 -16.56 56.12
CA GLN E 178 28.93 -15.70 56.21
C GLN E 178 28.40 -14.26 56.14
N HIS E 179 28.80 -13.42 57.11
CA HIS E 179 28.41 -12.00 57.19
C HIS E 179 27.10 -11.80 57.98
N HIS E 180 26.29 -12.85 58.10
CA HIS E 180 25.05 -12.77 58.88
C HIS E 180 25.39 -12.83 60.37
N SER E 181 25.22 -11.68 61.04
CA SER E 181 25.64 -11.48 62.44
C SER E 181 24.75 -12.24 63.43
N GLY E 182 23.57 -12.66 62.97
CA GLY E 182 22.63 -13.48 63.76
C GLY E 182 23.02 -14.94 63.83
N PHE E 183 24.11 -15.33 63.17
CA PHE E 183 24.62 -16.70 63.20
C PHE E 183 25.90 -16.72 64.04
N ALA E 184 25.81 -17.37 65.21
CA ALA E 184 26.85 -17.33 66.24
C ALA E 184 28.18 -17.89 65.71
N SER E 185 29.30 -17.35 66.22
CA SER E 185 30.66 -17.67 65.79
C SER E 185 30.97 -19.16 66.02
N PHE E 186 30.60 -19.67 67.21
CA PHE E 186 30.81 -21.08 67.50
C PHE E 186 30.00 -21.92 66.52
N SER E 187 28.79 -21.45 66.21
CA SER E 187 27.89 -22.16 65.29
C SER E 187 28.49 -22.22 63.88
N ARG E 188 29.18 -21.16 63.46
CA ARG E 188 29.89 -21.16 62.18
C ARG E 188 31.05 -22.18 62.25
N THR E 189 31.74 -22.22 63.38
CA THR E 189 32.90 -23.13 63.59
C THR E 189 32.45 -24.60 63.45
N ARG E 190 31.29 -24.92 64.03
CA ARG E 190 30.79 -26.26 64.06
C ARG E 190 30.46 -26.72 62.64
N LEU E 191 29.92 -25.80 61.84
CA LEU E 191 29.49 -26.10 60.48
C LEU E 191 30.71 -26.32 59.59
N LYS E 192 31.75 -25.49 59.74
CA LYS E 192 33.00 -25.73 59.02
C LYS E 192 33.57 -27.10 59.40
N ASP E 193 33.71 -27.34 60.71
CA ASP E 193 34.28 -28.57 61.27
C ASP E 193 33.66 -29.78 60.55
N GLU E 194 32.32 -29.80 60.49
CA GLU E 194 31.55 -30.92 59.94
C GLU E 194 31.73 -30.99 58.42
N ALA E 195 31.62 -29.84 57.75
CA ALA E 195 31.77 -29.74 56.31
C ALA E 195 33.15 -30.24 55.88
N LEU E 196 34.20 -29.83 56.60
CA LEU E 196 35.58 -30.16 56.22
C LEU E 196 35.88 -31.63 56.53
N PHE E 197 35.27 -32.16 57.59
CA PHE E 197 35.28 -33.59 57.87
C PHE E 197 34.81 -34.37 56.64
N GLY E 198 33.72 -33.86 56.03
CA GLY E 198 33.12 -34.47 54.86
C GLY E 198 34.01 -34.35 53.63
N ALA E 199 34.52 -33.14 53.40
CA ALA E 199 35.41 -32.84 52.28
C ALA E 199 36.59 -33.81 52.27
N ASP E 200 37.19 -34.04 53.45
CA ASP E 200 38.31 -34.96 53.61
C ASP E 200 37.92 -36.34 53.07
N PHE E 201 36.73 -36.81 53.47
CA PHE E 201 36.26 -38.11 53.06
C PHE E 201 36.08 -38.15 51.54
N LEU E 202 35.43 -37.12 50.96
CA LEU E 202 35.25 -37.07 49.51
C LEU E 202 36.62 -37.13 48.82
N ARG E 203 37.61 -36.42 49.36
CA ARG E 203 38.97 -36.46 48.80
C ARG E 203 39.58 -37.86 48.87
N ARG E 204 39.34 -38.57 49.99
CA ARG E 204 39.79 -39.95 50.18
C ARG E 204 39.06 -40.94 49.26
N MET E 205 37.86 -40.57 48.80
CA MET E 205 37.01 -41.46 47.99
C MET E 205 37.41 -41.39 46.51
N GLN E 206 38.37 -40.53 46.16
CA GLN E 206 38.84 -40.41 44.77
C GLN E 206 40.07 -41.29 44.54
N ASN E 207 39.87 -42.40 43.83
CA ASN E 207 40.94 -43.20 43.23
C ASN E 207 41.83 -42.28 42.37
N SER E 208 43.13 -42.61 42.31
CA SER E 208 44.14 -41.76 41.69
C SER E 208 43.83 -41.48 40.21
N GLU E 209 43.18 -42.42 39.52
CA GLU E 209 42.89 -42.27 38.08
C GLU E 209 41.96 -41.09 37.81
N GLY E 210 41.13 -40.71 38.80
CA GLY E 210 40.31 -39.47 38.76
C GLY E 210 38.83 -39.70 39.11
N PHE E 211 38.39 -40.96 39.06
CA PHE E 211 37.00 -41.30 39.41
C PHE E 211 36.88 -41.37 40.93
N PHE E 212 35.64 -41.36 41.43
CA PHE E 212 35.35 -41.50 42.86
C PHE E 212 34.64 -42.84 43.12
N TYR E 213 34.97 -43.52 44.22
CA TYR E 213 34.28 -44.76 44.61
C TYR E 213 32.83 -44.41 44.98
N MET E 214 31.88 -45.25 44.55
CA MET E 214 30.46 -44.94 44.59
C MET E 214 29.88 -45.29 45.97
N THR E 215 30.35 -46.41 46.54
CA THR E 215 29.76 -46.97 47.75
C THR E 215 30.85 -47.69 48.56
N VAL E 216 30.64 -47.75 49.87
CA VAL E 216 31.37 -48.65 50.76
C VAL E 216 30.30 -49.47 51.48
N PHE E 217 30.03 -50.65 50.93
CA PHE E 217 28.81 -51.40 51.20
C PHE E 217 29.13 -52.68 51.97
N ASP E 218 28.27 -52.98 52.96
CA ASP E 218 28.47 -54.11 53.86
C ASP E 218 27.26 -55.05 53.77
N LYS E 219 26.42 -54.86 52.73
CA LYS E 219 25.26 -55.70 52.49
C LYS E 219 24.31 -55.64 53.71
N TRP E 220 24.40 -54.55 54.48
CA TRP E 220 23.59 -54.28 55.68
C TRP E 220 23.92 -55.27 56.83
N SER E 221 25.11 -55.86 56.78
CA SER E 221 25.48 -56.95 57.68
C SER E 221 25.86 -56.41 59.07
N LYS E 222 26.33 -55.16 59.09
CA LYS E 222 27.01 -54.55 60.25
C LYS E 222 28.27 -55.35 60.57
N ASP E 223 28.81 -56.06 59.57
CA ASP E 223 30.07 -56.76 59.68
C ASP E 223 31.17 -55.80 59.20
N THR E 224 32.30 -55.83 59.91
CA THR E 224 33.43 -54.99 59.55
C THR E 224 34.11 -55.62 58.32
N LYS E 225 34.12 -56.95 58.32
CA LYS E 225 34.88 -57.72 57.36
C LYS E 225 34.14 -57.82 56.03
N GLN E 226 32.92 -57.27 55.93
CA GLN E 226 32.17 -57.32 54.68
C GLN E 226 32.20 -55.97 53.96
N ARG E 227 33.08 -55.07 54.39
CA ARG E 227 33.04 -53.72 53.87
C ARG E 227 33.86 -53.71 52.61
N GLU E 228 33.20 -53.42 51.48
CA GLU E 228 33.81 -53.50 50.16
C GLU E 228 33.40 -52.28 49.33
N ILE E 229 34.37 -51.72 48.59
CA ILE E 229 34.11 -50.70 47.60
C ILE E 229 33.45 -51.39 46.41
N CYS E 230 32.23 -50.96 46.07
CA CYS E 230 31.46 -51.55 45.00
C CYS E 230 30.26 -50.67 44.66
N ALA E 231 29.48 -51.15 43.68
CA ALA E 231 28.08 -50.78 43.50
C ALA E 231 27.23 -51.96 43.95
N TYR E 232 25.90 -51.81 43.89
CA TYR E 232 25.02 -52.95 44.13
C TYR E 232 23.63 -52.69 43.51
N ALA E 233 22.83 -53.76 43.44
CA ALA E 233 21.53 -53.72 42.78
C ALA E 233 20.53 -54.59 43.52
N THR E 234 19.24 -54.31 43.30
CA THR E 234 18.09 -54.96 43.95
C THR E 234 18.09 -54.71 45.48
N GLN E 235 17.08 -55.28 46.15
CA GLN E 235 16.96 -55.18 47.59
C GLN E 235 17.86 -56.20 48.29
N GLN E 236 18.40 -57.19 47.56
CA GLN E 236 19.31 -58.18 48.17
C GLN E 236 20.76 -57.72 48.07
N GLY E 237 20.98 -56.54 47.46
CA GLY E 237 22.26 -55.84 47.51
C GLY E 237 23.39 -56.60 46.85
N HIS E 238 23.13 -57.11 45.65
CA HIS E 238 24.10 -57.88 44.88
C HIS E 238 25.25 -56.96 44.43
N LYS E 239 26.45 -57.22 44.97
CA LYS E 239 27.62 -56.36 44.77
C LYS E 239 28.20 -56.58 43.37
N SER E 240 28.80 -55.52 42.81
CA SER E 240 29.35 -55.52 41.45
C SER E 240 30.49 -54.48 41.36
N ASP E 241 31.42 -54.67 40.42
CA ASP E 241 32.68 -53.92 40.42
C ASP E 241 32.59 -52.65 39.56
N ASP E 242 31.35 -52.18 39.30
CA ASP E 242 31.11 -50.92 38.55
C ASP E 242 31.05 -49.76 39.55
N TYR E 243 32.15 -49.58 40.30
CA TYR E 243 32.22 -48.67 41.44
C TYR E 243 32.67 -47.27 41.00
N GLN E 244 32.88 -47.08 39.69
CA GLN E 244 33.16 -45.76 39.15
C GLN E 244 31.87 -44.94 39.18
N ALA E 245 31.94 -43.81 39.89
CA ALA E 245 30.82 -42.89 40.05
C ALA E 245 30.85 -41.85 38.92
N GLY E 246 29.85 -41.95 38.03
CA GLY E 246 29.52 -40.93 37.02
C GLY E 246 28.86 -39.71 37.63
N PHE E 247 28.56 -38.71 36.80
CA PHE E 247 28.02 -37.42 37.23
C PHE E 247 26.76 -37.62 38.10
N ARG E 248 25.80 -38.40 37.57
CA ARG E 248 24.56 -38.69 38.31
C ARG E 248 24.80 -39.66 39.47
N GLN E 249 25.89 -40.44 39.41
CA GLN E 249 26.17 -41.48 40.41
C GLN E 249 26.90 -40.88 41.61
N GLY E 250 26.76 -39.56 41.82
CA GLY E 250 27.26 -38.89 43.01
C GLY E 250 28.61 -38.24 42.80
N GLY E 251 29.18 -38.42 41.61
CA GLY E 251 30.48 -37.86 41.26
C GLY E 251 30.40 -36.36 41.00
N GLY E 252 29.32 -35.94 40.34
CA GLY E 252 29.15 -34.56 39.98
C GLY E 252 29.12 -33.70 41.24
N MET E 253 28.36 -34.18 42.22
CA MET E 253 28.15 -33.49 43.48
C MET E 253 29.45 -33.48 44.31
N ALA E 254 30.22 -34.58 44.27
CA ALA E 254 31.49 -34.67 45.00
C ALA E 254 32.48 -33.60 44.51
N ILE E 255 32.49 -33.36 43.20
CA ILE E 255 33.33 -32.30 42.63
C ILE E 255 32.90 -30.95 43.18
N ALA E 256 31.58 -30.67 43.11
CA ALA E 256 31.01 -29.39 43.52
C ALA E 256 31.39 -29.05 44.97
N ALA E 257 31.37 -30.06 45.85
CA ALA E 257 31.69 -29.89 47.28
C ALA E 257 33.16 -29.48 47.44
N LEU E 258 34.05 -30.31 46.90
CA LEU E 258 35.49 -30.14 47.02
C LEU E 258 35.92 -28.77 46.47
N ALA E 259 35.24 -28.29 45.41
CA ALA E 259 35.55 -26.99 44.81
C ALA E 259 35.16 -25.85 45.76
N ALA E 260 34.00 -25.99 46.40
CA ALA E 260 33.50 -25.01 47.37
C ALA E 260 34.34 -25.07 48.66
N ALA E 261 34.80 -26.27 49.01
CA ALA E 261 35.60 -26.51 50.22
C ALA E 261 36.96 -25.79 50.11
N ALA E 262 37.44 -25.66 48.87
CA ALA E 262 38.71 -25.02 48.55
C ALA E 262 38.68 -23.52 48.86
N ARG E 263 37.48 -22.93 48.89
CA ARG E 263 37.35 -21.49 49.09
C ARG E 263 37.37 -21.05 50.55
N LEU E 264 37.39 -22.01 51.49
CA LEU E 264 37.41 -21.69 52.92
C LEU E 264 38.82 -21.25 53.33
N ASP E 265 38.88 -20.30 54.27
CA ASP E 265 40.11 -19.76 54.87
C ASP E 265 40.80 -20.84 55.71
N THR E 266 40.00 -21.67 56.39
CA THR E 266 40.51 -22.86 57.09
C THR E 266 40.42 -24.08 56.15
N HIS E 267 41.01 -25.20 56.57
CA HIS E 267 40.91 -26.47 55.86
C HIS E 267 41.04 -27.62 56.88
N GLY E 268 40.79 -28.83 56.40
CA GLY E 268 40.78 -30.00 57.24
C GLY E 268 42.12 -30.70 57.24
N GLU E 269 42.07 -32.03 57.16
CA GLU E 269 43.20 -32.94 57.13
C GLU E 269 43.88 -32.86 55.76
N PHE E 270 43.16 -32.35 54.76
CA PHE E 270 43.71 -32.03 53.45
C PHE E 270 43.62 -30.52 53.24
N THR E 271 44.49 -29.99 52.38
CA THR E 271 44.63 -28.54 52.13
C THR E 271 43.59 -28.09 51.10
N GLN E 272 43.42 -26.78 50.94
CA GLN E 272 42.50 -26.22 49.96
C GLN E 272 42.94 -26.63 48.55
N ALA E 273 44.26 -26.61 48.33
CA ALA E 273 44.87 -27.05 47.07
C ALA E 273 44.50 -28.51 46.79
N ASP E 274 44.60 -29.36 47.82
CA ASP E 274 44.26 -30.80 47.74
C ASP E 274 42.82 -31.00 47.21
N TYR E 275 41.88 -30.24 47.78
CA TYR E 275 40.45 -30.28 47.42
C TYR E 275 40.27 -29.85 45.96
N LEU E 276 40.82 -28.67 45.61
CA LEU E 276 40.64 -28.06 44.30
C LEU E 276 41.14 -29.01 43.22
N GLN E 277 42.35 -29.55 43.43
CA GLN E 277 42.94 -30.49 42.49
C GLN E 277 41.97 -31.66 42.29
N ALA E 278 41.62 -32.32 43.39
CA ALA E 278 40.71 -33.47 43.35
C ALA E 278 39.45 -33.12 42.55
N ALA E 279 39.00 -31.86 42.67
CA ALA E 279 37.82 -31.37 41.94
C ALA E 279 38.12 -31.28 40.44
N GLU E 280 39.12 -30.47 40.07
CA GLU E 280 39.47 -30.23 38.67
C GLU E 280 39.77 -31.57 37.98
N ASN E 281 40.67 -32.36 38.58
CA ASN E 281 41.05 -33.67 38.05
C ASN E 281 39.81 -34.52 37.82
N GLY E 282 39.00 -34.66 38.89
CA GLY E 282 37.85 -35.54 38.90
C GLY E 282 36.82 -35.17 37.83
N TYR E 283 36.77 -33.87 37.48
CA TYR E 283 35.82 -33.34 36.52
C TYR E 283 36.23 -33.66 35.08
N TRP E 284 37.49 -33.38 34.75
CA TRP E 284 37.98 -33.56 33.39
C TRP E 284 38.06 -35.06 33.06
N HIS E 285 38.23 -35.89 34.11
CA HIS E 285 38.19 -37.32 33.97
C HIS E 285 36.76 -37.77 33.60
N LEU E 286 35.73 -37.23 34.27
CA LEU E 286 34.33 -37.59 33.98
C LEU E 286 33.90 -36.98 32.63
N LYS E 287 34.49 -35.84 32.28
CA LYS E 287 34.23 -35.20 30.99
C LYS E 287 34.60 -36.18 29.88
N GLU E 288 35.62 -37.00 30.13
CA GLU E 288 36.09 -38.06 29.23
C GLU E 288 35.20 -39.31 29.37
N HIS E 289 35.14 -39.91 30.57
CA HIS E 289 34.67 -41.31 30.73
C HIS E 289 33.25 -41.45 31.31
N ASN E 290 32.48 -40.37 31.44
CA ASN E 290 31.18 -40.43 32.13
C ASN E 290 30.38 -41.63 31.61
N LEU E 291 30.25 -41.72 30.28
CA LEU E 291 29.30 -42.63 29.62
C LEU E 291 29.65 -44.09 29.95
N ALA E 292 30.96 -44.37 30.06
CA ALA E 292 31.45 -45.71 30.37
C ALA E 292 31.01 -46.15 31.78
N TYR E 293 30.70 -45.19 32.65
CA TYR E 293 30.39 -45.43 34.07
C TYR E 293 28.87 -45.47 34.32
N LEU E 294 28.08 -45.03 33.33
CA LEU E 294 26.62 -45.05 33.40
C LEU E 294 26.09 -46.43 32.98
N ASN E 295 25.25 -47.01 33.83
CA ASN E 295 24.74 -48.37 33.65
C ASN E 295 24.04 -48.53 32.30
N ASP E 296 23.41 -47.47 31.79
CA ASP E 296 22.69 -47.53 30.49
C ASP E 296 23.40 -46.67 29.43
N GLY E 297 24.56 -46.10 29.76
CA GLY E 297 25.43 -45.38 28.82
C GLY E 297 24.86 -44.07 28.30
N VAL E 298 23.76 -43.55 28.87
CA VAL E 298 23.14 -42.30 28.39
C VAL E 298 22.97 -41.33 29.57
N GLU E 299 23.49 -40.10 29.42
CA GLU E 299 23.33 -39.03 30.40
C GLU E 299 21.85 -38.64 30.45
N ASN E 300 21.31 -38.43 31.66
CA ASN E 300 19.92 -37.96 31.88
C ASN E 300 19.96 -36.68 32.75
N ILE E 301 18.78 -36.20 33.17
CA ILE E 301 18.64 -34.92 33.89
C ILE E 301 19.57 -34.88 35.11
N ILE E 302 19.71 -36.02 35.79
CA ILE E 302 20.42 -36.03 37.06
C ILE E 302 21.89 -35.65 36.81
N ASP E 303 22.50 -36.25 35.77
CA ASP E 303 23.85 -35.89 35.33
C ASP E 303 23.92 -34.38 35.07
N GLU E 304 22.90 -33.86 34.37
CA GLU E 304 22.91 -32.49 33.91
C GLU E 304 22.90 -31.55 35.11
N TYR E 305 22.03 -31.79 36.10
CA TYR E 305 21.95 -30.86 37.26
C TYR E 305 23.23 -30.99 38.11
N CYS E 306 23.73 -32.22 38.28
CA CYS E 306 24.93 -32.49 39.10
C CYS E 306 26.17 -31.82 38.51
N ALA E 307 26.36 -31.98 37.20
CA ALA E 307 27.55 -31.48 36.49
C ALA E 307 27.53 -29.94 36.45
N LEU E 308 26.35 -29.34 36.28
CA LEU E 308 26.22 -27.89 36.23
C LEU E 308 26.75 -27.28 37.53
N LEU E 309 26.31 -27.87 38.65
CA LEU E 309 26.76 -27.46 39.99
C LEU E 309 28.29 -27.51 40.07
N ALA E 310 28.86 -28.65 39.65
CA ALA E 310 30.31 -28.84 39.67
C ALA E 310 31.01 -27.70 38.93
N CYS E 311 30.52 -27.37 37.74
CA CYS E 311 31.10 -26.33 36.89
C CYS E 311 30.93 -24.95 37.53
N CYS E 312 29.73 -24.68 38.07
CA CYS E 312 29.42 -23.41 38.71
C CYS E 312 30.34 -23.18 39.92
N GLU E 313 30.67 -24.27 40.62
CA GLU E 313 31.49 -24.20 41.83
C GLU E 313 32.97 -24.07 41.46
N LEU E 314 33.38 -24.70 40.36
CA LEU E 314 34.79 -24.67 39.90
C LEU E 314 35.11 -23.29 39.32
N TYR E 315 34.14 -22.66 38.64
CA TYR E 315 34.34 -21.32 38.10
C TYR E 315 34.48 -20.33 39.26
N ARG E 316 33.60 -20.43 40.25
CA ARG E 316 33.63 -19.55 41.43
C ARG E 316 35.01 -19.60 42.11
N THR E 317 35.59 -20.79 42.20
CA THR E 317 36.83 -21.03 42.94
C THR E 317 38.04 -20.54 42.13
N THR E 318 38.11 -20.91 40.84
CA THR E 318 39.32 -20.72 40.00
C THR E 318 39.23 -19.46 39.12
N GLU E 319 38.01 -19.01 38.81
CA GLU E 319 37.75 -17.85 37.91
C GLU E 319 38.35 -18.10 36.50
N ASN E 320 38.41 -19.38 36.11
CA ASN E 320 39.02 -19.80 34.85
C ASN E 320 37.90 -20.06 33.85
N ASP E 321 37.87 -19.27 32.75
CA ASP E 321 36.70 -19.14 31.86
C ASP E 321 36.23 -20.51 31.33
N GLN E 322 37.14 -21.48 31.16
CA GLN E 322 36.81 -22.84 30.72
C GLN E 322 35.51 -23.35 31.40
N TYR E 323 35.43 -23.14 32.72
CA TYR E 323 34.38 -23.72 33.56
C TYR E 323 33.05 -22.97 33.35
N LEU E 324 33.11 -21.65 33.17
CA LEU E 324 31.91 -20.87 32.87
C LEU E 324 31.32 -21.37 31.55
N ALA E 325 32.19 -21.69 30.59
CA ALA E 325 31.79 -22.21 29.28
C ALA E 325 31.08 -23.55 29.46
N GLN E 326 31.68 -24.43 30.27
CA GLN E 326 31.11 -25.75 30.59
C GLN E 326 29.75 -25.60 31.29
N ALA E 327 29.67 -24.69 32.28
CA ALA E 327 28.42 -24.36 32.95
C ALA E 327 27.36 -23.98 31.90
N ARG E 328 27.71 -23.01 31.05
CA ARG E 328 26.81 -22.49 30.02
C ARG E 328 26.20 -23.60 29.17
N GLU E 329 27.02 -24.62 28.83
CA GLU E 329 26.58 -25.75 28.00
C GLU E 329 25.63 -26.65 28.79
N TRP E 330 26.02 -27.00 30.02
CA TRP E 330 25.23 -27.86 30.91
C TRP E 330 23.87 -27.20 31.18
N ALA E 331 23.88 -25.87 31.35
CA ALA E 331 22.66 -25.11 31.61
C ALA E 331 21.68 -25.25 30.43
N GLN E 332 22.20 -25.03 29.21
CA GLN E 332 21.42 -25.12 27.97
C GLN E 332 20.82 -26.53 27.83
N ARG E 333 21.62 -27.55 28.16
CA ARG E 333 21.21 -28.96 28.17
C ARG E 333 20.10 -29.26 29.17
N LEU E 334 20.21 -28.64 30.34
CA LEU E 334 19.25 -28.84 31.42
C LEU E 334 17.93 -28.15 31.05
N ALA E 335 18.02 -26.94 30.48
CA ALA E 335 16.84 -26.19 30.08
C ALA E 335 16.00 -27.00 29.08
N LYS E 336 16.66 -27.93 28.36
CA LYS E 336 15.99 -28.80 27.39
C LYS E 336 15.11 -29.86 28.09
N ARG E 337 15.37 -30.12 29.38
CA ARG E 337 14.55 -31.08 30.13
C ARG E 337 13.21 -30.48 30.53
N GLN E 338 13.06 -29.17 30.35
CA GLN E 338 11.77 -28.49 30.55
C GLN E 338 10.85 -28.84 29.37
N CYS E 339 9.75 -29.53 29.66
CA CYS E 339 8.82 -30.07 28.68
C CYS E 339 7.38 -29.69 29.07
N SER E 340 6.53 -29.50 28.06
CA SER E 340 5.10 -29.45 28.23
C SER E 340 4.48 -30.63 27.46
N ASP E 341 3.38 -31.17 27.97
CA ASP E 341 2.64 -32.24 27.32
C ASP E 341 1.16 -31.87 27.34
N GLU E 342 0.29 -32.85 27.06
CA GLU E 342 -1.12 -32.64 26.74
C GLU E 342 -1.93 -32.31 28.01
N GLN E 343 -1.37 -32.52 29.21
CA GLN E 343 -2.14 -32.27 30.42
C GLN E 343 -1.31 -31.51 31.49
N ILE E 344 -0.11 -31.02 31.17
CA ILE E 344 0.66 -30.23 32.16
C ILE E 344 1.88 -29.58 31.48
N ALA E 345 2.16 -28.32 31.84
CA ALA E 345 3.20 -27.52 31.19
C ALA E 345 4.41 -27.35 32.12
N HIS E 346 5.60 -27.40 31.53
CA HIS E 346 6.89 -27.00 32.12
C HIS E 346 7.31 -27.94 33.25
N TYR E 347 6.85 -29.21 33.19
CA TYR E 347 7.32 -30.28 34.06
C TYR E 347 8.77 -30.62 33.69
N TRP E 348 9.48 -31.27 34.63
CA TRP E 348 10.84 -31.71 34.40
C TRP E 348 10.81 -33.13 33.86
N SER E 349 11.53 -33.36 32.77
CA SER E 349 11.62 -34.68 32.16
C SER E 349 12.98 -35.31 32.47
N ALA E 350 12.96 -36.59 32.86
CA ALA E 350 14.15 -37.43 32.98
C ALA E 350 14.75 -37.68 31.59
N THR E 351 13.98 -38.39 30.75
CA THR E 351 14.32 -38.70 29.36
C THR E 351 14.19 -37.42 28.52
N SER E 352 14.82 -37.37 27.35
CA SER E 352 14.89 -36.14 26.54
C SER E 352 13.61 -35.95 25.70
N ASN E 353 12.83 -37.01 25.49
CA ASN E 353 11.61 -36.93 24.68
C ASN E 353 10.44 -36.42 25.53
N GLY E 354 10.56 -36.46 26.86
CA GLY E 354 9.49 -36.04 27.77
C GLY E 354 8.54 -37.18 28.12
N GLU E 355 8.93 -38.42 27.79
CA GLU E 355 8.05 -39.58 27.91
C GLU E 355 7.99 -40.04 29.37
N ARG E 356 9.12 -39.97 30.10
CA ARG E 356 9.17 -40.24 31.55
C ARG E 356 9.55 -38.96 32.31
N PRO E 357 8.66 -38.43 33.17
CA PRO E 357 8.98 -37.21 33.92
C PRO E 357 10.04 -37.47 34.99
N TYR E 358 10.71 -36.39 35.40
CA TYR E 358 11.60 -36.38 36.56
C TYR E 358 10.75 -36.29 37.82
N PHE E 359 11.08 -37.15 38.78
CA PHE E 359 10.52 -37.10 40.11
C PHE E 359 11.49 -37.83 41.02
N HIS E 360 11.67 -37.33 42.24
CA HIS E 360 12.78 -37.74 43.08
C HIS E 360 12.38 -37.57 44.55
N ALA E 361 12.61 -38.61 45.37
CA ALA E 361 12.19 -38.61 46.77
C ALA E 361 13.31 -38.08 47.68
N SER E 362 14.17 -37.23 47.12
CA SER E 362 15.41 -36.87 47.76
C SER E 362 15.87 -35.50 47.24
N ASP E 363 16.23 -35.41 45.95
CA ASP E 363 16.93 -34.20 45.46
C ASP E 363 16.04 -33.43 44.47
N ALA E 364 14.72 -33.55 44.62
CA ALA E 364 13.73 -33.00 43.67
C ALA E 364 13.93 -31.50 43.39
N GLY E 365 14.64 -30.80 44.28
CA GLY E 365 14.85 -29.36 44.15
C GLY E 365 15.89 -29.03 43.09
N LEU E 366 16.94 -29.86 43.02
CA LEU E 366 18.25 -29.51 42.40
C LEU E 366 18.10 -28.88 41.02
N PRO E 367 17.26 -29.39 40.08
CA PRO E 367 17.14 -28.76 38.76
C PRO E 367 17.16 -27.23 38.85
N VAL E 368 16.27 -26.68 39.69
CA VAL E 368 16.08 -25.24 39.80
C VAL E 368 17.25 -24.64 40.60
N ILE E 369 17.70 -25.36 41.64
CA ILE E 369 18.81 -24.91 42.49
C ILE E 369 20.06 -24.73 41.64
N ALA E 370 20.34 -25.73 40.79
CA ALA E 370 21.55 -25.76 39.98
C ALA E 370 21.51 -24.63 38.94
N LEU E 371 20.32 -24.39 38.36
CA LEU E 371 20.16 -23.29 37.43
C LEU E 371 20.37 -21.96 38.14
N CYS E 372 19.98 -21.88 39.42
CA CYS E 372 20.12 -20.65 40.20
C CYS E 372 21.60 -20.35 40.50
N GLU E 373 22.39 -21.40 40.75
CA GLU E 373 23.84 -21.27 40.95
C GLU E 373 24.50 -20.75 39.66
N TYR E 374 23.99 -21.21 38.50
CA TYR E 374 24.42 -20.73 37.20
C TYR E 374 24.06 -19.25 37.06
N LEU E 375 22.79 -18.90 37.29
CA LEU E 375 22.31 -17.51 37.18
C LEU E 375 23.15 -16.59 38.06
N ASN E 376 23.63 -17.10 39.20
CA ASN E 376 24.46 -16.33 40.15
C ASN E 376 25.79 -15.90 39.53
N ILE E 377 26.27 -16.62 38.50
CA ILE E 377 27.61 -16.40 37.94
C ILE E 377 27.53 -16.03 36.45
N GLU E 378 26.32 -15.87 35.90
CA GLU E 378 26.13 -15.64 34.47
C GLU E 378 25.86 -14.15 34.25
N THR E 379 26.82 -13.47 33.62
CA THR E 379 26.81 -12.01 33.47
C THR E 379 26.23 -11.62 32.11
N ASP E 380 26.32 -12.52 31.11
CA ASP E 380 25.71 -12.29 29.79
C ASP E 380 24.18 -12.32 29.92
N THR E 381 23.52 -11.20 29.62
CA THR E 381 22.12 -10.96 30.01
C THR E 381 21.13 -11.70 29.09
N ALA E 382 21.59 -12.11 27.90
CA ALA E 382 20.77 -12.94 27.00
C ALA E 382 20.59 -14.34 27.62
N ASN E 383 21.73 -14.97 27.95
CA ASN E 383 21.78 -16.27 28.62
C ASN E 383 20.98 -16.24 29.92
N TYR E 384 21.20 -15.18 30.70
CA TYR E 384 20.56 -15.00 31.99
C TYR E 384 19.04 -14.99 31.83
N ALA E 385 18.54 -14.08 30.99
CA ALA E 385 17.10 -13.84 30.83
C ALA E 385 16.40 -15.08 30.25
N GLN E 386 17.11 -15.90 29.46
CA GLN E 386 16.58 -17.17 28.94
C GLN E 386 16.27 -18.12 30.10
N LEU E 387 17.34 -18.45 30.85
CA LEU E 387 17.30 -19.50 31.87
C LEU E 387 16.64 -18.97 33.15
N GLN E 388 16.57 -17.63 33.28
CA GLN E 388 15.72 -16.98 34.28
C GLN E 388 14.27 -17.45 34.07
N ARG E 389 13.79 -17.36 32.81
CA ARG E 389 12.42 -17.75 32.46
C ARG E 389 12.14 -19.25 32.63
N VAL E 390 13.19 -20.08 32.51
CA VAL E 390 13.07 -21.52 32.77
C VAL E 390 12.81 -21.72 34.27
N VAL E 391 13.62 -21.07 35.10
CA VAL E 391 13.51 -21.15 36.56
C VAL E 391 12.12 -20.65 36.99
N GLU E 392 11.66 -19.56 36.37
CA GLU E 392 10.34 -18.98 36.64
C GLU E 392 9.23 -19.97 36.29
N GLN E 393 9.33 -20.62 35.12
CA GLN E 393 8.30 -21.52 34.62
C GLN E 393 8.26 -22.79 35.47
N ALA E 394 9.45 -23.29 35.84
CA ALA E 394 9.58 -24.51 36.64
C ALA E 394 8.94 -24.31 38.03
N CYS E 395 9.02 -23.10 38.58
CA CYS E 395 8.41 -22.79 39.87
C CYS E 395 6.89 -22.63 39.71
N GLN E 396 6.46 -22.01 38.61
CA GLN E 396 5.05 -21.85 38.28
C GLN E 396 4.42 -23.25 38.20
N PHE E 397 5.17 -24.20 37.64
CA PHE E 397 4.77 -25.62 37.54
C PHE E 397 4.54 -26.21 38.94
N GLU E 398 5.55 -26.08 39.81
CA GLU E 398 5.52 -26.67 41.16
C GLU E 398 4.28 -26.20 41.90
N LEU E 399 3.90 -24.93 41.67
CA LEU E 399 2.75 -24.30 42.29
C LEU E 399 1.47 -24.84 41.62
N ALA E 400 1.45 -24.80 40.29
CA ALA E 400 0.28 -25.20 39.50
C ALA E 400 -0.16 -26.62 39.88
N ILE E 401 0.78 -27.57 39.77
CA ILE E 401 0.53 -29.00 40.00
C ILE E 401 0.04 -29.24 41.44
N THR E 402 0.60 -28.49 42.40
CA THR E 402 0.34 -28.75 43.81
C THR E 402 -1.03 -28.17 44.22
N GLN E 403 -1.57 -27.26 43.40
CA GLN E 403 -2.85 -26.58 43.65
C GLN E 403 -3.92 -27.02 42.63
N GLN E 404 -3.73 -28.18 41.98
CA GLN E 404 -4.62 -28.63 40.93
C GLN E 404 -5.69 -29.58 41.49
N VAL E 405 -5.50 -30.05 42.73
CA VAL E 405 -6.51 -30.88 43.42
C VAL E 405 -6.64 -30.35 44.85
N SER E 406 -7.64 -30.89 45.57
CA SER E 406 -7.88 -30.54 46.96
C SER E 406 -6.59 -30.86 47.73
N ASN E 407 -5.93 -29.83 48.26
CA ASN E 407 -4.64 -29.99 48.94
C ASN E 407 -4.54 -29.05 50.13
N PRO E 408 -5.23 -29.36 51.25
CA PRO E 408 -5.22 -28.50 52.42
C PRO E 408 -3.82 -28.41 53.05
N PHE E 409 -3.05 -29.49 52.95
CA PHE E 409 -1.78 -29.65 53.66
C PHE E 409 -0.64 -28.92 52.92
N GLY E 410 -0.91 -28.53 51.67
CA GLY E 410 0.02 -27.78 50.83
C GLY E 410 1.18 -28.63 50.30
N TYR E 411 1.04 -29.97 50.44
CA TYR E 411 2.10 -30.94 50.16
C TYR E 411 2.49 -30.82 48.69
N PRO E 412 3.76 -30.48 48.38
CA PRO E 412 4.22 -30.31 47.00
C PRO E 412 3.92 -31.58 46.20
N ARG E 413 3.19 -31.42 45.10
CA ARG E 413 2.83 -32.52 44.23
C ARG E 413 3.86 -32.60 43.11
N GLN E 414 3.77 -33.67 42.29
CA GLN E 414 4.80 -34.04 41.33
C GLN E 414 4.22 -34.89 40.21
N TYR E 415 4.89 -34.84 39.06
CA TYR E 415 4.52 -35.59 37.88
C TYR E 415 5.34 -36.89 37.85
N VAL E 416 4.64 -38.02 37.90
CA VAL E 416 5.27 -39.33 38.06
C VAL E 416 4.79 -40.26 36.94
N LYS E 417 5.49 -41.40 36.81
CA LYS E 417 5.11 -42.47 35.89
C LYS E 417 5.87 -43.74 36.32
N GLY E 418 5.15 -44.88 36.30
CA GLY E 418 5.75 -46.19 36.55
C GLY E 418 6.28 -46.80 35.27
N VAL E 419 7.09 -47.86 35.39
CA VAL E 419 7.67 -48.54 34.23
C VAL E 419 6.53 -49.01 33.32
N GLU E 420 5.45 -49.50 33.93
CA GLU E 420 4.29 -50.00 33.19
C GLU E 420 3.01 -49.30 33.70
N SER E 421 3.01 -47.96 33.64
CA SER E 421 1.81 -47.17 34.00
C SER E 421 1.93 -45.72 33.50
N ALA E 422 0.78 -45.05 33.41
CA ALA E 422 0.62 -43.78 32.69
C ALA E 422 1.18 -42.61 33.50
N LYS E 423 1.70 -41.60 32.80
CA LYS E 423 2.01 -40.30 33.41
C LYS E 423 0.76 -39.83 34.16
N ARG E 424 0.96 -39.48 35.43
CA ARG E 424 -0.11 -39.00 36.30
C ARG E 424 0.53 -37.98 37.25
N THR E 425 -0.28 -36.98 37.65
CA THR E 425 0.11 -36.08 38.76
C THR E 425 -0.15 -36.84 40.06
N SER E 426 0.65 -36.56 41.09
CA SER E 426 0.62 -37.37 42.30
C SER E 426 1.07 -36.56 43.52
N PHE E 427 0.74 -37.07 44.71
CA PHE E 427 1.35 -36.60 45.92
C PHE E 427 2.75 -37.21 46.02
N PHE E 428 2.80 -38.54 46.08
CA PHE E 428 4.03 -39.27 46.32
C PHE E 428 4.58 -39.84 45.01
N ILE E 429 5.76 -40.47 45.10
CA ILE E 429 6.43 -41.00 43.92
C ILE E 429 5.73 -42.27 43.46
N ALA E 430 5.98 -42.62 42.20
CA ALA E 430 5.59 -43.88 41.62
C ALA E 430 6.31 -45.01 42.36
N GLN E 431 5.53 -45.87 43.02
CA GLN E 431 6.04 -47.00 43.78
C GLN E 431 6.59 -48.05 42.81
N ASP E 432 6.03 -48.08 41.59
CA ASP E 432 6.26 -49.10 40.56
C ASP E 432 7.33 -48.61 39.57
N ASN E 433 8.48 -48.22 40.13
CA ASN E 433 9.58 -47.58 39.39
C ASN E 433 10.63 -48.63 38.99
N GLU E 434 11.72 -48.15 38.38
CA GLU E 434 12.72 -48.98 37.69
C GLU E 434 13.55 -49.77 38.70
N SER E 435 13.56 -49.36 39.96
CA SER E 435 14.31 -50.04 41.03
C SER E 435 13.84 -51.49 41.18
N GLY E 436 12.53 -51.68 41.01
CA GLY E 436 11.89 -52.96 41.21
C GLY E 436 11.33 -53.10 42.63
N TYR E 437 11.69 -52.19 43.54
CA TYR E 437 11.26 -52.29 44.94
C TYR E 437 11.27 -50.94 45.66
N TRP E 438 12.19 -50.04 45.28
CA TRP E 438 12.55 -48.90 46.12
C TRP E 438 11.51 -47.77 46.05
N TRP E 439 11.01 -47.42 47.24
CA TRP E 439 10.23 -46.23 47.48
C TRP E 439 10.14 -46.05 49.00
N GLN E 440 10.13 -44.79 49.46
CA GLN E 440 10.13 -44.45 50.88
C GLN E 440 9.57 -43.03 51.05
N GLY E 441 9.67 -42.49 52.27
CA GLY E 441 9.31 -41.12 52.58
C GLY E 441 10.16 -40.12 51.83
N GLU E 442 9.64 -38.88 51.75
CA GLU E 442 10.16 -37.85 50.85
C GLU E 442 10.58 -36.58 51.64
N ASN E 443 10.86 -36.72 52.94
CA ASN E 443 11.17 -35.56 53.79
C ASN E 443 12.35 -34.79 53.20
N ALA E 444 13.31 -35.54 52.65
CA ALA E 444 14.42 -34.96 51.92
C ALA E 444 13.86 -34.12 50.77
N ARG E 445 13.05 -34.75 49.92
CA ARG E 445 12.43 -34.08 48.79
C ARG E 445 11.74 -32.77 49.23
N LEU E 446 10.96 -32.83 50.32
CA LEU E 446 10.19 -31.68 50.80
C LEU E 446 11.15 -30.52 51.12
N ALA E 447 12.18 -30.83 51.93
CA ALA E 447 13.17 -29.85 52.37
C ALA E 447 14.01 -29.37 51.18
N SER E 448 14.24 -30.27 50.22
CA SER E 448 14.95 -29.95 49.00
C SER E 448 14.19 -28.86 48.23
N LEU E 449 12.87 -29.04 48.10
CA LEU E 449 11.99 -28.11 47.39
C LEU E 449 11.89 -26.79 48.17
N ALA E 450 11.73 -26.88 49.49
CA ALA E 450 11.72 -25.70 50.36
C ALA E 450 12.98 -24.88 50.09
N SER E 451 14.14 -25.53 50.21
CA SER E 451 15.45 -24.91 49.95
C SER E 451 15.45 -24.24 48.56
N MET E 452 14.97 -24.98 47.55
CA MET E 452 14.89 -24.47 46.18
C MET E 452 14.16 -23.12 46.15
N ALA E 453 13.01 -23.04 46.83
CA ALA E 453 12.13 -21.87 46.77
C ALA E 453 12.83 -20.65 47.37
N TYR E 454 13.43 -20.85 48.55
CA TYR E 454 14.10 -19.75 49.26
C TYR E 454 15.29 -19.25 48.42
N LEU E 455 16.10 -20.16 47.87
CA LEU E 455 17.34 -19.79 47.17
C LEU E 455 17.05 -19.16 45.80
N ALA E 456 15.85 -19.37 45.26
CA ALA E 456 15.47 -18.90 43.90
C ALA E 456 14.95 -17.45 43.92
N GLN E 457 14.53 -16.96 45.10
CA GLN E 457 13.80 -15.68 45.25
C GLN E 457 14.59 -14.51 44.64
N PRO E 458 15.93 -14.41 44.85
CA PRO E 458 16.76 -13.48 44.08
C PRO E 458 16.44 -13.37 42.59
N HIS E 459 16.20 -14.50 41.92
CA HIS E 459 16.03 -14.54 40.44
C HIS E 459 14.56 -14.64 40.02
N LEU E 460 13.61 -14.38 40.93
CA LEU E 460 12.18 -14.53 40.61
C LEU E 460 11.46 -13.20 40.78
N SER E 461 10.43 -12.98 39.94
CA SER E 461 9.47 -11.88 40.10
C SER E 461 8.87 -11.92 41.51
N THR E 462 8.53 -10.75 42.05
CA THR E 462 7.91 -10.65 43.37
C THR E 462 6.42 -10.97 43.22
N ALA E 463 5.95 -11.14 41.98
CA ALA E 463 4.64 -11.72 41.68
C ALA E 463 4.54 -13.17 42.21
N ILE E 464 5.61 -13.97 42.06
CA ILE E 464 5.56 -15.41 42.38
C ILE E 464 6.36 -15.67 43.68
N ALA E 465 6.73 -14.61 44.39
CA ALA E 465 7.50 -14.70 45.63
C ALA E 465 6.64 -15.27 46.76
N LYS E 466 5.53 -14.60 47.07
CA LYS E 466 4.64 -14.95 48.20
C LYS E 466 4.11 -16.38 48.06
N PRO E 467 3.66 -16.81 46.86
CA PRO E 467 3.21 -18.20 46.66
C PRO E 467 4.24 -19.26 47.08
N LEU E 468 5.51 -19.04 46.72
CA LEU E 468 6.60 -19.97 47.03
C LEU E 468 6.99 -19.91 48.51
N GLU E 469 6.78 -18.75 49.15
CA GLU E 469 6.96 -18.59 50.61
C GLU E 469 6.07 -19.60 51.35
N GLN E 470 4.85 -19.77 50.82
CA GLN E 470 3.79 -20.61 51.39
C GLN E 470 4.07 -22.08 51.08
N TRP E 471 4.35 -22.35 49.80
CA TRP E 471 4.69 -23.68 49.29
C TRP E 471 5.83 -24.27 50.13
N SER E 472 6.88 -23.46 50.32
CA SER E 472 8.09 -23.88 51.01
C SER E 472 7.80 -24.14 52.49
N GLN E 473 6.96 -23.28 53.09
CA GLN E 473 6.60 -23.43 54.51
C GLN E 473 5.74 -24.69 54.69
N ASN E 474 4.83 -24.92 53.72
CA ASN E 474 3.90 -26.03 53.79
C ASN E 474 4.65 -27.35 53.70
N ALA E 475 5.76 -27.34 52.95
CA ALA E 475 6.66 -28.48 52.86
C ALA E 475 7.30 -28.74 54.22
N LEU E 476 7.89 -27.69 54.81
CA LEU E 476 8.59 -27.81 56.07
C LEU E 476 7.62 -28.19 57.20
N ASN E 477 6.43 -27.58 57.19
CA ASN E 477 5.42 -27.82 58.21
C ASN E 477 5.14 -29.33 58.32
N TRP E 478 5.05 -30.01 57.17
CA TRP E 478 4.76 -31.44 57.08
C TRP E 478 5.84 -32.25 57.83
N ILE E 479 7.11 -31.86 57.64
CA ILE E 479 8.22 -32.61 58.17
C ILE E 479 8.12 -32.64 59.70
N VAL E 480 7.69 -31.51 60.28
CA VAL E 480 7.75 -31.30 61.74
C VAL E 480 6.35 -31.37 62.38
N GLY E 481 5.35 -31.96 61.69
CA GLY E 481 4.15 -32.47 62.38
C GLY E 481 2.82 -32.01 61.81
N LEU E 482 2.83 -31.16 60.79
CA LEU E 482 1.58 -30.78 60.12
C LEU E 482 1.33 -31.79 59.01
N ASN E 483 1.00 -33.02 59.44
CA ASN E 483 0.75 -34.16 58.58
C ASN E 483 -0.38 -35.01 59.17
N PRO E 484 -1.08 -35.83 58.36
CA PRO E 484 -2.20 -36.64 58.85
C PRO E 484 -1.87 -37.53 60.08
N TYR E 485 -0.59 -37.88 60.26
CA TYR E 485 -0.20 -38.79 61.33
C TYR E 485 0.18 -38.02 62.60
N ASN E 486 0.02 -36.70 62.61
CA ASN E 486 0.28 -35.81 63.78
C ASN E 486 1.66 -36.13 64.38
N MET E 487 2.67 -36.16 63.52
CA MET E 487 3.94 -36.77 63.84
C MET E 487 5.07 -35.85 63.36
N CYS E 488 5.89 -35.37 64.31
CA CYS E 488 7.13 -34.68 63.97
C CYS E 488 8.18 -35.74 63.60
N MET E 489 8.73 -35.64 62.38
CA MET E 489 9.69 -36.62 61.86
C MET E 489 11.14 -36.23 62.24
N LEU E 490 11.32 -34.98 62.68
CA LEU E 490 12.60 -34.51 63.27
C LEU E 490 12.69 -35.01 64.72
N ASP E 491 13.71 -35.82 64.99
CA ASP E 491 13.76 -36.54 66.26
C ASP E 491 14.21 -35.58 67.37
N GLY E 492 13.56 -35.70 68.54
CA GLY E 492 13.82 -34.85 69.71
C GLY E 492 13.03 -33.56 69.69
N HIS E 493 12.07 -33.45 68.77
CA HIS E 493 11.21 -32.29 68.62
C HIS E 493 9.78 -32.77 68.39
N GLY E 494 8.82 -31.84 68.51
CA GLY E 494 7.40 -32.13 68.34
C GLY E 494 6.98 -33.38 69.09
N HIS E 495 6.02 -34.11 68.51
CA HIS E 495 5.33 -35.22 69.18
C HIS E 495 5.27 -36.43 68.25
N ASN E 496 5.26 -37.62 68.87
CA ASN E 496 5.06 -38.89 68.20
C ASN E 496 6.27 -39.23 67.31
N ASN E 497 7.47 -38.83 67.76
CA ASN E 497 8.68 -39.17 67.04
C ASN E 497 8.65 -40.68 66.79
N PRO E 498 8.84 -41.15 65.54
CA PRO E 498 8.94 -42.58 65.28
C PRO E 498 10.39 -43.06 65.47
N ASP E 499 10.54 -44.27 66.04
CA ASP E 499 11.80 -44.98 66.09
C ASP E 499 11.80 -45.99 64.94
N TYR E 500 12.94 -46.66 64.73
CA TYR E 500 13.07 -47.61 63.62
C TYR E 500 13.02 -49.05 64.16
N LEU E 501 14.17 -49.60 64.55
CA LEU E 501 14.26 -51.00 64.98
C LEU E 501 15.00 -51.07 66.32
N PRO E 502 14.41 -50.51 67.39
CA PRO E 502 15.06 -50.49 68.71
C PRO E 502 15.41 -51.87 69.25
N HIS E 503 14.52 -52.85 69.04
CA HIS E 503 14.69 -54.20 69.60
C HIS E 503 16.00 -54.84 69.07
N LEU E 504 16.54 -54.33 67.96
CA LEU E 504 17.81 -54.84 67.38
C LEU E 504 18.95 -53.85 67.62
N GLY E 505 18.66 -52.76 68.34
CA GLY E 505 19.66 -51.77 68.72
C GLY E 505 19.98 -50.80 67.59
N PHE E 506 19.15 -50.80 66.53
CA PHE E 506 19.24 -49.83 65.45
C PHE E 506 18.20 -48.72 65.70
N PHE E 507 18.59 -47.80 66.58
CA PHE E 507 17.78 -46.66 66.99
C PHE E 507 17.91 -45.52 65.96
N ASN E 508 16.89 -44.65 65.96
CA ASN E 508 16.99 -43.34 65.37
C ASN E 508 17.80 -42.47 66.33
N ALA E 509 18.32 -41.36 65.81
CA ALA E 509 19.18 -40.47 66.58
C ALA E 509 18.54 -39.08 66.63
N LYS E 510 18.61 -38.45 67.80
CA LYS E 510 18.00 -37.16 68.01
C LYS E 510 18.71 -36.16 67.09
N GLY E 511 17.94 -35.35 66.37
CA GLY E 511 18.45 -34.36 65.43
C GLY E 511 18.32 -34.82 63.98
N GLY E 512 18.16 -36.14 63.78
CA GLY E 512 17.94 -36.71 62.47
C GLY E 512 16.49 -36.57 62.02
N VAL E 513 16.32 -36.58 60.70
CA VAL E 513 15.00 -36.66 60.09
C VAL E 513 14.90 -38.03 59.42
N CYS E 514 13.75 -38.70 59.63
CA CYS E 514 13.46 -40.03 59.09
C CYS E 514 12.80 -39.92 57.71
N ASN E 515 12.75 -41.07 57.01
CA ASN E 515 12.25 -41.17 55.63
C ASN E 515 10.92 -40.41 55.53
N GLY E 516 9.93 -40.85 56.31
CA GLY E 516 8.64 -40.17 56.43
C GLY E 516 7.51 -40.94 55.75
N ILE E 517 6.50 -40.18 55.31
CA ILE E 517 5.18 -40.68 54.92
C ILE E 517 5.17 -40.94 53.40
N THR E 518 4.45 -42.00 53.01
CA THR E 518 4.38 -42.47 51.62
C THR E 518 2.93 -42.72 51.20
N ALA E 519 2.77 -43.03 49.90
CA ALA E 519 1.56 -43.59 49.35
C ALA E 519 1.25 -44.92 50.06
N GLY E 520 -0.03 -45.32 50.03
CA GLY E 520 -0.49 -46.59 50.59
C GLY E 520 0.27 -47.78 50.02
N PHE E 521 0.51 -48.79 50.87
CA PHE E 521 1.28 -49.97 50.47
C PHE E 521 0.54 -50.73 49.36
N ASP E 522 -0.78 -50.82 49.52
CA ASP E 522 -1.67 -51.53 48.60
C ASP E 522 -2.34 -50.54 47.65
N ASP E 523 -2.59 -49.30 48.12
CA ASP E 523 -3.41 -48.32 47.40
C ASP E 523 -2.57 -47.07 47.09
N PRO E 524 -2.04 -46.92 45.85
CA PRO E 524 -1.31 -45.70 45.47
C PRO E 524 -2.00 -44.37 45.82
N ARG E 525 -3.34 -44.37 45.89
CA ARG E 525 -4.05 -43.12 46.15
C ARG E 525 -4.37 -42.88 47.63
N ASP E 526 -4.01 -43.86 48.48
CA ASP E 526 -4.09 -43.70 49.95
C ASP E 526 -2.73 -43.19 50.44
N ILE E 527 -2.58 -43.16 51.76
CA ILE E 527 -1.40 -42.69 52.47
C ILE E 527 -1.02 -43.75 53.52
N ALA E 528 0.28 -43.84 53.83
CA ALA E 528 0.76 -44.85 54.73
C ALA E 528 1.97 -44.35 55.52
N PHE E 529 1.96 -44.68 56.82
CA PHE E 529 3.11 -44.67 57.67
C PHE E 529 2.98 -45.80 58.69
N ASN E 530 3.97 -46.70 58.68
CA ASN E 530 3.99 -47.94 59.49
C ASN E 530 2.58 -48.54 59.56
N PRO E 531 1.96 -48.88 58.39
CA PRO E 531 0.62 -49.47 58.38
C PRO E 531 0.67 -50.92 58.88
N ALA E 532 -0.37 -51.36 59.61
CA ALA E 532 -0.34 -52.60 60.42
C ALA E 532 0.16 -53.78 59.58
N GLY E 533 -0.31 -53.85 58.34
CA GLY E 533 0.04 -54.92 57.40
C GLY E 533 1.54 -55.16 57.35
N GLN E 534 2.30 -54.09 57.12
CA GLN E 534 3.72 -54.21 56.80
C GLN E 534 4.60 -53.62 57.91
N LYS E 535 3.99 -53.16 59.01
CA LYS E 535 4.72 -52.40 60.05
C LYS E 535 5.80 -53.30 60.67
N ASP E 536 5.55 -54.60 60.73
CA ASP E 536 6.48 -55.52 61.37
C ASP E 536 7.31 -56.27 60.33
N ASP E 537 6.96 -56.15 59.04
CA ASP E 537 7.70 -56.81 57.95
C ASP E 537 9.00 -56.02 57.74
N MET E 538 10.12 -56.63 58.15
CA MET E 538 11.40 -55.95 58.17
C MET E 538 11.90 -55.73 56.73
N LEU E 539 11.24 -56.33 55.74
CA LEU E 539 11.54 -56.11 54.34
C LEU E 539 10.90 -54.79 53.87
N GLN E 540 10.04 -54.18 54.68
CA GLN E 540 9.20 -53.05 54.23
C GLN E 540 9.23 -51.86 55.21
N ASN E 541 9.46 -52.11 56.50
CA ASN E 541 9.25 -51.10 57.55
C ASN E 541 10.37 -50.04 57.54
N TRP E 542 11.46 -50.32 56.82
CA TRP E 542 12.51 -49.35 56.54
C TRP E 542 11.95 -48.13 55.82
N ARG E 543 10.93 -48.34 54.98
CA ARG E 543 10.38 -47.30 54.11
C ARG E 543 9.88 -46.04 54.84
N TRP E 544 9.64 -46.15 56.15
CA TRP E 544 8.94 -45.13 56.93
C TRP E 544 9.80 -44.61 58.09
N GLY E 545 10.12 -45.50 59.05
CA GLY E 545 10.70 -45.10 60.34
C GLY E 545 12.20 -44.80 60.26
N GLU E 546 12.89 -45.34 59.26
CA GLU E 546 14.36 -45.29 59.16
C GLU E 546 14.76 -43.85 58.85
N GLN E 547 15.91 -43.44 59.41
CA GLN E 547 16.56 -42.15 59.13
C GLN E 547 17.64 -42.35 58.05
N TRP E 548 17.92 -41.27 57.31
CA TRP E 548 18.78 -41.28 56.13
C TRP E 548 19.38 -39.87 56.00
N ILE E 549 20.71 -39.79 55.79
CA ILE E 549 21.42 -38.54 56.03
C ILE E 549 20.96 -37.44 55.08
N PRO E 550 20.50 -37.71 53.83
CA PRO E 550 19.99 -36.64 52.97
C PRO E 550 18.81 -35.85 53.56
N HIS E 551 17.92 -36.53 54.32
CA HIS E 551 16.77 -35.87 54.93
C HIS E 551 17.23 -34.73 55.84
N GLY E 552 18.22 -35.06 56.69
CA GLY E 552 18.87 -34.10 57.59
C GLY E 552 19.54 -32.96 56.83
N ALA E 553 20.34 -33.32 55.82
CA ALA E 553 21.16 -32.36 55.09
C ALA E 553 20.29 -31.33 54.36
N TRP E 554 19.19 -31.79 53.77
CA TRP E 554 18.28 -30.92 53.04
C TRP E 554 17.48 -30.08 54.05
N TYR E 555 17.11 -30.69 55.18
CA TYR E 555 16.43 -29.96 56.25
C TYR E 555 17.31 -28.81 56.73
N LEU E 556 18.62 -29.08 56.88
CA LEU E 556 19.60 -28.10 57.39
C LEU E 556 19.71 -26.90 56.44
N LEU E 557 19.72 -27.15 55.12
CA LEU E 557 19.84 -26.08 54.13
C LEU E 557 18.53 -25.27 54.08
N ALA E 558 17.41 -25.98 54.24
CA ALA E 558 16.10 -25.35 54.23
C ALA E 558 15.99 -24.32 55.36
N ILE E 559 16.33 -24.73 56.60
CA ILE E 559 16.15 -23.87 57.78
C ILE E 559 17.08 -22.65 57.68
N ILE E 560 18.25 -22.85 57.06
CA ILE E 560 19.24 -21.79 56.89
C ILE E 560 18.78 -20.82 55.79
N SER E 561 18.30 -21.34 54.66
CA SER E 561 17.74 -20.51 53.59
C SER E 561 16.56 -19.68 54.11
N GLN E 562 15.76 -20.32 54.98
CA GLN E 562 14.60 -19.70 55.57
C GLN E 562 15.04 -18.54 56.48
N PHE E 563 16.04 -18.81 57.33
CA PHE E 563 16.57 -17.83 58.27
C PHE E 563 17.08 -16.58 57.54
N ALA E 564 17.72 -16.83 56.38
CA ALA E 564 18.29 -15.78 55.56
C ALA E 564 17.18 -14.93 54.95
N HIS E 565 16.09 -15.60 54.55
CA HIS E 565 14.97 -14.97 53.87
C HIS E 565 14.14 -14.10 54.82
N PHE E 566 14.33 -14.21 56.14
CA PHE E 566 13.75 -13.29 57.16
C PHE E 566 14.78 -12.91 58.23
C1 EDO F . -13.95 4.48 -27.57
O1 EDO F . -14.63 4.32 -28.83
C2 EDO F . -13.33 3.15 -27.09
O2 EDO F . -14.30 2.10 -26.96
#